data_6WL9
#
_entry.id   6WL9
#
_cell.length_a   1.00
_cell.length_b   1.00
_cell.length_c   1.00
_cell.angle_alpha   90.00
_cell.angle_beta   90.00
_cell.angle_gamma   90.00
#
_symmetry.space_group_name_H-M   'P 1'
#
_entity_poly.entity_id   1
_entity_poly.type   'polypeptide(L)'
_entity_poly.pdbx_seq_one_letter_code
;QAEILKADAEILKAYAKILEAHAEILKAQ
;
_entity_poly.pdbx_strand_id   A,0,B,1,C,2,D,3,E,4,F,5,G,6,H,7,I,8,J,9,K,AA,L,BA,M,CA,N,DA,O,EA,P,FA,Q,GA,R,HA,S,IA,T,JA,U,KA,V,LA,W,MA,X,NA,Y,OA,Z,PA,a,QA,b,RA,c,SA,d,TA,e,UA,f,VA,g,WA,h,XA,i,YA,j,ZA,k,aA,l,bA,m,cA,n,dA,o,eA,p,fA,q,gA,r,hA,s,iA,t,jA,u,kA,v,lA,w,mA,x,nA,y,oA,z,pA
#
# COMPACT_ATOMS: atom_id res chain seq x y z
N GLN A 1 6.12 21.45 31.08
CA GLN A 1 5.71 20.59 32.19
C GLN A 1 4.92 19.39 31.68
N ALA A 2 4.16 19.59 30.62
CA ALA A 2 3.26 18.54 30.14
C ALA A 2 4.04 17.27 29.80
N GLU A 3 5.21 17.43 29.21
CA GLU A 3 6.05 16.28 28.87
C GLU A 3 6.29 15.38 30.07
N ILE A 4 6.33 15.95 31.28
CA ILE A 4 6.40 15.12 32.47
C ILE A 4 5.19 14.18 32.52
N LEU A 5 4.02 14.73 32.29
CA LEU A 5 2.81 13.91 32.27
C LEU A 5 2.86 12.91 31.14
N LYS A 6 3.46 13.29 30.02
CA LYS A 6 3.66 12.33 28.94
C LYS A 6 4.49 11.16 29.42
N ALA A 7 5.55 11.43 30.17
CA ALA A 7 6.36 10.35 30.71
C ALA A 7 5.55 9.49 31.66
N ASP A 8 4.70 10.12 32.47
CA ASP A 8 3.85 9.35 33.37
C ASP A 8 2.97 8.40 32.56
N ALA A 9 2.33 8.93 31.52
CA ALA A 9 1.50 8.11 30.66
C ALA A 9 2.31 6.99 30.03
N GLU A 10 3.58 7.27 29.73
CA GLU A 10 4.43 6.23 29.19
C GLU A 10 4.64 5.13 30.21
N ILE A 11 4.87 5.51 31.46
CA ILE A 11 4.95 4.54 32.56
C ILE A 11 3.71 3.65 32.54
N LEU A 12 2.55 4.28 32.54
CA LEU A 12 1.31 3.53 32.65
C LEU A 12 1.13 2.62 31.44
N LYS A 13 1.44 3.12 30.26
CA LYS A 13 1.31 2.31 29.06
C LYS A 13 2.24 1.12 29.11
N ALA A 14 3.43 1.31 29.66
CA ALA A 14 4.34 0.19 29.85
C ALA A 14 3.71 -0.84 30.76
N TYR A 15 3.14 -0.41 31.87
CA TYR A 15 2.47 -1.34 32.77
C TYR A 15 1.36 -2.08 32.04
N ALA A 16 0.62 -1.37 31.21
CA ALA A 16 -0.45 -2.00 30.45
C ALA A 16 0.11 -3.05 29.52
N LYS A 17 1.22 -2.76 28.87
CA LYS A 17 1.85 -3.74 28.01
C LYS A 17 2.28 -4.95 28.80
N ILE A 18 2.74 -4.74 30.03
CA ILE A 18 3.08 -5.86 30.91
C ILE A 18 1.86 -6.76 31.09
N LEU A 19 0.75 -6.16 31.50
CA LEU A 19 -0.44 -6.96 31.74
C LEU A 19 -0.89 -7.67 30.47
N GLU A 20 -0.81 -6.97 29.35
CA GLU A 20 -1.21 -7.56 28.07
C GLU A 20 -0.35 -8.76 27.76
N ALA A 21 0.95 -8.65 28.00
CA ALA A 21 1.82 -9.78 27.76
C ALA A 21 1.49 -10.93 28.70
N HIS A 22 1.16 -10.61 29.95
CA HIS A 22 0.77 -11.66 30.87
C HIS A 22 -0.44 -12.40 30.35
N ALA A 23 -1.42 -11.65 29.84
CA ALA A 23 -2.58 -12.26 29.21
C ALA A 23 -2.18 -13.11 28.03
N GLU A 24 -1.21 -12.62 27.25
CA GLU A 24 -0.75 -13.40 26.11
C GLU A 24 -0.21 -14.74 26.56
N ILE A 25 0.61 -14.73 27.60
CA ILE A 25 1.10 -15.97 28.20
C ILE A 25 -0.06 -16.88 28.53
N LEU A 26 -0.97 -16.38 29.37
CA LEU A 26 -2.04 -17.23 29.89
C LEU A 26 -2.87 -17.81 28.76
N LYS A 27 -3.21 -16.98 27.78
CA LYS A 27 -3.90 -17.46 26.60
C LYS A 27 -3.10 -18.53 25.87
N ALA A 28 -1.79 -18.40 25.85
CA ALA A 28 -0.97 -19.36 25.12
C ALA A 28 -1.03 -20.74 25.74
N GLN A 29 -1.22 -20.83 27.05
CA GLN A 29 -1.19 -22.11 27.73
C GLN A 29 -2.20 -23.09 27.16
N GLN B 1 2.94 15.97 41.91
CA GLN B 1 3.03 14.83 41.01
C GLN B 1 3.54 13.60 41.75
N ALA B 2 4.39 13.85 42.74
CA ALA B 2 5.02 12.78 43.52
C ALA B 2 3.99 11.80 44.04
N GLU B 3 2.80 12.30 44.35
CA GLU B 3 1.70 11.42 44.74
C GLU B 3 1.42 10.39 43.65
N ILE B 4 1.43 10.83 42.39
CA ILE B 4 1.24 9.89 41.30
C ILE B 4 2.34 8.85 41.32
N LEU B 5 3.58 9.29 41.55
CA LEU B 5 4.71 8.36 41.53
C LEU B 5 4.55 7.31 42.62
N LYS B 6 4.22 7.73 43.83
CA LYS B 6 4.08 6.76 44.92
C LYS B 6 2.87 5.85 44.68
N ALA B 7 1.84 6.38 44.03
CA ALA B 7 0.74 5.52 43.61
C ALA B 7 1.25 4.43 42.69
N ASP B 8 2.06 4.82 41.70
CA ASP B 8 2.67 3.83 40.81
C ASP B 8 3.48 2.82 41.59
N ALA B 9 4.23 3.30 42.58
CA ALA B 9 5.04 2.41 43.39
C ALA B 9 4.17 1.36 44.07
N GLU B 10 3.07 1.80 44.66
CA GLU B 10 2.16 0.86 45.31
C GLU B 10 1.55 -0.10 44.30
N ILE B 11 1.24 0.41 43.11
CA ILE B 11 0.75 -0.44 42.02
C ILE B 11 1.73 -1.57 41.78
N LEU B 12 2.98 -1.21 41.53
CA LEU B 12 3.97 -2.22 41.18
C LEU B 12 4.20 -3.16 42.35
N LYS B 13 4.14 -2.66 43.58
CA LYS B 13 4.25 -3.53 44.74
C LYS B 13 3.16 -4.58 44.72
N ALA B 14 1.92 -4.14 44.52
CA ALA B 14 0.81 -5.08 44.46
C ALA B 14 1.01 -6.08 43.33
N TYR B 15 1.51 -5.60 42.19
CA TYR B 15 1.75 -6.51 41.08
C TYR B 15 2.76 -7.56 41.47
N ALA B 16 3.84 -7.16 42.12
CA ALA B 16 4.84 -8.11 42.58
C ALA B 16 4.22 -9.10 43.55
N LYS B 17 3.32 -8.63 44.40
CA LYS B 17 2.66 -9.54 45.33
C LYS B 17 1.85 -10.58 44.57
N ILE B 18 1.09 -10.14 43.57
CA ILE B 18 0.34 -11.08 42.74
C ILE B 18 1.29 -12.09 42.12
N LEU B 19 2.43 -11.61 41.62
CA LEU B 19 3.38 -12.48 40.96
C LEU B 19 3.90 -13.55 41.91
N GLU B 20 4.36 -13.13 43.09
CA GLU B 20 4.93 -14.10 44.01
C GLU B 20 3.86 -15.03 44.57
N ALA B 21 2.62 -14.58 44.66
CA ALA B 21 1.55 -15.47 45.09
C ALA B 21 1.28 -16.53 44.03
N HIS B 22 1.17 -16.12 42.77
CA HIS B 22 1.05 -17.08 41.69
C HIS B 22 2.24 -18.03 41.69
N ALA B 23 3.42 -17.51 42.05
CA ALA B 23 4.60 -18.36 42.13
C ALA B 23 4.47 -19.40 43.23
N GLU B 24 3.97 -18.98 44.39
CA GLU B 24 3.77 -19.94 45.48
C GLU B 24 2.76 -21.01 45.10
N ILE B 25 1.71 -20.61 44.38
CA ILE B 25 0.74 -21.59 43.92
C ILE B 25 1.37 -22.56 42.94
N LEU B 26 2.15 -22.05 41.99
CA LEU B 26 2.87 -22.91 41.06
C LEU B 26 3.77 -23.88 41.82
N LYS B 27 4.44 -23.37 42.86
CA LYS B 27 5.29 -24.21 43.68
C LYS B 27 4.49 -25.31 44.37
N ALA B 28 3.28 -24.98 44.84
CA ALA B 28 2.42 -25.99 45.44
C ALA B 28 1.97 -27.04 44.43
N GLN B 29 1.93 -26.68 43.16
CA GLN B 29 1.58 -27.64 42.12
C GLN B 29 2.81 -28.39 41.66
N GLN C 1 5.35 18.29 -32.48
CA GLN C 1 4.31 19.29 -32.55
C GLN C 1 3.20 19.00 -31.53
N ALA C 2 2.96 17.72 -31.29
CA ALA C 2 1.84 17.33 -30.44
C ALA C 2 1.97 17.94 -29.05
N GLU C 3 3.18 17.99 -28.52
CA GLU C 3 3.41 18.59 -27.22
C GLU C 3 2.85 20.00 -27.13
N ILE C 4 2.82 20.73 -28.23
CA ILE C 4 2.15 22.03 -28.25
C ILE C 4 0.69 21.86 -27.87
N LEU C 5 0.04 20.88 -28.48
CA LEU C 5 -1.35 20.61 -28.15
C LEU C 5 -1.49 20.15 -26.70
N LYS C 6 -0.50 19.41 -26.21
CA LYS C 6 -0.50 19.05 -24.80
C LYS C 6 -0.51 20.29 -23.93
N ALA C 7 0.30 21.27 -24.30
CA ALA C 7 0.31 22.52 -23.55
C ALA C 7 -1.04 23.21 -23.62
N ASP C 8 -1.67 23.18 -24.79
CA ASP C 8 -3.00 23.77 -24.92
C ASP C 8 -3.97 23.09 -23.97
N ALA C 9 -3.95 21.76 -23.97
CA ALA C 9 -4.80 21.01 -23.05
C ALA C 9 -4.49 21.37 -21.62
N GLU C 10 -3.23 21.62 -21.32
CA GLU C 10 -2.88 22.04 -19.97
C GLU C 10 -3.52 23.37 -19.63
N ILE C 11 -3.48 24.31 -20.58
CA ILE C 11 -4.18 25.58 -20.42
C ILE C 11 -5.63 25.33 -20.04
N LEU C 12 -6.29 24.50 -20.84
CA LEU C 12 -7.72 24.30 -20.65
C LEU C 12 -7.98 23.62 -19.31
N LYS C 13 -7.15 22.65 -18.94
CA LYS C 13 -7.33 21.96 -17.67
C LYS C 13 -7.14 22.94 -16.52
N ALA C 14 -6.20 23.87 -16.67
CA ALA C 14 -6.03 24.90 -15.66
C ALA C 14 -7.31 25.71 -15.53
N TYR C 15 -7.89 26.12 -16.66
CA TYR C 15 -9.13 26.87 -16.60
C TYR C 15 -10.22 26.06 -15.91
N ALA C 16 -10.26 24.77 -16.19
CA ALA C 16 -11.24 23.91 -15.57
C ALA C 16 -11.04 23.87 -14.06
N LYS C 17 -9.79 23.78 -13.64
CA LYS C 17 -9.50 23.81 -12.21
C LYS C 17 -9.95 25.12 -11.60
N ILE C 18 -9.80 26.22 -12.33
CA ILE C 18 -10.30 27.50 -11.86
C ILE C 18 -11.79 27.41 -11.59
N LEU C 19 -12.54 26.95 -12.59
CA LEU C 19 -13.99 26.88 -12.42
C LEU C 19 -14.36 25.95 -11.27
N GLU C 20 -13.64 24.84 -11.16
CA GLU C 20 -13.91 23.90 -10.09
C GLU C 20 -13.69 24.54 -8.74
N ALA C 21 -12.62 25.32 -8.61
CA ALA C 21 -12.37 26.01 -7.36
C ALA C 21 -13.46 27.03 -7.09
N HIS C 22 -13.92 27.72 -8.12
CA HIS C 22 -15.01 28.66 -7.94
C HIS C 22 -16.23 27.96 -7.39
N ALA C 23 -16.53 26.79 -7.94
CA ALA C 23 -17.63 25.98 -7.42
C ALA C 23 -17.37 25.59 -5.98
N GLU C 24 -16.13 25.26 -5.66
CA GLU C 24 -15.80 24.91 -4.29
C GLU C 24 -16.13 26.05 -3.36
N ILE C 25 -15.72 27.26 -3.72
CA ILE C 25 -16.09 28.45 -2.97
C ILE C 25 -17.58 28.50 -2.76
N LEU C 26 -18.33 28.51 -3.86
CA LEU C 26 -19.75 28.74 -3.78
C LEU C 26 -20.42 27.69 -2.91
N LYS C 27 -20.04 26.43 -3.09
CA LYS C 27 -20.52 25.36 -2.23
C LYS C 27 -20.18 25.61 -0.78
N ALA C 28 -19.01 26.18 -0.52
CA ALA C 28 -18.60 26.38 0.86
C ALA C 28 -19.48 27.37 1.58
N GLN C 29 -20.04 28.35 0.86
CA GLN C 29 -20.82 29.41 1.48
C GLN C 29 -21.97 28.85 2.29
N GLN D 1 -2.90 27.36 -35.16
CA GLN D 1 -3.13 27.16 -33.74
C GLN D 1 -3.50 28.47 -33.07
N ALA D 2 -2.94 29.56 -33.58
CA ALA D 2 -3.14 30.88 -33.02
C ALA D 2 -4.62 31.18 -32.82
N GLU D 3 -5.45 30.64 -33.70
CA GLU D 3 -6.89 30.76 -33.53
C GLU D 3 -7.32 30.18 -32.19
N ILE D 4 -6.76 29.03 -31.82
CA ILE D 4 -7.07 28.46 -30.51
C ILE D 4 -6.66 29.43 -29.42
N LEU D 5 -5.49 30.04 -29.56
CA LEU D 5 -5.00 30.94 -28.53
C LEU D 5 -5.92 32.13 -28.37
N LYS D 6 -6.33 32.75 -29.47
CA LYS D 6 -7.21 33.90 -29.35
C LYS D 6 -8.59 33.49 -28.84
N ALA D 7 -9.02 32.27 -29.16
CA ALA D 7 -10.23 31.76 -28.55
C ALA D 7 -10.08 31.72 -27.04
N ASP D 8 -8.95 31.19 -26.56
CA ASP D 8 -8.67 31.18 -25.14
C ASP D 8 -8.70 32.59 -24.57
N ALA D 9 -8.12 33.53 -25.30
CA ALA D 9 -8.10 34.91 -24.84
C ALA D 9 -9.51 35.43 -24.63
N GLU D 10 -10.39 35.18 -25.61
CA GLU D 10 -11.76 35.62 -25.48
C GLU D 10 -12.46 34.91 -24.34
N ILE D 11 -12.15 33.63 -24.15
CA ILE D 11 -12.66 32.89 -23.00
C ILE D 11 -12.33 33.62 -21.71
N LEU D 12 -11.05 33.89 -21.52
CA LEU D 12 -10.61 34.51 -20.28
C LEU D 12 -11.19 35.89 -20.12
N LYS D 13 -11.33 36.63 -21.24
CA LYS D 13 -11.98 37.93 -21.18
C LYS D 13 -13.40 37.81 -20.64
N ALA D 14 -14.16 36.87 -21.19
CA ALA D 14 -15.52 36.66 -20.72
C ALA D 14 -15.52 36.27 -19.26
N TYR D 15 -14.58 35.44 -18.85
CA TYR D 15 -14.50 35.05 -17.45
C TYR D 15 -14.27 36.26 -16.57
N ALA D 16 -13.36 37.13 -16.98
CA ALA D 16 -13.11 38.34 -16.22
C ALA D 16 -14.37 39.20 -16.15
N LYS D 17 -15.13 39.24 -17.25
CA LYS D 17 -16.37 39.99 -17.25
C LYS D 17 -17.34 39.42 -16.22
N ILE D 18 -17.48 38.10 -16.20
CA ILE D 18 -18.33 37.46 -15.20
C ILE D 18 -17.86 37.85 -13.80
N LEU D 19 -16.55 37.82 -13.60
CA LEU D 19 -15.99 38.11 -12.29
C LEU D 19 -16.34 39.52 -11.85
N GLU D 20 -16.08 40.50 -12.72
CA GLU D 20 -16.32 41.88 -12.34
C GLU D 20 -17.81 42.16 -12.20
N ALA D 21 -18.66 41.44 -12.94
CA ALA D 21 -20.09 41.62 -12.77
C ALA D 21 -20.53 41.09 -11.42
N HIS D 22 -20.08 39.89 -11.07
CA HIS D 22 -20.34 39.37 -9.73
C HIS D 22 -19.81 40.32 -8.67
N ALA D 23 -18.69 40.98 -8.96
CA ALA D 23 -18.13 41.94 -8.03
C ALA D 23 -19.05 43.14 -7.87
N GLU D 24 -19.58 43.65 -8.98
CA GLU D 24 -20.50 44.78 -8.91
C GLU D 24 -21.75 44.41 -8.13
N ILE D 25 -22.24 43.18 -8.31
CA ILE D 25 -23.40 42.75 -7.55
C ILE D 25 -23.07 42.67 -6.07
N LEU D 26 -21.91 42.10 -5.72
CA LEU D 26 -21.47 42.07 -4.33
C LEU D 26 -21.39 43.48 -3.76
N LYS D 27 -20.89 44.42 -4.57
CA LYS D 27 -20.81 45.81 -4.14
C LYS D 27 -22.19 46.39 -3.90
N ALA D 28 -23.17 46.04 -4.74
CA ALA D 28 -24.54 46.49 -4.52
C ALA D 28 -25.13 45.91 -3.26
N GLN D 29 -24.65 44.74 -2.82
CA GLN D 29 -25.13 44.15 -1.58
C GLN D 29 -24.33 44.69 -0.40
N GLN E 1 25.43 -29.10 -2.47
CA GLN E 1 24.96 -29.82 -3.63
C GLN E 1 23.59 -29.31 -4.08
N ALA E 2 22.78 -28.91 -3.11
CA ALA E 2 21.40 -28.52 -3.41
C ALA E 2 21.35 -27.39 -4.43
N GLU E 3 22.26 -26.43 -4.30
CA GLU E 3 22.32 -25.32 -5.25
C GLU E 3 22.40 -25.81 -6.69
N ILE E 4 23.00 -26.96 -6.93
CA ILE E 4 22.96 -27.55 -8.27
C ILE E 4 21.52 -27.78 -8.69
N LEU E 5 20.73 -28.35 -7.79
CA LEU E 5 19.33 -28.58 -8.09
C LEU E 5 18.60 -27.26 -8.26
N LYS E 6 19.00 -26.24 -7.50
CA LYS E 6 18.43 -24.92 -7.70
C LYS E 6 18.67 -24.44 -9.11
N ALA E 7 19.89 -24.66 -9.62
CA ALA E 7 20.19 -24.28 -10.99
C ALA E 7 19.34 -25.06 -11.97
N ASP E 8 19.13 -26.35 -11.69
CA ASP E 8 18.26 -27.14 -12.55
C ASP E 8 16.87 -26.55 -12.59
N ALA E 9 16.33 -26.23 -11.41
CA ALA E 9 15.02 -25.61 -11.34
C ALA E 9 15.01 -24.29 -12.10
N GLU E 10 16.12 -23.57 -12.07
CA GLU E 10 16.21 -22.33 -12.82
C GLU E 10 16.10 -22.61 -14.31
N ILE E 11 16.79 -23.64 -14.78
CA ILE E 11 16.67 -24.09 -16.16
C ILE E 11 15.20 -24.29 -16.50
N LEU E 12 14.53 -25.08 -15.68
CA LEU E 12 13.16 -25.45 -15.99
C LEU E 12 12.25 -24.22 -15.96
N LYS E 13 12.46 -23.33 -15.00
CA LYS E 13 11.66 -22.12 -14.92
C LYS E 13 11.87 -21.25 -16.15
N ALA E 14 13.11 -21.21 -16.63
CA ALA E 14 13.38 -20.50 -17.87
C ALA E 14 12.58 -21.09 -19.02
N TYR E 15 12.58 -22.41 -19.12
CA TYR E 15 11.81 -23.05 -20.16
C TYR E 15 10.34 -22.70 -20.03
N ALA E 16 9.84 -22.67 -18.80
CA ALA E 16 8.46 -22.33 -18.56
C ALA E 16 8.18 -20.91 -19.03
N LYS E 17 9.10 -20.00 -18.74
CA LYS E 17 8.93 -18.63 -19.21
C LYS E 17 8.90 -18.58 -20.72
N ILE E 18 9.71 -19.42 -21.37
CA ILE E 18 9.67 -19.51 -22.82
C ILE E 18 8.27 -19.86 -23.28
N LEU E 19 7.71 -20.95 -22.74
CA LEU E 19 6.39 -21.37 -23.17
C LEU E 19 5.36 -20.30 -22.88
N GLU E 20 5.48 -19.65 -21.73
CA GLU E 20 4.54 -18.60 -21.37
C GLU E 20 4.60 -17.47 -22.37
N ALA E 21 5.81 -17.10 -22.78
CA ALA E 21 5.94 -16.05 -23.78
C ALA E 21 5.34 -16.49 -25.11
N HIS E 22 5.52 -17.76 -25.46
CA HIS E 22 4.93 -18.26 -26.69
C HIS E 22 3.42 -18.11 -26.64
N ALA E 23 2.84 -18.46 -25.48
CA ALA E 23 1.41 -18.26 -25.30
C ALA E 23 1.04 -16.80 -25.40
N GLU E 24 1.88 -15.93 -24.86
CA GLU E 24 1.62 -14.50 -24.96
C GLU E 24 1.53 -14.08 -26.41
N ILE E 25 2.49 -14.52 -27.21
CA ILE E 25 2.45 -14.27 -28.66
C ILE E 25 1.11 -14.72 -29.22
N LEU E 26 0.81 -16.00 -29.04
CA LEU E 26 -0.36 -16.56 -29.70
C LEU E 26 -1.62 -15.83 -29.29
N LYS E 27 -1.76 -15.54 -28.00
CA LYS E 27 -2.87 -14.74 -27.51
C LYS E 27 -2.89 -13.37 -28.18
N ALA E 28 -1.73 -12.80 -28.42
CA ALA E 28 -1.70 -11.46 -28.99
C ALA E 28 -2.25 -11.42 -30.40
N GLN E 29 -2.13 -12.51 -31.15
CA GLN E 29 -2.54 -12.52 -32.54
C GLN E 29 -4.01 -12.16 -32.70
N GLN F 1 22.85 -36.96 -11.90
CA GLN F 1 22.14 -35.75 -12.31
C GLN F 1 22.17 -35.62 -13.83
N ALA F 2 23.26 -36.09 -14.43
CA ALA F 2 23.47 -35.99 -15.87
C ALA F 2 22.25 -36.49 -16.64
N GLU F 3 21.57 -37.50 -16.08
CA GLU F 3 20.32 -37.96 -16.67
C GLU F 3 19.32 -36.82 -16.79
N ILE F 4 19.22 -35.99 -15.75
CA ILE F 4 18.33 -34.84 -15.83
C ILE F 4 18.76 -33.93 -16.96
N LEU F 5 20.07 -33.71 -17.10
CA LEU F 5 20.56 -32.81 -18.13
C LEU F 5 20.21 -33.32 -19.51
N LYS F 6 20.44 -34.61 -19.77
CA LYS F 6 20.12 -35.14 -21.08
C LYS F 6 18.61 -35.16 -21.31
N ALA F 7 17.83 -35.33 -20.25
CA ALA F 7 16.39 -35.17 -20.37
C ALA F 7 16.06 -33.77 -20.86
N ASP F 8 16.68 -32.76 -20.24
CA ASP F 8 16.49 -31.39 -20.68
C ASP F 8 16.89 -31.22 -22.13
N ALA F 9 17.99 -31.85 -22.53
CA ALA F 9 18.44 -31.76 -23.91
C ALA F 9 17.37 -32.28 -24.85
N GLU F 10 16.81 -33.44 -24.53
CA GLU F 10 15.76 -34.00 -25.37
C GLU F 10 14.54 -33.10 -25.38
N ILE F 11 14.22 -32.51 -24.23
CA ILE F 11 13.13 -31.54 -24.14
C ILE F 11 13.34 -30.45 -25.17
N LEU F 12 14.50 -29.80 -25.11
CA LEU F 12 14.77 -28.67 -25.98
C LEU F 12 14.79 -29.11 -27.43
N LYS F 13 15.29 -30.31 -27.70
CA LYS F 13 15.26 -30.83 -29.07
C LYS F 13 13.83 -30.91 -29.58
N ALA F 14 12.95 -31.50 -28.76
CA ALA F 14 11.56 -31.59 -29.16
C ALA F 14 10.95 -30.21 -29.35
N TYR F 15 11.31 -29.27 -28.49
CA TYR F 15 10.80 -27.91 -28.64
C TYR F 15 11.24 -27.33 -29.97
N ALA F 16 12.50 -27.50 -30.32
CA ALA F 16 13.00 -27.03 -31.60
C ALA F 16 12.25 -27.68 -32.74
N LYS F 17 11.93 -28.96 -32.60
CA LYS F 17 11.17 -29.64 -33.63
C LYS F 17 9.80 -29.00 -33.80
N ILE F 18 9.12 -28.74 -32.68
CA ILE F 18 7.83 -28.06 -32.75
C ILE F 18 7.98 -26.73 -33.45
N LEU F 19 9.05 -26.00 -33.11
CA LEU F 19 9.27 -24.68 -33.69
C LEU F 19 9.42 -24.78 -35.20
N GLU F 20 10.30 -25.66 -35.67
CA GLU F 20 10.55 -25.74 -37.10
C GLU F 20 9.34 -26.29 -37.83
N ALA F 21 8.54 -27.14 -37.18
CA ALA F 21 7.32 -27.61 -37.82
C ALA F 21 6.32 -26.48 -37.98
N HIS F 22 6.11 -25.71 -36.92
CA HIS F 22 5.27 -24.52 -37.03
C HIS F 22 5.81 -23.58 -38.11
N ALA F 23 7.14 -23.52 -38.25
CA ALA F 23 7.75 -22.70 -39.28
C ALA F 23 7.41 -23.22 -40.66
N GLU F 24 7.47 -24.53 -40.86
CA GLU F 24 7.14 -25.11 -42.15
C GLU F 24 5.67 -24.85 -42.48
N ILE F 25 4.80 -24.93 -41.48
CA ILE F 25 3.39 -24.64 -41.72
C ILE F 25 3.21 -23.17 -42.10
N LEU F 26 3.87 -22.26 -41.38
CA LEU F 26 3.83 -20.85 -41.75
C LEU F 26 4.31 -20.65 -43.18
N LYS F 27 5.36 -21.36 -43.56
CA LYS F 27 5.89 -21.28 -44.90
C LYS F 27 4.87 -21.76 -45.92
N ALA F 28 4.13 -22.82 -45.58
CA ALA F 28 3.07 -23.31 -46.46
C ALA F 28 1.94 -22.30 -46.60
N GLN F 29 1.74 -21.45 -45.60
CA GLN F 29 0.72 -20.41 -45.67
C GLN F 29 1.28 -19.17 -46.35
N GLN G 1 19.82 -30.70 5.71
CA GLN G 1 19.44 -31.66 4.69
C GLN G 1 18.12 -31.28 4.05
N ALA G 2 17.23 -30.69 4.85
CA ALA G 2 15.88 -30.40 4.37
C ALA G 2 15.91 -29.51 3.14
N GLU G 3 16.81 -28.53 3.12
CA GLU G 3 16.94 -27.64 1.98
C GLU G 3 17.12 -28.40 0.68
N ILE G 4 17.75 -29.59 0.73
CA ILE G 4 17.81 -30.43 -0.46
C ILE G 4 16.40 -30.76 -0.93
N LEU G 5 15.56 -31.17 0.01
CA LEU G 5 14.18 -31.47 -0.35
C LEU G 5 13.45 -30.23 -0.83
N LYS G 6 13.80 -29.07 -0.27
CA LYS G 6 13.25 -27.81 -0.78
C LYS G 6 13.60 -27.64 -2.25
N ALA G 7 14.85 -27.93 -2.60
CA ALA G 7 15.26 -27.84 -3.99
C ALA G 7 14.48 -28.83 -4.85
N ASP G 8 14.25 -30.03 -4.33
CA ASP G 8 13.46 -31.00 -5.07
C ASP G 8 12.07 -30.44 -5.34
N ALA G 9 11.44 -29.91 -4.30
CA ALA G 9 10.12 -29.31 -4.47
C ALA G 9 10.17 -28.17 -5.47
N GLU G 10 11.28 -27.43 -5.50
CA GLU G 10 11.42 -26.38 -6.48
C GLU G 10 11.43 -26.97 -7.89
N ILE G 11 12.16 -28.06 -8.08
CA ILE G 11 12.14 -28.78 -9.35
C ILE G 11 10.70 -29.08 -9.75
N LEU G 12 9.97 -29.70 -8.83
CA LEU G 12 8.63 -30.13 -9.16
C LEU G 12 7.72 -28.95 -9.47
N LYS G 13 7.86 -27.87 -8.69
CA LYS G 13 7.05 -26.69 -8.93
C LYS G 13 7.36 -26.09 -10.28
N ALA G 14 8.63 -26.12 -10.67
CA ALA G 14 8.99 -25.69 -12.00
C ALA G 14 8.28 -26.52 -13.06
N TYR G 15 8.31 -27.83 -12.89
CA TYR G 15 7.61 -28.70 -13.84
C TYR G 15 6.13 -28.34 -13.89
N ALA G 16 5.54 -28.06 -12.73
CA ALA G 16 4.14 -27.70 -12.68
C ALA G 16 3.90 -26.41 -13.44
N LYS G 17 4.79 -25.45 -13.28
CA LYS G 17 4.66 -24.21 -14.04
C LYS G 17 4.75 -24.47 -15.53
N ILE G 18 5.60 -25.42 -15.92
CA ILE G 18 5.67 -25.81 -17.32
C ILE G 18 4.31 -26.27 -17.81
N LEU G 19 3.72 -27.23 -17.09
CA LEU G 19 2.43 -27.75 -17.52
C LEU G 19 1.39 -26.67 -17.54
N GLU G 20 1.41 -25.79 -16.54
CA GLU G 20 0.44 -24.70 -16.48
C GLU G 20 0.58 -23.80 -17.69
N ALA G 21 1.81 -23.50 -18.08
CA ALA G 21 2.02 -22.68 -19.26
C ALA G 21 1.53 -23.40 -20.51
N HIS G 22 1.75 -24.71 -20.58
CA HIS G 22 1.24 -25.47 -21.72
C HIS G 22 -0.27 -25.34 -21.80
N ALA G 23 -0.93 -25.44 -20.66
CA ALA G 23 -2.37 -25.24 -20.61
C ALA G 23 -2.73 -23.83 -21.05
N GLU G 24 -1.93 -22.86 -20.64
CA GLU G 24 -2.20 -21.49 -21.05
C GLU G 24 -2.16 -21.37 -22.56
N ILE G 25 -1.14 -21.95 -23.18
CA ILE G 25 -1.08 -22.02 -24.64
C ILE G 25 -2.36 -22.59 -25.21
N LEU G 26 -2.68 -23.81 -24.79
CA LEU G 26 -3.79 -24.52 -25.40
C LEU G 26 -5.09 -23.74 -25.25
N LYS G 27 -5.32 -23.20 -24.05
CA LYS G 27 -6.46 -22.33 -23.84
C LYS G 27 -6.45 -21.13 -24.76
N ALA G 28 -5.27 -20.59 -25.03
CA ALA G 28 -5.20 -19.40 -25.87
C ALA G 28 -5.64 -19.67 -27.29
N GLN G 29 -5.45 -20.88 -27.79
CA GLN G 29 -5.76 -21.19 -29.17
C GLN G 29 -7.20 -20.89 -29.51
N GLN H 1 17.99 -40.38 -2.05
CA GLN H 1 17.32 -39.31 -2.75
C GLN H 1 17.47 -39.49 -4.26
N ALA H 2 18.59 -40.06 -4.67
CA ALA H 2 18.91 -40.25 -6.08
C ALA H 2 17.76 -40.92 -6.82
N GLU H 3 17.04 -41.79 -6.11
CA GLU H 3 15.85 -42.40 -6.70
C GLU H 3 14.85 -41.33 -7.12
N ILE H 4 14.67 -40.30 -6.28
CA ILE H 4 13.80 -39.20 -6.66
C ILE H 4 14.31 -38.54 -7.92
N LEU H 5 15.62 -38.33 -8.00
CA LEU H 5 16.19 -37.65 -9.15
C LEU H 5 15.94 -38.45 -10.43
N LYS H 6 16.20 -39.75 -10.39
CA LYS H 6 15.97 -40.55 -11.59
C LYS H 6 14.49 -40.64 -11.92
N ALA H 7 13.63 -40.61 -10.91
CA ALA H 7 12.21 -40.50 -11.18
C ALA H 7 11.91 -39.23 -11.97
N ASP H 8 12.49 -38.12 -11.52
CA ASP H 8 12.32 -36.86 -12.25
C ASP H 8 12.83 -37.00 -13.68
N ALA H 9 13.96 -37.67 -13.85
CA ALA H 9 14.52 -37.86 -15.18
C ALA H 9 13.53 -38.58 -16.06
N GLU H 10 12.95 -39.66 -15.55
CA GLU H 10 11.96 -40.40 -16.34
C GLU H 10 10.75 -39.55 -16.63
N ILE H 11 10.33 -38.74 -15.65
CA ILE H 11 9.24 -37.80 -15.86
C ILE H 11 9.53 -36.93 -17.07
N LEU H 12 10.68 -36.26 -17.04
CA LEU H 12 11.00 -35.33 -18.11
C LEU H 12 11.15 -36.05 -19.44
N LYS H 13 11.68 -37.28 -19.42
CA LYS H 13 11.75 -38.07 -20.65
C LYS H 13 10.36 -38.28 -21.23
N ALA H 14 9.42 -38.71 -20.38
CA ALA H 14 8.06 -38.90 -20.85
C ALA H 14 7.48 -37.60 -21.37
N TYR H 15 7.77 -36.49 -20.70
CA TYR H 15 7.27 -35.21 -21.16
C TYR H 15 7.80 -34.90 -22.55
N ALA H 16 9.10 -35.13 -22.75
CA ALA H 16 9.68 -34.92 -24.07
C ALA H 16 9.03 -35.81 -25.10
N LYS H 17 8.70 -37.04 -24.72
CA LYS H 17 8.02 -37.93 -25.65
C LYS H 17 6.67 -37.36 -26.04
N ILE H 18 5.91 -36.89 -25.07
CA ILE H 18 4.63 -36.25 -25.36
C ILE H 18 4.83 -35.09 -26.32
N LEU H 19 5.86 -34.29 -26.06
CA LEU H 19 6.12 -33.12 -26.88
C LEU H 19 6.39 -33.52 -28.32
N GLU H 20 7.30 -34.46 -28.53
CA GLU H 20 7.66 -34.84 -29.89
C GLU H 20 6.51 -35.55 -30.58
N ALA H 21 5.66 -36.25 -29.82
CA ALA H 21 4.50 -36.87 -30.45
C ALA H 21 3.51 -35.83 -30.92
N HIS H 22 3.22 -34.85 -30.05
CA HIS H 22 2.40 -33.72 -30.47
C HIS H 22 3.02 -33.02 -31.68
N ALA H 23 4.35 -32.97 -31.72
CA ALA H 23 5.04 -32.36 -32.85
C ALA H 23 4.80 -33.16 -34.12
N GLU H 24 4.89 -34.48 -34.03
CA GLU H 24 4.65 -35.32 -35.20
C GLU H 24 3.22 -35.17 -35.69
N ILE H 25 2.27 -35.06 -34.76
CA ILE H 25 0.89 -34.83 -35.16
C ILE H 25 0.74 -33.49 -35.85
N LEU H 26 1.34 -32.44 -35.29
CA LEU H 26 1.32 -31.13 -35.94
C LEU H 26 1.91 -31.22 -37.34
N LYS H 27 2.99 -31.97 -37.48
CA LYS H 27 3.61 -32.17 -38.78
C LYS H 27 2.67 -32.87 -39.74
N ALA H 28 1.92 -33.86 -39.25
CA ALA H 28 0.93 -34.52 -40.09
C ALA H 28 -0.19 -33.59 -40.52
N GLN H 29 -0.47 -32.55 -39.73
CA GLN H 29 -1.47 -31.56 -40.09
C GLN H 29 -0.87 -30.48 -40.97
N GLN I 1 8.52 26.93 -28.16
CA GLN I 1 7.47 27.90 -27.93
C GLN I 1 6.46 27.39 -26.93
N ALA I 2 6.21 26.08 -26.95
CA ALA I 2 5.16 25.50 -26.13
C ALA I 2 5.39 25.79 -24.65
N GLU I 3 6.64 25.74 -24.21
CA GLU I 3 6.96 26.04 -22.83
C GLU I 3 6.42 27.39 -22.39
N ILE I 4 6.32 28.35 -23.31
CA ILE I 4 5.66 29.61 -22.98
C ILE I 4 4.22 29.35 -22.54
N LEU I 5 3.52 28.52 -23.31
CA LEU I 5 2.16 28.17 -22.95
C LEU I 5 2.13 27.40 -21.63
N LYS I 6 3.15 26.58 -21.39
CA LYS I 6 3.24 25.92 -20.10
C LYS I 6 3.31 26.93 -18.98
N ALA I 7 4.09 27.99 -19.17
CA ALA I 7 4.18 29.04 -18.17
C ALA I 7 2.83 29.72 -17.99
N ASP I 8 2.11 29.94 -19.10
CA ASP I 8 0.78 30.53 -19.00
C ASP I 8 -0.12 29.65 -18.14
N ALA I 9 -0.12 28.35 -18.43
CA ALA I 9 -0.91 27.41 -17.66
C ALA I 9 -0.49 27.44 -16.20
N GLU I 10 0.80 27.65 -15.94
CA GLU I 10 1.26 27.76 -14.57
C GLU I 10 0.65 28.98 -13.90
N ILE I 11 0.63 30.10 -14.61
CA ILE I 11 -0.06 31.30 -14.12
C ILE I 11 -1.48 30.96 -13.71
N LEU I 12 -2.20 30.32 -14.63
CA LEU I 12 -3.61 30.06 -14.38
C LEU I 12 -3.78 29.11 -13.21
N LYS I 13 -2.94 28.09 -13.13
CA LYS I 13 -3.02 27.15 -12.02
C LYS I 13 -2.74 27.84 -10.71
N ALA I 14 -1.81 28.78 -10.71
CA ALA I 14 -1.57 29.58 -9.51
C ALA I 14 -2.83 30.32 -9.11
N TYR I 15 -3.47 30.96 -10.08
CA TYR I 15 -4.71 31.68 -9.78
C TYR I 15 -5.74 30.72 -9.20
N ALA I 16 -5.81 29.52 -9.76
CA ALA I 16 -6.76 28.53 -9.26
C ALA I 16 -6.44 28.17 -7.83
N LYS I 17 -5.16 28.01 -7.51
CA LYS I 17 -4.78 27.72 -6.15
C LYS I 17 -5.17 28.86 -5.23
N ILE I 18 -5.07 30.09 -5.72
CA ILE I 18 -5.52 31.24 -4.94
C ILE I 18 -6.99 31.08 -4.59
N LEU I 19 -7.82 30.84 -5.60
CA LEU I 19 -9.24 30.72 -5.34
C LEU I 19 -9.54 29.56 -4.41
N GLU I 20 -8.82 28.46 -4.60
CA GLU I 20 -9.02 27.29 -3.74
C GLU I 20 -8.69 27.64 -2.30
N ALA I 21 -7.61 28.37 -2.09
CA ALA I 21 -7.27 28.77 -0.73
C ALA I 21 -8.33 29.70 -0.16
N HIS I 22 -8.86 30.59 -0.99
CA HIS I 22 -9.92 31.47 -0.52
C HIS I 22 -11.11 30.64 -0.05
N ALA I 23 -11.46 29.62 -0.82
CA ALA I 23 -12.52 28.71 -0.42
C ALA I 23 -12.16 28.02 0.88
N GLU I 24 -10.90 27.63 1.03
CA GLU I 24 -10.47 26.99 2.26
C GLU I 24 -10.73 27.90 3.44
N ILE I 25 -10.33 29.16 3.31
CA ILE I 25 -10.63 30.16 4.34
C ILE I 25 -12.12 30.14 4.67
N LEU I 26 -12.93 30.40 3.65
CA LEU I 26 -14.36 30.58 3.88
C LEU I 26 -14.96 29.36 4.55
N LYS I 27 -14.60 28.17 4.07
CA LYS I 27 -15.03 26.94 4.70
C LYS I 27 -14.58 26.87 6.15
N ALA I 28 -13.39 27.37 6.44
CA ALA I 28 -12.87 27.27 7.79
C ALA I 28 -13.70 28.09 8.77
N GLN I 29 -14.30 29.18 8.32
CA GLN I 29 -15.03 30.06 9.23
C GLN I 29 -16.12 29.34 9.98
N GLN J 1 0.16 36.28 -28.18
CA GLN J 1 0.03 35.76 -26.82
C GLN J 1 -0.28 36.89 -25.86
N ALA J 2 0.25 38.08 -26.16
CA ALA J 2 0.09 39.25 -25.31
C ALA J 2 -1.36 39.48 -24.93
N GLU J 3 -2.26 39.14 -25.85
CA GLU J 3 -3.68 39.20 -25.55
C GLU J 3 -4.02 38.34 -24.35
N ILE J 4 -3.44 37.14 -24.28
CA ILE J 4 -3.66 36.30 -23.11
C ILE J 4 -3.16 37.00 -21.86
N LEU J 5 -2.01 37.64 -21.95
CA LEU J 5 -1.42 38.29 -20.79
C LEU J 5 -2.32 39.42 -20.30
N LYS J 6 -2.81 40.26 -21.20
CA LYS J 6 -3.68 41.35 -20.79
C LYS J 6 -5.01 40.82 -20.27
N ALA J 7 -5.48 39.70 -20.81
CA ALA J 7 -6.64 39.05 -20.24
C ALA J 7 -6.38 38.67 -18.80
N ASP J 8 -5.22 38.08 -18.53
CA ASP J 8 -4.85 37.76 -17.16
C ASP J 8 -4.83 39.00 -16.30
N ALA J 9 -4.29 40.09 -16.85
CA ALA J 9 -4.22 41.34 -16.10
C ALA J 9 -5.62 41.78 -15.68
N GLU J 10 -6.56 41.75 -16.62
CA GLU J 10 -7.93 42.13 -16.30
C GLU J 10 -8.54 41.19 -15.28
N ILE J 11 -8.22 39.90 -15.41
CA ILE J 11 -8.65 38.91 -14.42
C ILE J 11 -8.22 39.35 -13.04
N LEU J 12 -6.93 39.58 -12.87
CA LEU J 12 -6.40 39.91 -11.56
C LEU J 12 -6.96 41.24 -11.08
N LYS J 13 -7.18 42.19 -11.97
CA LYS J 13 -7.81 43.44 -11.59
C LYS J 13 -9.19 43.19 -10.99
N ALA J 14 -9.99 42.39 -11.68
CA ALA J 14 -11.31 42.06 -11.17
C ALA J 14 -11.22 41.36 -9.83
N TYR J 15 -10.24 40.46 -9.69
CA TYR J 15 -10.07 39.78 -8.42
C TYR J 15 -9.77 40.78 -7.31
N ALA J 16 -8.88 41.73 -7.58
CA ALA J 16 -8.57 42.75 -6.59
C ALA J 16 -9.81 43.55 -6.26
N LYS J 17 -10.65 43.82 -7.26
CA LYS J 17 -11.89 44.54 -6.99
C LYS J 17 -12.77 43.76 -6.05
N ILE J 18 -12.93 42.46 -6.31
CA ILE J 18 -13.70 41.62 -5.41
C ILE J 18 -13.14 41.68 -4.00
N LEU J 19 -11.81 41.63 -3.91
CA LEU J 19 -11.15 41.62 -2.61
C LEU J 19 -11.46 42.91 -1.85
N GLU J 20 -11.26 44.05 -2.50
CA GLU J 20 -11.47 45.31 -1.80
C GLU J 20 -12.94 45.54 -1.50
N ALA J 21 -13.84 45.00 -2.32
CA ALA J 21 -15.26 45.12 -2.01
C ALA J 21 -15.61 44.30 -0.78
N HIS J 22 -15.14 43.06 -0.73
CA HIS J 22 -15.30 42.25 0.48
C HIS J 22 -14.69 42.95 1.68
N ALA J 23 -13.58 43.67 1.45
CA ALA J 23 -12.95 44.42 2.52
C ALA J 23 -13.85 45.54 3.01
N GLU J 24 -14.45 46.27 2.08
CA GLU J 24 -15.36 47.34 2.47
C GLU J 24 -16.55 46.80 3.24
N ILE J 25 -17.06 45.65 2.83
CA ILE J 25 -18.17 45.04 3.56
C ILE J 25 -17.73 44.65 4.96
N LEU J 26 -16.56 44.03 5.08
CA LEU J 26 -16.02 43.70 6.40
C LEU J 26 -15.89 44.95 7.25
N LYS J 27 -15.44 46.04 6.65
CA LYS J 27 -15.32 47.31 7.35
C LYS J 27 -16.67 47.81 7.82
N ALA J 28 -17.70 47.64 7.00
CA ALA J 28 -19.05 48.01 7.40
C ALA J 28 -19.57 47.16 8.56
N GLN J 29 -19.06 45.94 8.69
CA GLN J 29 -19.44 45.08 9.80
C GLN J 29 -18.56 45.36 11.01
N GLN K 1 -1.39 25.79 26.21
CA GLN K 1 -1.88 25.19 27.44
C GLN K 1 -2.65 23.92 27.15
N ALA K 2 -3.34 23.89 26.02
CA ALA K 2 -4.21 22.77 25.70
C ALA K 2 -3.44 21.45 25.70
N GLU K 3 -2.22 21.48 25.17
CA GLU K 3 -1.39 20.28 25.14
C GLU K 3 -1.24 19.65 26.52
N ILE K 4 -1.29 20.46 27.57
CA ILE K 4 -1.31 19.89 28.92
C ILE K 4 -2.52 19.00 29.08
N LEU K 5 -3.67 19.49 28.65
CA LEU K 5 -4.89 18.68 28.73
C LEU K 5 -4.78 17.46 27.84
N LYS K 6 -4.10 17.60 26.70
CA LYS K 6 -3.85 16.43 25.86
C LYS K 6 -3.07 15.38 26.64
N ALA K 7 -2.06 15.81 27.38
CA ALA K 7 -1.30 14.88 28.20
C ALA K 7 -2.19 14.23 29.25
N ASP K 8 -3.08 15.01 29.85
CA ASP K 8 -4.01 14.45 30.82
C ASP K 8 -4.85 13.36 30.18
N ALA K 9 -5.40 13.66 29.01
CA ALA K 9 -6.19 12.68 28.28
C ALA K 9 -5.35 11.46 27.96
N GLU K 10 -4.06 11.65 27.69
CA GLU K 10 -3.19 10.52 27.44
C GLU K 10 -3.08 9.66 28.69
N ILE K 11 -2.93 10.29 29.85
CA ILE K 11 -2.94 9.58 31.13
C ILE K 11 -4.18 8.70 31.21
N LEU K 12 -5.32 9.33 30.99
CA LEU K 12 -6.58 8.61 31.18
C LEU K 12 -6.70 7.48 30.18
N LYS K 13 -6.30 7.71 28.93
CA LYS K 13 -6.36 6.66 27.92
C LYS K 13 -5.46 5.51 28.29
N ALA K 14 -4.30 5.82 28.87
CA ALA K 14 -3.43 4.76 29.36
C ALA K 14 -4.15 3.93 30.41
N TYR K 15 -4.79 4.61 31.35
CA TYR K 15 -5.51 3.88 32.38
C TYR K 15 -6.59 3.00 31.76
N ALA K 16 -7.26 3.53 30.73
CA ALA K 16 -8.29 2.76 30.06
C ALA K 16 -7.69 1.52 29.41
N LYS K 17 -6.52 1.68 28.79
CA LYS K 17 -5.85 0.54 28.20
C LYS K 17 -5.50 -0.48 29.27
N ILE K 18 -5.12 -0.01 30.45
CA ILE K 18 -4.87 -0.93 31.56
C ILE K 18 -6.10 -1.76 31.84
N LEU K 19 -7.23 -1.10 32.03
CA LEU K 19 -8.45 -1.82 32.36
C LEU K 19 -8.83 -2.78 31.24
N GLU K 20 -8.66 -2.33 29.99
CA GLU K 20 -8.98 -3.17 28.86
C GLU K 20 -8.12 -4.43 28.86
N ALA K 21 -6.83 -4.27 29.16
CA ALA K 21 -5.96 -5.42 29.23
C ALA K 21 -6.38 -6.34 30.37
N HIS K 22 -6.79 -5.78 31.49
CA HIS K 22 -7.27 -6.60 32.59
C HIS K 22 -8.45 -7.43 32.15
N ALA K 23 -9.37 -6.80 31.42
CA ALA K 23 -10.50 -7.53 30.86
C ALA K 23 -10.02 -8.62 29.91
N GLU K 24 -9.01 -8.30 29.11
CA GLU K 24 -8.48 -9.30 28.20
C GLU K 24 -8.00 -10.52 28.96
N ILE K 25 -7.24 -10.29 30.04
CA ILE K 25 -6.82 -11.38 30.91
C ILE K 25 -8.03 -12.19 31.34
N LEU K 26 -8.97 -11.53 31.99
CA LEU K 26 -10.09 -12.24 32.60
C LEU K 26 -10.85 -13.05 31.56
N LYS K 27 -11.11 -12.45 30.41
CA LYS K 27 -11.73 -13.16 29.30
C LYS K 27 -10.90 -14.36 28.89
N ALA K 28 -9.58 -14.24 28.93
CA ALA K 28 -8.75 -15.32 28.46
C ALA K 28 -8.87 -16.55 29.35
N GLN K 29 -9.15 -16.36 30.64
CA GLN K 29 -9.18 -17.48 31.58
C GLN K 29 -10.16 -18.54 31.15
N GLN L 1 -5.38 22.72 37.70
CA GLN L 1 -5.25 21.42 37.08
C GLN L 1 -4.82 20.38 38.09
N ALA L 2 -4.03 20.82 39.06
CA ALA L 2 -3.47 19.95 40.09
C ALA L 2 -4.55 19.10 40.73
N GLU L 3 -5.75 19.65 40.84
CA GLU L 3 -6.89 18.88 41.33
C GLU L 3 -7.12 17.65 40.46
N ILE L 4 -7.01 17.81 39.14
CA ILE L 4 -7.13 16.65 38.26
C ILE L 4 -6.06 15.64 38.57
N LEU L 5 -4.83 16.11 38.80
CA LEU L 5 -3.72 15.21 39.05
C LEU L 5 -3.96 14.41 40.32
N LYS L 6 -4.37 15.08 41.40
CA LYS L 6 -4.61 14.36 42.65
C LYS L 6 -5.80 13.43 42.52
N ALA L 7 -6.80 13.80 41.70
CA ALA L 7 -7.87 12.88 41.39
C ALA L 7 -7.31 11.62 40.76
N ASP L 8 -6.43 11.78 39.78
CA ASP L 8 -5.78 10.63 39.16
C ASP L 8 -5.04 9.81 40.19
N ALA L 9 -4.36 10.47 41.11
CA ALA L 9 -3.62 9.77 42.15
C ALA L 9 -4.55 8.90 42.95
N GLU L 10 -5.69 9.45 43.37
CA GLU L 10 -6.65 8.67 44.14
C GLU L 10 -7.20 7.53 43.31
N ILE L 11 -7.43 7.78 42.02
CA ILE L 11 -7.85 6.72 41.10
C ILE L 11 -6.88 5.56 41.17
N LEU L 12 -5.61 5.85 40.94
CA LEU L 12 -4.62 4.80 40.89
C LEU L 12 -4.48 4.11 42.24
N LYS L 13 -4.62 4.87 43.33
CA LYS L 13 -4.59 4.26 44.64
C LYS L 13 -5.70 3.23 44.77
N ALA L 14 -6.92 3.62 44.40
CA ALA L 14 -8.03 2.68 44.46
C ALA L 14 -7.78 1.48 43.58
N TYR L 15 -7.20 1.70 42.40
CA TYR L 15 -6.89 0.58 41.53
C TYR L 15 -5.92 -0.37 42.20
N ALA L 16 -4.89 0.17 42.83
CA ALA L 16 -3.94 -0.67 43.55
C ALA L 16 -4.63 -1.44 44.65
N LYS L 17 -5.59 -0.79 45.32
CA LYS L 17 -6.33 -1.48 46.37
C LYS L 17 -7.10 -2.66 45.80
N ILE L 18 -7.77 -2.44 44.67
CA ILE L 18 -8.48 -3.54 44.01
C ILE L 18 -7.51 -4.66 43.68
N LEU L 19 -6.34 -4.28 43.17
CA LEU L 19 -5.36 -5.28 42.77
C LEU L 19 -4.93 -6.13 43.96
N GLU L 20 -4.54 -5.47 45.06
CA GLU L 20 -4.05 -6.22 46.20
C GLU L 20 -5.17 -7.03 46.85
N ALA L 21 -6.41 -6.55 46.78
CA ALA L 21 -7.52 -7.34 47.30
C ALA L 21 -7.74 -8.59 46.48
N HIS L 22 -7.75 -8.45 45.15
CA HIS L 22 -7.80 -9.62 44.28
C HIS L 22 -6.64 -10.55 44.57
N ALA L 23 -5.48 -9.98 44.90
CA ALA L 23 -4.32 -10.79 45.23
C ALA L 23 -4.54 -11.57 46.52
N GLU L 24 -5.11 -10.93 47.53
CA GLU L 24 -5.40 -11.62 48.77
C GLU L 24 -6.40 -12.74 48.56
N ILE L 25 -7.39 -12.51 47.70
CA ILE L 25 -8.35 -13.56 47.39
C ILE L 25 -7.67 -14.72 46.68
N LEU L 26 -6.81 -14.41 45.70
CA LEU L 26 -6.05 -15.46 45.03
C LEU L 26 -5.22 -16.25 46.03
N LYS L 27 -4.62 -15.53 46.99
CA LYS L 27 -3.84 -16.19 48.03
C LYS L 27 -4.70 -17.11 48.87
N ALA L 28 -5.93 -16.69 49.17
CA ALA L 28 -6.84 -17.54 49.92
C ALA L 28 -7.25 -18.77 49.12
N GLN L 29 -7.20 -18.71 47.80
CA GLN L 29 -7.49 -19.86 46.96
C GLN L 29 -6.23 -20.70 46.76
N GLN M 1 14.06 16.17 34.57
CA GLN M 1 13.72 15.09 35.48
C GLN M 1 12.89 14.03 34.79
N ALA M 2 12.05 14.46 33.85
CA ALA M 2 11.10 13.54 33.23
C ALA M 2 11.83 12.38 32.56
N GLU M 3 12.97 12.66 31.92
CA GLU M 3 13.76 11.61 31.28
C GLU M 3 14.07 10.47 32.24
N ILE M 4 14.20 10.76 33.54
CA ILE M 4 14.34 9.69 34.51
C ILE M 4 13.14 8.76 34.45
N LEU M 5 11.95 9.35 34.42
CA LEU M 5 10.74 8.55 34.33
C LEU M 5 10.69 7.82 33.00
N LYS M 6 11.21 8.44 31.94
CA LYS M 6 11.31 7.74 30.66
C LYS M 6 12.16 6.49 30.81
N ALA M 7 13.27 6.60 31.53
CA ALA M 7 14.10 5.43 31.76
C ALA M 7 13.36 4.38 32.55
N ASP M 8 12.58 4.81 33.55
CA ASP M 8 11.78 3.86 34.31
C ASP M 8 10.82 3.11 33.39
N ALA M 9 10.13 3.86 32.53
CA ALA M 9 9.22 3.24 31.58
C ALA M 9 9.97 2.29 30.67
N GLU M 10 11.21 2.63 30.33
CA GLU M 10 12.01 1.73 29.52
C GLU M 10 12.27 0.43 30.25
N ILE M 11 12.60 0.53 31.54
CA ILE M 11 12.75 -0.65 32.39
C ILE M 11 11.50 -1.52 32.27
N LEU M 12 10.35 -0.90 32.49
CA LEU M 12 9.12 -1.67 32.52
C LEU M 12 8.82 -2.28 31.18
N LYS M 13 9.06 -1.54 30.10
CA LYS M 13 8.83 -2.07 28.76
C LYS M 13 9.74 -3.24 28.48
N ALA M 14 10.97 -3.16 28.97
CA ALA M 14 11.87 -4.30 28.86
C ALA M 14 11.29 -5.51 29.55
N TYR M 15 10.81 -5.32 30.78
CA TYR M 15 10.20 -6.44 31.49
C TYR M 15 9.03 -7.00 30.70
N ALA M 16 8.24 -6.13 30.10
CA ALA M 16 7.10 -6.57 29.30
C ALA M 16 7.57 -7.40 28.13
N LYS M 17 8.65 -6.96 27.49
CA LYS M 17 9.20 -7.73 26.38
C LYS M 17 9.66 -9.09 26.86
N ILE M 18 10.22 -9.15 28.07
CA ILE M 18 10.60 -10.43 28.64
C ILE M 18 9.39 -11.35 28.72
N LEU M 19 8.32 -10.86 29.33
CA LEU M 19 7.13 -11.70 29.49
C LEU M 19 6.58 -12.10 28.13
N GLU M 20 6.59 -11.18 27.17
CA GLU M 20 6.09 -11.48 25.84
C GLU M 20 6.91 -12.58 25.20
N ALA M 21 8.22 -12.53 25.37
CA ALA M 21 9.06 -13.58 24.82
C ALA M 21 8.77 -14.90 25.51
N HIS M 22 8.55 -14.86 26.81
CA HIS M 22 8.20 -16.09 27.52
C HIS M 22 6.94 -16.70 26.94
N ALA M 23 5.95 -15.86 26.68
CA ALA M 23 4.73 -16.32 26.03
C ALA M 23 5.04 -16.89 24.65
N GLU M 24 5.94 -16.24 23.92
CA GLU M 24 6.32 -16.75 22.62
C GLU M 24 6.87 -18.16 22.73
N ILE M 25 7.77 -18.37 23.67
CA ILE M 25 8.27 -19.71 23.95
C ILE M 25 7.12 -20.67 24.16
N LEU M 26 6.29 -20.37 25.16
CA LEU M 26 5.26 -21.31 25.56
C LEU M 26 4.33 -21.63 24.39
N LYS M 27 3.93 -20.61 23.64
CA LYS M 27 3.15 -20.82 22.43
C LYS M 27 3.87 -21.70 21.45
N ALA M 28 5.19 -21.57 21.35
CA ALA M 28 5.92 -22.34 20.37
C ALA M 28 5.89 -23.82 20.67
N GLN M 29 5.81 -24.20 21.94
CA GLN M 29 5.87 -25.60 22.32
C GLN M 29 4.80 -26.42 21.63
N GLN N 1 11.60 8.45 44.14
CA GLN N 1 11.60 7.53 43.02
C GLN N 1 12.15 6.18 43.42
N ALA N 2 13.08 6.20 44.37
CA ALA N 2 13.75 4.99 44.86
C ALA N 2 12.74 3.91 45.22
N GLU N 3 11.57 4.33 45.72
CA GLU N 3 10.50 3.39 45.98
C GLU N 3 10.12 2.63 44.72
N ILE N 4 10.06 3.33 43.59
CA ILE N 4 9.77 2.64 42.33
C ILE N 4 10.86 1.63 42.04
N LEU N 5 12.11 2.01 42.27
CA LEU N 5 13.22 1.11 41.98
C LEU N 5 13.13 -0.16 42.81
N LYS N 6 12.90 -0.01 44.12
CA LYS N 6 12.81 -1.19 44.96
C LYS N 6 11.58 -2.03 44.62
N ALA N 7 10.50 -1.37 44.18
CA ALA N 7 9.37 -2.12 43.67
C ALA N 7 9.80 -2.98 42.50
N ASP N 8 10.54 -2.40 41.56
CA ASP N 8 11.07 -3.15 40.44
C ASP N 8 11.91 -4.31 40.91
N ALA N 9 12.74 -4.06 41.92
CA ALA N 9 13.59 -5.11 42.46
C ALA N 9 12.76 -6.28 42.95
N GLU N 10 11.71 -5.99 43.71
CA GLU N 10 10.84 -7.04 44.21
C GLU N 10 10.14 -7.75 43.06
N ILE N 11 9.75 -6.99 42.04
CA ILE N 11 9.18 -7.58 40.83
C ILE N 11 10.11 -8.63 40.27
N LEU N 12 11.34 -8.23 40.01
CA LEU N 12 12.30 -9.14 39.38
C LEU N 12 12.60 -10.32 40.28
N LYS N 13 12.63 -10.09 41.59
CA LYS N 13 12.82 -11.20 42.52
C LYS N 13 11.70 -12.22 42.37
N ALA N 14 10.47 -11.75 42.35
CA ALA N 14 9.34 -12.66 42.18
C ALA N 14 9.44 -13.38 40.84
N TYR N 15 9.86 -12.66 39.80
CA TYR N 15 10.01 -13.30 38.50
C TYR N 15 11.03 -14.42 38.57
N ALA N 16 12.17 -14.16 39.22
CA ALA N 16 13.17 -15.19 39.38
C ALA N 16 12.62 -16.37 40.15
N LYS N 17 11.79 -16.10 41.15
CA LYS N 17 11.18 -17.19 41.91
C LYS N 17 10.30 -18.04 41.00
N ILE N 18 9.48 -17.39 40.18
CA ILE N 18 8.66 -18.13 39.22
C ILE N 18 9.54 -18.97 38.33
N LEU N 19 10.65 -18.39 37.87
CA LEU N 19 11.53 -19.10 36.96
C LEU N 19 12.10 -20.35 37.62
N GLU N 20 12.65 -20.20 38.81
CA GLU N 20 13.27 -21.35 39.46
C GLU N 20 12.23 -22.38 39.87
N ALA N 21 11.01 -21.95 40.16
CA ALA N 21 9.97 -22.92 40.46
C ALA N 21 9.60 -23.73 39.22
N HIS N 22 9.40 -23.05 38.09
CA HIS N 22 9.20 -23.74 36.83
C HIS N 22 10.37 -24.67 36.53
N ALA N 23 11.57 -24.26 36.91
CA ALA N 23 12.75 -25.09 36.72
C ALA N 23 12.68 -26.34 37.56
N GLU N 24 12.27 -26.20 38.83
CA GLU N 24 12.14 -27.36 39.69
C GLU N 24 11.09 -28.32 39.16
N ILE N 25 10.00 -27.78 38.62
CA ILE N 25 8.98 -28.64 38.04
C ILE N 25 9.52 -29.37 36.82
N LEU N 26 10.24 -28.66 35.95
CA LEU N 26 10.87 -29.30 34.81
C LEU N 26 11.81 -30.40 35.26
N LYS N 27 12.56 -30.14 36.33
CA LYS N 27 13.46 -31.14 36.90
C LYS N 27 12.69 -32.37 37.39
N ALA N 28 11.53 -32.15 38.00
CA ALA N 28 10.70 -33.26 38.44
C ALA N 28 10.16 -34.07 37.26
N GLN N 29 10.03 -33.45 36.09
CA GLN N 29 9.59 -34.15 34.90
C GLN N 29 10.78 -34.79 34.19
N GLN O 1 2.30 9.03 -35.20
CA GLN O 1 1.27 9.99 -35.55
C GLN O 1 0.10 9.91 -34.59
N ALA O 2 -0.18 8.70 -34.09
CA ALA O 2 -1.37 8.49 -33.27
C ALA O 2 -1.34 9.39 -32.03
N GLU O 3 -0.16 9.55 -31.43
CA GLU O 3 -0.03 10.41 -30.27
C GLU O 3 -0.58 11.81 -30.52
N ILE O 4 -0.52 12.29 -31.76
CA ILE O 4 -1.17 13.55 -32.09
C ILE O 4 -2.66 13.46 -31.79
N LEU O 5 -3.27 12.37 -32.24
CA LEU O 5 -4.68 12.17 -31.97
C LEU O 5 -4.94 12.02 -30.47
N LYS O 6 -3.99 11.41 -29.76
CA LYS O 6 -4.11 11.35 -28.31
C LYS O 6 -4.16 12.75 -27.72
N ALA O 7 -3.32 13.63 -28.22
CA ALA O 7 -3.35 15.02 -27.75
C ALA O 7 -4.68 15.67 -28.07
N ASP O 8 -5.22 15.39 -29.25
CA ASP O 8 -6.52 15.94 -29.61
C ASP O 8 -7.57 15.46 -28.61
N ALA O 9 -7.58 14.17 -28.32
CA ALA O 9 -8.50 13.62 -27.35
C ALA O 9 -8.29 14.27 -25.99
N GLU O 10 -7.05 14.59 -25.66
CA GLU O 10 -6.78 15.28 -24.41
C GLU O 10 -7.44 16.65 -24.40
N ILE O 11 -7.33 17.37 -25.52
CA ILE O 11 -8.02 18.65 -25.69
C ILE O 11 -9.50 18.47 -25.38
N LEU O 12 -10.10 17.49 -26.04
CA LEU O 12 -11.54 17.32 -25.90
C LEU O 12 -11.91 16.95 -24.49
N LYS O 13 -11.12 16.08 -23.86
CA LYS O 13 -11.40 15.68 -22.49
C LYS O 13 -11.30 16.87 -21.56
N ALA O 14 -10.34 17.75 -21.82
CA ALA O 14 -10.24 18.97 -21.04
C ALA O 14 -11.51 19.78 -21.18
N TYR O 15 -11.98 19.95 -22.41
CA TYR O 15 -13.23 20.69 -22.61
C TYR O 15 -14.37 20.04 -21.84
N ALA O 16 -14.41 18.71 -21.85
CA ALA O 16 -15.45 17.99 -21.14
C ALA O 16 -15.35 18.28 -19.65
N LYS O 17 -14.14 18.29 -19.12
CA LYS O 17 -13.96 18.61 -17.72
C LYS O 17 -14.43 20.03 -17.43
N ILE O 18 -14.21 20.94 -18.37
CA ILE O 18 -14.74 22.29 -18.21
C ILE O 18 -16.25 22.26 -18.04
N LEU O 19 -16.93 21.60 -18.97
CA LEU O 19 -18.38 21.56 -18.90
C LEU O 19 -18.85 20.89 -17.62
N GLU O 20 -18.16 19.83 -17.21
CA GLU O 20 -18.52 19.12 -16.00
C GLU O 20 -18.39 20.05 -14.80
N ALA O 21 -17.33 20.83 -14.76
CA ALA O 21 -17.16 21.77 -13.66
C ALA O 21 -18.26 22.82 -13.69
N HIS O 22 -18.63 23.27 -14.89
CA HIS O 22 -19.72 24.23 -14.98
C HIS O 22 -20.99 23.66 -14.39
N ALA O 23 -21.26 22.40 -14.71
CA ALA O 23 -22.40 21.71 -14.12
C ALA O 23 -22.26 21.63 -12.61
N GLU O 24 -21.05 21.38 -12.14
CA GLU O 24 -20.82 21.32 -10.70
C GLU O 24 -21.20 22.63 -10.05
N ILE O 25 -20.76 23.74 -10.64
CA ILE O 25 -21.16 25.06 -10.17
C ILE O 25 -22.67 25.15 -10.10
N LEU O 26 -23.33 24.94 -11.23
CA LEU O 26 -24.76 25.17 -11.30
C LEU O 26 -25.50 24.31 -10.29
N LYS O 27 -25.12 23.05 -10.17
CA LYS O 27 -25.68 22.18 -9.15
C LYS O 27 -25.44 22.73 -7.76
N ALA O 28 -24.29 23.35 -7.53
CA ALA O 28 -23.98 23.83 -6.20
C ALA O 28 -24.90 24.96 -5.78
N GLN O 29 -25.39 25.76 -6.73
CA GLN O 29 -26.20 26.92 -6.40
C GLN O 29 -27.42 26.54 -5.58
N GLN P 1 -5.61 17.29 -40.33
CA GLN P 1 -5.95 17.40 -38.92
C GLN P 1 -6.35 18.81 -38.57
N ALA P 2 -5.75 19.77 -39.25
CA ALA P 2 -5.98 21.19 -39.01
C ALA P 2 -7.46 21.51 -38.98
N GLU P 3 -8.23 20.80 -39.80
CA GLU P 3 -9.68 20.94 -39.76
C GLU P 3 -10.22 20.66 -38.37
N ILE P 4 -9.70 19.62 -37.72
CA ILE P 4 -10.11 19.33 -36.35
C ILE P 4 -9.77 20.51 -35.45
N LEU P 5 -8.58 21.08 -35.63
CA LEU P 5 -8.16 22.18 -34.78
C LEU P 5 -9.07 23.37 -34.93
N LYS P 6 -9.39 23.75 -36.17
CA LYS P 6 -10.28 24.89 -36.38
C LYS P 6 -11.68 24.59 -35.89
N ALA P 7 -12.11 23.33 -35.98
CA ALA P 7 -13.36 22.94 -35.36
C ALA P 7 -13.33 23.23 -33.86
N ASP P 8 -12.24 22.82 -33.21
CA ASP P 8 -12.08 23.11 -31.79
C ASP P 8 -12.12 24.60 -31.54
N ALA P 9 -11.49 25.38 -32.40
CA ALA P 9 -11.49 26.83 -32.25
C ALA P 9 -12.90 27.37 -32.26
N GLU P 10 -13.70 26.92 -33.24
CA GLU P 10 -15.08 27.37 -33.31
C GLU P 10 -15.87 26.92 -32.08
N ILE P 11 -15.58 25.70 -31.62
CA ILE P 11 -16.19 25.22 -30.37
C ILE P 11 -15.95 26.20 -29.26
N LEU P 12 -14.69 26.51 -29.02
CA LEU P 12 -14.33 27.37 -27.90
C LEU P 12 -14.91 28.77 -28.10
N LYS P 13 -14.96 29.24 -29.34
CA LYS P 13 -15.59 30.53 -29.60
C LYS P 13 -17.05 30.51 -29.16
N ALA P 14 -17.77 29.48 -29.56
CA ALA P 14 -19.17 29.37 -29.17
C ALA P 14 -19.28 29.29 -27.65
N TYR P 15 -18.38 28.57 -27.01
CA TYR P 15 -18.42 28.47 -25.56
C TYR P 15 -18.24 29.85 -24.94
N ALA P 16 -17.29 30.62 -25.45
CA ALA P 16 -17.08 31.97 -24.95
C ALA P 16 -18.33 32.81 -25.16
N LYS P 17 -19.01 32.61 -26.29
CA LYS P 17 -20.24 33.35 -26.53
C LYS P 17 -21.28 33.01 -25.49
N ILE P 18 -21.44 31.73 -25.20
CA ILE P 18 -22.38 31.30 -24.16
C ILE P 18 -22.00 31.97 -22.85
N LEU P 19 -20.71 31.99 -22.54
CA LEU P 19 -20.25 32.56 -21.28
C LEU P 19 -20.61 34.03 -21.18
N GLU P 20 -20.28 34.79 -22.21
CA GLU P 20 -20.54 36.24 -22.14
C GLU P 20 -22.03 36.52 -22.18
N ALA P 21 -22.82 35.67 -22.82
CA ALA P 21 -24.26 35.88 -22.80
C ALA P 21 -24.81 35.64 -21.40
N HIS P 22 -24.41 34.54 -20.77
CA HIS P 22 -24.76 34.30 -19.38
C HIS P 22 -24.30 35.46 -18.51
N ALA P 23 -23.16 36.05 -18.85
CA ALA P 23 -22.66 37.18 -18.10
C ALA P 23 -23.57 38.40 -18.26
N GLU P 24 -24.01 38.65 -19.48
CA GLU P 24 -24.92 39.77 -19.72
C GLU P 24 -26.22 39.57 -18.98
N ILE P 25 -26.71 38.33 -18.94
CA ILE P 25 -27.94 38.05 -18.19
C ILE P 25 -27.72 38.30 -16.71
N LEU P 26 -26.60 37.81 -16.17
CA LEU P 26 -26.27 38.08 -14.77
C LEU P 26 -26.22 39.57 -14.51
N LYS P 27 -25.64 40.32 -15.45
CA LYS P 27 -25.57 41.77 -15.32
C LYS P 27 -26.96 42.39 -15.31
N ALA P 28 -27.87 41.86 -16.13
CA ALA P 28 -29.25 42.34 -16.12
C ALA P 28 -29.95 42.04 -14.80
N GLN P 29 -29.52 41.00 -14.10
CA GLN P 29 -30.09 40.67 -12.80
C GLN P 29 -29.38 41.45 -11.70
N GLN Q 1 30.35 -25.96 -10.62
CA GLN Q 1 29.79 -26.42 -11.88
C GLN Q 1 28.40 -25.83 -12.10
N ALA Q 2 27.66 -25.65 -11.01
CA ALA Q 2 26.27 -25.22 -11.13
C ALA Q 2 26.16 -23.90 -11.86
N GLU Q 3 27.09 -22.98 -11.60
CA GLU Q 3 27.09 -21.70 -12.29
C GLU Q 3 27.06 -21.85 -13.80
N ILE Q 4 27.63 -22.93 -14.33
CA ILE Q 4 27.49 -23.21 -15.76
C ILE Q 4 26.02 -23.35 -16.11
N LEU Q 5 25.30 -24.12 -15.31
CA LEU Q 5 23.87 -24.28 -15.55
C LEU Q 5 23.14 -22.96 -15.36
N LYS Q 6 23.60 -22.13 -14.44
CA LYS Q 6 23.04 -20.80 -14.30
C LYS Q 6 23.18 -20.02 -15.60
N ALA Q 7 24.36 -20.12 -16.22
CA ALA Q 7 24.57 -19.45 -17.50
C ALA Q 7 23.64 -20.01 -18.56
N ASP Q 8 23.44 -21.32 -18.55
CA ASP Q 8 22.50 -21.92 -19.50
C ASP Q 8 21.11 -21.34 -19.31
N ALA Q 9 20.66 -21.29 -18.06
CA ALA Q 9 19.36 -20.70 -17.76
C ALA Q 9 19.31 -19.25 -18.21
N GLU Q 10 20.44 -18.55 -18.10
CA GLU Q 10 20.48 -17.17 -18.58
C GLU Q 10 20.26 -17.13 -20.08
N ILE Q 11 20.91 -18.03 -20.81
CA ILE Q 11 20.68 -18.17 -22.25
C ILE Q 11 19.20 -18.30 -22.51
N LEU Q 12 18.57 -19.25 -21.83
CA LEU Q 12 17.18 -19.54 -22.11
C LEU Q 12 16.29 -18.36 -21.76
N LYS Q 13 16.57 -17.71 -20.64
CA LYS Q 13 15.79 -16.55 -20.25
C LYS Q 13 15.93 -15.43 -21.27
N ALA Q 14 17.12 -15.28 -21.83
CA ALA Q 14 17.31 -14.31 -22.90
C ALA Q 14 16.42 -14.66 -24.08
N TYR Q 15 16.41 -15.92 -24.47
CA TYR Q 15 15.55 -16.33 -25.57
C TYR Q 15 14.09 -16.03 -25.26
N ALA Q 16 13.70 -16.26 -24.02
CA ALA Q 16 12.33 -15.97 -23.61
C ALA Q 16 12.03 -14.50 -23.74
N LYS Q 17 12.98 -13.66 -23.33
CA LYS Q 17 12.79 -12.23 -23.47
C LYS Q 17 12.66 -11.85 -24.94
N ILE Q 18 13.40 -12.53 -25.80
CA ILE Q 18 13.26 -12.30 -27.24
C ILE Q 18 11.83 -12.55 -27.66
N LEU Q 19 11.31 -13.73 -27.32
CA LEU Q 19 9.95 -14.06 -27.74
C LEU Q 19 8.96 -13.09 -27.15
N GLU Q 20 9.16 -12.69 -25.89
CA GLU Q 20 8.26 -11.75 -25.26
C GLU Q 20 8.25 -10.43 -26.00
N ALA Q 21 9.44 -9.97 -26.40
CA ALA Q 21 9.51 -8.74 -27.16
C ALA Q 21 8.81 -8.88 -28.50
N HIS Q 22 8.96 -10.05 -29.13
CA HIS Q 22 8.27 -10.28 -30.40
C HIS Q 22 6.77 -10.16 -30.19
N ALA Q 23 6.27 -10.73 -29.11
CA ALA Q 23 4.86 -10.60 -28.78
C ALA Q 23 4.50 -9.15 -28.54
N GLU Q 24 5.38 -8.40 -27.89
CA GLU Q 24 5.14 -7.00 -27.66
C GLU Q 24 4.94 -6.27 -28.98
N ILE Q 25 5.84 -6.53 -29.92
CA ILE Q 25 5.70 -5.97 -31.27
C ILE Q 25 4.32 -6.30 -31.82
N LEU Q 26 4.02 -7.58 -31.90
CA LEU Q 26 2.80 -8.00 -32.57
C LEU Q 26 1.57 -7.39 -31.93
N LYS Q 27 1.54 -7.37 -30.60
CA LYS Q 27 0.47 -6.71 -29.87
C LYS Q 27 0.41 -5.23 -30.22
N ALA Q 28 1.56 -4.60 -30.42
CA ALA Q 28 1.56 -3.18 -30.69
C ALA Q 28 0.91 -2.84 -32.01
N GLN Q 29 0.97 -3.74 -32.99
CA GLN Q 29 0.45 -3.46 -34.32
C GLN Q 29 -1.01 -3.07 -34.28
N GLN R 1 27.02 -31.62 -21.31
CA GLN R 1 26.30 -30.36 -21.41
C GLN R 1 26.22 -29.90 -22.84
N ALA R 2 27.26 -30.22 -23.62
CA ALA R 2 27.36 -29.81 -25.01
C ALA R 2 26.09 -30.14 -25.79
N GLU R 3 25.44 -31.25 -25.41
CA GLU R 3 24.15 -31.58 -25.99
C GLU R 3 23.15 -30.45 -25.79
N ILE R 4 23.14 -29.87 -24.59
CA ILE R 4 22.26 -28.73 -24.35
C ILE R 4 22.62 -27.59 -25.29
N LEU R 5 23.90 -27.34 -25.47
CA LEU R 5 24.33 -26.24 -26.32
C LEU R 5 23.87 -26.44 -27.75
N LYS R 6 24.08 -27.63 -28.29
CA LYS R 6 23.65 -27.87 -29.67
C LYS R 6 22.13 -27.85 -29.79
N ALA R 7 21.43 -28.26 -28.73
CA ALA R 7 19.98 -28.08 -28.71
C ALA R 7 19.64 -26.61 -28.86
N ASP R 8 20.31 -25.76 -28.09
CA ASP R 8 20.10 -24.33 -28.20
C ASP R 8 20.40 -23.85 -29.62
N ALA R 9 21.46 -24.37 -30.21
CA ALA R 9 21.81 -23.98 -31.57
C ALA R 9 20.68 -24.29 -32.52
N GLU R 10 20.12 -25.49 -32.42
CA GLU R 10 19.01 -25.86 -33.29
C GLU R 10 17.80 -25.00 -33.00
N ILE R 11 17.57 -24.68 -31.74
CA ILE R 11 16.50 -23.75 -31.37
C ILE R 11 16.65 -22.46 -32.15
N LEU R 12 17.81 -21.83 -32.03
CA LEU R 12 18.03 -20.54 -32.65
C LEU R 12 17.95 -20.65 -34.16
N LYS R 13 18.41 -21.76 -34.73
CA LYS R 13 18.27 -21.97 -36.16
C LYS R 13 16.82 -21.96 -36.57
N ALA R 14 15.99 -22.71 -35.85
CA ALA R 14 14.57 -22.72 -36.14
C ALA R 14 13.97 -21.34 -36.00
N TYR R 15 14.40 -20.60 -34.97
CA TYR R 15 13.89 -19.24 -34.79
C TYR R 15 14.23 -18.38 -35.99
N ALA R 16 15.48 -18.48 -36.47
CA ALA R 16 15.88 -17.73 -37.65
C ALA R 16 15.04 -18.13 -38.84
N LYS R 17 14.72 -19.41 -38.95
CA LYS R 17 13.88 -19.86 -40.05
C LYS R 17 12.51 -19.21 -39.98
N ILE R 18 11.92 -19.20 -38.79
CA ILE R 18 10.64 -18.53 -38.60
C ILE R 18 10.75 -17.07 -39.02
N LEU R 19 11.84 -16.43 -38.62
CA LEU R 19 12.02 -15.01 -38.91
C LEU R 19 12.07 -14.77 -40.41
N GLU R 20 12.91 -15.53 -41.11
CA GLU R 20 13.04 -15.30 -42.54
C GLU R 20 11.78 -15.69 -43.30
N ALA R 21 11.02 -16.66 -42.78
CA ALA R 21 9.76 -16.99 -43.42
C ALA R 21 8.76 -15.86 -43.26
N HIS R 22 8.63 -15.34 -42.04
CA HIS R 22 7.81 -14.16 -41.83
C HIS R 22 8.28 -13.01 -42.72
N ALA R 23 9.59 -12.92 -42.94
CA ALA R 23 10.13 -11.89 -43.81
C ALA R 23 9.68 -12.09 -45.24
N GLU R 24 9.73 -13.33 -45.72
CA GLU R 24 9.29 -13.62 -47.08
C GLU R 24 7.81 -13.30 -47.24
N ILE R 25 7.01 -13.60 -46.22
CA ILE R 25 5.59 -13.27 -46.28
C ILE R 25 5.39 -11.76 -46.33
N LEU R 26 6.12 -11.03 -45.49
CA LEU R 26 6.06 -9.57 -45.54
C LEU R 26 6.44 -9.06 -46.92
N LYS R 27 7.47 -9.66 -47.51
CA LYS R 27 7.88 -9.30 -48.85
C LYS R 27 6.79 -9.56 -49.87
N ALA R 28 6.07 -10.67 -49.72
CA ALA R 28 4.94 -10.96 -50.61
C ALA R 28 3.82 -9.95 -50.43
N GLN R 29 3.70 -9.33 -49.26
CA GLN R 29 2.69 -8.31 -49.03
C GLN R 29 3.22 -6.95 -49.47
N GLN S 1 13.70 -30.26 13.58
CA GLN S 1 13.40 -31.42 12.76
C GLN S 1 12.12 -31.21 11.95
N ALA S 2 11.18 -30.48 12.54
CA ALA S 2 9.87 -30.32 11.91
C ALA S 2 9.99 -29.72 10.52
N GLU S 3 10.89 -28.75 10.36
CA GLU S 3 11.11 -28.13 9.07
C GLU S 3 11.39 -29.15 7.98
N ILE S 4 12.01 -30.29 8.33
CA ILE S 4 12.17 -31.36 7.36
C ILE S 4 10.80 -31.81 6.87
N LEU S 5 9.88 -32.01 7.80
CA LEU S 5 8.53 -32.41 7.43
C LEU S 5 7.85 -31.32 6.63
N LYS S 6 8.15 -30.06 6.94
CA LYS S 6 7.64 -28.96 6.13
C LYS S 6 8.10 -29.09 4.70
N ALA S 7 9.38 -29.43 4.51
CA ALA S 7 9.89 -29.64 3.17
C ALA S 7 9.19 -30.80 2.49
N ASP S 8 8.92 -31.87 3.24
CA ASP S 8 8.18 -32.99 2.66
C ASP S 8 6.82 -32.54 2.19
N ALA S 9 6.11 -31.79 3.03
CA ALA S 9 4.81 -31.26 2.65
C ALA S 9 4.94 -30.37 1.42
N GLU S 10 6.04 -29.65 1.31
CA GLU S 10 6.26 -28.82 0.13
C GLU S 10 6.37 -29.69 -1.11
N ILE S 11 7.12 -30.79 -1.00
CA ILE S 11 7.20 -31.77 -2.07
C ILE S 11 5.80 -32.17 -2.51
N LEU S 12 4.99 -32.59 -1.53
CA LEU S 12 3.68 -33.12 -1.86
C LEU S 12 2.81 -32.04 -2.48
N LYS S 13 2.88 -30.81 -1.95
CA LYS S 13 2.09 -29.73 -2.51
C LYS S 13 2.51 -29.44 -3.93
N ALA S 14 3.80 -29.53 -4.20
CA ALA S 14 4.26 -29.37 -5.57
C ALA S 14 3.63 -30.43 -6.47
N TYR S 15 3.64 -31.68 -6.01
CA TYR S 15 3.03 -32.73 -6.81
C TYR S 15 1.55 -32.43 -7.04
N ALA S 16 0.88 -31.92 -6.03
CA ALA S 16 -0.52 -31.57 -6.15
C ALA S 16 -0.71 -30.49 -7.19
N LYS S 17 0.17 -29.49 -7.18
CA LYS S 17 0.10 -28.45 -8.19
C LYS S 17 0.30 -29.03 -9.57
N ILE S 18 1.18 -30.02 -9.69
CA ILE S 18 1.36 -30.70 -10.97
C ILE S 18 0.04 -31.28 -11.44
N LEU S 19 -0.60 -32.07 -10.59
CA LEU S 19 -1.85 -32.70 -10.97
C LEU S 19 -2.90 -31.66 -11.32
N GLU S 20 -2.95 -30.59 -10.54
CA GLU S 20 -3.92 -29.53 -10.78
C GLU S 20 -3.68 -28.91 -12.15
N ALA S 21 -2.42 -28.68 -12.50
CA ALA S 21 -2.13 -28.13 -13.81
C ALA S 21 -2.53 -29.11 -14.90
N HIS S 22 -2.30 -30.40 -14.67
CA HIS S 22 -2.71 -31.39 -15.65
C HIS S 22 -4.21 -31.31 -15.88
N ALA S 23 -4.97 -31.18 -14.79
CA ALA S 23 -6.40 -31.00 -14.91
C ALA S 23 -6.73 -29.73 -15.66
N GLU S 24 -5.97 -28.67 -15.41
CA GLU S 24 -6.19 -27.42 -16.13
C GLU S 24 -6.06 -27.64 -17.62
N ILE S 25 -4.99 -28.33 -18.02
CA ILE S 25 -4.81 -28.70 -19.43
C ILE S 25 -6.04 -29.40 -19.94
N LEU S 26 -6.39 -30.51 -19.29
CA LEU S 26 -7.45 -31.36 -19.82
C LEU S 26 -8.75 -30.59 -19.93
N LYS S 27 -9.08 -29.79 -18.92
CA LYS S 27 -10.24 -28.92 -18.97
C LYS S 27 -10.15 -27.96 -20.13
N ALA S 28 -8.95 -27.47 -20.43
CA ALA S 28 -8.81 -26.48 -21.49
C ALA S 28 -9.15 -27.06 -22.85
N GLN S 29 -8.92 -28.34 -23.06
CA GLN S 29 -9.12 -28.96 -24.36
C GLN S 29 -10.54 -28.76 -24.86
N GLN T 1 12.48 -41.43 7.98
CA GLN T 1 11.86 -40.53 7.01
C GLN T 1 12.12 -41.02 5.60
N ALA T 2 13.27 -41.65 5.41
CA ALA T 2 13.71 -42.15 4.10
C ALA T 2 12.62 -42.98 3.44
N GLU T 3 11.85 -43.70 4.26
CA GLU T 3 10.70 -44.42 3.74
C GLU T 3 9.74 -43.49 3.03
N ILE T 4 9.49 -42.31 3.59
CA ILE T 4 8.65 -41.34 2.93
C ILE T 4 9.26 -40.95 1.59
N LEU T 5 10.57 -40.75 1.56
CA LEU T 5 11.22 -40.33 0.34
C LEU T 5 11.08 -41.37 -0.75
N LYS T 6 11.33 -42.64 -0.41
CA LYS T 6 11.20 -43.69 -1.42
C LYS T 6 9.75 -43.86 -1.84
N ALA T 7 8.82 -43.63 -0.93
CA ALA T 7 7.41 -43.60 -1.32
C ALA T 7 7.18 -42.54 -2.38
N ASP T 8 7.72 -41.35 -2.14
CA ASP T 8 7.61 -40.29 -3.14
C ASP T 8 8.22 -40.72 -4.46
N ALA T 9 9.37 -41.39 -4.39
CA ALA T 9 10.02 -41.85 -5.60
C ALA T 9 9.11 -42.77 -6.39
N GLU T 10 8.48 -43.72 -5.71
CA GLU T 10 7.58 -44.63 -6.38
C GLU T 10 6.37 -43.88 -6.93
N ILE T 11 5.90 -42.89 -6.19
CA ILE T 11 4.82 -42.02 -6.67
C ILE T 11 5.20 -41.43 -8.01
N LEU T 12 6.34 -40.77 -8.06
CA LEU T 12 6.75 -40.08 -9.27
C LEU T 12 6.99 -41.07 -10.40
N LYS T 13 7.51 -42.26 -10.07
CA LYS T 13 7.68 -43.29 -11.09
C LYS T 13 6.34 -43.64 -11.71
N ALA T 14 5.34 -43.89 -10.87
CA ALA T 14 4.02 -44.21 -11.39
C ALA T 14 3.48 -43.05 -12.23
N TYR T 15 3.71 -41.83 -11.78
CA TYR T 15 3.26 -40.69 -12.56
C TYR T 15 3.89 -40.67 -13.93
N ALA T 16 5.20 -40.92 -13.98
CA ALA T 16 5.89 -40.99 -15.26
C ALA T 16 5.31 -42.08 -16.13
N LYS T 17 4.96 -43.22 -15.51
CA LYS T 17 4.35 -44.29 -16.27
C LYS T 17 3.04 -43.85 -16.88
N ILE T 18 2.20 -43.19 -16.09
CA ILE T 18 0.94 -42.65 -16.61
C ILE T 18 1.22 -41.72 -17.77
N LEU T 19 2.23 -40.87 -17.62
CA LEU T 19 2.54 -39.90 -18.65
C LEU T 19 2.93 -40.60 -19.95
N GLU T 20 3.86 -41.54 -19.87
CA GLU T 20 4.32 -42.20 -21.09
C GLU T 20 3.23 -43.06 -21.70
N ALA T 21 2.33 -43.60 -20.88
CA ALA T 21 1.22 -44.36 -21.43
C ALA T 21 0.27 -43.46 -22.20
N HIS T 22 -0.10 -42.32 -21.59
CA HIS T 22 -0.88 -41.32 -22.30
C HIS T 22 -0.17 -40.89 -23.57
N ALA T 23 1.16 -40.83 -23.53
CA ALA T 23 1.93 -40.47 -24.71
C ALA T 23 1.80 -41.53 -25.80
N GLU T 24 1.88 -42.79 -25.41
CA GLU T 24 1.73 -43.87 -26.39
C GLU T 24 0.34 -43.85 -27.00
N ILE T 25 -0.68 -43.56 -26.20
CA ILE T 25 -2.02 -43.45 -26.74
C ILE T 25 -2.13 -42.29 -27.71
N LEU T 26 -1.56 -41.13 -27.35
CA LEU T 26 -1.53 -40.00 -28.27
C LEU T 26 -0.84 -40.37 -29.56
N LYS T 27 0.25 -41.12 -29.46
CA LYS T 27 0.97 -41.59 -30.63
C LYS T 27 0.11 -42.50 -31.49
N ALA T 28 -0.69 -43.36 -30.86
CA ALA T 28 -1.60 -44.21 -31.60
C ALA T 28 -2.69 -43.41 -32.30
N GLN T 29 -3.02 -42.23 -31.78
CA GLN T 29 -3.99 -41.37 -32.42
C GLN T 29 -3.32 -40.49 -33.46
N GLN U 1 12.23 34.17 -22.22
CA GLN U 1 11.21 35.07 -21.71
C GLN U 1 10.25 34.35 -20.77
N ALA U 2 10.00 33.07 -21.06
CA ALA U 2 9.00 32.33 -20.30
C ALA U 2 9.33 32.30 -18.83
N GLU U 3 10.62 32.16 -18.50
CA GLU U 3 11.05 32.16 -17.11
C GLU U 3 10.55 33.39 -16.35
N ILE U 4 10.39 34.51 -17.03
CA ILE U 4 9.76 35.67 -16.40
C ILE U 4 8.36 35.30 -15.92
N LEU U 5 7.60 34.66 -16.80
CA LEU U 5 6.27 34.24 -16.42
C LEU U 5 6.32 33.21 -15.31
N LYS U 6 7.35 32.36 -15.31
CA LYS U 6 7.52 31.44 -14.21
C LYS U 6 7.68 32.19 -12.90
N ALA U 7 8.46 33.27 -12.92
CA ALA U 7 8.62 34.08 -11.72
C ALA U 7 7.29 34.70 -11.31
N ASP U 8 6.50 35.15 -12.28
CA ASP U 8 5.19 35.69 -11.97
C ASP U 8 4.34 34.64 -11.27
N ALA U 9 4.32 33.44 -11.83
CA ALA U 9 3.57 32.36 -11.20
C ALA U 9 4.09 32.07 -9.81
N GLU U 10 5.39 32.22 -9.61
CA GLU U 10 5.95 32.04 -8.28
C GLU U 10 5.40 33.09 -7.33
N ILE U 11 5.34 34.33 -7.79
CA ILE U 11 4.71 35.40 -7.00
C ILE U 11 3.31 34.97 -6.57
N LEU U 12 2.52 34.54 -7.54
CA LEU U 12 1.13 34.22 -7.26
C LEU U 12 1.04 33.04 -6.31
N LYS U 13 1.88 32.03 -6.50
CA LYS U 13 1.86 30.87 -5.62
C LYS U 13 2.23 31.27 -4.21
N ALA U 14 3.17 32.20 -4.09
CA ALA U 14 3.51 32.73 -2.77
C ALA U 14 2.29 33.36 -2.13
N TYR U 15 1.58 34.18 -2.89
CA TYR U 15 0.38 34.82 -2.35
C TYR U 15 -0.62 33.75 -1.93
N ALA U 16 -0.75 32.70 -2.71
CA ALA U 16 -1.66 31.62 -2.38
C ALA U 16 -1.25 30.96 -1.07
N LYS U 17 0.05 30.74 -0.90
CA LYS U 17 0.52 30.17 0.35
C LYS U 17 0.21 31.09 1.51
N ILE U 18 0.29 32.40 1.28
CA ILE U 18 -0.10 33.35 2.32
C ILE U 18 -1.53 33.11 2.74
N LEU U 19 -2.44 33.09 1.76
CA LEU U 19 -3.84 32.91 2.08
C LEU U 19 -4.08 31.58 2.77
N GLU U 20 -3.40 30.53 2.30
CA GLU U 20 -3.54 29.22 2.90
C GLU U 20 -3.12 29.24 4.35
N ALA U 21 -2.01 29.92 4.64
CA ALA U 21 -1.57 30.03 6.02
C ALA U 21 -2.57 30.81 6.85
N HIS U 22 -3.16 31.85 6.27
CA HIS U 22 -4.17 32.60 6.99
C HIS U 22 -5.33 31.69 7.36
N ALA U 23 -5.75 30.86 6.41
CA ALA U 23 -6.79 29.88 6.69
C ALA U 23 -6.35 28.92 7.78
N GLU U 24 -5.08 28.52 7.75
CA GLU U 24 -4.57 27.64 8.78
C GLU U 24 -4.73 28.27 10.15
N ILE U 25 -4.34 29.54 10.27
CA ILE U 25 -4.55 30.28 11.51
C ILE U 25 -6.01 30.19 11.92
N LEU U 26 -6.90 30.65 11.05
CA LEU U 26 -8.29 30.78 11.42
C LEU U 26 -8.87 29.43 11.84
N LYS U 27 -8.54 28.38 11.10
CA LYS U 27 -8.94 27.03 11.48
C LYS U 27 -8.39 26.66 12.84
N ALA U 28 -7.18 27.10 13.15
CA ALA U 28 -6.57 26.71 14.40
C ALA U 28 -7.32 27.30 15.60
N GLN U 29 -7.94 28.46 15.43
CA GLN U 29 -8.59 29.14 16.55
C GLN U 29 -9.63 28.25 17.21
N GLN V 1 3.98 43.27 -19.65
CA GLN V 1 3.93 42.47 -18.43
C GLN V 1 3.72 43.36 -17.22
N ALA V 2 4.23 44.59 -17.31
CA ALA V 2 4.15 45.55 -16.21
C ALA V 2 2.72 45.69 -15.70
N GLU V 3 1.76 45.56 -16.60
CA GLU V 3 0.36 45.54 -16.19
C GLU V 3 0.10 44.44 -15.18
N ILE V 4 0.67 43.26 -15.41
CA ILE V 4 0.54 42.18 -14.43
C ILE V 4 1.12 42.61 -13.10
N LEU V 5 2.28 43.25 -13.13
CA LEU V 5 2.94 43.66 -11.91
C LEU V 5 2.09 44.63 -11.12
N LYS V 6 1.55 45.64 -11.79
CA LYS V 6 0.72 46.62 -11.09
C LYS V 6 -0.58 45.98 -10.60
N ALA V 7 -1.09 45.01 -11.35
CA ALA V 7 -2.22 44.23 -10.85
C ALA V 7 -1.86 43.57 -9.52
N ASP V 8 -0.68 42.93 -9.49
CA ASP V 8 -0.22 42.32 -8.24
C ASP V 8 -0.12 43.36 -7.14
N ALA V 9 0.39 44.54 -7.47
CA ALA V 9 0.51 45.60 -6.49
C ALA V 9 -0.85 45.94 -5.89
N GLU V 10 -1.85 46.11 -6.74
CA GLU V 10 -3.19 46.41 -6.25
C GLU V 10 -3.74 45.26 -5.42
N ILE V 11 -3.44 44.02 -5.84
CA ILE V 11 -3.82 42.85 -5.06
C ILE V 11 -3.28 42.99 -3.64
N LEU V 12 -1.98 43.19 -3.53
CA LEU V 12 -1.36 43.23 -2.22
C LEU V 12 -1.87 44.42 -1.41
N LYS V 13 -2.14 45.54 -2.08
CA LYS V 13 -2.73 46.68 -1.39
C LYS V 13 -4.06 46.29 -0.76
N ALA V 14 -4.92 45.66 -1.55
CA ALA V 14 -6.21 45.22 -1.02
C ALA V 14 -6.02 44.26 0.13
N TYR V 15 -5.05 43.35 0.00
CA TYR V 15 -4.79 42.42 1.08
C TYR V 15 -4.41 43.15 2.35
N ALA V 16 -3.53 44.14 2.22
CA ALA V 16 -3.14 44.93 3.38
C ALA V 16 -4.34 45.64 3.97
N LYS V 17 -5.25 46.11 3.12
CA LYS V 17 -6.46 46.75 3.62
C LYS V 17 -7.29 45.78 4.43
N ILE V 18 -7.47 44.57 3.92
CA ILE V 18 -8.18 43.54 4.66
C ILE V 18 -7.52 43.31 6.01
N LEU V 19 -6.19 43.24 5.99
CA LEU V 19 -5.45 42.97 7.22
C LEU V 19 -5.69 44.05 8.24
N GLU V 20 -5.52 45.32 7.85
CA GLU V 20 -5.67 46.40 8.80
C GLU V 20 -7.11 46.54 9.25
N ALA V 21 -8.07 46.19 8.40
CA ALA V 21 -9.46 46.23 8.84
C ALA V 21 -9.73 45.17 9.88
N HIS V 22 -9.28 43.94 9.63
CA HIS V 22 -9.37 42.90 10.64
C HIS V 22 -8.66 43.33 11.92
N ALA V 23 -7.56 44.08 11.78
CA ALA V 23 -6.84 44.59 12.94
C ALA V 23 -7.70 45.58 13.72
N GLU V 24 -8.37 46.49 13.02
CA GLU V 24 -9.22 47.45 13.68
C GLU V 24 -10.37 46.75 14.40
N ILE V 25 -10.91 45.70 13.79
CA ILE V 25 -11.98 44.95 14.44
C ILE V 25 -11.45 44.26 15.69
N LEU V 26 -10.26 43.64 15.60
CA LEU V 26 -9.65 43.04 16.77
C LEU V 26 -9.44 44.08 17.88
N LYS V 27 -9.01 45.28 17.47
CA LYS V 27 -8.84 46.37 18.43
C LYS V 27 -10.15 46.76 19.08
N ALA V 28 -11.25 46.75 18.32
CA ALA V 28 -12.56 47.03 18.89
C ALA V 28 -12.99 45.95 19.87
N GLN V 29 -12.50 44.73 19.70
CA GLN V 29 -12.80 43.65 20.63
C GLN V 29 -11.84 43.66 21.80
N GLN W 1 -8.64 28.93 19.82
CA GLN W 1 -9.22 28.62 21.11
C GLN W 1 -9.97 27.30 21.05
N ALA W 2 -10.59 27.02 19.90
CA ALA W 2 -11.44 25.84 19.78
C ALA W 2 -10.67 24.57 20.11
N GLU W 3 -9.42 24.48 19.67
CA GLU W 3 -8.60 23.31 19.96
C GLU W 3 -8.55 23.01 21.45
N ILE W 4 -8.65 24.03 22.30
CA ILE W 4 -8.78 23.76 23.74
C ILE W 4 -10.01 22.91 24.01
N LEU W 5 -11.12 23.28 23.40
CA LEU W 5 -12.34 22.51 23.57
C LEU W 5 -12.18 21.12 22.98
N LYS W 6 -11.42 21.02 21.89
CA LYS W 6 -11.11 19.70 21.34
C LYS W 6 -10.40 18.85 22.36
N ALA W 7 -9.44 19.44 23.08
CA ALA W 7 -8.75 18.70 24.12
C ALA W 7 -9.71 18.30 25.22
N ASP W 8 -10.63 19.18 25.57
CA ASP W 8 -11.62 18.84 26.59
C ASP W 8 -12.43 17.63 26.13
N ALA W 9 -12.90 17.65 24.89
CA ALA W 9 -13.64 16.53 24.34
C ALA W 9 -12.78 15.28 24.36
N GLU W 10 -11.48 15.43 24.14
CA GLU W 10 -10.60 14.28 24.20
C GLU W 10 -10.58 13.70 25.61
N ILE W 11 -10.51 14.58 26.61
CA ILE W 11 -10.60 14.15 28.00
C ILE W 11 -11.86 13.31 28.20
N LEU W 12 -12.99 13.86 27.77
CA LEU W 12 -14.25 13.19 28.01
C LEU W 12 -14.31 11.86 27.28
N LYS W 13 -13.82 11.82 26.04
CA LYS W 13 -13.83 10.58 25.28
C LYS W 13 -12.95 9.55 25.95
N ALA W 14 -11.84 9.98 26.53
CA ALA W 14 -11.00 9.07 27.29
C ALA W 14 -11.79 8.48 28.44
N TYR W 15 -12.49 9.34 29.19
CA TYR W 15 -13.30 8.83 30.29
C TYR W 15 -14.33 7.83 29.80
N ALA W 16 -14.92 8.12 28.65
CA ALA W 16 -15.90 7.21 28.08
C ALA W 16 -15.27 5.88 27.76
N LYS W 17 -14.07 5.91 27.21
CA LYS W 17 -13.37 4.67 26.92
C LYS W 17 -13.09 3.90 28.20
N ILE W 18 -12.80 4.62 29.28
CA ILE W 18 -12.62 3.98 30.58
C ILE W 18 -13.87 3.20 30.94
N LEU W 19 -15.01 3.89 30.92
CA LEU W 19 -16.26 3.24 31.31
C LEU W 19 -16.55 2.06 30.40
N GLU W 20 -16.30 2.23 29.10
CA GLU W 20 -16.55 1.15 28.15
C GLU W 20 -15.70 -0.05 28.49
N ALA W 21 -14.43 0.17 28.83
CA ALA W 21 -13.58 -0.93 29.21
C ALA W 21 -14.08 -1.59 30.48
N HIS W 22 -14.56 -0.79 31.42
CA HIS W 22 -15.10 -1.37 32.65
C HIS W 22 -16.27 -2.28 32.31
N ALA W 23 -17.13 -1.83 31.40
CA ALA W 23 -18.23 -2.68 30.95
C ALA W 23 -17.69 -3.94 30.28
N GLU W 24 -16.62 -3.80 29.51
CA GLU W 24 -16.03 -4.97 28.86
C GLU W 24 -15.62 -5.98 29.92
N ILE W 25 -14.93 -5.52 30.96
CA ILE W 25 -14.58 -6.39 32.07
C ILE W 25 -15.82 -7.10 32.59
N LEU W 26 -16.80 -6.32 33.01
CA LEU W 26 -17.96 -6.90 33.68
C LEU W 26 -18.65 -7.92 32.80
N LYS W 27 -18.82 -7.58 31.53
CA LYS W 27 -19.37 -8.52 30.56
C LYS W 27 -18.53 -9.78 30.48
N ALA W 28 -17.21 -9.64 30.57
CA ALA W 28 -16.35 -10.79 30.42
C ALA W 28 -16.54 -11.79 31.54
N GLN W 29 -16.90 -11.33 32.74
CA GLN W 29 -17.01 -12.22 33.89
C GLN W 29 -17.97 -13.36 33.63
N GLN X 1 -13.42 28.39 31.40
CA GLN X 1 -13.26 26.98 31.08
C GLN X 1 -12.90 26.19 32.32
N ALA X 2 -12.17 26.84 33.22
CA ALA X 2 -11.69 26.21 34.45
C ALA X 2 -12.82 25.51 35.19
N GLU X 3 -14.03 26.06 35.09
CA GLU X 3 -15.20 25.41 35.66
C GLU X 3 -15.37 24.02 35.06
N ILE X 4 -15.17 23.88 33.75
CA ILE X 4 -15.24 22.57 33.13
C ILE X 4 -14.19 21.65 33.74
N LEU X 5 -12.98 22.17 33.94
CA LEU X 5 -11.90 21.35 34.46
C LEU X 5 -12.23 20.85 35.85
N LYS X 6 -12.71 21.74 36.73
CA LYS X 6 -13.04 21.29 38.07
C LYS X 6 -14.22 20.35 38.07
N ALA X 7 -15.15 20.53 37.13
CA ALA X 7 -16.21 19.55 36.96
C ALA X 7 -15.62 18.18 36.65
N ASP X 8 -14.67 18.14 35.72
CA ASP X 8 -13.99 16.89 35.41
C ASP X 8 -13.32 16.32 36.64
N ALA X 9 -12.70 17.18 37.44
CA ALA X 9 -12.04 16.72 38.65
C ALA X 9 -13.03 16.03 39.57
N GLU X 10 -14.18 16.65 39.78
CA GLU X 10 -15.21 16.05 40.63
C GLU X 10 -15.71 14.75 40.02
N ILE X 11 -15.85 14.71 38.70
CA ILE X 11 -16.20 13.49 38.01
C ILE X 11 -15.25 12.37 38.39
N LEU X 12 -13.96 12.62 38.19
CA LEU X 12 -12.97 11.58 38.44
C LEU X 12 -12.93 11.21 39.90
N LYS X 13 -13.14 12.18 40.80
CA LYS X 13 -13.21 11.88 42.21
C LYS X 13 -14.33 10.89 42.49
N ALA X 14 -15.52 11.18 41.95
CA ALA X 14 -16.64 10.26 42.15
C ALA X 14 -16.33 8.90 41.56
N TYR X 15 -15.67 8.87 40.41
CA TYR X 15 -15.31 7.59 39.82
C TYR X 15 -14.40 6.81 40.75
N ALA X 16 -13.40 7.48 41.30
CA ALA X 16 -12.51 6.83 42.26
C ALA X 16 -13.28 6.31 43.45
N LYS X 17 -14.27 7.07 43.90
CA LYS X 17 -15.09 6.62 45.01
C LYS X 17 -15.83 5.34 44.66
N ILE X 18 -16.43 5.31 43.48
CA ILE X 18 -17.09 4.09 43.02
C ILE X 18 -16.11 2.93 43.00
N LEU X 19 -14.90 3.20 42.51
CA LEU X 19 -13.90 2.15 42.41
C LEU X 19 -13.55 1.59 43.78
N GLU X 20 -13.24 2.47 44.73
CA GLU X 20 -12.84 1.98 46.04
C GLU X 20 -14.00 1.33 46.77
N ALA X 21 -15.23 1.76 46.51
CA ALA X 21 -16.37 1.10 47.11
C ALA X 21 -16.54 -0.31 46.57
N HIS X 22 -16.47 -0.45 45.25
CA HIS X 22 -16.47 -1.78 44.65
C HIS X 22 -15.32 -2.62 45.21
N ALA X 23 -14.19 -1.97 45.49
CA ALA X 23 -13.05 -2.68 46.07
C ALA X 23 -13.38 -3.18 47.47
N GLU X 24 -14.01 -2.33 48.28
CA GLU X 24 -14.38 -2.74 49.62
C GLU X 24 -15.37 -3.90 49.59
N ILE X 25 -16.30 -3.87 48.63
CA ILE X 25 -17.24 -4.96 48.49
C ILE X 25 -16.52 -6.24 48.10
N LEU X 26 -15.60 -6.15 47.14
CA LEU X 26 -14.80 -7.30 46.76
C LEU X 26 -14.04 -7.85 47.96
N LYS X 27 -13.50 -6.95 48.78
CA LYS X 27 -12.80 -7.35 49.99
C LYS X 27 -13.72 -8.07 50.96
N ALA X 28 -14.97 -7.61 51.07
CA ALA X 28 -15.93 -8.28 51.92
C ALA X 28 -16.29 -9.67 51.38
N GLN X 29 -16.15 -9.88 50.08
CA GLN X 29 -16.39 -11.20 49.50
C GLN X 29 -15.13 -12.05 49.56
N GLN Y 1 22.00 10.42 36.07
CA GLN Y 1 21.72 9.17 36.76
C GLN Y 1 20.83 8.27 35.92
N ALA Y 2 19.93 8.87 35.15
CA ALA Y 2 18.95 8.09 34.41
C ALA Y 2 19.62 7.11 33.47
N GLU Y 3 20.72 7.53 32.83
CA GLU Y 3 21.46 6.65 31.93
C GLU Y 3 21.83 5.34 32.60
N ILE Y 4 22.06 5.35 33.91
CA ILE Y 4 22.26 4.10 34.63
C ILE Y 4 21.06 3.19 34.45
N LEU Y 5 19.88 3.76 34.63
CA LEU Y 5 18.66 2.99 34.45
C LEU Y 5 18.51 2.55 33.00
N LYS Y 6 18.96 3.38 32.07
CA LYS Y 6 18.97 2.98 30.67
C LYS Y 6 19.82 1.73 30.49
N ALA Y 7 20.98 1.70 31.13
CA ALA Y 7 21.83 0.52 31.06
C ALA Y 7 21.13 -0.69 31.67
N ASP Y 8 20.43 -0.48 32.77
CA ASP Y 8 19.68 -1.58 33.37
C ASP Y 8 18.67 -2.13 32.38
N ALA Y 9 17.91 -1.23 31.75
CA ALA Y 9 16.94 -1.65 30.75
C ALA Y 9 17.63 -2.37 29.61
N GLU Y 10 18.84 -1.95 29.27
CA GLU Y 10 19.57 -2.65 28.23
C GLU Y 10 19.88 -4.07 28.66
N ILE Y 11 20.30 -4.24 29.91
CA ILE Y 11 20.50 -5.57 30.47
C ILE Y 11 19.25 -6.41 30.26
N LEU Y 12 18.12 -5.87 30.69
CA LEU Y 12 16.88 -6.64 30.65
C LEU Y 12 16.50 -6.96 29.21
N LYS Y 13 16.67 -6.00 28.30
CA LYS Y 13 16.34 -6.24 26.91
C LYS Y 13 17.23 -7.32 26.33
N ALA Y 14 18.49 -7.33 26.74
CA ALA Y 14 19.37 -8.40 26.31
C ALA Y 14 18.85 -9.74 26.78
N TYR Y 15 18.45 -9.82 28.05
CA TYR Y 15 17.89 -11.07 28.55
C TYR Y 15 16.67 -11.48 27.75
N ALA Y 16 15.84 -10.49 27.39
CA ALA Y 16 14.65 -10.78 26.60
C ALA Y 16 15.04 -11.34 25.25
N LYS Y 17 16.07 -10.76 24.64
CA LYS Y 17 16.53 -11.27 23.36
C LYS Y 17 17.02 -12.69 23.50
N ILE Y 18 17.66 -13.00 24.63
CA ILE Y 18 18.08 -14.37 24.90
C ILE Y 18 16.88 -15.29 24.86
N LEU Y 19 15.85 -14.96 25.63
CA LEU Y 19 14.67 -15.83 25.69
C LEU Y 19 14.04 -15.94 24.32
N GLU Y 20 13.98 -14.84 23.58
CA GLU Y 20 13.38 -14.86 22.26
C GLU Y 20 14.15 -15.79 21.35
N ALA Y 21 15.47 -15.75 21.42
CA ALA Y 21 16.27 -16.65 20.61
C ALA Y 21 16.04 -18.10 21.02
N HIS Y 22 15.90 -18.34 22.32
CA HIS Y 22 15.61 -19.69 22.77
C HIS Y 22 14.30 -20.18 22.16
N ALA Y 23 13.29 -19.31 22.15
CA ALA Y 23 12.03 -19.65 21.50
C ALA Y 23 12.25 -19.90 20.02
N GLU Y 24 13.10 -19.10 19.39
CA GLU Y 24 13.38 -19.32 17.97
C GLU Y 24 13.93 -20.71 17.74
N ILE Y 25 14.89 -21.12 18.57
CA ILE Y 25 15.41 -22.47 18.52
C ILE Y 25 14.27 -23.47 18.60
N LEU Y 26 13.52 -23.40 19.69
CA LEU Y 26 12.51 -24.42 19.95
C LEU Y 26 11.51 -24.49 18.82
N LYS Y 27 11.06 -23.35 18.33
CA LYS Y 27 10.19 -23.30 17.15
C LYS Y 27 10.85 -23.95 15.96
N ALA Y 28 12.15 -23.77 15.80
CA ALA Y 28 12.81 -24.31 14.63
C ALA Y 28 12.80 -25.83 14.61
N GLN Y 29 12.80 -26.46 15.78
CA GLN Y 29 12.89 -27.91 15.85
C GLN Y 29 11.77 -28.58 15.07
N GLN Z 1 20.20 0.81 43.94
CA GLN Z 1 20.12 0.16 42.64
C GLN Z 1 20.69 -1.25 42.72
N ALA Z 2 21.69 -1.42 43.59
CA ALA Z 2 22.38 -2.68 43.75
C ALA Z 2 21.40 -3.84 43.95
N GLU Z 3 20.28 -3.54 44.61
CA GLU Z 3 19.22 -4.53 44.74
C GLU Z 3 18.76 -5.01 43.37
N ILE Z 4 18.61 -4.09 42.42
CA ILE Z 4 18.24 -4.49 41.07
C ILE Z 4 19.30 -5.42 40.50
N LEU Z 5 20.57 -5.08 40.72
CA LEU Z 5 21.64 -5.88 40.16
C LEU Z 5 21.62 -7.30 40.72
N LYS Z 6 21.47 -7.43 42.03
CA LYS Z 6 21.44 -8.76 42.61
C LYS Z 6 20.20 -9.52 42.19
N ALA Z 7 19.09 -8.81 41.98
CA ALA Z 7 17.92 -9.43 41.40
C ALA Z 7 18.26 -10.03 40.03
N ASP Z 8 18.94 -9.24 39.20
CA ASP Z 8 19.38 -9.74 37.91
C ASP Z 8 20.27 -10.96 38.07
N ALA Z 9 21.16 -10.92 39.05
CA ALA Z 9 22.04 -12.06 39.28
C ALA Z 9 21.25 -13.31 39.57
N GLU Z 10 20.25 -13.20 40.45
CA GLU Z 10 19.42 -14.35 40.77
C GLU Z 10 18.64 -14.81 39.55
N ILE Z 11 18.18 -13.86 38.74
CA ILE Z 11 17.52 -14.18 37.48
C ILE Z 11 18.41 -15.08 36.65
N LEU Z 12 19.63 -14.61 36.39
CA LEU Z 12 20.52 -15.35 35.53
C LEU Z 12 20.89 -16.68 36.13
N LYS Z 13 21.02 -16.75 37.46
CA LYS Z 13 21.26 -18.02 38.12
C LYS Z 13 20.15 -19.00 37.82
N ALA Z 14 18.90 -18.56 37.99
CA ALA Z 14 17.77 -19.43 37.70
C ALA Z 14 17.77 -19.84 36.24
N TYR Z 15 18.12 -18.92 35.35
CA TYR Z 15 18.18 -19.26 33.94
C TYR Z 15 19.20 -20.36 33.71
N ALA Z 16 20.37 -20.22 34.31
CA ALA Z 16 21.39 -21.26 34.18
C ALA Z 16 20.89 -22.58 34.72
N LYS Z 17 20.12 -22.54 35.81
CA LYS Z 17 19.57 -23.76 36.35
C LYS Z 17 18.63 -24.42 35.35
N ILE Z 18 17.76 -23.63 34.75
CA ILE Z 18 16.87 -24.15 33.71
C ILE Z 18 17.69 -24.78 32.60
N LEU Z 19 18.76 -24.10 32.20
CA LEU Z 19 19.58 -24.59 31.10
C LEU Z 19 20.18 -25.94 31.43
N GLU Z 20 20.82 -26.04 32.60
CA GLU Z 20 21.48 -27.29 32.94
C GLU Z 20 20.47 -28.40 33.19
N ALA Z 21 19.27 -28.06 33.65
CA ALA Z 21 18.25 -29.08 33.82
C ALA Z 21 17.80 -29.61 32.46
N HIS Z 22 17.52 -28.71 31.51
CA HIS Z 22 17.23 -29.13 30.15
C HIS Z 22 18.37 -29.95 29.59
N ALA Z 23 19.61 -29.61 29.96
CA ALA Z 23 20.76 -30.37 29.52
C ALA Z 23 20.75 -31.77 30.08
N GLU Z 24 20.43 -31.91 31.36
CA GLU Z 24 20.36 -33.23 31.98
C GLU Z 24 19.27 -34.07 31.32
N ILE Z 25 18.15 -33.44 31.00
CA ILE Z 25 17.08 -34.18 30.32
C ILE Z 25 17.54 -34.62 28.94
N LEU Z 26 18.20 -33.73 28.19
CA LEU Z 26 18.75 -34.11 26.89
C LEU Z 26 19.71 -35.27 27.04
N LYS Z 27 20.53 -35.23 28.09
CA LYS Z 27 21.47 -36.32 28.36
C LYS Z 27 20.73 -37.62 28.63
N ALA Z 28 19.62 -37.56 29.36
CA ALA Z 28 18.82 -38.75 29.60
C ALA Z 28 18.20 -39.29 28.32
N GLN Z 29 17.99 -38.44 27.32
CA GLN Z 29 17.47 -38.88 26.05
C GLN Z 29 18.60 -39.33 25.14
N GLN AA 1 -0.37 -0.60 -35.92
CA GLN AA 1 -1.37 0.25 -36.55
C GLN AA 1 -2.60 0.38 -35.68
N ALA AA 2 -2.94 -0.70 -34.96
CA ALA AA 2 -4.17 -0.73 -34.20
C ALA AA 2 -4.23 0.40 -33.19
N GLU AA 3 -3.10 0.71 -32.56
CA GLU AA 3 -3.05 1.81 -31.60
C GLU AA 3 -3.57 3.11 -32.19
N ILE AA 4 -3.41 3.31 -33.50
CA ILE AA 4 -4.02 4.46 -34.15
C ILE AA 4 -5.53 4.42 -33.95
N LEU AA 5 -6.12 3.26 -34.18
CA LEU AA 5 -7.55 3.12 -33.98
C LEU AA 5 -7.92 3.29 -32.51
N LYS AA 6 -7.03 2.86 -31.62
CA LYS AA 6 -7.24 3.11 -30.20
C LYS AA 6 -7.34 4.60 -29.94
N ALA AA 7 -6.45 5.38 -30.56
CA ALA AA 7 -6.51 6.83 -30.40
C ALA AA 7 -7.81 7.38 -30.96
N ASP AA 8 -8.26 6.84 -32.09
CA ASP AA 8 -9.54 7.28 -32.64
C ASP AA 8 -10.66 7.04 -31.64
N ALA AA 9 -10.68 5.84 -31.08
CA ALA AA 9 -11.69 5.50 -30.09
C ALA AA 9 -11.57 6.44 -28.89
N GLU AA 10 -10.36 6.84 -28.55
CA GLU AA 10 -10.18 7.78 -27.46
C GLU AA 10 -10.83 9.11 -27.81
N ILE AA 11 -10.61 9.57 -29.04
CA ILE AA 11 -11.28 10.78 -29.53
C ILE AA 11 -12.79 10.66 -29.30
N LEU AA 12 -13.35 9.55 -29.77
CA LEU AA 12 -14.80 9.41 -29.71
C LEU AA 12 -15.28 9.35 -28.28
N LYS AA 13 -14.54 8.64 -27.42
CA LYS AA 13 -14.92 8.56 -26.02
C LYS AA 13 -14.87 9.92 -25.36
N ALA AA 14 -13.89 10.73 -25.74
CA ALA AA 14 -13.84 12.10 -25.25
C ALA AA 14 -15.09 12.84 -25.65
N TYR AA 15 -15.48 12.73 -26.92
CA TYR AA 15 -16.70 13.40 -27.37
C TYR AA 15 -17.90 12.92 -26.57
N ALA AA 16 -17.94 11.62 -26.29
CA ALA AA 16 -19.03 11.07 -25.51
C ALA AA 16 -19.05 11.68 -24.11
N LYS AA 17 -17.87 11.82 -23.52
CA LYS AA 17 -17.80 12.44 -22.21
C LYS AA 17 -18.28 13.87 -22.27
N ILE AA 18 -17.99 14.56 -23.37
CA ILE AA 18 -18.51 15.92 -23.56
C ILE AA 18 -20.02 15.91 -23.49
N LEU AA 19 -20.64 15.06 -24.29
CA LEU AA 19 -22.10 15.01 -24.33
C LEU AA 19 -22.66 14.65 -22.97
N GLU AA 20 -22.01 13.70 -22.29
CA GLU AA 20 -22.47 13.28 -20.98
C GLU AA 20 -22.42 14.43 -20.01
N ALA AA 21 -21.35 15.23 -20.07
CA ALA AA 21 -21.26 16.38 -19.18
C ALA AA 21 -22.34 17.39 -19.53
N HIS AA 22 -22.62 17.56 -20.81
CA HIS AA 22 -23.69 18.48 -21.20
C HIS AA 22 -25.01 18.03 -20.59
N ALA AA 23 -25.28 16.73 -20.64
CA ALA AA 23 -26.46 16.18 -20.00
C ALA AA 23 -26.42 16.44 -18.50
N GLU AA 24 -25.26 16.30 -17.90
CA GLU AA 24 -25.14 16.56 -16.48
C GLU AA 24 -25.56 17.98 -16.17
N ILE AA 25 -25.06 18.94 -16.95
CA ILE AA 25 -25.49 20.32 -16.81
C ILE AA 25 -27.00 20.42 -16.86
N LEU AA 26 -27.57 19.95 -17.97
CA LEU AA 26 -28.98 20.15 -18.20
C LEU AA 26 -29.81 19.54 -17.08
N LYS AA 27 -29.44 18.32 -16.66
CA LYS AA 27 -30.09 17.70 -15.51
C LYS AA 27 -29.95 18.54 -14.26
N ALA AA 28 -28.81 19.20 -14.09
CA ALA AA 28 -28.60 19.97 -12.88
C ALA AA 28 -29.54 21.16 -12.79
N GLN AA 29 -29.95 21.71 -13.92
CA GLN AA 29 -30.77 22.92 -13.91
C GLN AA 29 -32.05 22.73 -13.12
N GLN BA 1 -7.82 6.27 -43.31
CA GLN BA 1 -8.27 6.68 -41.98
C GLN BA 1 -8.68 8.13 -41.98
N ALA BA 2 -8.02 8.92 -42.82
CA ALA BA 2 -8.25 10.35 -42.90
C ALA BA 2 -9.73 10.67 -43.06
N GLU BA 3 -10.45 9.78 -43.75
CA GLU BA 3 -11.89 9.92 -43.85
C GLU BA 3 -12.54 9.95 -42.47
N ILE BA 4 -12.07 9.07 -41.57
CA ILE BA 4 -12.58 9.09 -40.21
C ILE BA 4 -12.30 10.44 -39.57
N LEU BA 5 -11.10 10.97 -39.78
CA LEU BA 5 -10.74 12.23 -39.17
C LEU BA 5 -11.63 13.36 -39.64
N LYS BA 6 -11.85 13.45 -40.95
CA LYS BA 6 -12.70 14.51 -41.46
C LYS BA 6 -14.15 14.31 -41.03
N ALA BA 7 -14.58 13.06 -40.88
CA ALA BA 7 -15.88 12.81 -40.27
C ALA BA 7 -15.94 13.41 -38.89
N ASP BA 8 -14.91 13.17 -38.08
CA ASP BA 8 -14.85 13.76 -36.75
C ASP BA 8 -14.91 15.27 -36.83
N ALA BA 9 -14.19 15.84 -37.80
CA ALA BA 9 -14.20 17.29 -37.96
C ALA BA 9 -15.61 17.80 -38.20
N GLU BA 10 -16.34 17.15 -39.10
CA GLU BA 10 -17.70 17.56 -39.37
C GLU BA 10 -18.58 17.38 -38.14
N ILE BA 11 -18.34 16.31 -37.40
CA ILE BA 11 -19.04 16.09 -36.13
C ILE BA 11 -18.87 17.30 -35.24
N LEU BA 12 -17.62 17.67 -34.98
CA LEU BA 12 -17.36 18.76 -34.06
C LEU BA 12 -17.90 20.06 -34.60
N LYS BA 13 -17.86 20.26 -35.91
CA LYS BA 13 -18.45 21.45 -36.50
C LYS BA 13 -19.94 21.52 -36.18
N ALA BA 14 -20.65 20.41 -36.39
CA ALA BA 14 -22.07 20.38 -36.08
C ALA BA 14 -22.30 20.64 -34.60
N TYR BA 15 -21.44 20.08 -33.75
CA TYR BA 15 -21.59 20.31 -32.33
C TYR BA 15 -21.45 21.79 -32.01
N ALA BA 16 -20.45 22.44 -32.61
CA ALA BA 16 -20.28 23.86 -32.40
C ALA BA 16 -21.50 24.63 -32.88
N LYS BA 17 -22.09 24.18 -33.98
CA LYS BA 17 -23.29 24.83 -34.47
C LYS BA 17 -24.42 24.73 -33.45
N ILE BA 18 -24.61 23.53 -32.91
CA ILE BA 18 -25.61 23.34 -31.87
C ILE BA 18 -25.34 24.28 -30.71
N LEU BA 19 -24.07 24.38 -30.33
CA LEU BA 19 -23.71 25.22 -29.19
C LEU BA 19 -24.06 26.66 -29.44
N GLU BA 20 -23.64 27.20 -30.58
CA GLU BA 20 -23.90 28.61 -30.85
C GLU BA 20 -25.37 28.88 -31.06
N ALA BA 21 -26.13 27.89 -31.56
CA ALA BA 21 -27.56 28.08 -31.69
C ALA BA 21 -28.22 28.15 -30.32
N HIS BA 22 -27.86 27.22 -29.43
CA HIS BA 22 -28.33 27.29 -28.05
C HIS BA 22 -27.93 28.62 -27.42
N ALA BA 23 -26.75 29.12 -27.80
CA ALA BA 23 -26.29 30.40 -27.28
C ALA BA 23 -27.19 31.54 -27.77
N GLU BA 24 -27.54 31.52 -29.06
CA GLU BA 24 -28.41 32.54 -29.60
C GLU BA 24 -29.77 32.50 -28.92
N ILE BA 25 -30.27 31.30 -28.65
CA ILE BA 25 -31.55 31.18 -27.95
C ILE BA 25 -31.44 31.75 -26.54
N LEU BA 26 -30.36 31.41 -25.84
CA LEU BA 26 -30.13 31.97 -24.51
C LEU BA 26 -30.09 33.49 -24.57
N LYS BA 27 -29.44 34.02 -25.60
CA LYS BA 27 -29.38 35.46 -25.80
C LYS BA 27 -30.76 36.06 -26.02
N ALA BA 28 -31.61 35.36 -26.77
CA ALA BA 28 -32.98 35.81 -26.97
C ALA BA 28 -33.78 35.80 -25.68
N GLN BA 29 -33.40 34.94 -24.73
CA GLN BA 29 -34.07 34.90 -23.43
C GLN BA 29 -33.44 35.91 -22.49
N GLN CA 1 34.55 -21.13 -18.11
CA GLN CA 1 33.89 -21.30 -19.40
C GLN CA 1 32.50 -20.69 -19.40
N ALA CA 2 31.83 -20.75 -18.24
CA ALA CA 2 30.45 -20.31 -18.16
C ALA CA 2 30.30 -18.86 -18.59
N GLU CA 3 31.26 -18.01 -18.21
CA GLU CA 3 31.23 -16.61 -18.60
C GLU CA 3 31.08 -16.44 -20.11
N ILE CA 4 31.62 -17.38 -20.89
CA ILE CA 4 31.37 -17.34 -22.33
C ILE CA 4 29.88 -17.40 -22.60
N LEU CA 5 29.20 -18.33 -21.93
CA LEU CA 5 27.76 -18.44 -22.11
C LEU CA 5 27.06 -17.19 -21.60
N LYS CA 6 27.60 -16.58 -20.55
CA LYS CA 6 27.06 -15.31 -20.09
C LYS CA 6 27.13 -14.27 -21.19
N ALA CA 7 28.26 -14.23 -21.90
CA ALA CA 7 28.38 -13.30 -23.02
C ALA CA 7 27.37 -13.62 -24.11
N ASP CA 8 27.17 -14.91 -24.37
CA ASP CA 8 26.17 -15.28 -25.35
C ASP CA 8 24.79 -14.76 -24.95
N ALA CA 9 24.44 -14.98 -23.69
CA ALA CA 9 23.17 -14.48 -23.19
C ALA CA 9 23.10 -12.97 -23.31
N GLU CA 10 24.23 -12.30 -23.13
CA GLU CA 10 24.26 -10.86 -23.30
C GLU CA 10 23.94 -10.48 -24.74
N ILE CA 11 24.53 -11.21 -25.68
CA ILE CA 11 24.20 -11.03 -27.10
C ILE CA 11 22.70 -11.11 -27.29
N LEU CA 12 22.12 -12.19 -26.78
CA LEU CA 12 20.71 -12.43 -27.03
C LEU CA 12 19.85 -11.35 -26.38
N LYS CA 13 20.22 -10.94 -25.17
CA LYS CA 13 19.48 -9.89 -24.48
C LYS CA 13 19.56 -8.59 -25.25
N ALA CA 14 20.72 -8.31 -25.83
CA ALA CA 14 20.86 -7.14 -26.68
C ALA CA 14 19.88 -7.22 -27.83
N TYR CA 15 19.83 -8.38 -28.49
CA TYR CA 15 18.89 -8.54 -29.60
C TYR CA 15 17.46 -8.31 -29.12
N ALA CA 16 17.14 -8.81 -27.94
CA ALA CA 16 15.82 -8.63 -27.40
C ALA CA 16 15.53 -7.16 -27.18
N LYS CA 17 16.51 -6.43 -26.66
CA LYS CA 17 16.32 -4.99 -26.48
C LYS CA 17 16.10 -4.31 -27.82
N ILE CA 18 16.78 -4.79 -28.86
CA ILE CA 18 16.54 -4.26 -30.20
C ILE CA 18 15.08 -4.41 -30.57
N LEU CA 19 14.57 -5.63 -30.45
CA LEU CA 19 13.18 -5.88 -30.83
C LEU CA 19 12.24 -5.05 -29.99
N GLU CA 20 12.54 -4.94 -28.70
CA GLU CA 20 11.69 -4.16 -27.81
C GLU CA 20 11.65 -2.71 -28.24
N ALA CA 21 12.81 -2.17 -28.63
CA ALA CA 21 12.84 -0.80 -29.09
C ALA CA 21 12.05 -0.66 -30.39
N HIS CA 22 12.15 -1.65 -31.27
CA HIS CA 22 11.37 -1.60 -32.49
C HIS CA 22 9.89 -1.53 -32.17
N ALA CA 23 9.46 -2.34 -31.21
CA ALA CA 23 8.08 -2.28 -30.76
C ALA CA 23 7.75 -0.92 -30.20
N GLU CA 24 8.69 -0.33 -29.45
CA GLU CA 24 8.46 0.99 -28.91
C GLU CA 24 8.20 1.98 -30.02
N ILE CA 25 9.03 1.95 -31.07
CA ILE CA 25 8.80 2.78 -32.25
C ILE CA 25 7.39 2.58 -32.76
N LEU CA 26 7.06 1.34 -33.10
CA LEU CA 26 5.80 1.07 -33.76
C LEU CA 26 4.63 1.53 -32.91
N LYS CA 27 4.68 1.25 -31.61
CA LYS CA 27 3.67 1.74 -30.69
C LYS CA 27 3.61 3.26 -30.71
N ALA CA 28 4.74 3.92 -30.84
CA ALA CA 28 4.75 5.37 -30.79
C ALA CA 28 4.00 5.98 -31.97
N GLN CA 29 4.00 5.31 -33.12
CA GLN CA 29 3.40 5.88 -34.31
C GLN CA 29 1.94 6.23 -34.10
N GLN DA 1 30.44 -24.35 -29.52
CA GLN DA 1 29.73 -23.10 -29.29
C GLN DA 1 29.56 -22.34 -30.59
N ALA DA 2 30.53 -22.49 -31.49
CA ALA DA 2 30.56 -21.79 -32.76
C ALA DA 2 29.23 -21.95 -33.50
N GLU DA 3 28.60 -23.11 -33.32
CA GLU DA 3 27.26 -23.31 -33.88
C GLU DA 3 26.29 -22.26 -33.37
N ILE DA 4 26.37 -21.94 -32.07
CA ILE DA 4 25.52 -20.89 -31.53
C ILE DA 4 25.82 -19.58 -32.23
N LEU DA 5 27.11 -19.29 -32.43
CA LEU DA 5 27.49 -18.02 -33.05
C LEU DA 5 26.94 -17.91 -34.47
N LYS DA 6 27.08 -18.96 -35.26
CA LYS DA 6 26.57 -18.90 -36.62
C LYS DA 6 25.05 -18.85 -36.63
N ALA DA 7 24.41 -19.48 -35.65
CA ALA DA 7 22.97 -19.32 -35.50
C ALA DA 7 22.63 -17.85 -35.29
N ASP DA 8 23.36 -17.19 -34.40
CA ASP DA 8 23.16 -15.76 -34.19
C ASP DA 8 23.37 -14.99 -35.48
N ALA DA 9 24.38 -15.36 -36.24
CA ALA DA 9 24.65 -14.69 -37.51
C ALA DA 9 23.45 -14.79 -38.43
N GLU DA 10 22.89 -15.99 -38.55
CA GLU DA 10 21.72 -16.17 -39.40
C GLU DA 10 20.54 -15.38 -38.87
N ILE DA 11 20.40 -15.35 -37.53
CA ILE DA 11 19.37 -14.52 -36.91
C ILE DA 11 19.47 -13.09 -37.40
N LEU DA 12 20.66 -12.51 -37.23
CA LEU DA 12 20.84 -11.11 -37.57
C LEU DA 12 20.66 -10.89 -39.06
N LYS DA 13 21.07 -11.86 -39.88
CA LYS DA 13 20.84 -11.75 -41.31
C LYS DA 13 19.35 -11.65 -41.61
N ALA DA 14 18.57 -12.54 -41.01
CA ALA DA 14 17.13 -12.50 -41.21
C ALA DA 14 16.56 -11.17 -40.72
N TYR DA 15 17.06 -10.68 -39.60
CA TYR DA 15 16.59 -9.40 -39.10
C TYR DA 15 16.86 -8.30 -40.10
N ALA DA 16 18.06 -8.28 -40.67
CA ALA DA 16 18.39 -7.30 -41.68
C ALA DA 16 17.48 -7.43 -42.88
N LYS DA 17 17.13 -8.66 -43.24
CA LYS DA 17 16.22 -8.86 -44.35
C LYS DA 17 14.86 -8.24 -44.04
N ILE DA 18 14.35 -8.49 -42.85
CA ILE DA 18 13.10 -7.88 -42.44
C ILE DA 18 13.20 -6.37 -42.53
N LEU DA 19 14.31 -5.83 -42.07
CA LEU DA 19 14.50 -4.38 -42.07
C LEU DA 19 14.45 -3.83 -43.48
N GLU DA 20 15.23 -4.41 -44.39
CA GLU DA 20 15.27 -3.88 -45.74
C GLU DA 20 13.96 -4.09 -46.46
N ALA DA 21 13.22 -5.16 -46.12
CA ALA DA 21 11.91 -5.35 -46.74
C ALA DA 21 10.94 -4.28 -46.27
N HIS DA 22 10.90 -4.03 -44.96
CA HIS DA 22 10.11 -2.92 -44.45
C HIS DA 22 10.53 -1.61 -45.09
N ALA DA 23 11.82 -1.47 -45.37
CA ALA DA 23 12.32 -0.27 -46.04
C ALA DA 23 11.78 -0.17 -47.45
N GLU DA 24 11.78 -1.28 -48.19
CA GLU DA 24 11.24 -1.26 -49.54
C GLU DA 24 9.76 -0.92 -49.53
N ILE DA 25 9.02 -1.44 -48.55
CA ILE DA 25 7.61 -1.10 -48.44
C ILE DA 25 7.43 0.38 -48.15
N LEU DA 26 8.21 0.92 -47.22
CA LEU DA 26 8.17 2.35 -46.94
C LEU DA 26 8.47 3.16 -48.20
N LYS DA 27 9.44 2.69 -48.99
CA LYS DA 27 9.77 3.34 -50.24
C LYS DA 27 8.61 3.30 -51.21
N ALA DA 28 7.88 2.18 -51.26
CA ALA DA 28 6.70 2.09 -52.10
C ALA DA 28 5.60 3.02 -51.64
N GLN DA 29 5.57 3.38 -50.36
CA GLN DA 29 4.58 4.33 -49.85
C GLN DA 29 5.09 5.75 -50.01
N GLN EA 1 6.90 -28.51 20.75
CA GLN EA 1 6.66 -29.82 20.18
C GLN EA 1 5.45 -29.80 19.26
N ALA EA 2 4.46 -28.96 19.60
CA ALA EA 2 3.20 -28.96 18.87
C ALA EA 2 3.43 -28.66 17.39
N GLU EA 3 4.35 -27.74 17.10
CA GLU EA 3 4.66 -27.40 15.72
C GLU EA 3 5.01 -28.63 14.89
N ILE EA 4 5.60 -29.65 15.52
CA ILE EA 4 5.82 -30.91 14.81
C ILE EA 4 4.49 -31.46 14.33
N LEU EA 5 3.51 -31.47 15.21
CA LEU EA 5 2.18 -31.95 14.84
C LEU EA 5 1.57 -31.06 13.78
N LYS EA 6 1.86 -29.76 13.84
CA LYS EA 6 1.41 -28.86 12.78
C LYS EA 6 1.98 -29.29 11.45
N ALA EA 7 3.26 -29.65 11.43
CA ALA EA 7 3.87 -30.13 10.20
C ALA EA 7 3.21 -31.42 9.73
N ASP EA 8 2.88 -32.31 10.67
CA ASP EA 8 2.18 -33.53 10.30
C ASP EA 8 0.85 -33.19 9.62
N ALA EA 9 0.09 -32.30 10.25
CA ALA EA 9 -1.17 -31.88 9.66
C ALA EA 9 -0.95 -31.26 8.29
N GLU EA 10 0.17 -30.56 8.11
CA GLU EA 10 0.47 -30.01 6.81
C GLU EA 10 0.68 -31.11 5.79
N ILE EA 11 1.40 -32.16 6.18
CA ILE EA 11 1.55 -33.35 5.34
C ILE EA 11 0.19 -33.84 4.90
N LEU EA 12 -0.68 -34.05 5.88
CA LEU EA 12 -1.98 -34.65 5.58
C LEU EA 12 -2.80 -33.73 4.68
N LYS EA 13 -2.77 -32.42 4.95
CA LYS EA 13 -3.51 -31.48 4.12
C LYS EA 13 -2.98 -31.49 2.70
N ALA EA 14 -1.67 -31.63 2.55
CA ALA EA 14 -1.11 -31.77 1.21
C ALA EA 14 -1.68 -32.98 0.52
N TYR EA 15 -1.70 -34.11 1.22
CA TYR EA 15 -2.28 -35.32 0.63
C TYR EA 15 -3.72 -35.08 0.23
N ALA EA 16 -4.47 -34.38 1.07
CA ALA EA 16 -5.85 -34.08 0.77
C ALA EA 16 -5.95 -33.24 -0.49
N LYS EA 17 -5.07 -32.26 -0.62
CA LYS EA 17 -5.07 -31.45 -1.83
C LYS EA 17 -4.76 -32.30 -3.05
N ILE EA 18 -3.88 -33.29 -2.90
CA ILE EA 18 -3.62 -34.23 -3.98
C ILE EA 18 -4.90 -34.90 -4.41
N LEU EA 19 -5.60 -35.50 -3.45
CA LEU EA 19 -6.83 -36.21 -3.80
C LEU EA 19 -7.84 -35.27 -4.43
N GLU EA 20 -7.94 -34.06 -3.89
CA GLU EA 20 -8.88 -33.09 -4.42
C GLU EA 20 -8.54 -32.77 -5.87
N ALA EA 21 -7.27 -32.61 -6.16
CA ALA EA 21 -6.87 -32.34 -7.54
C ALA EA 21 -7.20 -33.54 -8.43
N HIS EA 22 -6.99 -34.74 -7.91
CA HIS EA 22 -7.33 -35.92 -8.69
C HIS EA 22 -8.82 -35.91 -9.04
N ALA EA 23 -9.65 -35.55 -8.06
CA ALA EA 23 -11.08 -35.42 -8.31
C ALA EA 23 -11.34 -34.34 -9.35
N GLU EA 24 -10.59 -33.24 -9.27
CA GLU EA 24 -10.75 -32.18 -10.24
C GLU EA 24 -10.50 -32.71 -11.64
N ILE EA 25 -9.41 -33.45 -11.82
CA ILE EA 25 -9.13 -34.10 -13.09
C ILE EA 25 -10.34 -34.91 -13.54
N LEU EA 26 -10.73 -35.87 -12.70
CA LEU EA 26 -11.76 -36.81 -13.11
C LEU EA 26 -13.05 -36.09 -13.48
N LYS EA 27 -13.44 -35.11 -12.68
CA LYS EA 27 -14.59 -34.28 -13.00
C LYS EA 27 -14.40 -33.58 -14.33
N ALA EA 28 -13.18 -33.16 -14.63
CA ALA EA 28 -12.97 -32.42 -15.86
C ALA EA 28 -13.21 -33.26 -17.09
N GLN EA 29 -12.98 -34.57 -17.01
CA GLN EA 29 -13.08 -35.44 -18.17
C GLN EA 29 -14.46 -35.37 -18.80
N GLN FA 1 6.03 -40.61 17.56
CA GLN FA 1 5.49 -39.95 16.38
C GLN FA 1 5.85 -40.73 15.12
N ALA FA 2 7.01 -41.37 15.16
CA ALA FA 2 7.53 -42.12 14.02
C ALA FA 2 6.49 -43.08 13.47
N GLU FA 3 5.65 -43.62 14.37
CA GLU FA 3 4.55 -44.45 13.92
C GLU FA 3 3.65 -43.70 12.97
N ILE FA 4 3.36 -42.43 13.26
CA ILE FA 4 2.57 -41.62 12.34
C ILE FA 4 3.28 -41.53 10.99
N LEU FA 5 4.59 -41.32 11.03
CA LEU FA 5 5.34 -41.15 9.79
C LEU FA 5 5.27 -42.41 8.94
N LYS FA 6 5.49 -43.58 9.55
CA LYS FA 6 5.43 -44.81 8.78
C LYS FA 6 4.01 -45.09 8.30
N ALA FA 7 3.01 -44.67 9.07
CA ALA FA 7 1.64 -44.75 8.59
C ALA FA 7 1.49 -43.94 7.32
N ASP FA 8 2.02 -42.72 7.33
CA ASP FA 8 1.99 -41.88 6.13
C ASP FA 8 2.70 -42.57 4.98
N ALA FA 9 3.82 -43.21 5.27
CA ALA FA 9 4.57 -43.91 4.24
C ALA FA 9 3.71 -44.98 3.58
N GLU FA 10 3.03 -45.77 4.41
CA GLU FA 10 2.17 -46.81 3.87
C GLU FA 10 1.01 -46.21 3.10
N ILE FA 11 0.48 -45.09 3.58
CA ILE FA 11 -0.55 -44.35 2.84
C ILE FA 11 -0.07 -44.06 1.44
N LEU FA 12 1.08 -43.40 1.34
CA LEU FA 12 1.58 -42.98 0.04
C LEU FA 12 1.90 -44.18 -0.83
N LYS FA 13 2.39 -45.27 -0.23
CA LYS FA 13 2.63 -46.48 -0.98
C LYS FA 13 1.34 -46.97 -1.61
N ALA FA 14 0.27 -47.05 -0.82
CA ALA FA 14 -1.01 -47.48 -1.34
C ALA FA 14 -1.48 -46.55 -2.45
N TYR FA 15 -1.27 -45.25 -2.26
CA TYR FA 15 -1.66 -44.30 -3.28
C TYR FA 15 -0.93 -44.57 -4.58
N ALA FA 16 0.38 -44.81 -4.48
CA ALA FA 16 1.16 -45.13 -5.67
C ALA FA 16 0.63 -46.39 -6.32
N LYS FA 17 0.24 -47.37 -5.51
CA LYS FA 17 -0.32 -48.59 -6.06
C LYS FA 17 -1.59 -48.31 -6.85
N ILE FA 18 -2.48 -47.49 -6.28
CA ILE FA 18 -3.69 -47.10 -6.99
C ILE FA 18 -3.32 -46.44 -8.30
N LEU FA 19 -2.32 -45.56 -8.26
CA LEU FA 19 -1.93 -44.82 -9.45
C LEU FA 19 -1.44 -45.77 -10.54
N GLU FA 20 -0.54 -46.67 -10.19
CA GLU FA 20 0.01 -47.56 -11.21
C GLU FA 20 -1.04 -48.55 -11.69
N ALA FA 21 -2.00 -48.91 -10.85
CA ALA FA 21 -3.07 -49.78 -11.31
C ALA FA 21 -3.96 -49.06 -12.31
N HIS FA 22 -4.36 -47.83 -11.99
CA HIS FA 22 -5.08 -47.01 -12.95
C HIS FA 22 -4.28 -46.85 -14.24
N ALA FA 23 -2.95 -46.77 -14.10
CA ALA FA 23 -2.10 -46.66 -15.28
C ALA FA 23 -2.16 -47.92 -16.12
N GLU FA 24 -2.11 -49.08 -15.47
CA GLU FA 24 -2.20 -50.34 -16.21
C GLU FA 24 -3.53 -50.46 -16.91
N ILE FA 25 -4.61 -50.00 -16.26
CA ILE FA 25 -5.92 -50.04 -16.90
C ILE FA 25 -5.94 -49.11 -18.11
N LEU FA 26 -5.40 -47.90 -17.96
CA LEU FA 26 -5.29 -46.98 -19.10
C LEU FA 26 -4.51 -47.62 -20.23
N LYS FA 27 -3.43 -48.31 -19.89
CA LYS FA 27 -2.63 -49.00 -20.88
C LYS FA 27 -3.44 -50.09 -21.59
N ALA FA 28 -4.28 -50.81 -20.84
CA ALA FA 28 -5.14 -51.80 -21.46
C ALA FA 28 -6.17 -51.17 -22.39
N GLN FA 29 -6.53 -49.92 -22.16
CA GLN FA 29 -7.46 -49.21 -23.04
C GLN FA 29 -6.70 -48.56 -24.19
N GLN GA 1 16.26 40.00 -15.29
CA GLN GA 1 15.29 40.78 -14.52
C GLN GA 1 14.41 39.87 -13.69
N ALA GA 2 14.12 38.69 -14.23
CA ALA GA 2 13.17 37.79 -13.57
C ALA GA 2 13.61 37.45 -12.15
N GLU GA 3 14.91 37.26 -11.96
CA GLU GA 3 15.44 36.97 -10.63
C GLU GA 3 15.02 38.01 -9.61
N ILE GA 4 14.81 39.25 -10.02
CA ILE GA 4 14.25 40.25 -9.12
C ILE GA 4 12.89 39.78 -8.63
N LEU GA 5 12.06 39.33 -9.55
CA LEU GA 5 10.74 38.83 -9.18
C LEU GA 5 10.87 37.58 -8.31
N LYS GA 6 11.89 36.77 -8.57
CA LYS GA 6 12.15 35.63 -7.70
C LYS GA 6 12.40 36.10 -6.28
N ALA GA 7 13.19 37.16 -6.13
CA ALA GA 7 13.44 37.70 -4.81
C ALA GA 7 12.16 38.21 -4.17
N ASP GA 8 11.31 38.85 -4.98
CA ASP GA 8 10.03 39.31 -4.45
C ASP GA 8 9.21 38.13 -3.92
N ALA GA 9 9.13 37.07 -4.72
CA ALA GA 9 8.43 35.87 -4.29
C ALA GA 9 9.05 35.31 -3.03
N GLU GA 10 10.37 35.42 -2.90
CA GLU GA 10 11.02 34.97 -1.67
C GLU GA 10 10.56 35.79 -0.49
N ILE GA 11 10.47 37.10 -0.67
CA ILE GA 11 9.91 37.98 0.36
C ILE GA 11 8.54 37.46 0.80
N LEU GA 12 7.68 37.24 -0.19
CA LEU GA 12 6.32 36.86 0.13
C LEU GA 12 6.27 35.50 0.82
N LYS GA 13 7.09 34.57 0.35
CA LYS GA 13 7.12 33.24 0.97
C LYS GA 13 7.61 33.34 2.41
N ALA GA 14 8.56 34.23 2.65
CA ALA GA 14 9.00 34.46 4.02
C ALA GA 14 7.83 34.95 4.87
N TYR GA 15 7.08 35.91 4.36
CA TYR GA 15 5.93 36.40 5.10
C TYR GA 15 4.95 35.27 5.38
N ALA GA 16 4.76 34.40 4.39
CA ALA GA 16 3.86 33.27 4.56
C ALA GA 16 4.36 32.36 5.66
N LYS GA 17 5.66 32.12 5.69
CA LYS GA 17 6.23 31.30 6.75
C LYS GA 17 6.02 31.95 8.09
N ILE GA 18 6.09 33.28 8.15
CA ILE GA 18 5.79 33.99 9.38
C ILE GA 18 4.38 33.65 9.85
N LEU GA 19 3.41 33.83 8.96
CA LEU GA 19 2.03 33.58 9.34
C LEU GA 19 1.83 32.14 9.74
N GLU GA 20 2.47 31.22 9.02
CA GLU GA 20 2.36 29.81 9.35
C GLU GA 20 2.89 29.53 10.73
N ALA GA 21 4.02 30.15 11.07
CA ALA GA 21 4.56 29.96 12.40
C ALA GA 21 3.63 30.54 13.45
N HIS GA 22 3.02 31.68 13.14
CA HIS GA 22 2.06 32.26 14.08
C HIS GA 22 0.93 31.28 14.34
N ALA GA 23 0.43 30.66 13.27
CA ALA GA 23 -0.59 29.63 13.42
C ALA GA 23 -0.08 28.47 14.25
N GLU GA 24 1.18 28.09 14.04
CA GLU GA 24 1.75 27.02 14.82
C GLU GA 24 1.70 27.35 16.30
N ILE GA 25 2.11 28.56 16.65
CA ILE GA 25 1.99 29.03 18.03
C ILE GA 25 0.58 28.85 18.52
N LEU GA 26 -0.37 29.48 17.83
CA LEU GA 26 -1.73 29.52 18.32
C LEU GA 26 -2.29 28.12 18.50
N LYS GA 27 -2.03 27.24 17.53
CA LYS GA 27 -2.41 25.85 17.65
C LYS GA 27 -1.77 25.19 18.86
N ALA GA 28 -0.53 25.56 19.16
CA ALA GA 28 0.16 24.93 20.26
C ALA GA 28 -0.49 25.24 21.60
N GLN GA 29 -1.11 26.41 21.73
CA GLN GA 29 -1.66 26.83 23.01
C GLN GA 29 -2.67 25.83 23.54
N GLN HA 1 8.32 48.32 -10.26
CA GLN HA 1 8.37 47.29 -9.23
C GLN HA 1 8.23 47.90 -7.85
N ALA HA 2 8.76 49.12 -7.70
CA ALA HA 2 8.77 49.83 -6.44
C ALA HA 2 7.39 49.86 -5.80
N GLU HA 3 6.35 49.90 -6.65
CA GLU HA 3 4.99 49.80 -6.15
C GLU HA 3 4.79 48.51 -5.36
N ILE HA 4 5.34 47.40 -5.88
CA ILE HA 4 5.26 46.14 -5.14
C ILE HA 4 5.95 46.29 -3.80
N LEU HA 5 7.11 46.93 -3.79
CA LEU HA 5 7.86 47.07 -2.55
C LEU HA 5 7.08 47.86 -1.51
N LYS HA 6 6.51 48.99 -1.92
CA LYS HA 6 5.74 49.78 -0.97
C LYS HA 6 4.48 49.05 -0.53
N ALA HA 7 3.90 48.24 -1.42
CA ALA HA 7 2.81 47.38 -1.01
C ALA HA 7 3.26 46.46 0.12
N ASP HA 8 4.42 45.83 -0.07
CA ASP HA 8 4.97 44.98 0.98
C ASP HA 8 5.16 45.77 2.27
N ALA HA 9 5.65 47.00 2.15
CA ALA HA 9 5.86 47.82 3.32
C ALA HA 9 4.55 48.01 4.08
N GLU HA 10 3.49 48.35 3.36
CA GLU HA 10 2.20 48.54 4.00
C GLU HA 10 1.70 47.24 4.61
N ILE HA 11 1.96 46.12 3.92
CA ILE HA 11 1.63 44.81 4.47
C ILE HA 11 2.26 44.64 5.83
N LEU HA 12 3.58 44.82 5.88
CA LEU HA 12 4.30 44.60 7.13
C LEU HA 12 3.86 45.58 8.19
N LYS HA 13 3.54 46.81 7.80
CA LYS HA 13 3.03 47.78 8.76
C LYS HA 13 1.74 47.26 9.39
N ALA HA 14 0.81 46.80 8.55
CA ALA HA 14 -0.43 46.27 9.07
C ALA HA 14 -0.17 45.07 9.98
N TYR HA 15 0.78 44.23 9.60
CA TYR HA 15 1.10 43.08 10.43
C TYR HA 15 1.59 43.54 11.80
N ALA HA 16 2.47 44.53 11.81
CA ALA HA 16 2.95 45.07 13.08
C ALA HA 16 1.80 45.63 13.89
N LYS HA 17 0.83 46.26 13.22
CA LYS HA 17 -0.32 46.78 13.94
C LYS HA 17 -1.10 45.66 14.59
N ILE HA 18 -1.34 44.58 13.84
CA ILE HA 18 -2.00 43.42 14.41
C ILE HA 18 -1.24 42.91 15.62
N LEU HA 19 0.08 42.86 15.50
CA LEU HA 19 0.91 42.33 16.58
C LEU HA 19 0.76 43.18 17.83
N GLU HA 20 0.91 44.49 17.69
CA GLU HA 20 0.85 45.35 18.86
C GLU HA 20 -0.56 45.40 19.43
N ALA HA 21 -1.58 45.22 18.61
CA ALA HA 21 -2.94 45.16 19.13
C ALA HA 21 -3.14 43.90 19.96
N HIS HA 22 -2.72 42.75 19.42
CA HIS HA 22 -2.74 41.53 20.20
C HIS HA 22 -1.94 41.69 21.47
N ALA HA 23 -0.84 42.45 21.41
CA ALA HA 23 -0.04 42.71 22.60
C ALA HA 23 -0.81 43.51 23.63
N GLU HA 24 -1.53 44.54 23.18
CA GLU HA 24 -2.33 45.34 24.10
C GLU HA 24 -3.42 44.49 24.73
N ILE HA 25 -4.02 43.60 23.96
CA ILE HA 25 -5.04 42.71 24.53
C ILE HA 25 -4.42 41.79 25.57
N LEU HA 26 -3.26 41.20 25.25
CA LEU HA 26 -2.56 40.37 26.22
C LEU HA 26 -2.27 41.16 27.49
N LYS HA 27 -1.86 42.42 27.33
CA LYS HA 27 -1.60 43.28 28.46
C LYS HA 27 -2.86 43.51 29.29
N ALA HA 28 -4.01 43.68 28.63
CA ALA HA 28 -5.26 43.81 29.34
C ALA HA 28 -5.63 42.55 30.10
N GLN HA 29 -5.17 41.40 29.64
CA GLN HA 29 -5.42 40.14 30.35
C GLN HA 29 -4.36 39.92 31.42
N GLN IA 1 -15.15 30.59 12.46
CA GLN IA 1 -15.84 30.55 13.75
C GLN IA 1 -16.60 29.25 13.92
N ALA IA 2 -17.13 28.73 12.82
CA ALA IA 2 -17.99 27.56 12.89
C ALA IA 2 -17.27 26.38 13.54
N GLU IA 3 -15.99 26.21 13.22
CA GLU IA 3 -15.21 25.14 13.81
C GLU IA 3 -15.27 25.15 15.33
N ILE IA 4 -15.42 26.33 15.94
CA ILE IA 4 -15.65 26.38 17.38
C ILE IA 4 -16.91 25.60 17.74
N LEU IA 5 -17.97 25.83 16.99
CA LEU IA 5 -19.21 25.11 17.23
C LEU IA 5 -19.02 23.63 16.95
N LYS IA 6 -18.19 23.29 15.97
CA LYS IA 6 -17.86 21.89 15.74
C LYS IA 6 -17.23 21.28 16.98
N ALA IA 7 -16.32 22.02 17.61
CA ALA IA 7 -15.71 21.52 18.84
C ALA IA 7 -16.75 21.36 19.93
N ASP IA 8 -17.70 22.30 20.01
CA ASP IA 8 -18.76 22.17 21.00
C ASP IA 8 -19.55 20.89 20.76
N ALA IA 9 -19.93 20.66 19.50
CA ALA IA 9 -20.64 19.43 19.17
C ALA IA 9 -19.81 18.22 19.51
N GLU IA 10 -18.49 18.32 19.35
CA GLU IA 10 -17.62 17.20 19.73
C GLU IA 10 -17.72 16.95 21.22
N ILE IA 11 -17.70 18.02 22.02
CA ILE IA 11 -17.91 17.91 23.46
C ILE IA 11 -19.18 17.12 23.73
N LEU IA 12 -20.27 17.56 23.11
CA LEU IA 12 -21.55 16.96 23.41
C LEU IA 12 -21.59 15.49 22.97
N LYS IA 13 -21.00 15.20 21.81
CA LYS IA 13 -20.97 13.83 21.33
C LYS IA 13 -20.17 12.96 22.28
N ALA IA 14 -19.08 13.51 22.82
CA ALA IA 14 -18.32 12.78 23.83
C ALA IA 14 -19.19 12.45 25.02
N TYR IA 15 -19.94 13.45 25.50
CA TYR IA 15 -20.83 13.20 26.63
C TYR IA 15 -21.83 12.11 26.29
N ALA IA 16 -22.34 12.14 25.07
CA ALA IA 16 -23.29 11.12 24.63
C ALA IA 16 -22.65 9.75 24.65
N LYS IA 17 -21.41 9.67 24.19
CA LYS IA 17 -20.71 8.40 24.23
C LYS IA 17 -20.54 7.93 25.66
N ILE IA 18 -20.31 8.86 26.58
CA ILE IA 18 -20.24 8.50 27.99
C ILE IA 18 -21.52 7.83 28.42
N LEU IA 19 -22.65 8.49 28.16
CA LEU IA 19 -23.92 7.94 28.60
C LEU IA 19 -24.17 6.59 27.94
N GLU IA 20 -23.83 6.48 26.66
CA GLU IA 20 -24.02 5.22 25.95
C GLU IA 20 -23.21 4.11 26.60
N ALA IA 21 -21.98 4.41 26.97
CA ALA IA 21 -21.16 3.42 27.64
C ALA IA 21 -21.76 3.05 28.98
N HIS IA 22 -22.29 4.04 29.70
CA HIS IA 22 -22.94 3.73 30.97
C HIS IA 22 -24.09 2.76 30.76
N ALA IA 23 -24.88 3.00 29.71
CA ALA IA 23 -25.94 2.07 29.36
C ALA IA 23 -25.39 0.71 29.02
N GLU IA 24 -24.26 0.68 28.32
CA GLU IA 24 -23.64 -0.59 27.99
C GLU IA 24 -23.31 -1.37 29.26
N ILE IA 25 -22.70 -0.70 30.22
CA ILE IA 25 -22.43 -1.30 31.52
C ILE IA 25 -23.71 -1.89 32.09
N LEU IA 26 -24.72 -1.04 32.26
CA LEU IA 26 -25.93 -1.46 32.97
C LEU IA 26 -26.57 -2.65 32.27
N LYS IA 27 -26.65 -2.59 30.94
CA LYS IA 27 -27.13 -3.72 30.16
C LYS IA 27 -26.30 -4.96 30.40
N ALA IA 28 -25.00 -4.79 30.57
CA ALA IA 28 -24.15 -5.96 30.73
C ALA IA 28 -24.42 -6.70 32.02
N GLN IA 29 -24.86 -5.99 33.05
CA GLN IA 29 -25.07 -6.61 34.37
C GLN IA 29 -26.02 -7.78 34.29
N GLN JA 1 -20.77 32.53 23.52
CA GLN JA 1 -20.61 31.09 23.52
C GLN JA 1 -20.34 30.58 24.92
N ALA JA 2 -19.68 31.42 25.71
CA ALA JA 2 -19.29 31.06 27.08
C ALA JA 2 -20.48 30.53 27.86
N GLU JA 3 -21.68 31.05 27.56
CA GLU JA 3 -22.89 30.52 28.17
C GLU JA 3 -23.03 29.04 27.87
N ILE JA 4 -22.74 28.63 26.64
CA ILE JA 4 -22.79 27.21 26.32
C ILE JA 4 -21.79 26.45 27.18
N LEU JA 5 -20.60 27.00 27.34
CA LEU JA 5 -19.57 26.32 28.11
C LEU JA 5 -20.00 26.12 29.55
N LYS JA 6 -20.53 27.17 30.18
CA LYS JA 6 -20.96 27.04 31.56
C LYS JA 6 -22.17 26.11 31.68
N ALA JA 7 -23.01 26.08 30.66
CA ALA JA 7 -24.08 25.08 30.61
C ALA JA 7 -23.48 23.69 30.65
N ASP JA 8 -22.46 23.45 29.83
CA ASP JA 8 -21.78 22.17 29.83
C ASP JA 8 -21.21 21.87 31.22
N ALA JA 9 -20.63 22.87 31.85
CA ALA JA 9 -20.07 22.69 33.18
C ALA JA 9 -21.13 22.21 34.15
N GLU JA 10 -22.29 22.86 34.13
CA GLU JA 10 -23.37 22.44 35.02
C GLU JA 10 -23.85 21.05 34.67
N ILE JA 11 -23.89 20.73 33.38
CA ILE JA 11 -24.22 19.38 32.94
C ILE JA 11 -23.31 18.38 33.63
N LEU JA 12 -22.00 18.57 33.46
CA LEU JA 12 -21.05 17.63 34.00
C LEU JA 12 -21.12 17.58 35.51
N LYS JA 13 -21.38 18.71 36.15
CA LYS JA 13 -21.56 18.71 37.59
C LYS JA 13 -22.71 17.81 38.00
N ALA JA 14 -23.85 17.96 37.32
CA ALA JA 14 -25.00 17.12 37.62
C ALA JA 14 -24.66 15.66 37.37
N TYR JA 15 -23.92 15.39 36.30
CA TYR JA 15 -23.54 14.01 36.03
C TYR JA 15 -22.71 13.45 37.16
N ALA JA 16 -21.75 14.23 37.65
CA ALA JA 16 -20.93 13.79 38.77
C ALA JA 16 -21.79 13.55 39.98
N LYS JA 17 -22.80 14.38 40.19
CA LYS JA 17 -23.71 14.18 41.31
C LYS JA 17 -24.43 12.85 41.18
N ILE JA 18 -24.94 12.56 40.00
CA ILE JA 18 -25.59 11.27 39.76
C ILE JA 18 -24.63 10.14 40.07
N LEU JA 19 -23.38 10.29 39.63
CA LEU JA 19 -22.39 9.25 39.82
C LEU JA 19 -22.15 9.00 41.29
N GLU JA 20 -21.90 10.06 42.06
CA GLU JA 20 -21.59 9.87 43.47
C GLU JA 20 -22.81 9.39 44.24
N ALA JA 21 -24.01 9.75 43.79
CA ALA JA 21 -25.21 9.24 44.45
C ALA JA 21 -25.35 7.74 44.21
N HIS JA 22 -25.19 7.32 42.95
CA HIS JA 22 -25.16 5.89 42.65
C HIS JA 22 -24.08 5.20 43.46
N ALA JA 23 -22.96 5.88 43.68
CA ALA JA 23 -21.87 5.33 44.48
C ALA JA 23 -22.30 5.14 45.92
N GLU JA 24 -22.97 6.13 46.48
CA GLU JA 24 -23.45 6.02 47.86
C GLU JA 24 -24.45 4.89 47.99
N ILE JA 25 -25.31 4.71 46.98
CA ILE JA 25 -26.25 3.61 47.03
C ILE JA 25 -25.53 2.28 46.97
N LEU JA 26 -24.54 2.16 46.07
CA LEU JA 26 -23.72 0.95 46.01
C LEU JA 26 -23.06 0.68 47.35
N LYS JA 27 -22.57 1.73 48.00
CA LYS JA 27 -21.97 1.61 49.31
C LYS JA 27 -22.97 1.11 50.35
N ALA JA 28 -24.20 1.58 50.27
CA ALA JA 28 -25.24 1.09 51.16
C ALA JA 28 -25.57 -0.37 50.91
N GLN JA 29 -25.34 -0.87 49.70
CA GLN JA 29 -25.56 -2.27 49.40
C GLN JA 29 -24.31 -3.08 49.73
N GLN KA 1 30.12 4.46 35.76
CA GLN KA 1 29.90 3.09 36.18
C GLN KA 1 28.94 2.38 35.24
N ALA KA 2 27.99 3.13 34.70
CA ALA KA 2 26.94 2.51 33.89
C ALA KA 2 27.54 1.76 32.70
N GLU KA 3 28.57 2.32 32.09
CA GLU KA 3 29.23 1.66 30.97
C GLU KA 3 29.65 0.24 31.31
N ILE KA 4 29.97 -0.04 32.57
CA ILE KA 4 30.24 -1.41 32.98
C ILE KA 4 29.01 -2.27 32.71
N LEU KA 5 27.84 -1.76 33.10
CA LEU KA 5 26.62 -2.50 32.85
C LEU KA 5 26.35 -2.61 31.36
N LYS KA 6 26.73 -1.59 30.60
CA LYS KA 6 26.63 -1.69 29.15
C LYS KA 6 27.45 -2.86 28.64
N ALA KA 7 28.66 -3.01 29.16
CA ALA KA 7 29.49 -4.14 28.77
C ALA KA 7 28.84 -5.46 29.16
N ASP KA 8 28.22 -5.50 30.34
CA ASP KA 8 27.52 -6.71 30.74
C ASP KA 8 26.42 -7.04 29.74
N ALA KA 9 25.62 -6.04 29.39
CA ALA KA 9 24.57 -6.24 28.40
C ALA KA 9 25.16 -6.69 27.08
N GLU KA 10 26.35 -6.20 26.74
CA GLU KA 10 27.00 -6.66 25.53
C GLU KA 10 27.33 -8.14 25.61
N ILE KA 11 27.85 -8.57 26.76
CA ILE KA 11 28.07 -9.98 27.01
C ILE KA 11 26.81 -10.77 26.72
N LEU KA 12 25.71 -10.34 27.34
CA LEU KA 12 24.48 -11.10 27.23
C LEU KA 12 23.98 -11.11 25.79
N LYS KA 13 24.08 -9.98 25.10
CA LYS KA 13 23.64 -9.92 23.71
C LYS KA 13 24.48 -10.83 22.85
N ALA KA 14 25.76 -10.92 23.15
CA ALA KA 14 26.61 -11.86 22.44
C ALA KA 14 26.10 -13.28 22.65
N TYR KA 15 25.81 -13.64 23.89
CA TYR KA 15 25.28 -14.97 24.16
C TYR KA 15 24.00 -15.20 23.38
N ALA KA 16 23.14 -14.18 23.32
CA ALA KA 16 21.91 -14.30 22.58
C ALA KA 16 22.18 -14.55 21.11
N LYS KA 17 23.16 -13.84 20.56
CA LYS KA 17 23.52 -14.07 19.18
C LYS KA 17 24.01 -15.48 18.97
N ILE KA 18 24.73 -16.02 19.95
CA ILE KA 18 25.16 -17.40 19.89
C ILE KA 18 23.95 -18.31 19.74
N LEU KA 19 22.99 -18.17 20.64
CA LEU KA 19 21.81 -19.03 20.61
C LEU KA 19 21.07 -18.86 19.29
N GLU KA 20 20.96 -17.62 18.83
CA GLU KA 20 20.27 -17.36 17.58
C GLU KA 20 20.95 -18.07 16.43
N ALA KA 21 22.28 -18.04 16.41
CA ALA KA 21 23.01 -18.74 15.36
C ALA KA 21 22.79 -20.24 15.48
N HIS KA 22 22.75 -20.76 16.70
CA HIS KA 22 22.48 -22.18 16.87
C HIS KA 22 21.14 -22.54 16.27
N ALA KA 23 20.14 -21.69 16.53
CA ALA KA 23 18.83 -21.90 15.92
C ALA KA 23 18.92 -21.82 14.41
N GLU KA 24 19.73 -20.90 13.90
CA GLU KA 24 19.90 -20.80 12.45
C GLU KA 24 20.42 -22.12 11.89
N ILE KA 25 21.44 -22.67 12.54
CA ILE KA 25 21.94 -23.99 12.14
C ILE KA 25 20.81 -24.99 12.11
N LEU KA 26 20.14 -25.16 13.24
CA LEU KA 26 19.15 -26.22 13.35
C LEU KA 26 18.06 -26.06 12.30
N LYS KA 27 17.58 -24.84 12.11
CA LYS KA 27 16.63 -24.55 11.06
C LYS KA 27 17.18 -24.92 9.69
N ALA KA 28 18.47 -24.70 9.48
CA ALA KA 28 19.03 -24.97 8.17
C ALA KA 28 19.01 -26.45 7.83
N GLN KA 29 19.09 -27.32 8.83
CA GLN KA 29 19.18 -28.75 8.58
C GLN KA 29 18.00 -29.26 7.77
N GLN LA 1 28.88 -6.62 41.51
CA GLN LA 1 28.70 -6.99 40.11
C GLN LA 1 29.25 -8.38 39.84
N ALA LA 2 30.32 -8.71 40.58
CA ALA LA 2 31.01 -9.98 40.41
C ALA LA 2 30.04 -11.15 40.44
N GLU LA 3 28.98 -11.02 41.22
CA GLU LA 3 27.93 -12.03 41.23
C GLU LA 3 27.34 -12.21 39.82
N ILE LA 4 27.13 -11.11 39.11
CA ILE LA 4 26.66 -11.21 37.74
C ILE LA 4 27.66 -11.98 36.90
N LEU LA 5 28.95 -11.70 37.09
CA LEU LA 5 29.98 -12.34 36.29
C LEU LA 5 29.98 -13.84 36.52
N LYS LA 6 29.94 -14.25 37.79
CA LYS LA 6 29.94 -15.68 38.07
C LYS LA 6 28.65 -16.34 37.60
N ALA LA 7 27.55 -15.61 37.63
CA ALA LA 7 26.33 -16.11 37.02
C ALA LA 7 26.56 -16.40 35.54
N ASP LA 8 27.18 -15.45 34.84
CA ASP LA 8 27.51 -15.65 33.44
C ASP LA 8 28.40 -16.88 33.27
N ALA LA 9 29.37 -17.04 34.17
CA ALA LA 9 30.25 -18.18 34.08
C ALA LA 9 29.47 -19.48 34.16
N GLU LA 10 28.55 -19.57 35.12
CA GLU LA 10 27.74 -20.76 35.24
C GLU LA 10 26.86 -20.96 34.01
N ILE LA 11 26.34 -19.86 33.47
CA ILE LA 11 25.58 -19.91 32.22
C ILE LA 11 26.41 -20.61 31.15
N LEU LA 12 27.59 -20.08 30.90
CA LEU LA 12 28.43 -20.61 29.84
C LEU LA 12 28.82 -22.05 30.11
N LYS LA 13 29.05 -22.38 31.38
CA LYS LA 13 29.34 -23.77 31.73
C LYS LA 13 28.20 -24.68 31.32
N ALA LA 14 26.97 -24.29 31.68
CA ALA LA 14 25.82 -25.09 31.30
C ALA LA 14 25.70 -25.18 29.79
N TYR LA 15 25.99 -24.08 29.09
CA TYR LA 15 25.93 -24.12 27.64
C TYR LA 15 26.91 -25.13 27.09
N ALA LA 16 28.13 -25.12 27.62
CA ALA LA 16 29.14 -26.09 27.20
C ALA LA 16 28.67 -27.50 27.48
N LYS LA 17 28.00 -27.70 28.61
CA LYS LA 17 27.47 -29.02 28.92
C LYS LA 17 26.46 -29.46 27.88
N ILE LA 18 25.54 -28.55 27.52
CA ILE LA 18 24.57 -28.85 26.47
C ILE LA 18 25.30 -29.23 25.19
N LEU LA 19 26.34 -28.46 24.86
CA LEU LA 19 27.06 -28.69 23.62
C LEU LA 19 27.69 -30.08 23.62
N GLU LA 20 28.41 -30.43 24.68
CA GLU LA 20 29.08 -31.72 24.70
C GLU LA 20 28.10 -32.86 24.78
N ALA LA 21 26.93 -32.64 25.39
CA ALA LA 21 25.91 -33.68 25.41
C ALA LA 21 25.36 -33.92 24.01
N HIS LA 22 25.01 -32.83 23.32
CA HIS LA 22 24.61 -32.96 21.92
C HIS LA 22 25.71 -33.63 21.10
N ALA LA 23 26.97 -33.37 21.45
CA ALA LA 23 28.07 -34.01 20.76
C ALA LA 23 28.09 -35.50 21.01
N GLU LA 24 27.88 -35.90 22.25
CA GLU LA 24 27.85 -37.33 22.56
C GLU LA 24 26.71 -38.01 21.84
N ILE LA 25 25.56 -37.34 21.75
CA ILE LA 25 24.44 -37.92 21.01
C ILE LA 25 24.78 -38.06 19.53
N LEU LA 26 25.38 -37.02 18.94
CA LEU LA 26 25.83 -37.11 17.55
C LEU LA 26 26.80 -38.27 17.38
N LYS LA 27 27.70 -38.44 18.34
CA LYS LA 27 28.64 -39.55 18.30
C LYS LA 27 27.93 -40.89 18.35
N ALA LA 28 26.87 -41.00 19.15
CA ALA LA 28 26.08 -42.22 19.20
C ALA LA 28 25.37 -42.49 17.89
N GLN LA 29 25.08 -41.44 17.11
CA GLN LA 29 24.45 -41.60 15.81
C GLN LA 29 25.51 -41.84 14.74
N GLN MA 1 -3.31 -10.21 -34.96
CA GLN MA 1 -4.25 -9.52 -35.83
C GLN MA 1 -5.54 -9.22 -35.10
N ALA MA 2 -5.93 -10.11 -34.19
CA ALA MA 2 -7.22 -9.98 -33.52
C ALA MA 2 -7.33 -8.65 -32.79
N GLU MA 3 -6.25 -8.21 -32.17
CA GLU MA 3 -6.24 -6.94 -31.47
C GLU MA 3 -6.71 -5.80 -32.37
N ILE MA 4 -6.46 -5.88 -33.67
CA ILE MA 4 -7.01 -4.89 -34.59
C ILE MA 4 -8.53 -4.90 -34.49
N LEU MA 5 -9.12 -6.09 -34.51
CA LEU MA 5 -10.56 -6.20 -34.37
C LEU MA 5 -11.02 -5.71 -33.01
N LYS MA 6 -10.20 -5.93 -31.98
CA LYS MA 6 -10.52 -5.38 -30.68
C LYS MA 6 -10.61 -3.86 -30.75
N ALA MA 7 -9.67 -3.24 -31.45
CA ALA MA 7 -9.72 -1.80 -31.63
C ALA MA 7 -10.98 -1.38 -32.37
N ASP MA 8 -11.35 -2.15 -33.39
CA ASP MA 8 -12.58 -1.85 -34.11
C ASP MA 8 -13.77 -1.88 -33.17
N ALA MA 9 -13.86 -2.94 -32.36
CA ALA MA 9 -14.92 -3.03 -31.39
C ALA MA 9 -14.89 -1.87 -30.41
N GLU MA 10 -13.68 -1.40 -30.09
CA GLU MA 10 -13.58 -0.24 -29.22
C GLU MA 10 -14.18 0.98 -29.89
N ILE MA 11 -13.89 1.16 -31.18
CA ILE MA 11 -14.51 2.23 -31.96
C ILE MA 11 -16.02 2.16 -31.82
N LEU MA 12 -16.57 0.98 -32.07
CA LEU MA 12 -18.01 0.84 -32.09
C LEU MA 12 -18.60 1.09 -30.70
N LYS MA 13 -17.92 0.59 -29.67
CA LYS MA 13 -18.40 0.80 -28.30
C LYS MA 13 -18.38 2.28 -27.96
N ALA MA 14 -17.36 2.99 -28.44
CA ALA MA 14 -17.33 4.43 -28.25
C ALA MA 14 -18.55 5.07 -28.89
N TYR MA 15 -18.84 4.68 -30.13
CA TYR MA 15 -20.02 5.23 -30.80
C TYR MA 15 -21.28 4.94 -29.99
N ALA MA 16 -21.36 3.73 -29.44
CA ALA MA 16 -22.52 3.36 -28.64
C ALA MA 16 -22.62 4.25 -27.42
N LYS MA 17 -21.48 4.52 -26.78
CA LYS MA 17 -21.49 5.41 -25.63
C LYS MA 17 -21.95 6.80 -26.04
N ILE MA 18 -21.58 7.23 -27.24
CA ILE MA 18 -22.07 8.51 -27.75
C ILE MA 18 -23.59 8.50 -27.79
N LEU MA 19 -24.16 7.49 -28.43
CA LEU MA 19 -25.61 7.44 -28.56
C LEU MA 19 -26.27 7.38 -27.19
N GLU MA 20 -25.68 6.60 -26.28
CA GLU MA 20 -26.22 6.47 -24.94
C GLU MA 20 -26.23 7.81 -24.24
N ALA MA 21 -25.15 8.57 -24.39
CA ALA MA 21 -25.11 9.90 -23.78
C ALA MA 21 -26.16 10.80 -24.41
N HIS MA 22 -26.35 10.69 -25.72
CA HIS MA 22 -27.38 11.49 -26.36
C HIS MA 22 -28.73 11.18 -25.76
N ALA MA 23 -29.01 9.90 -25.56
CA ALA MA 23 -30.24 9.49 -24.89
C ALA MA 23 -30.31 10.07 -23.49
N GLU MA 24 -29.18 10.08 -22.78
CA GLU MA 24 -29.15 10.64 -21.45
C GLU MA 24 -29.59 12.10 -21.48
N ILE MA 25 -29.02 12.86 -22.41
CA ILE MA 25 -29.44 14.24 -22.62
C ILE MA 25 -30.94 14.31 -22.79
N LEU MA 26 -31.44 13.62 -23.80
CA LEU MA 26 -32.85 13.75 -24.16
C LEU MA 26 -33.75 13.39 -23.00
N LYS MA 27 -33.42 12.30 -22.30
CA LYS MA 27 -34.15 11.94 -21.10
C LYS MA 27 -34.09 13.04 -20.05
N ALA MA 28 -32.96 13.72 -19.95
CA ALA MA 28 -32.82 14.74 -18.93
C ALA MA 28 -33.75 15.91 -19.16
N GLN MA 29 -34.08 16.20 -20.41
CA GLN MA 29 -34.88 17.37 -20.72
C GLN MA 29 -36.22 17.34 -19.99
N GLN NA 1 -10.17 -5.14 -44.17
CA GLN NA 1 -10.69 -4.46 -42.99
C GLN NA 1 -11.09 -3.04 -43.33
N ALA NA 2 -10.36 -2.45 -44.27
CA ALA NA 2 -10.58 -1.06 -44.68
C ALA NA 2 -12.04 -0.81 -45.01
N GLU NA 3 -12.72 -1.82 -45.53
CA GLU NA 3 -14.15 -1.72 -45.76
C GLU NA 3 -14.88 -1.40 -44.46
N ILE NA 4 -14.49 -2.05 -43.37
CA ILE NA 4 -15.09 -1.74 -42.09
C ILE NA 4 -14.85 -0.28 -41.73
N LEU NA 5 -13.63 0.19 -41.98
CA LEU NA 5 -13.29 1.56 -41.61
C LEU NA 5 -14.14 2.55 -42.39
N LYS NA 6 -14.27 2.35 -43.70
CA LYS NA 6 -15.08 3.28 -44.49
C LYS NA 6 -16.55 3.18 -44.12
N ALA NA 7 -17.00 1.98 -43.72
CA ALA NA 7 -18.34 1.86 -43.18
C ALA NA 7 -18.50 2.75 -41.96
N ASP NA 8 -17.53 2.69 -41.06
CA ASP NA 8 -17.55 3.56 -39.88
C ASP NA 8 -17.58 5.02 -40.30
N ALA NA 9 -16.80 5.37 -41.31
CA ALA NA 9 -16.77 6.74 -41.78
C ALA NA 9 -18.16 7.19 -42.22
N GLU NA 10 -18.83 6.35 -43.01
CA GLU NA 10 -20.17 6.69 -43.45
C GLU NA 10 -21.13 6.77 -42.28
N ILE NA 11 -20.96 5.89 -41.30
CA ILE NA 11 -21.75 5.94 -40.08
C ILE NA 11 -21.63 7.33 -39.45
N LEU NA 12 -20.39 7.74 -39.20
CA LEU NA 12 -20.17 9.01 -38.51
C LEU NA 12 -20.67 10.16 -39.36
N LYS NA 13 -20.54 10.07 -40.68
CA LYS NA 13 -21.08 11.10 -41.55
C LYS NA 13 -22.58 11.23 -41.35
N ALA NA 14 -23.29 10.11 -41.37
CA ALA NA 14 -24.72 10.13 -41.16
C ALA NA 14 -25.06 10.71 -39.79
N TYR NA 15 -24.26 10.34 -38.79
CA TYR NA 15 -24.51 10.88 -37.46
C TYR NA 15 -24.37 12.39 -37.46
N ALA NA 16 -23.33 12.90 -38.11
CA ALA NA 16 -23.15 14.34 -38.21
C ALA NA 16 -24.33 14.97 -38.92
N LYS NA 17 -24.85 14.30 -39.94
CA LYS NA 17 -26.01 14.83 -40.65
C LYS NA 17 -27.20 14.93 -39.71
N ILE NA 18 -27.45 13.88 -38.93
CA ILE NA 18 -28.52 13.92 -37.94
C ILE NA 18 -28.31 15.09 -37.00
N LEU NA 19 -27.08 15.28 -36.56
CA LEU NA 19 -26.77 16.34 -35.61
C LEU NA 19 -27.10 17.70 -36.18
N GLU NA 20 -26.60 17.98 -37.40
CA GLU NA 20 -26.82 19.28 -37.97
C GLU NA 20 -28.28 19.50 -38.34
N ALA NA 21 -29.00 18.43 -38.66
CA ALA NA 21 -30.42 18.58 -38.92
C ALA NA 21 -31.17 18.94 -37.65
N HIS NA 22 -30.88 18.22 -36.56
CA HIS NA 22 -31.45 18.60 -35.27
C HIS NA 22 -31.07 20.02 -34.91
N ALA NA 23 -29.87 20.45 -35.30
CA ALA NA 23 -29.43 21.81 -35.05
C ALA NA 23 -30.28 22.80 -35.84
N GLU NA 24 -30.54 22.50 -37.11
CA GLU NA 24 -31.37 23.38 -37.91
C GLU NA 24 -32.78 23.48 -37.34
N ILE NA 25 -33.31 22.36 -36.85
CA ILE NA 25 -34.63 22.39 -36.24
C ILE NA 25 -34.61 23.25 -34.97
N LEU NA 26 -33.58 23.08 -34.13
CA LEU NA 26 -33.45 23.92 -32.95
C LEU NA 26 -33.38 25.39 -33.35
N LYS NA 27 -32.65 25.68 -34.42
CA LYS NA 27 -32.55 27.05 -34.92
C LYS NA 27 -33.92 27.58 -35.36
N ALA NA 28 -34.73 26.73 -35.99
CA ALA NA 28 -36.06 27.13 -36.38
C ALA NA 28 -36.95 27.38 -35.17
N GLN NA 29 -36.66 26.75 -34.04
CA GLN NA 29 -37.41 26.99 -32.82
C GLN NA 29 -36.83 28.19 -32.06
N GLN OA 1 38.57 -14.55 -24.67
CA GLN OA 1 37.82 -14.46 -25.92
C GLN OA 1 36.44 -13.87 -25.68
N ALA OA 2 35.86 -14.18 -24.52
CA ALA OA 2 34.49 -13.79 -24.24
C ALA OA 2 34.31 -12.28 -24.34
N GLU OA 3 35.30 -11.53 -23.86
CA GLU OA 3 35.24 -10.08 -23.93
C GLU OA 3 34.99 -9.59 -25.35
N ILE OA 4 35.46 -10.33 -26.36
CA ILE OA 4 35.10 -9.99 -27.74
C ILE OA 4 33.60 -10.01 -27.90
N LEU OA 5 32.96 -11.07 -27.40
CA LEU OA 5 31.51 -11.16 -27.48
C LEU OA 5 30.86 -10.05 -26.67
N LYS OA 6 31.48 -9.68 -25.55
CA LYS OA 6 30.98 -8.53 -24.79
C LYS OA 6 30.97 -7.28 -25.65
N ALA OA 7 32.04 -7.08 -26.41
CA ALA OA 7 32.09 -5.93 -27.31
C ALA OA 7 31.01 -6.02 -28.37
N ASP OA 8 30.76 -7.22 -28.88
CA ASP OA 8 29.69 -7.40 -29.85
C ASP OA 8 28.36 -6.99 -29.24
N ALA OA 9 28.09 -7.48 -28.03
CA ALA OA 9 26.86 -7.11 -27.34
C ALA OA 9 26.80 -5.61 -27.13
N GLU OA 10 27.95 -4.99 -26.90
CA GLU OA 10 27.96 -3.54 -26.75
C GLU OA 10 27.54 -2.86 -28.05
N ILE OA 11 28.06 -3.37 -29.18
CA ILE OA 11 27.62 -2.90 -30.48
C ILE OA 11 26.10 -2.95 -30.57
N LEU OA 12 25.56 -4.12 -30.27
CA LEU OA 12 24.13 -4.31 -30.46
C LEU OA 12 23.34 -3.40 -29.52
N LYS OA 13 23.80 -3.26 -28.28
CA LYS OA 13 23.11 -2.40 -27.33
C LYS OA 13 23.14 -0.96 -27.80
N ALA OA 14 24.26 -0.55 -28.40
CA ALA OA 14 24.33 0.77 -28.99
C ALA OA 14 23.26 0.93 -30.06
N TYR OA 15 23.16 -0.06 -30.94
CA TYR OA 15 22.15 0.01 -31.98
C TYR OA 15 20.76 0.12 -31.37
N ALA OA 16 20.53 -0.63 -30.30
CA ALA OA 16 19.24 -0.58 -29.62
C ALA OA 16 18.97 0.80 -29.08
N LYS OA 17 20.00 1.42 -28.49
CA LYS OA 17 19.84 2.77 -28.00
C LYS OA 17 19.52 3.73 -29.13
N ILE OA 18 20.11 3.49 -30.30
CA ILE OA 18 19.77 4.29 -31.47
C ILE OA 18 18.28 4.20 -31.76
N LEU OA 19 17.78 2.98 -31.87
CA LEU OA 19 16.37 2.80 -32.19
C LEU OA 19 15.50 3.42 -31.12
N GLU OA 20 15.89 3.26 -29.85
CA GLU OA 20 15.12 3.81 -28.76
C GLU OA 20 15.06 5.33 -28.87
N ALA OA 21 16.18 5.95 -29.21
CA ALA OA 21 16.17 7.39 -29.38
C ALA OA 21 15.30 7.80 -30.54
N HIS OA 22 15.32 7.01 -31.62
CA HIS OA 22 14.46 7.31 -32.75
C HIS OA 22 13.00 7.30 -32.31
N ALA OA 23 12.64 6.30 -31.51
CA ALA OA 23 11.30 6.24 -30.96
C ALA OA 23 11.02 7.45 -30.09
N GLU OA 24 12.01 7.87 -29.32
CA GLU OA 24 11.84 9.05 -28.48
C GLU OA 24 11.49 10.26 -29.34
N ILE OA 25 12.24 10.45 -30.41
CA ILE OA 25 11.93 11.51 -31.38
C ILE OA 25 10.48 11.41 -31.81
N LEU OA 26 10.12 10.26 -32.38
CA LEU OA 26 8.81 10.12 -32.99
C LEU OA 26 7.71 10.38 -31.98
N LYS OA 27 7.86 9.83 -30.77
CA LYS OA 27 6.92 10.11 -29.70
C LYS OA 27 6.86 11.58 -29.38
N ALA OA 28 7.99 12.27 -29.46
CA ALA OA 28 8.01 13.68 -29.10
C ALA OA 28 7.17 14.52 -30.06
N GLN OA 29 7.08 14.11 -31.31
CA GLN OA 29 6.39 14.91 -32.32
C GLN OA 29 4.96 15.20 -31.92
N GLN PA 1 33.59 -15.31 -36.17
CA GLN PA 1 32.90 -14.14 -35.63
C GLN PA 1 32.64 -13.13 -36.71
N ALA PA 2 33.54 -13.08 -37.69
CA ALA PA 2 33.47 -12.11 -38.79
C ALA PA 2 32.09 -12.13 -39.44
N GLU PA 3 31.47 -13.30 -39.47
CA GLU PA 3 30.10 -13.40 -39.95
C GLU PA 3 29.17 -12.49 -39.15
N ILE PA 4 29.35 -12.46 -37.84
CA ILE PA 4 28.55 -11.56 -37.02
C ILE PA 4 28.80 -10.12 -37.43
N LEU PA 5 30.07 -9.78 -37.68
CA LEU PA 5 30.41 -8.41 -38.03
C LEU PA 5 29.75 -8.00 -39.34
N LYS PA 6 29.83 -8.86 -40.36
CA LYS PA 6 29.21 -8.52 -41.63
C LYS PA 6 27.70 -8.48 -41.51
N ALA PA 7 27.13 -9.32 -40.64
CA ALA PA 7 25.71 -9.20 -40.35
C ALA PA 7 25.39 -7.82 -39.81
N ASP PA 8 26.20 -7.35 -38.86
CA ASP PA 8 26.02 -6.01 -38.33
C ASP PA 8 26.13 -4.98 -39.44
N ALA PA 9 27.08 -5.17 -40.33
CA ALA PA 9 27.25 -4.23 -41.44
C ALA PA 9 25.98 -4.15 -42.27
N GLU PA 10 25.42 -5.30 -42.61
CA GLU PA 10 24.18 -5.31 -43.38
C GLU PA 10 23.05 -4.67 -42.60
N ILE PA 11 23.00 -4.92 -41.30
CA ILE PA 11 22.03 -4.26 -40.42
C ILE PA 11 22.11 -2.76 -40.60
N LEU PA 12 23.30 -2.22 -40.39
CA LEU PA 12 23.46 -0.78 -40.44
C LEU PA 12 23.17 -0.24 -41.83
N LYS PA 13 23.52 -1.00 -42.87
CA LYS PA 13 23.17 -0.59 -44.23
C LYS PA 13 21.67 -0.45 -44.37
N ALA PA 14 20.93 -1.46 -43.93
CA ALA PA 14 19.48 -1.39 -44.01
C ALA PA 14 18.95 -0.21 -43.21
N TYR PA 15 19.55 0.04 -42.05
CA TYR PA 15 19.12 1.17 -41.25
C TYR PA 15 19.32 2.47 -42.01
N ALA PA 16 20.47 2.62 -42.65
CA ALA PA 16 20.73 3.80 -43.44
C ALA PA 16 19.73 3.92 -44.57
N LYS PA 17 19.35 2.80 -45.16
CA LYS PA 17 18.35 2.83 -46.22
C LYS PA 17 17.02 3.34 -45.68
N ILE PA 18 16.60 2.84 -44.53
CA ILE PA 18 15.39 3.33 -43.91
C ILE PA 18 15.49 4.83 -43.69
N LEU PA 19 16.64 5.27 -43.21
CA LEU PA 19 16.82 6.69 -42.90
C LEU PA 19 16.67 7.53 -44.15
N GLU PA 20 17.38 7.17 -45.22
CA GLU PA 20 17.32 7.98 -46.43
C GLU PA 20 15.96 7.90 -47.09
N ALA PA 21 15.25 6.79 -46.92
CA ALA PA 21 13.89 6.71 -47.46
C ALA PA 21 12.96 7.64 -46.71
N HIS PA 22 13.02 7.61 -45.37
CA HIS PA 22 12.27 8.57 -44.58
C HIS PA 22 12.65 9.99 -44.96
N ALA PA 23 13.92 10.21 -45.30
CA ALA PA 23 14.37 11.52 -45.72
C ALA PA 23 13.72 11.93 -47.04
N GLU PA 24 13.66 11.00 -47.99
CA GLU PA 24 13.02 11.29 -49.26
C GLU PA 24 11.54 11.61 -49.07
N ILE PA 25 10.89 10.88 -48.17
CA ILE PA 25 9.49 11.16 -47.89
C ILE PA 25 9.33 12.55 -47.28
N LEU PA 26 10.20 12.89 -46.31
CA LEU PA 26 10.17 14.23 -45.73
C LEU PA 26 10.38 15.29 -46.81
N LYS PA 27 11.28 15.01 -47.75
CA LYS PA 27 11.52 15.92 -48.85
C LYS PA 27 10.29 16.08 -49.72
N ALA PA 28 9.56 14.99 -49.95
CA ALA PA 28 8.31 15.06 -50.70
C ALA PA 28 7.25 15.87 -49.97
N GLN PA 29 7.33 15.94 -48.65
CA GLN PA 29 6.39 16.73 -47.87
C GLN PA 29 6.89 18.17 -47.76
N GLN QA 1 -0.28 -25.31 26.81
CA GLN QA 1 -0.49 -26.72 26.50
C GLN QA 1 -1.63 -26.90 25.52
N ALA QA 2 -2.64 -26.03 25.62
CA ALA QA 2 -3.84 -26.20 24.81
C ALA QA 2 -3.51 -26.20 23.33
N GLU QA 3 -2.57 -25.34 22.92
CA GLU QA 3 -2.17 -25.29 21.52
C GLU QA 3 -1.75 -26.66 20.99
N ILE QA 4 -1.22 -27.53 21.85
CA ILE QA 4 -0.95 -28.90 21.45
C ILE QA 4 -2.24 -29.57 20.99
N LEU QA 5 -3.28 -29.40 21.79
CA LEU QA 5 -4.58 -29.97 21.43
C LEU QA 5 -5.11 -29.31 20.17
N LYS QA 6 -4.84 -28.03 19.98
CA LYS QA 6 -5.21 -27.38 18.73
C LYS QA 6 -4.54 -28.06 17.55
N ALA QA 7 -3.26 -28.40 17.71
CA ALA QA 7 -2.57 -29.12 16.64
C ALA QA 7 -3.20 -30.48 16.40
N ASP QA 8 -3.59 -31.16 17.48
CA ASP QA 8 -4.27 -32.44 17.32
C ASP QA 8 -5.54 -32.27 16.51
N ALA QA 9 -6.34 -31.28 16.87
CA ALA QA 9 -7.56 -30.99 16.13
C ALA QA 9 -7.24 -30.67 14.68
N GLU QA 10 -6.12 -30.02 14.44
CA GLU QA 10 -5.72 -29.73 13.07
C GLU QA 10 -5.45 -31.03 12.33
N ILE QA 11 -4.76 -31.96 12.97
CA ILE QA 11 -4.55 -33.29 12.41
C ILE QA 11 -5.88 -33.89 11.98
N LEU QA 12 -6.82 -33.90 12.92
CA LEU QA 12 -8.08 -34.57 12.65
C LEU QA 12 -8.84 -33.86 11.54
N LYS QA 13 -8.82 -32.53 11.53
CA LYS QA 13 -9.50 -31.78 10.48
C LYS QA 13 -8.88 -32.08 9.13
N ALA QA 14 -7.56 -32.24 9.10
CA ALA QA 14 -6.91 -32.63 7.87
C ALA QA 14 -7.43 -33.98 7.40
N TYR QA 15 -7.51 -34.94 8.32
CA TYR QA 15 -8.04 -36.25 7.95
C TYR QA 15 -9.45 -36.12 7.41
N ALA QA 16 -10.25 -35.26 8.03
CA ALA QA 16 -11.61 -35.05 7.59
C ALA QA 16 -11.62 -34.50 6.17
N LYS QA 17 -10.73 -33.55 5.90
CA LYS QA 17 -10.65 -33.01 4.56
C LYS QA 17 -10.26 -34.09 3.57
N ILE QA 18 -9.40 -35.01 3.98
CA ILE QA 18 -9.05 -36.14 3.14
C ILE QA 18 -10.30 -36.91 2.76
N LEU QA 19 -11.08 -37.31 3.77
CA LEU QA 19 -12.27 -38.09 3.50
C LEU QA 19 -13.24 -37.32 2.63
N GLU QA 20 -13.37 -36.02 2.89
CA GLU QA 20 -14.27 -35.19 2.10
C GLU QA 20 -13.84 -35.17 0.65
N ALA QA 21 -12.54 -35.05 0.41
CA ALA QA 21 -12.05 -35.08 -0.96
C ALA QA 21 -12.31 -36.43 -1.60
N HIS QA 22 -12.15 -37.51 -0.83
CA HIS QA 22 -12.44 -38.82 -1.38
C HIS QA 22 -13.89 -38.90 -1.82
N ALA QA 23 -14.78 -38.36 -0.99
CA ALA QA 23 -16.19 -38.30 -1.36
C ALA QA 23 -16.37 -37.46 -2.61
N GLU QA 24 -15.64 -36.36 -2.71
CA GLU QA 24 -15.73 -35.53 -3.89
C GLU QA 24 -15.39 -36.33 -5.13
N ILE QA 25 -14.29 -37.07 -5.07
CA ILE QA 25 -13.92 -37.97 -6.16
C ILE QA 25 -15.09 -38.87 -6.51
N LEU QA 26 -15.55 -39.64 -5.53
CA LEU QA 26 -16.54 -40.66 -5.80
C LEU QA 26 -17.80 -40.05 -6.40
N LYS QA 27 -18.24 -38.92 -5.84
CA LYS QA 27 -19.36 -38.20 -6.41
C LYS QA 27 -19.09 -37.79 -7.85
N ALA QA 28 -17.85 -37.42 -8.14
CA ALA QA 28 -17.55 -36.94 -9.48
C ALA QA 28 -17.71 -38.03 -10.52
N GLN QA 29 -17.47 -39.28 -10.15
CA GLN QA 29 -17.50 -40.37 -11.11
C GLN QA 29 -18.83 -40.45 -11.84
N GLN RA 1 -0.95 -37.82 26.14
CA GLN RA 1 -1.40 -37.43 24.81
C GLN RA 1 -0.96 -38.45 23.77
N ALA RA 2 0.19 -39.05 24.01
CA ALA RA 2 0.79 -40.01 23.10
C ALA RA 2 -0.21 -41.08 22.69
N GLU RA 3 -1.10 -41.43 23.61
CA GLU RA 3 -2.18 -42.36 23.28
C GLU RA 3 -3.01 -41.83 22.12
N ILE RA 4 -3.31 -40.52 22.13
CA ILE RA 4 -4.02 -39.94 21.01
C ILE RA 4 -3.23 -40.11 19.73
N LEU RA 5 -1.92 -39.89 19.81
CA LEU RA 5 -1.09 -39.97 18.62
C LEU RA 5 -1.10 -41.38 18.04
N LYS RA 6 -0.93 -42.38 18.90
CA LYS RA 6 -0.94 -43.75 18.39
C LYS RA 6 -2.32 -44.15 17.89
N ALA RA 7 -3.37 -43.59 18.49
CA ALA RA 7 -4.70 -43.78 17.93
C ALA RA 7 -4.76 -43.25 16.52
N ASP RA 8 -4.24 -42.04 16.31
CA ASP RA 8 -4.17 -41.48 14.97
C ASP RA 8 -3.39 -42.38 14.03
N ALA RA 9 -2.29 -42.93 14.53
CA ALA RA 9 -1.48 -43.82 13.71
C ALA RA 9 -2.30 -45.02 13.24
N GLU RA 10 -3.03 -45.63 14.17
CA GLU RA 10 -3.85 -46.77 13.80
C GLU RA 10 -4.95 -46.35 12.83
N ILE RA 11 -5.51 -45.16 13.03
CA ILE RA 11 -6.48 -44.61 12.10
C ILE RA 11 -5.90 -44.60 10.69
N LEU RA 12 -4.75 -43.96 10.55
CA LEU RA 12 -4.16 -43.81 9.23
C LEU RA 12 -3.78 -45.17 8.65
N LYS RA 13 -3.34 -46.10 9.49
CA LYS RA 13 -3.05 -47.45 9.02
C LYS RA 13 -4.30 -48.07 8.41
N ALA RA 14 -5.41 -47.99 9.14
CA ALA RA 14 -6.65 -48.54 8.61
C ALA RA 14 -7.05 -47.86 7.32
N TYR RA 15 -6.85 -46.55 7.25
CA TYR RA 15 -7.17 -45.83 6.03
C TYR RA 15 -6.34 -46.36 4.87
N ALA RA 16 -5.05 -46.55 5.10
CA ALA RA 16 -4.19 -47.10 4.07
C ALA RA 16 -4.66 -48.48 3.65
N LYS RA 17 -5.12 -49.27 4.62
CA LYS RA 17 -5.64 -50.59 4.29
C LYS RA 17 -6.85 -50.48 3.38
N ILE RA 18 -7.77 -49.59 3.71
CA ILE RA 18 -8.93 -49.36 2.85
C ILE RA 18 -8.47 -48.98 1.46
N LEU RA 19 -7.47 -48.10 1.38
CA LEU RA 19 -6.99 -47.62 0.10
C LEU RA 19 -6.45 -48.76 -0.74
N GLU RA 20 -5.56 -49.56 -0.15
CA GLU RA 20 -4.95 -50.64 -0.92
C GLU RA 20 -5.97 -51.71 -1.27
N ALA RA 21 -6.98 -51.90 -0.43
CA ALA RA 21 -8.02 -52.87 -0.77
C ALA RA 21 -8.84 -52.38 -1.96
N HIS RA 22 -9.26 -51.11 -1.93
CA HIS RA 22 -9.90 -50.52 -3.08
C HIS RA 22 -9.01 -50.62 -4.31
N ALA RA 23 -7.70 -50.50 -4.11
CA ALA RA 23 -6.76 -50.62 -5.22
C ALA RA 23 -6.77 -52.02 -5.79
N GLU RA 24 -6.77 -53.03 -4.91
CA GLU RA 24 -6.80 -54.41 -5.37
C GLU RA 24 -8.09 -54.69 -6.13
N ILE RA 25 -9.20 -54.13 -5.67
CA ILE RA 25 -10.46 -54.31 -6.37
C ILE RA 25 -10.41 -53.66 -7.75
N LEU RA 26 -9.87 -52.42 -7.81
CA LEU RA 26 -9.69 -51.76 -9.09
C LEU RA 26 -8.83 -52.60 -10.02
N LYS RA 27 -7.77 -53.20 -9.47
CA LYS RA 27 -6.91 -54.07 -10.25
C LYS RA 27 -7.66 -55.29 -10.76
N ALA RA 28 -8.55 -55.85 -9.96
CA ALA RA 28 -9.38 -56.96 -10.40
C ALA RA 28 -10.34 -56.55 -11.51
N GLN RA 29 -10.71 -55.28 -11.57
CA GLN RA 29 -11.57 -54.79 -12.64
C GLN RA 29 -10.74 -54.38 -13.84
N GLN SA 1 20.81 44.28 -7.55
CA GLN SA 1 19.92 44.87 -6.57
C GLN SA 1 19.08 43.79 -5.89
N ALA SA 2 18.74 42.75 -6.65
CA ALA SA 2 17.83 41.73 -6.14
C ALA SA 2 18.38 41.10 -4.86
N GLU SA 3 19.68 40.87 -4.81
CA GLU SA 3 20.31 40.30 -3.62
C GLU SA 3 19.96 41.08 -2.37
N ILE SA 4 19.75 42.40 -2.49
CA ILE SA 4 19.27 43.17 -1.34
C ILE SA 4 17.95 42.61 -0.87
N LEU SA 5 17.04 42.36 -1.81
CA LEU SA 5 15.75 41.79 -1.45
C LEU SA 5 15.92 40.38 -0.88
N LYS SA 6 16.90 39.65 -1.39
CA LYS SA 6 17.21 38.34 -0.80
C LYS SA 6 17.58 38.50 0.66
N ALA SA 7 18.39 39.50 0.97
CA ALA SA 7 18.75 39.75 2.36
C ALA SA 7 17.52 40.10 3.18
N ASP SA 8 16.61 40.90 2.60
CA ASP SA 8 15.38 41.23 3.30
C ASP SA 8 14.61 39.96 3.63
N ALA SA 9 14.45 39.10 2.63
CA ALA SA 9 13.77 37.83 2.85
C ALA SA 9 14.47 37.02 3.91
N GLU SA 10 15.80 37.10 3.96
CA GLU SA 10 16.53 36.40 5.00
C GLU SA 10 16.16 36.94 6.36
N ILE SA 11 16.08 38.26 6.48
CA ILE SA 11 15.60 38.89 7.72
C ILE SA 11 14.28 38.28 8.13
N LEU SA 12 13.34 38.28 7.19
CA LEU SA 12 11.99 37.84 7.53
C LEU SA 12 11.98 36.36 7.90
N LYS SA 13 12.76 35.55 7.19
CA LYS SA 13 12.82 34.12 7.50
C LYS SA 13 13.41 33.91 8.88
N ALA SA 14 14.39 34.72 9.24
CA ALA SA 14 14.92 34.66 10.59
C ALA SA 14 13.84 34.94 11.60
N TYR SA 15 13.06 36.00 11.37
CA TYR SA 15 11.97 36.30 12.28
C TYR SA 15 11.00 35.15 12.38
N ALA SA 16 10.72 34.51 11.25
CA ALA SA 16 9.83 33.36 11.24
C ALA SA 16 10.39 32.24 12.07
N LYS SA 17 11.70 32.00 11.95
CA LYS SA 17 12.33 30.98 12.76
C LYS SA 17 12.22 31.31 14.24
N ILE SA 18 12.32 32.61 14.57
CA ILE SA 18 12.12 33.03 15.95
C ILE SA 18 10.74 32.60 16.43
N LEU SA 19 9.71 32.96 15.68
CA LEU SA 19 8.36 32.63 16.10
C LEU SA 19 8.18 31.13 16.20
N GLU SA 20 8.75 30.39 15.25
CA GLU SA 20 8.64 28.95 15.26
C GLU SA 20 9.27 28.37 16.52
N ALA SA 21 10.43 28.90 16.89
CA ALA SA 21 11.07 28.43 18.11
C ALA SA 21 10.22 28.77 19.32
N HIS SA 22 9.60 29.95 19.32
CA HIS SA 22 8.72 30.30 20.43
C HIS SA 22 7.60 29.30 20.55
N ALA SA 23 7.02 28.92 19.42
CA ALA SA 23 6.00 27.89 19.41
C ALA SA 23 6.56 26.57 19.93
N GLU SA 24 7.79 26.25 19.55
CA GLU SA 24 8.40 25.03 20.03
C GLU SA 24 8.46 25.03 21.56
N ILE SA 25 8.92 26.14 22.12
CA ILE SA 25 8.91 26.31 23.57
C ILE SA 25 7.53 26.02 24.12
N LEU SA 26 6.55 26.78 23.66
CA LEU SA 26 5.22 26.71 24.25
C LEU SA 26 4.67 25.29 24.16
N LYS SA 27 4.83 24.65 23.00
CA LYS SA 27 4.45 23.25 22.85
C LYS SA 27 5.17 22.37 23.83
N ALA SA 28 6.43 22.67 24.12
CA ALA SA 28 7.19 21.81 25.01
C ALA SA 28 6.66 21.82 26.42
N GLN SA 29 6.06 22.93 26.84
CA GLN SA 29 5.60 23.06 28.23
C GLN SA 29 4.63 21.96 28.59
N GLN TA 1 13.38 51.28 -0.26
CA GLN TA 1 13.48 50.05 0.51
C GLN TA 1 13.46 50.35 1.99
N ALA TA 2 14.00 51.51 2.35
CA ALA TA 2 14.11 51.93 3.74
C ALA TA 2 12.79 51.81 4.46
N GLU TA 3 11.69 52.03 3.73
CA GLU TA 3 10.37 51.82 4.31
C GLU TA 3 10.22 50.39 4.80
N ILE TA 4 10.71 49.42 4.02
CA ILE TA 4 10.67 48.03 4.46
C ILE TA 4 11.45 47.88 5.76
N LEU TA 5 12.62 48.52 5.82
CA LEU TA 5 13.47 48.38 7.00
C LEU TA 5 12.77 48.93 8.24
N LYS TA 6 12.18 50.12 8.13
CA LYS TA 6 11.50 50.68 9.29
C LYS TA 6 10.27 49.87 9.64
N ALA TA 7 9.62 49.27 8.65
CA ALA TA 7 8.54 48.34 8.94
C ALA TA 7 9.06 47.20 9.80
N ASP TA 8 10.20 46.64 9.41
CA ASP TA 8 10.82 45.57 10.19
C ASP TA 8 11.12 46.06 11.60
N ALA TA 9 11.61 47.29 11.72
CA ALA TA 9 11.91 47.85 13.03
C ALA TA 9 10.67 47.87 13.90
N GLU TA 10 9.57 48.34 13.35
CA GLU TA 10 8.32 48.38 14.11
C GLU TA 10 7.86 46.97 14.45
N ILE TA 11 8.04 46.04 13.53
CA ILE TA 11 7.74 44.64 13.81
C ILE TA 11 8.48 44.18 15.05
N LEU TA 12 9.79 44.35 15.04
CA LEU TA 12 10.59 43.87 16.15
C LEU TA 12 10.25 44.60 17.43
N LYS TA 13 9.93 45.89 17.34
CA LYS TA 13 9.49 46.62 18.52
C LYS TA 13 8.25 45.98 19.12
N ALA TA 14 7.25 45.70 18.27
CA ALA TA 14 6.05 45.06 18.76
C ALA TA 14 6.36 43.70 19.36
N TYR TA 15 7.27 42.96 18.74
CA TYR TA 15 7.64 41.66 19.28
C TYR TA 15 8.22 41.81 20.67
N ALA TA 16 9.12 42.79 20.84
CA ALA TA 16 9.70 43.04 22.15
C ALA TA 16 8.61 43.40 23.14
N LYS TA 17 7.61 44.16 22.70
CA LYS TA 17 6.52 44.51 23.60
C LYS TA 17 5.77 43.27 24.05
N ILE TA 18 5.48 42.38 23.10
CA ILE TA 18 4.84 41.12 23.46
C ILE TA 18 5.68 40.37 24.47
N LEU TA 19 6.99 40.34 24.24
CA LEU TA 19 7.88 39.60 25.11
C LEU TA 19 7.84 40.15 26.53
N GLU TA 20 8.00 41.47 26.66
CA GLU TA 20 8.03 42.05 28.00
C GLU TA 20 6.68 41.97 28.67
N ALA TA 21 5.59 41.97 27.90
CA ALA TA 21 4.27 41.80 28.51
C ALA TA 21 4.12 40.38 29.04
N HIS TA 22 4.49 39.38 28.25
CA HIS TA 22 4.52 38.01 28.74
C HIS TA 22 5.41 37.90 29.96
N ALA TA 23 6.50 38.67 29.98
CA ALA TA 23 7.39 38.66 31.13
C ALA TA 23 6.70 39.21 32.36
N GLU TA 24 5.97 40.31 32.20
CA GLU TA 24 5.25 40.90 33.33
C GLU TA 24 4.21 39.93 33.85
N ILE TA 25 3.53 39.22 32.95
CA ILE TA 25 2.55 38.23 33.38
C ILE TA 25 3.22 37.11 34.15
N LEU TA 26 4.36 36.60 33.63
CA LEU TA 26 5.11 35.59 34.34
C LEU TA 26 5.51 36.09 35.73
N LYS TA 27 5.92 37.35 35.81
CA LYS TA 27 6.27 37.95 37.09
C LYS TA 27 5.09 37.99 38.03
N ALA TA 28 3.90 38.29 37.51
CA ALA TA 28 2.69 38.26 38.32
C ALA TA 28 2.36 36.86 38.81
N GLN TA 29 2.79 35.84 38.09
CA GLN TA 29 2.57 34.46 38.52
C GLN TA 29 3.69 34.01 39.44
N GLN UA 1 -21.07 30.58 4.46
CA GLN UA 1 -21.84 30.82 5.66
C GLN UA 1 -22.62 29.58 6.06
N ALA UA 2 -23.07 28.82 5.05
CA ALA UA 2 -23.94 27.68 5.32
C ALA UA 2 -23.27 26.68 6.26
N GLU UA 3 -21.98 26.46 6.09
CA GLU UA 3 -21.24 25.56 6.96
C GLU UA 3 -21.43 25.90 8.43
N ILE UA 4 -21.62 27.18 8.75
CA ILE UA 4 -21.96 27.55 10.13
C ILE UA 4 -23.24 26.84 10.54
N LEU UA 5 -24.24 26.90 9.68
CA LEU UA 5 -25.49 26.23 9.99
C LEU UA 5 -25.29 24.72 10.06
N LYS UA 6 -24.38 24.19 9.23
CA LYS UA 6 -24.05 22.78 9.35
C LYS UA 6 -23.52 22.46 10.73
N ALA UA 7 -22.67 23.33 11.25
CA ALA UA 7 -22.16 23.13 12.60
C ALA UA 7 -23.28 23.19 13.62
N ASP UA 8 -24.21 24.12 13.43
CA ASP UA 8 -25.35 24.19 14.33
C ASP UA 8 -26.12 22.88 14.32
N ALA UA 9 -26.40 22.37 13.12
CA ALA UA 9 -27.09 21.09 13.00
C ALA UA 9 -26.29 19.99 13.66
N GLU UA 10 -24.96 20.07 13.60
CA GLU UA 10 -24.14 19.09 14.27
C GLU UA 10 -24.35 19.16 15.77
N ILE UA 11 -24.39 20.38 16.31
CA ILE UA 11 -24.70 20.58 17.72
C ILE UA 11 -26.00 19.85 18.07
N LEU UA 12 -27.04 20.14 17.29
CA LEU UA 12 -28.34 19.59 17.60
C LEU UA 12 -28.34 18.07 17.50
N LYS UA 13 -27.67 17.53 16.48
CA LYS UA 13 -27.62 16.09 16.32
C LYS UA 13 -26.88 15.46 17.49
N ALA UA 14 -25.85 16.14 17.98
CA ALA UA 14 -25.17 15.65 19.17
C ALA UA 14 -26.13 15.58 20.34
N TYR UA 15 -26.91 16.65 20.53
CA TYR UA 15 -27.88 16.64 21.61
C TYR UA 15 -28.86 15.49 21.44
N ALA UA 16 -29.27 15.24 20.21
CA ALA UA 16 -30.19 14.15 19.94
C ALA UA 16 -29.56 12.82 20.31
N LYS UA 17 -28.29 12.66 19.97
CA LYS UA 17 -27.60 11.44 20.34
C LYS UA 17 -27.54 11.29 21.85
N ILE UA 18 -27.37 12.41 22.56
CA ILE UA 18 -27.41 12.37 24.01
C ILE UA 18 -28.73 11.79 24.49
N LEU UA 19 -29.83 12.36 24.00
CA LEU UA 19 -31.14 11.90 24.46
C LEU UA 19 -31.34 10.44 24.09
N GLU UA 20 -30.90 10.05 22.89
CA GLU UA 20 -31.04 8.67 22.46
C GLU UA 20 -30.29 7.74 23.40
N ALA UA 21 -29.08 8.14 23.79
CA ALA UA 21 -28.33 7.32 24.72
C ALA UA 21 -29.03 7.24 26.06
N HIS UA 22 -29.62 8.35 26.51
CA HIS UA 22 -30.36 8.33 27.76
C HIS UA 22 -31.48 7.31 27.67
N ALA UA 23 -32.19 7.31 26.55
CA ALA UA 23 -33.24 6.32 26.34
C ALA UA 23 -32.65 4.92 26.34
N GLU UA 24 -31.48 4.75 25.75
CA GLU UA 24 -30.85 3.45 25.75
C GLU UA 24 -30.61 2.97 27.18
N ILE UA 25 -30.08 3.85 28.02
CA ILE UA 25 -29.92 3.55 29.44
C ILE UA 25 -31.24 3.08 30.02
N LEU UA 26 -32.25 3.94 29.93
CA LEU UA 26 -33.51 3.66 30.60
C LEU UA 26 -34.11 2.34 30.14
N LYS UA 27 -34.08 2.10 28.83
CA LYS UA 27 -34.51 0.82 28.28
C LYS UA 27 -33.71 -0.32 28.86
N ALA UA 28 -32.42 -0.11 29.08
CA ALA UA 28 -31.57 -1.19 29.55
C ALA UA 28 -31.96 -1.64 30.96
N GLN UA 29 -32.47 -0.73 31.77
CA GLN UA 29 -32.78 -1.04 33.16
C GLN UA 29 -33.73 -2.22 33.28
N GLN VA 1 -27.51 34.82 14.35
CA GLN VA 1 -27.35 33.42 14.68
C GLN VA 1 -27.21 33.23 16.18
N ALA VA 2 -26.59 34.23 16.82
CA ALA VA 2 -26.32 34.19 18.26
C ALA VA 2 -27.57 33.82 19.05
N GLU VA 3 -28.73 34.26 18.55
CA GLU VA 3 -29.99 33.86 19.16
C GLU VA 3 -30.11 32.34 19.19
N ILE VA 4 -29.73 31.67 18.10
CA ILE VA 4 -29.75 30.22 18.09
C ILE VA 4 -28.84 29.68 19.17
N LEU VA 5 -27.66 30.27 19.30
CA LEU VA 5 -26.69 29.79 20.27
C LEU VA 5 -27.23 29.90 21.69
N LYS VA 6 -27.80 31.06 22.03
CA LYS VA 6 -28.34 31.21 23.37
C LYS VA 6 -29.55 30.32 23.59
N ALA VA 7 -30.33 30.06 22.54
CA ALA VA 7 -31.38 29.06 22.64
C ALA VA 7 -30.79 27.72 23.03
N ASP VA 8 -29.71 27.32 22.35
CA ASP VA 8 -29.05 26.08 22.70
C ASP VA 8 -28.58 26.10 24.14
N ALA VA 9 -28.06 27.23 24.58
CA ALA VA 9 -27.59 27.34 25.96
C ALA VA 9 -28.73 27.08 26.92
N GLU VA 10 -29.88 27.69 26.68
CA GLU VA 10 -31.03 27.47 27.55
C GLU VA 10 -31.49 26.02 27.49
N ILE VA 11 -31.43 25.43 26.30
CA ILE VA 11 -31.72 24.00 26.14
C ILE VA 11 -30.87 23.20 27.09
N LEU VA 12 -29.57 23.37 27.00
CA LEU VA 12 -28.65 22.57 27.80
C LEU VA 12 -28.84 22.85 29.28
N LYS VA 13 -29.14 24.10 29.63
CA LYS VA 13 -29.44 24.42 31.02
C LYS VA 13 -30.62 23.60 31.52
N ALA VA 14 -31.69 23.60 30.74
CA ALA VA 14 -32.87 22.82 31.13
C ALA VA 14 -32.52 21.34 31.24
N TYR VA 15 -31.70 20.85 30.31
CA TYR VA 15 -31.30 19.46 30.38
C TYR VA 15 -30.56 19.16 31.67
N ALA VA 16 -29.64 20.05 32.03
CA ALA VA 16 -28.91 19.88 33.29
C ALA VA 16 -29.87 19.89 34.46
N LYS VA 17 -30.90 20.74 34.40
CA LYS VA 17 -31.88 20.77 35.47
C LYS VA 17 -32.59 19.45 35.58
N ILE VA 18 -33.01 18.90 34.44
CA ILE VA 18 -33.64 17.57 34.45
C ILE VA 18 -32.71 16.56 35.07
N LEU VA 19 -31.43 16.63 34.71
CA LEU VA 19 -30.47 15.65 35.19
C LEU VA 19 -30.34 15.74 36.71
N GLU VA 20 -30.14 16.94 37.23
CA GLU VA 20 -29.96 17.07 38.67
C GLU VA 20 -31.23 16.76 39.43
N ALA VA 21 -32.39 17.00 38.82
CA ALA VA 21 -33.63 16.62 39.49
C ALA VA 21 -33.77 15.11 39.56
N HIS VA 22 -33.51 14.42 38.45
CA HIS VA 22 -33.46 12.96 38.48
C HIS VA 22 -32.44 12.48 39.49
N ALA VA 23 -31.34 13.21 39.64
CA ALA VA 23 -30.33 12.86 40.63
C ALA VA 23 -30.86 12.99 42.04
N GLU VA 24 -31.58 14.08 42.32
CA GLU VA 24 -32.16 14.26 43.64
C GLU VA 24 -33.17 13.16 43.95
N ILE VA 25 -33.95 12.77 42.94
CA ILE VA 25 -34.90 11.68 43.15
C ILE VA 25 -34.17 10.37 43.44
N LEU VA 26 -33.12 10.09 42.67
CA LEU VA 26 -32.31 8.90 42.94
C LEU VA 26 -31.75 8.94 44.36
N LYS VA 27 -31.31 10.12 44.79
CA LYS VA 27 -30.80 10.29 46.14
C LYS VA 27 -31.88 10.01 47.17
N ALA VA 28 -33.12 10.44 46.90
CA ALA VA 28 -34.22 10.15 47.80
C ALA VA 28 -34.53 8.66 47.85
N GLN VA 29 -34.21 7.92 46.80
CA GLN VA 29 -34.41 6.48 46.79
C GLN VA 29 -33.20 5.78 47.40
N GLN WA 1 38.04 -1.01 33.52
CA GLN WA 1 37.84 -2.44 33.67
C GLN WA 1 36.82 -2.96 32.67
N ALA WA 2 35.82 -2.12 32.36
CA ALA WA 2 34.72 -2.56 31.51
C ALA WA 2 35.22 -3.04 30.16
N GLU WA 3 36.21 -2.35 29.60
CA GLU WA 3 36.78 -2.75 28.33
C GLU WA 3 37.22 -4.21 28.33
N ILE WA 4 37.64 -4.73 29.48
CA ILE WA 4 37.93 -6.16 29.57
C ILE WA 4 36.68 -6.95 29.21
N LEU WA 5 35.55 -6.56 29.80
CA LEU WA 5 34.30 -7.24 29.48
C LEU WA 5 33.93 -7.04 28.03
N LYS WA 6 34.26 -5.89 27.47
CA LYS WA 6 34.05 -5.68 26.04
C LYS WA 6 34.82 -6.70 25.23
N ALA WA 7 36.06 -6.95 25.64
CA ALA WA 7 36.86 -7.96 24.95
C ALA WA 7 36.23 -9.34 25.10
N ASP WA 8 35.71 -9.64 26.28
CA ASP WA 8 35.03 -10.91 26.47
C ASP WA 8 33.86 -11.04 25.50
N ALA WA 9 33.04 -9.99 25.43
CA ALA WA 9 31.92 -10.00 24.51
C ALA WA 9 32.41 -10.15 23.08
N GLU WA 10 33.57 -9.59 22.76
CA GLU WA 10 34.13 -9.76 21.43
C GLU WA 10 34.46 -11.22 21.18
N ILE WA 11 35.05 -11.88 22.18
CA ILE WA 11 35.30 -13.32 22.11
C ILE WA 11 34.01 -14.05 21.76
N LEU WA 12 32.98 -13.77 22.52
CA LEU WA 12 31.72 -14.50 22.35
C LEU WA 12 31.12 -14.22 20.99
N LYS WA 13 31.17 -12.97 20.54
CA LYS WA 13 30.63 -12.61 19.24
C LYS WA 13 31.40 -13.33 18.14
N ALA WA 14 32.71 -13.45 18.31
CA ALA WA 14 33.49 -14.22 17.36
C ALA WA 14 32.99 -15.65 17.30
N TYR WA 15 32.79 -16.27 18.47
CA TYR WA 15 32.28 -17.63 18.48
C TYR WA 15 30.95 -17.71 17.77
N ALA WA 16 30.10 -16.71 17.99
CA ALA WA 16 28.80 -16.69 17.33
C ALA WA 16 28.96 -16.62 15.83
N LYS WA 17 29.90 -15.80 15.37
CA LYS WA 17 30.16 -15.72 13.95
C LYS WA 17 30.63 -17.06 13.41
N ILE WA 18 31.43 -17.78 14.20
CA ILE WA 18 31.84 -19.12 13.82
C ILE WA 18 30.62 -19.99 13.57
N LEU WA 19 29.72 -20.04 14.56
CA LEU WA 19 28.56 -20.91 14.42
C LEU WA 19 27.71 -20.46 13.24
N GLU WA 20 27.58 -19.16 13.04
CA GLU WA 20 26.79 -18.65 11.93
C GLU WA 20 27.39 -19.09 10.61
N ALA WA 21 28.71 -19.04 10.50
CA ALA WA 21 29.35 -19.50 9.28
C ALA WA 21 29.14 -20.99 9.09
N HIS WA 22 29.19 -21.75 10.18
CA HIS WA 22 28.93 -23.18 10.06
C HIS WA 22 27.54 -23.42 9.50
N ALA WA 23 26.57 -22.66 10.01
CA ALA WA 23 25.22 -22.75 9.47
C ALA WA 23 25.19 -22.36 8.01
N GLU WA 24 25.97 -21.34 7.63
CA GLU WA 24 26.02 -20.95 6.24
C GLU WA 24 26.50 -22.10 5.38
N ILE WA 25 27.56 -22.77 5.81
CA ILE WA 25 28.03 -23.96 5.12
C ILE WA 25 26.90 -24.95 4.95
N LEU WA 26 26.31 -25.36 6.07
CA LEU WA 26 25.33 -26.44 6.03
C LEU WA 26 24.16 -26.08 5.12
N LYS WA 27 23.68 -24.84 5.22
CA LYS WA 27 22.65 -24.35 4.33
C LYS WA 27 23.10 -24.42 2.88
N ALA WA 28 24.37 -24.15 2.62
CA ALA WA 28 24.84 -24.13 1.24
C ALA WA 28 24.78 -25.51 0.61
N GLN WA 29 24.93 -26.56 1.40
CA GLN WA 29 24.99 -27.92 0.84
C GLN WA 29 23.75 -28.24 0.03
N GLN XA 1 37.20 -13.07 36.89
CA GLN XA 1 36.90 -13.13 35.46
C GLN XA 1 37.43 -14.42 34.87
N ALA XA 2 38.55 -14.89 35.43
CA ALA XA 2 39.23 -16.10 34.95
C ALA XA 2 38.26 -17.26 34.80
N GLU XA 3 37.25 -17.30 35.68
CA GLU XA 3 36.20 -18.30 35.55
C GLU XA 3 35.53 -18.19 34.19
N ILE XA 4 35.26 -16.98 33.74
CA ILE XA 4 34.68 -16.79 32.41
C ILE XA 4 35.61 -17.36 31.36
N LEU XA 5 36.91 -17.10 31.51
CA LEU XA 5 37.88 -17.55 30.51
C LEU XA 5 37.90 -19.07 30.43
N LYS XA 6 37.94 -19.74 31.58
CA LYS XA 6 37.97 -21.19 31.55
C LYS XA 6 36.65 -21.75 31.05
N ALA XA 7 35.55 -21.06 31.31
CA ALA XA 7 34.29 -21.44 30.70
C ALA XA 7 34.40 -21.40 29.18
N ASP XA 8 34.97 -20.32 28.66
CA ASP XA 8 35.20 -20.22 27.22
C ASP XA 8 36.06 -21.36 26.73
N ALA XA 9 37.09 -21.70 27.50
CA ALA XA 9 37.97 -22.79 27.11
C ALA XA 9 37.19 -24.08 26.97
N GLU XA 10 36.34 -24.38 27.95
CA GLU XA 10 35.54 -25.59 27.88
C GLU XA 10 34.57 -25.54 26.72
N ILE XA 11 34.02 -24.35 26.45
CA ILE XA 11 33.18 -24.16 25.28
C ILE XA 11 33.91 -24.60 24.03
N LEU XA 12 35.08 -24.02 23.81
CA LEU XA 12 35.82 -24.30 22.59
C LEU XA 12 36.23 -25.76 22.54
N LYS XA 13 36.56 -26.35 23.69
CA LYS XA 13 36.88 -27.77 23.71
C LYS XA 13 35.69 -28.59 23.21
N ALA XA 14 34.51 -28.30 23.72
CA ALA XA 14 33.32 -29.02 23.28
C ALA XA 14 33.09 -28.80 21.79
N TYR XA 15 33.32 -27.57 21.32
CA TYR XA 15 33.16 -27.30 19.90
C TYR XA 15 34.10 -28.16 19.08
N ALA XA 16 35.36 -28.25 19.52
CA ALA XA 16 36.32 -29.09 18.82
C ALA XA 16 35.87 -30.54 18.83
N LYS XA 17 35.28 -30.97 19.95
CA LYS XA 17 34.77 -32.34 20.00
C LYS XA 17 33.69 -32.55 18.98
N ILE XA 18 32.75 -31.62 18.89
CA ILE XA 18 31.71 -31.71 17.87
C ILE XA 18 32.33 -31.78 16.49
N LEU XA 19 33.35 -30.96 16.25
CA LEU XA 19 33.98 -30.92 14.94
C LEU XA 19 34.59 -32.26 14.59
N GLU XA 20 35.39 -32.81 15.51
CA GLU XA 20 36.06 -34.07 15.21
C GLU XA 20 35.08 -35.22 15.12
N ALA XA 21 33.97 -35.14 15.84
CA ALA XA 21 32.95 -36.18 15.71
C ALA XA 21 32.29 -36.12 14.35
N HIS XA 22 31.90 -34.92 13.92
CA HIS XA 22 31.39 -34.75 12.57
C HIS XA 22 32.42 -35.23 11.55
N ALA XA 23 33.71 -35.02 11.85
CA ALA XA 23 34.76 -35.49 10.96
C ALA XA 23 34.79 -37.00 10.89
N GLU XA 24 34.67 -37.67 12.03
CA GLU XA 24 34.65 -39.12 12.04
C GLU XA 24 33.46 -39.65 11.27
N ILE XA 25 32.32 -38.99 11.39
CA ILE XA 25 31.14 -39.41 10.65
C ILE XA 25 31.38 -39.23 9.15
N LEU XA 26 31.93 -38.10 8.75
CA LEU XA 26 32.28 -37.88 7.35
C LEU XA 26 33.23 -38.96 6.85
N LYS XA 27 34.19 -39.33 7.70
CA LYS XA 27 35.12 -40.40 7.34
C LYS XA 27 34.41 -41.72 7.17
N ALA XA 28 33.42 -42.01 8.01
CA ALA XA 28 32.63 -43.22 7.86
C ALA XA 28 31.81 -43.21 6.57
N GLN XA 29 31.47 -42.03 6.06
CA GLN XA 29 30.75 -41.93 4.80
C GLN XA 29 31.73 -41.92 3.63
N GLN YA 1 -6.40 -19.34 -32.11
CA GLN YA 1 -7.26 -18.87 -33.17
C GLN YA 1 -8.61 -18.42 -32.62
N ALA YA 2 -9.07 -19.10 -31.57
CA ALA YA 2 -10.40 -18.84 -31.05
C ALA YA 2 -10.56 -17.38 -30.63
N GLU YA 3 -9.51 -16.82 -30.03
CA GLU YA 3 -9.55 -15.42 -29.62
C GLU YA 3 -9.94 -14.50 -30.77
N ILE YA 4 -9.60 -14.86 -32.01
CA ILE YA 4 -10.09 -14.10 -33.15
C ILE YA 4 -11.60 -14.10 -33.16
N LEU YA 5 -12.19 -15.26 -32.97
CA LEU YA 5 -13.64 -15.36 -32.92
C LEU YA 5 -14.19 -14.58 -31.73
N LYS YA 6 -13.45 -14.58 -30.62
CA LYS YA 6 -13.86 -13.76 -29.49
C LYS YA 6 -13.93 -12.29 -29.89
N ALA YA 7 -12.95 -11.84 -30.64
CA ALA YA 7 -12.97 -10.46 -31.12
C ALA YA 7 -14.16 -10.22 -32.03
N ASP YA 8 -14.48 -11.19 -32.88
CA ASP YA 8 -15.65 -11.06 -33.74
C ASP YA 8 -16.90 -10.90 -32.89
N ALA YA 9 -17.05 -11.76 -31.89
CA ALA YA 9 -18.19 -11.66 -31.00
C ALA YA 9 -18.21 -10.31 -30.30
N GLU YA 10 -17.04 -9.77 -30.00
CA GLU YA 10 -16.98 -8.45 -29.38
C GLU YA 10 -17.53 -7.41 -30.35
N ILE YA 11 -17.13 -7.51 -31.61
CA ILE YA 11 -17.69 -6.63 -32.65
C ILE YA 11 -19.22 -6.69 -32.60
N LEU YA 12 -19.75 -7.90 -32.64
CA LEU YA 12 -21.19 -8.05 -32.73
C LEU YA 12 -21.86 -7.51 -31.47
N LYS YA 13 -21.28 -7.77 -30.31
CA LYS YA 13 -21.85 -7.28 -29.06
C LYS YA 13 -21.85 -5.76 -29.05
N ALA YA 14 -20.79 -5.16 -29.59
CA ALA YA 14 -20.77 -3.72 -29.71
C ALA YA 14 -21.92 -3.24 -30.56
N TYR YA 15 -22.13 -3.88 -31.70
CA TYR YA 15 -23.26 -3.50 -32.55
C TYR YA 15 -24.56 -3.63 -31.80
N ALA YA 16 -24.69 -4.68 -31.02
CA ALA YA 16 -25.90 -4.89 -30.24
C ALA YA 16 -26.09 -3.75 -29.24
N LYS YA 17 -25.00 -3.35 -28.59
CA LYS YA 17 -25.09 -2.23 -27.67
C LYS YA 17 -25.51 -0.97 -28.39
N ILE YA 18 -25.04 -0.80 -29.62
CA ILE YA 18 -25.49 0.34 -30.43
C ILE YA 18 -27.00 0.31 -30.57
N LEU YA 19 -27.53 -0.81 -31.03
CA LEU YA 19 -28.98 -0.90 -31.25
C LEU YA 19 -29.72 -0.68 -29.94
N GLU YA 20 -29.21 -1.24 -28.85
CA GLU YA 20 -29.84 -1.09 -27.56
C GLU YA 20 -29.90 0.38 -27.16
N ALA YA 21 -28.80 1.09 -27.40
CA ALA YA 21 -28.80 2.52 -27.09
C ALA YA 21 -29.79 3.26 -27.96
N HIS YA 22 -29.89 2.87 -29.23
CA HIS YA 22 -30.87 3.51 -30.11
C HIS YA 22 -32.26 3.32 -29.55
N ALA YA 23 -32.56 2.11 -29.09
CA ALA YA 23 -33.84 1.85 -28.45
C ALA YA 23 -34.00 2.70 -27.21
N GLU YA 24 -32.93 2.86 -26.44
CA GLU YA 24 -33.00 3.71 -25.26
C GLU YA 24 -33.41 5.12 -25.63
N ILE YA 25 -32.77 5.67 -26.66
CA ILE YA 25 -33.16 6.97 -27.19
C ILE YA 25 -34.65 6.99 -27.47
N LEU YA 26 -35.08 6.09 -28.35
CA LEU YA 26 -36.46 6.14 -28.84
C LEU YA 26 -37.45 6.03 -27.68
N LYS YA 27 -37.18 5.12 -26.76
CA LYS YA 27 -37.99 5.01 -25.55
C LYS YA 27 -38.00 6.30 -24.76
N ALA YA 28 -36.87 7.00 -24.74
CA ALA YA 28 -36.80 8.21 -23.94
C ALA YA 28 -37.70 9.30 -24.48
N GLN YA 29 -37.94 9.33 -25.79
CA GLN YA 29 -38.72 10.40 -26.39
C GLN YA 29 -40.09 10.51 -25.78
N GLN ZA 1 -12.53 -16.40 -42.66
CA GLN ZA 1 -13.15 -15.49 -41.69
C GLN ZA 1 -13.51 -14.18 -42.36
N ALA ZA 2 -12.71 -13.79 -43.35
CA ALA ZA 2 -12.88 -12.54 -44.06
C ALA ZA 2 -14.32 -12.36 -44.54
N GLU ZA 3 -14.96 -13.47 -44.88
CA GLU ZA 3 -16.37 -13.43 -45.23
C GLU ZA 3 -17.19 -12.85 -44.09
N ILE ZA 4 -16.89 -13.24 -42.86
CA ILE ZA 4 -17.58 -12.67 -41.72
C ILE ZA 4 -17.35 -11.18 -41.66
N LEU ZA 5 -16.11 -10.75 -41.90
CA LEU ZA 5 -15.79 -9.34 -41.83
C LEU ZA 5 -16.57 -8.53 -42.86
N LYS ZA 6 -16.60 -9.01 -44.10
CA LYS ZA 6 -17.35 -8.28 -45.12
C LYS ZA 6 -18.84 -8.33 -44.85
N ALA ZA 7 -19.33 -9.41 -44.24
CA ALA ZA 7 -20.71 -9.42 -43.78
C ALA ZA 7 -20.95 -8.29 -42.80
N ASP ZA 8 -20.04 -8.14 -41.83
CA ASP ZA 8 -20.14 -7.05 -40.87
C ASP ZA 8 -20.13 -5.71 -41.59
N ALA ZA 9 -19.28 -5.58 -42.60
CA ALA ZA 9 -19.21 -4.33 -43.34
C ALA ZA 9 -20.55 -4.01 -43.97
N GLU ZA 10 -21.18 -5.00 -44.60
CA GLU ZA 10 -22.48 -4.78 -45.21
C GLU ZA 10 -23.52 -4.45 -44.15
N ILE ZA 11 -23.43 -5.11 -42.99
CA ILE ZA 11 -24.30 -4.80 -41.87
C ILE ZA 11 -24.21 -3.31 -41.55
N LEU ZA 12 -23.00 -2.84 -41.30
CA LEU ZA 12 -22.82 -1.47 -40.89
C LEU ZA 12 -23.24 -0.51 -42.00
N LYS ZA 13 -23.02 -0.88 -43.26
CA LYS ZA 13 -23.49 -0.07 -44.36
C LYS ZA 13 -25.00 0.10 -44.31
N ALA ZA 14 -25.71 -1.02 -44.14
CA ALA ZA 14 -27.15 -0.96 -44.04
C ALA ZA 14 -27.58 -0.11 -42.85
N TYR ZA 15 -26.87 -0.24 -41.73
CA TYR ZA 15 -27.20 0.56 -40.57
C TYR ZA 15 -27.06 2.04 -40.88
N ALA ZA 16 -25.97 2.41 -41.55
CA ALA ZA 16 -25.77 3.79 -41.95
C ALA ZA 16 -26.89 4.26 -42.86
N LYS ZA 17 -27.34 3.38 -43.75
CA LYS ZA 17 -28.44 3.73 -44.62
C LYS ZA 17 -29.70 4.01 -43.82
N ILE ZA 18 -30.01 3.15 -42.85
CA ILE ZA 18 -31.15 3.40 -41.98
C ILE ZA 18 -31.01 4.74 -41.29
N LEU ZA 19 -29.79 5.03 -40.82
CA LEU ZA 19 -29.56 6.27 -40.09
C LEU ZA 19 -29.83 7.47 -40.98
N GLU ZA 20 -29.24 7.49 -42.17
CA GLU ZA 20 -29.41 8.65 -43.03
C GLU ZA 20 -30.84 8.76 -43.54
N ALA ZA 21 -31.54 7.64 -43.68
CA ALA ZA 21 -32.94 7.72 -44.07
C ALA ZA 21 -33.78 8.34 -42.96
N HIS ZA 22 -33.58 7.88 -41.73
CA HIS ZA 22 -34.23 8.51 -40.58
C HIS ZA 22 -33.86 9.99 -40.52
N ALA ZA 23 -32.63 10.32 -40.90
CA ALA ZA 23 -32.21 11.72 -40.91
C ALA ZA 23 -32.99 12.51 -41.96
N GLU ZA 24 -33.15 11.94 -43.14
CA GLU ZA 24 -33.92 12.63 -44.18
C GLU ZA 24 -35.36 12.83 -43.75
N ILE ZA 25 -35.94 11.84 -43.07
CA ILE ZA 25 -37.30 11.99 -42.56
C ILE ZA 25 -37.36 13.10 -41.52
N LEU ZA 26 -36.40 13.11 -40.59
CA LEU ZA 26 -36.34 14.20 -39.61
C LEU ZA 26 -36.24 15.54 -40.29
N LYS ZA 27 -35.43 15.61 -41.36
CA LYS ZA 27 -35.29 16.84 -42.13
C LYS ZA 27 -36.61 17.24 -42.77
N ALA ZA 28 -37.38 16.28 -43.26
CA ALA ZA 28 -38.68 16.57 -43.81
C ALA ZA 28 -39.66 17.07 -42.76
N GLN ZA 29 -39.45 16.70 -41.50
CA GLN ZA 29 -40.28 17.20 -40.42
C GLN ZA 29 -39.75 18.52 -39.89
N GLN AB 1 41.82 -6.83 -29.91
CA GLN AB 1 41.00 -6.46 -31.05
C GLN AB 1 39.63 -5.95 -30.60
N ALA AB 2 39.14 -6.52 -29.50
CA ALA AB 2 37.78 -6.20 -29.06
C ALA AB 2 37.62 -4.70 -28.81
N GLU AB 3 38.65 -4.08 -28.24
CA GLU AB 3 38.60 -2.64 -28.00
C GLU AB 3 38.27 -1.85 -29.24
N ILE AB 4 38.65 -2.35 -30.42
CA ILE AB 4 38.23 -1.71 -31.66
C ILE AB 4 36.71 -1.70 -31.73
N LEU AB 5 36.09 -2.84 -31.44
CA LEU AB 5 34.64 -2.92 -31.44
C LEU AB 5 34.05 -2.03 -30.37
N LYS AB 6 34.75 -1.90 -29.23
CA LYS AB 6 34.31 -0.96 -28.22
C LYS AB 6 34.26 0.45 -28.78
N ALA AB 7 35.28 0.82 -29.54
CA ALA AB 7 35.29 2.14 -30.16
C ALA AB 7 34.13 2.28 -31.13
N ASP AB 8 33.85 1.22 -31.89
CA ASP AB 8 32.72 1.26 -32.80
C ASP AB 8 31.42 1.52 -32.03
N ALA AB 9 31.23 0.78 -30.94
CA ALA AB 9 30.06 0.98 -30.11
C ALA AB 9 30.03 2.40 -29.57
N GLU AB 10 31.19 2.96 -29.28
CA GLU AB 10 31.23 4.34 -28.82
C GLU AB 10 30.74 5.28 -29.91
N ILE AB 11 31.17 5.04 -31.14
CA ILE AB 11 30.66 5.79 -32.29
C ILE AB 11 29.14 5.75 -32.30
N LEU AB 12 28.60 4.55 -32.23
CA LEU AB 12 27.16 4.39 -32.35
C LEU AB 12 26.44 5.06 -31.20
N LYS AB 13 26.98 4.93 -29.98
CA LYS AB 13 26.36 5.56 -28.83
C LYS AB 13 26.38 7.07 -28.97
N ALA AB 14 27.46 7.61 -29.54
CA ALA AB 14 27.51 9.03 -29.81
C ALA AB 14 26.39 9.41 -30.75
N TYR AB 15 26.21 8.65 -31.83
CA TYR AB 15 25.13 8.95 -32.76
C TYR AB 15 23.79 8.91 -32.05
N ALA AB 16 23.63 7.94 -31.16
CA ALA AB 16 22.37 7.82 -30.41
C ALA AB 16 22.17 9.06 -29.55
N LYS AB 17 23.23 9.53 -28.92
CA LYS AB 17 23.11 10.75 -28.12
C LYS AB 17 22.74 11.92 -29.00
N ILE AB 18 23.25 11.96 -30.22
CA ILE AB 18 22.85 13.00 -31.17
C ILE AB 18 21.34 12.97 -31.36
N LEU AB 19 20.83 11.80 -31.72
CA LEU AB 19 19.39 11.70 -31.98
C LEU AB 19 18.59 12.06 -30.73
N GLU AB 20 19.06 11.61 -29.57
CA GLU AB 20 18.37 11.91 -28.34
C GLU AB 20 18.31 13.41 -28.10
N ALA AB 21 19.42 14.10 -28.37
CA ALA AB 21 19.43 15.54 -28.21
C ALA AB 21 18.48 16.19 -29.20
N HIS AB 22 18.43 15.67 -30.42
CA HIS AB 22 17.50 16.21 -31.40
C HIS AB 22 16.07 16.09 -30.89
N ALA AB 23 15.74 14.94 -30.31
CA ALA AB 23 14.45 14.75 -29.70
C ALA AB 23 14.24 15.74 -28.56
N GLU AB 24 15.27 15.98 -27.78
CA GLU AB 24 15.17 16.94 -26.70
C GLU AB 24 14.79 18.32 -27.24
N ILE AB 25 15.47 18.74 -28.29
CA ILE AB 25 15.11 19.99 -28.97
C ILE AB 25 13.63 19.98 -29.33
N LEU AB 26 13.23 18.98 -30.12
CA LEU AB 26 11.88 18.99 -30.66
C LEU AB 26 10.85 19.01 -29.55
N LYS AB 27 11.06 18.21 -28.51
CA LYS AB 27 10.20 18.23 -27.33
C LYS AB 27 10.18 19.60 -26.70
N ALA AB 28 11.31 20.29 -26.70
CA ALA AB 28 11.36 21.58 -26.03
C ALA AB 28 10.48 22.62 -26.72
N GLN AB 29 10.30 22.50 -28.04
CA GLN AB 29 9.56 23.49 -28.79
C GLN AB 29 8.16 23.68 -28.24
N GLN BB 1 36.14 -5.04 -40.95
CA GLN BB 1 35.50 -4.03 -40.12
C GLN BB 1 35.17 -2.79 -40.93
N ALA BB 2 36.01 -2.51 -41.93
CA ALA BB 2 35.89 -1.34 -42.78
C ALA BB 2 34.47 -1.21 -43.33
N GLU BB 3 33.83 -2.35 -43.58
CA GLU BB 3 32.43 -2.34 -43.99
C GLU BB 3 31.57 -1.63 -42.95
N ILE BB 4 31.83 -1.90 -41.67
CA ILE BB 4 31.08 -1.20 -40.62
C ILE BB 4 31.34 0.30 -40.73
N LEU BB 5 32.58 0.68 -40.97
CA LEU BB 5 32.91 2.09 -41.03
C LEU BB 5 32.18 2.78 -42.17
N LYS BB 6 32.19 2.17 -43.35
CA LYS BB 6 31.50 2.78 -44.48
C LYS BB 6 30.00 2.79 -44.27
N ALA BB 7 29.47 1.78 -43.57
CA ALA BB 7 28.08 1.82 -43.16
C ALA BB 7 27.80 3.05 -42.32
N ASP BB 8 28.67 3.29 -41.33
CA ASP BB 8 28.55 4.49 -40.51
C ASP BB 8 28.59 5.74 -41.37
N ALA BB 9 29.48 5.77 -42.35
CA ALA BB 9 29.60 6.92 -43.22
C ALA BB 9 28.28 7.18 -43.93
N GLU BB 10 27.68 6.12 -44.48
CA GLU BB 10 26.40 6.28 -45.16
C GLU BB 10 25.32 6.73 -44.18
N ILE BB 11 25.36 6.20 -42.97
CA ILE BB 11 24.45 6.65 -41.91
C ILE BB 11 24.53 8.15 -41.76
N LEU BB 12 25.75 8.64 -41.51
CA LEU BB 12 25.92 10.05 -41.25
C LEU BB 12 25.55 10.88 -42.47
N LYS BB 13 25.83 10.37 -43.67
CA LYS BB 13 25.40 11.07 -44.87
C LYS BB 13 23.89 11.24 -44.90
N ALA BB 14 23.17 10.15 -44.63
CA ALA BB 14 21.71 10.23 -44.60
C ALA BB 14 21.25 11.21 -43.53
N TYR BB 15 21.92 11.20 -42.38
CA TYR BB 15 21.55 12.13 -41.32
C TYR BB 15 21.72 13.56 -41.79
N ALA BB 16 22.84 13.85 -42.45
CA ALA BB 16 23.05 15.18 -42.98
C ALA BB 16 21.98 15.54 -43.99
N LYS BB 17 21.56 14.57 -44.79
CA LYS BB 17 20.50 14.84 -45.75
C LYS BB 17 19.21 15.22 -45.03
N ILE BB 18 18.86 14.46 -44.00
CA ILE BB 18 17.69 14.81 -43.20
C ILE BB 18 17.82 16.22 -42.65
N LEU BB 19 19.01 16.55 -42.17
CA LEU BB 19 19.23 17.86 -41.57
C LEU BB 19 19.00 18.96 -42.59
N GLU BB 20 19.63 18.84 -43.76
CA GLU BB 20 19.52 19.90 -44.74
C GLU BB 20 18.10 19.96 -45.32
N ALA BB 21 17.40 18.84 -45.37
CA ALA BB 21 16.02 18.89 -45.81
C ALA BB 21 15.14 19.63 -44.82
N HIS BB 22 15.29 19.29 -43.53
CA HIS BB 22 14.59 20.05 -42.49
C HIS BB 22 14.97 21.52 -42.57
N ALA BB 23 16.22 21.81 -42.94
CA ALA BB 23 16.66 23.19 -43.09
C ALA BB 23 15.93 23.87 -44.23
N GLU BB 24 15.79 23.18 -45.36
CA GLU BB 24 15.08 23.75 -46.50
C GLU BB 24 13.62 24.01 -46.15
N ILE BB 25 13.02 23.10 -45.39
CA ILE BB 25 11.64 23.31 -44.96
C ILE BB 25 11.55 24.52 -44.05
N LEU BB 26 12.46 24.64 -43.09
CA LEU BB 26 12.49 25.81 -42.23
C LEU BB 26 12.64 27.09 -43.06
N LYS BB 27 13.48 27.03 -44.09
CA LYS BB 27 13.67 28.17 -44.98
C LYS BB 27 12.38 28.51 -45.71
N ALA BB 28 11.63 27.49 -46.13
CA ALA BB 28 10.34 27.73 -46.76
C ALA BB 28 9.33 28.34 -45.80
N GLN BB 29 9.49 28.12 -44.51
CA GLN BB 29 8.61 28.73 -43.52
C GLN BB 29 9.13 30.10 -43.13
N GLN CB 1 -8.00 -20.87 31.63
CA GLN CB 1 -8.20 -22.31 31.62
C GLN CB 1 -9.26 -22.73 30.61
N ALA CB 2 -10.27 -21.86 30.43
CA ALA CB 2 -11.40 -22.21 29.59
C ALA CB 2 -10.95 -22.54 28.17
N GLU CB 3 -9.98 -21.78 27.66
CA GLU CB 3 -9.45 -22.04 26.32
C GLU CB 3 -9.02 -23.48 26.15
N ILE CB 4 -8.55 -24.13 27.22
CA ILE CB 4 -8.27 -25.56 27.14
C ILE CB 4 -9.52 -26.31 26.74
N LEU CB 5 -10.63 -25.99 27.40
CA LEU CB 5 -11.89 -26.64 27.06
C LEU CB 5 -12.32 -26.29 25.64
N LYS CB 6 -12.02 -25.06 25.21
CA LYS CB 6 -12.27 -24.70 23.82
C LYS CB 6 -11.53 -25.62 22.88
N ALA CB 7 -10.27 -25.91 23.20
CA ALA CB 7 -9.50 -26.83 22.38
C ALA CB 7 -10.12 -28.22 22.40
N ASP CB 8 -10.60 -28.66 23.56
CA ASP CB 8 -11.27 -29.95 23.63
C ASP CB 8 -12.47 -29.97 22.70
N ALA CB 9 -13.29 -28.92 22.77
CA ALA CB 9 -14.44 -28.82 21.89
C ALA CB 9 -14.01 -28.82 20.44
N GLU CB 10 -12.86 -28.22 20.15
CA GLU CB 10 -12.36 -28.24 18.79
C GLU CB 10 -12.04 -29.67 18.36
N ILE CB 11 -11.40 -30.43 19.26
CA ILE CB 11 -11.15 -31.85 19.01
C ILE CB 11 -12.46 -32.53 18.62
N LEU CB 12 -13.48 -32.35 19.46
CA LEU CB 12 -14.72 -33.06 19.25
C LEU CB 12 -15.37 -32.64 17.96
N LYS CB 13 -15.34 -31.33 17.66
CA LYS CB 13 -15.93 -30.85 16.41
C LYS CB 13 -15.20 -31.42 15.21
N ALA CB 14 -13.89 -31.56 15.33
CA ALA CB 14 -13.14 -32.22 14.27
C ALA CB 14 -13.64 -33.64 14.07
N TYR CB 15 -13.80 -34.38 15.16
CA TYR CB 15 -14.30 -35.73 15.05
C TYR CB 15 -15.67 -35.74 14.38
N ALA CB 16 -16.50 -34.78 14.73
CA ALA CB 16 -17.83 -34.69 14.14
C ALA CB 16 -17.72 -34.45 12.65
N LYS CB 17 -16.80 -33.58 12.25
CA LYS CB 17 -16.60 -33.34 10.82
C LYS CB 17 -16.15 -34.61 10.14
N ILE CB 18 -15.33 -35.41 10.81
CA ILE CB 18 -14.93 -36.70 10.26
C ILE CB 18 -16.15 -37.54 9.96
N LEU CB 19 -17.01 -37.71 10.97
CA LEU CB 19 -18.18 -38.55 10.78
C LEU CB 19 -19.06 -37.99 9.68
N GLU CB 20 -19.22 -36.67 9.64
CA GLU CB 20 -20.04 -36.04 8.63
C GLU CB 20 -19.49 -36.33 7.24
N ALA CB 21 -18.17 -36.26 7.09
CA ALA CB 21 -17.58 -36.58 5.81
C ALA CB 21 -17.80 -38.04 5.46
N HIS CB 22 -17.70 -38.92 6.45
CA HIS CB 22 -17.96 -40.32 6.19
C HIS CB 22 -19.37 -40.51 5.66
N ALA CB 23 -20.33 -39.82 6.27
CA ALA CB 23 -21.69 -39.85 5.78
C ALA CB 23 -21.77 -39.30 4.37
N GLU CB 24 -21.02 -38.24 4.09
CA GLU CB 24 -21.01 -37.69 2.75
C GLU CB 24 -20.57 -38.74 1.74
N ILE CB 25 -19.49 -39.45 2.06
CA ILE CB 25 -19.04 -40.56 1.22
C ILE CB 25 -20.18 -41.52 0.99
N LEU CB 26 -20.73 -42.06 2.07
CA LEU CB 26 -21.71 -43.12 1.95
C LEU CB 26 -22.91 -42.67 1.13
N LYS CB 27 -23.39 -41.47 1.39
CA LYS CB 27 -24.46 -40.88 0.59
C LYS CB 27 -24.06 -40.79 -0.87
N ALA CB 28 -22.80 -40.49 -1.14
CA ALA CB 28 -22.39 -40.31 -2.52
C ALA CB 28 -22.47 -41.60 -3.31
N GLN CB 29 -22.28 -42.74 -2.66
CA GLN CB 29 -22.24 -44.02 -3.35
C GLN CB 29 -23.51 -44.26 -4.15
N GLN DB 1 -8.72 -33.24 33.64
CA GLN DB 1 -9.06 -33.15 32.23
C GLN DB 1 -8.54 -34.36 31.49
N ALA DB 2 -7.41 -34.89 31.95
CA ALA DB 2 -6.76 -36.02 31.31
C ALA DB 2 -7.73 -37.17 31.07
N GLU DB 3 -8.70 -37.31 31.97
CA GLU DB 3 -9.75 -38.29 31.76
C GLU DB 3 -10.48 -38.04 30.45
N ILE DB 4 -10.77 -36.77 30.15
CA ILE DB 4 -11.39 -36.45 28.87
C ILE DB 4 -10.49 -36.88 27.74
N LEU DB 5 -9.19 -36.64 27.86
CA LEU DB 5 -8.28 -36.98 26.80
C LEU DB 5 -8.25 -38.47 26.54
N LYS DB 6 -8.16 -39.27 27.60
CA LYS DB 6 -8.14 -40.72 27.41
C LYS DB 6 -9.47 -41.22 26.89
N ALA DB 7 -10.56 -40.56 27.28
CA ALA DB 7 -11.85 -40.87 26.67
C ALA DB 7 -11.78 -40.67 25.17
N ASP DB 8 -11.24 -39.54 24.74
CA ASP DB 8 -11.06 -39.28 23.32
C ASP DB 8 -10.22 -40.35 22.68
N ALA DB 9 -9.16 -40.77 23.36
CA ALA DB 9 -8.29 -41.80 22.83
C ALA DB 9 -9.08 -43.08 22.58
N GLU DB 10 -9.89 -43.49 23.54
CA GLU DB 10 -10.69 -44.69 23.37
C GLU DB 10 -11.70 -44.51 22.25
N ILE DB 11 -12.27 -43.30 22.14
CA ILE DB 11 -13.16 -42.97 21.03
C ILE DB 11 -12.47 -43.27 19.71
N LEU DB 12 -11.30 -42.67 19.52
CA LEU DB 12 -10.61 -42.81 18.25
C LEU DB 12 -10.20 -44.24 18.01
N LYS DB 13 -9.84 -44.96 19.08
CA LYS DB 13 -9.52 -46.38 18.94
C LYS DB 13 -10.71 -47.14 18.38
N ALA DB 14 -11.89 -46.92 18.98
CA ALA DB 14 -13.09 -47.58 18.49
C ALA DB 14 -13.36 -47.19 17.05
N TYR DB 15 -13.15 -45.93 16.71
CA TYR DB 15 -13.37 -45.50 15.33
C TYR DB 15 -12.46 -46.25 14.40
N ALA DB 16 -11.19 -46.38 14.76
CA ALA DB 16 -10.24 -47.14 13.95
C ALA DB 16 -10.70 -48.58 13.81
N LYS DB 17 -11.24 -49.15 14.89
CA LYS DB 17 -11.74 -50.51 14.81
C LYS DB 17 -12.88 -50.62 13.80
N ILE DB 18 -13.82 -49.68 13.86
CA ILE DB 18 -14.89 -49.65 12.88
C ILE DB 18 -14.33 -49.58 11.48
N LEU DB 19 -13.32 -48.72 11.29
CA LEU DB 19 -12.74 -48.53 9.98
C LEU DB 19 -12.13 -49.83 9.47
N GLU DB 20 -11.30 -50.48 10.28
CA GLU DB 20 -10.63 -51.69 9.80
C GLU DB 20 -11.63 -52.82 9.62
N ALA DB 21 -12.71 -52.83 10.40
CA ALA DB 21 -13.73 -53.86 10.19
C ALA DB 21 -14.44 -53.65 8.87
N HIS DB 22 -14.84 -52.41 8.59
CA HIS DB 22 -15.40 -52.09 7.28
C HIS DB 22 -14.42 -52.45 6.17
N ALA DB 23 -13.12 -52.28 6.45
CA ALA DB 23 -12.09 -52.62 5.48
C ALA DB 23 -12.06 -54.12 5.23
N GLU DB 24 -12.14 -54.91 6.31
CA GLU DB 24 -12.16 -56.36 6.16
C GLU DB 24 -13.38 -56.81 5.37
N ILE DB 25 -14.52 -56.17 5.61
CA ILE DB 25 -15.73 -56.51 4.86
C ILE DB 25 -15.54 -56.17 3.39
N LEU DB 26 -15.00 -54.98 3.10
CA LEU DB 26 -14.71 -54.61 1.72
C LEU DB 26 -13.78 -55.62 1.07
N LYS DB 27 -12.79 -56.08 1.83
CA LYS DB 27 -11.86 -57.09 1.33
C LYS DB 27 -12.58 -58.39 1.03
N ALA DB 28 -13.54 -58.78 1.87
CA ALA DB 28 -14.34 -59.97 1.61
C ALA DB 28 -15.20 -59.82 0.37
N GLN DB 29 -15.55 -58.60 0.00
CA GLN DB 29 -16.32 -58.36 -1.21
C GLN DB 29 -15.39 -58.21 -2.40
N GLN EB 1 26.04 46.77 0.41
CA GLN EB 1 25.21 47.14 1.56
C GLN EB 1 24.42 45.94 2.06
N ALA EB 2 24.01 45.08 1.14
CA ALA EB 2 23.13 43.97 1.50
C ALA EB 2 23.76 43.09 2.57
N GLU EB 3 25.07 42.87 2.47
CA GLU EB 3 25.77 42.07 3.46
C GLU EB 3 25.54 42.57 4.88
N ILE EB 4 25.33 43.87 5.04
CA ILE EB 4 24.95 44.40 6.35
C ILE EB 4 23.65 43.73 6.80
N LEU EB 5 22.68 43.69 5.91
CA LEU EB 5 21.41 43.05 6.23
C LEU EB 5 21.61 41.57 6.48
N LYS EB 6 22.55 40.95 5.76
CA LYS EB 6 22.88 39.55 6.04
C LYS EB 6 23.36 39.40 7.47
N ALA EB 7 24.20 40.32 7.92
CA ALA EB 7 24.67 40.28 9.31
C ALA EB 7 23.51 40.45 10.27
N ASP EB 8 22.57 41.35 9.94
CA ASP EB 8 21.41 41.51 10.79
C ASP EB 8 20.64 40.21 10.90
N ALA EB 9 20.40 39.56 9.76
CA ALA EB 9 19.72 38.28 9.76
C ALA EB 9 20.49 37.26 10.57
N GLU EB 10 21.82 37.34 10.54
CA GLU EB 10 22.61 36.43 11.35
C GLU EB 10 22.36 36.69 12.83
N ILE EB 11 22.30 37.95 13.22
CA ILE EB 11 21.93 38.31 14.59
C ILE EB 11 20.62 37.63 14.97
N LEU EB 12 19.62 37.81 14.12
CA LEU EB 12 18.30 37.30 14.45
C LEU EB 12 18.30 35.79 14.52
N LYS EB 13 19.01 35.13 13.59
CA LYS EB 13 19.08 33.69 13.60
C LYS EB 13 19.77 33.20 14.85
N ALA EB 14 20.78 33.92 15.30
CA ALA EB 14 21.43 33.58 16.56
C ALA EB 14 20.41 33.64 17.70
N TYR EB 15 19.64 34.71 17.75
CA TYR EB 15 18.62 34.83 18.79
C TYR EB 15 17.65 33.66 18.71
N ALA EB 16 17.28 33.27 17.50
CA ALA EB 16 16.38 32.15 17.32
C ALA EB 16 16.99 30.87 17.85
N LYS EB 17 18.28 30.68 17.59
CA LYS EB 17 18.95 29.50 18.13
C LYS EB 17 18.96 29.54 19.64
N ILE EB 18 19.10 30.72 20.22
CA ILE EB 18 19.01 30.86 21.67
C ILE EB 18 17.67 30.33 22.15
N LEU EB 19 16.59 30.84 21.58
CA LEU EB 19 15.26 30.42 22.02
C LEU EB 19 15.08 28.93 21.81
N GLU EB 20 15.57 28.41 20.69
CA GLU EB 20 15.44 26.98 20.42
C GLU EB 20 16.17 26.17 21.47
N ALA EB 21 17.35 26.62 21.86
CA ALA EB 21 18.07 25.91 22.90
C ALA EB 21 17.32 25.99 24.23
N HIS EB 22 16.72 27.14 24.52
CA HIS EB 22 15.94 27.24 25.74
C HIS EB 22 14.81 26.23 25.73
N ALA EB 23 14.14 26.10 24.58
CA ALA EB 23 13.11 25.08 24.44
C ALA EB 23 13.69 23.69 24.64
N GLU EB 24 14.89 23.46 24.11
CA GLU EB 24 15.53 22.17 24.28
C GLU EB 24 15.71 21.85 25.76
N ILE EB 25 16.21 22.83 26.52
CA ILE EB 25 16.32 22.69 27.96
C ILE EB 25 14.98 22.29 28.54
N LEU EB 26 13.97 23.12 28.32
CA LEU EB 26 12.69 22.91 28.98
C LEU EB 26 12.11 21.55 28.65
N LYS EB 27 12.18 21.17 27.37
CA LYS EB 27 11.78 19.84 26.96
C LYS EB 27 12.57 18.76 27.69
N ALA EB 28 13.84 19.01 27.93
CA ALA EB 28 14.66 17.98 28.56
C ALA EB 28 14.22 17.70 29.99
N GLN EB 29 13.69 18.69 30.67
CA GLN EB 29 13.34 18.53 32.08
C GLN EB 29 12.38 17.38 32.29
N GLN FB 1 19.24 52.07 9.53
CA GLN FB 1 19.38 50.71 10.02
C GLN FB 1 19.48 50.70 11.53
N ALA FB 2 20.07 51.76 12.08
CA ALA FB 2 20.29 51.89 13.52
C ALA FB 2 19.02 51.62 14.30
N GLU FB 3 17.87 51.98 13.73
CA GLU FB 3 16.59 51.64 14.33
C GLU FB 3 16.46 50.14 14.52
N ILE FB 4 16.88 49.36 13.53
CA ILE FB 4 16.85 47.91 13.69
C ILE FB 4 17.75 47.49 14.85
N LEU FB 5 18.92 48.11 14.96
CA LEU FB 5 19.85 47.74 16.01
C LEU FB 5 19.26 48.02 17.39
N LYS FB 6 18.66 49.20 17.57
CA LYS FB 6 18.09 49.50 18.87
C LYS FB 6 16.87 48.63 19.14
N ALA FB 7 16.13 48.25 18.10
CA ALA FB 7 15.08 47.27 18.27
C ALA FB 7 15.65 45.98 18.84
N ASP FB 8 16.75 45.50 18.25
CA ASP FB 8 17.42 44.31 18.75
C ASP FB 8 17.82 44.49 20.20
N ALA FB 9 18.34 45.68 20.53
CA ALA FB 9 18.75 45.96 21.89
C ALA FB 9 17.58 45.79 22.85
N GLU FB 10 16.43 46.37 22.49
CA GLU FB 10 15.26 46.25 23.35
C GLU FB 10 14.80 44.80 23.43
N ILE FB 11 14.90 44.06 22.31
CA ILE FB 11 14.61 42.63 22.31
C ILE FB 11 15.43 41.94 23.38
N LEU FB 12 16.75 42.11 23.31
CA LEU FB 12 17.63 41.41 24.23
C LEU FB 12 17.38 41.86 25.65
N LYS FB 13 17.07 43.14 25.86
CA LYS FB 13 16.72 43.61 27.19
C LYS FB 13 15.53 42.85 27.74
N ALA FB 14 14.48 42.75 26.93
CA ALA FB 14 13.30 42.01 27.36
C ALA FB 14 13.64 40.57 27.64
N TYR FB 15 14.49 39.98 26.82
CA TYR FB 15 14.89 38.60 27.05
C TYR FB 15 15.58 38.46 28.39
N ALA FB 16 16.49 39.37 28.68
CA ALA FB 16 17.18 39.36 29.97
C ALA FB 16 16.17 39.50 31.10
N LYS FB 17 15.15 40.33 30.91
CA LYS FB 17 14.13 40.48 31.93
C LYS FB 17 13.41 39.17 32.17
N ILE FB 18 13.03 38.49 31.09
CA ILE FB 18 12.40 37.18 31.22
C ILE FB 18 13.32 36.24 31.99
N LEU FB 19 14.61 36.27 31.65
CA LEU FB 19 15.56 35.37 32.28
C LEU FB 19 15.62 35.62 33.79
N GLU FB 20 15.81 36.88 34.18
CA GLU FB 20 15.95 37.17 35.60
C GLU FB 20 14.64 36.94 36.35
N ALA FB 21 13.50 37.10 35.67
CA ALA FB 21 12.24 36.80 36.33
C ALA FB 21 12.10 35.31 36.57
N HIS FB 22 12.40 34.49 35.55
CA HIS FB 22 12.45 33.05 35.75
C HIS FB 22 13.43 32.69 36.85
N ALA FB 23 14.52 33.44 36.95
CA ALA FB 23 15.50 33.20 38.00
C ALA FB 23 14.92 33.49 39.37
N GLU FB 24 14.19 34.60 39.50
CA GLU FB 24 13.56 34.93 40.77
C GLU FB 24 12.55 33.87 41.16
N ILE FB 25 11.80 33.36 40.19
CA ILE FB 25 10.84 32.29 40.48
C ILE FB 25 11.57 31.04 40.94
N LEU FB 26 12.65 30.66 40.25
CA LEU FB 26 13.44 29.52 40.68
C LEU FB 26 13.96 29.72 42.10
N LYS FB 27 14.37 30.95 42.41
CA LYS FB 27 14.83 31.27 43.75
C LYS FB 27 13.72 31.11 44.77
N ALA FB 28 12.50 31.50 44.41
CA ALA FB 28 11.36 31.30 45.29
C ALA FB 28 11.05 29.83 45.51
N GLN FB 29 11.40 28.97 44.55
CA GLN FB 29 11.21 27.54 44.71
C GLN FB 29 12.39 26.92 45.42
N GLN GB 1 -26.62 28.86 -3.81
CA GLN GB 1 -27.48 29.34 -2.75
C GLN GB 1 -28.29 28.19 -2.15
N ALA GB 2 -28.66 27.23 -2.99
CA ALA GB 2 -29.56 26.16 -2.55
C ALA GB 2 -28.96 25.40 -1.37
N GLU GB 3 -27.65 25.18 -1.39
CA GLU GB 3 -26.98 24.49 -0.29
C GLU GB 3 -27.28 25.14 1.05
N ILE GB 4 -27.49 26.46 1.07
CA ILE GB 4 -27.93 27.11 2.30
C ILE GB 4 -29.24 26.50 2.77
N LEU GB 5 -30.18 26.34 1.84
CA LEU GB 5 -31.45 25.74 2.19
C LEU GB 5 -31.27 24.28 2.60
N LYS GB 6 -30.30 23.59 1.98
CA LYS GB 6 -29.97 22.24 2.42
C LYS GB 6 -29.55 22.25 3.88
N ALA GB 7 -28.73 23.21 4.26
CA ALA GB 7 -28.32 23.32 5.65
C ALA GB 7 -29.52 23.59 6.55
N ASP GB 8 -30.44 24.43 6.10
CA ASP GB 8 -31.65 24.68 6.88
C ASP GB 8 -32.41 23.39 7.09
N ALA GB 9 -32.60 22.63 6.02
CA ALA GB 9 -33.28 21.35 6.13
C ALA GB 9 -32.54 20.43 7.08
N GLU GB 10 -31.21 20.52 7.09
CA GLU GB 10 -30.44 19.71 8.02
C GLU GB 10 -30.76 20.11 9.45
N ILE GB 11 -30.83 21.41 9.71
CA ILE GB 11 -31.26 21.90 11.01
C ILE GB 11 -32.58 21.25 11.40
N LEU GB 12 -33.55 21.35 10.50
CA LEU GB 12 -34.88 20.86 10.84
C LEU GB 12 -34.88 19.36 11.07
N LYS GB 13 -34.13 18.63 10.23
CA LYS GB 13 -34.06 17.19 10.40
C LYS GB 13 -33.42 16.83 11.73
N ALA GB 14 -32.43 17.61 12.13
CA ALA GB 14 -31.84 17.41 13.46
C ALA GB 14 -32.89 17.58 14.53
N TYR GB 15 -33.67 18.65 14.44
CA TYR GB 15 -34.72 18.86 15.42
C TYR GB 15 -35.70 17.68 15.43
N ALA GB 16 -36.01 17.18 14.25
CA ALA GB 16 -36.91 16.03 14.15
C ALA GB 16 -36.31 14.83 14.85
N LYS GB 17 -35.01 14.61 14.65
CA LYS GB 17 -34.36 13.50 15.33
C LYS GB 17 -34.41 13.69 16.84
N ILE GB 18 -34.30 14.94 17.30
CA ILE GB 18 -34.45 15.21 18.72
C ILE GB 18 -35.80 14.74 19.20
N LEU GB 19 -36.86 15.18 18.53
CA LEU GB 19 -38.20 14.80 18.97
C LEU GB 19 -38.38 13.29 18.91
N GLU GB 20 -37.84 12.66 17.87
CA GLU GB 20 -37.96 11.22 17.74
C GLU GB 20 -37.28 10.52 18.90
N ALA GB 21 -36.11 11.02 19.29
CA ALA GB 21 -35.42 10.42 20.43
C ALA GB 21 -36.22 10.63 21.70
N HIS GB 22 -36.84 11.80 21.85
CA HIS GB 22 -37.67 12.04 23.02
C HIS GB 22 -38.79 11.02 23.08
N ALA GB 23 -39.41 10.76 21.92
CA ALA GB 23 -40.43 9.73 21.85
C ALA GB 23 -39.86 8.37 22.21
N GLU GB 24 -38.64 8.09 21.75
CA GLU GB 24 -38.01 6.83 22.09
C GLU GB 24 -37.89 6.68 23.59
N ILE GB 25 -37.42 7.73 24.26
CA ILE GB 25 -37.37 7.74 25.72
C ILE GB 25 -38.73 7.39 26.29
N LEU GB 26 -39.73 8.19 25.94
CA LEU GB 26 -41.04 8.05 26.58
C LEU GB 26 -41.60 6.65 26.36
N LYS GB 27 -41.48 6.14 25.14
CA LYS GB 27 -41.86 4.77 24.85
C LYS GB 27 -41.11 3.78 25.72
N ALA GB 28 -39.84 4.05 25.98
CA ALA GB 28 -39.05 3.12 26.74
C ALA GB 28 -39.53 2.98 28.17
N GLN GB 29 -40.10 4.04 28.73
CA GLN GB 29 -40.51 4.03 30.13
C GLN GB 29 -41.47 2.89 30.43
N GLN HB 1 -33.78 35.04 4.43
CA GLN HB 1 -33.65 33.75 5.06
C GLN HB 1 -33.61 33.89 6.57
N ALA HB 2 -33.05 35.01 7.03
CA ALA HB 2 -32.89 35.28 8.45
C ALA HB 2 -34.19 35.09 9.21
N GLU HB 3 -35.31 35.38 8.55
CA GLU HB 3 -36.61 35.10 9.14
C GLU HB 3 -36.75 33.63 9.48
N ILE HB 4 -36.29 32.75 8.59
CA ILE HB 4 -36.31 31.32 8.90
C ILE HB 4 -35.48 31.05 10.13
N LEU HB 5 -34.31 31.67 10.22
CA LEU HB 5 -33.42 31.41 11.34
C LEU HB 5 -34.07 31.83 12.66
N LYS HB 6 -34.66 33.02 12.69
CA LYS HB 6 -35.30 33.46 13.93
C LYS HB 6 -36.51 32.62 14.25
N ALA HB 7 -37.21 32.12 13.22
CA ALA HB 7 -38.27 31.16 13.46
C ALA HB 7 -37.71 29.94 14.17
N ASP HB 8 -36.60 29.42 13.68
CA ASP HB 8 -35.95 28.28 14.34
C ASP HB 8 -35.60 28.62 15.77
N ALA HB 9 -35.10 29.83 15.99
CA ALA HB 9 -34.75 30.25 17.34
C ALA HB 9 -35.95 30.18 18.26
N GLU HB 10 -37.08 30.71 17.80
CA GLU HB 10 -38.29 30.67 18.61
C GLU HB 10 -38.74 29.23 18.82
N ILE HB 11 -38.60 28.40 17.80
CA ILE HB 11 -38.89 26.97 17.94
C ILE HB 11 -38.11 26.40 19.11
N LEU HB 12 -36.79 26.57 19.07
CA LEU HB 12 -35.95 25.98 20.09
C LEU HB 12 -36.25 26.57 21.45
N LYS HB 13 -36.58 27.86 21.51
CA LYS HB 13 -36.97 28.47 22.77
C LYS HB 13 -38.19 27.77 23.34
N ALA HB 14 -39.21 27.57 22.52
CA ALA HB 14 -40.41 26.88 22.97
C ALA HB 14 -40.07 25.47 23.42
N TYR HB 15 -39.18 24.80 22.68
CA TYR HB 15 -38.79 23.46 23.08
C TYR HB 15 -38.15 23.46 24.45
N ALA HB 16 -37.26 24.41 24.68
CA ALA HB 16 -36.64 24.53 26.00
C ALA HB 16 -37.67 24.79 27.07
N LYS HB 17 -38.68 25.58 26.75
CA LYS HB 17 -39.75 25.83 27.71
C LYS HB 17 -40.47 24.55 28.06
N ILE HB 18 -40.81 23.76 27.04
CA ILE HB 18 -41.44 22.47 27.28
C ILE HB 18 -40.56 21.62 28.18
N LEU HB 19 -39.26 21.63 27.90
CA LEU HB 19 -38.33 20.81 28.66
C LEU HB 19 -38.32 21.21 30.11
N GLU HB 20 -38.16 22.51 30.38
CA GLU HB 20 -38.07 22.94 31.77
C GLU HB 20 -39.41 22.78 32.48
N ALA HB 21 -40.52 22.87 31.76
CA ALA HB 21 -41.81 22.62 32.39
C ALA HB 21 -41.95 21.17 32.79
N HIS HB 22 -41.61 20.25 31.88
CA HIS HB 22 -41.57 18.85 32.22
C HIS HB 22 -40.63 18.60 33.38
N ALA HB 23 -39.54 19.37 33.45
CA ALA HB 23 -38.60 19.24 34.55
C ALA HB 23 -39.24 19.67 35.87
N GLU HB 24 -39.98 20.78 35.85
CA GLU HB 24 -40.66 21.24 37.06
C GLU HB 24 -41.69 20.22 37.52
N ILE HB 25 -42.39 19.61 36.57
CA ILE HB 25 -43.36 18.57 36.93
C ILE HB 25 -42.65 17.38 37.55
N LEU HB 26 -41.55 16.93 36.95
CA LEU HB 26 -40.76 15.86 37.53
C LEU HB 26 -40.31 16.21 38.93
N LYS HB 27 -39.90 17.46 39.13
CA LYS HB 27 -39.50 17.92 40.45
C LYS HB 27 -40.65 17.86 41.43
N ALA HB 28 -41.86 18.21 40.99
CA ALA HB 28 -43.03 18.10 41.85
C ALA HB 28 -43.35 16.66 42.19
N GLN HB 29 -42.95 15.70 41.36
CA GLN HB 29 -43.16 14.30 41.65
C GLN HB 29 -41.99 13.76 42.47
N GLN IB 1 45.60 -5.65 29.59
CA GLN IB 1 45.41 -7.09 29.45
C GLN IB 1 44.31 -7.40 28.44
N ALA IB 2 43.31 -6.53 28.37
CA ALA IB 2 42.15 -6.81 27.53
C ALA IB 2 42.55 -7.00 26.08
N GLU IB 3 43.52 -6.20 25.61
CA GLU IB 3 43.99 -6.32 24.24
C GLU IB 3 44.44 -7.74 23.92
N ILE IB 4 44.93 -8.49 24.91
CA ILE IB 4 45.22 -9.89 24.69
C ILE IB 4 43.95 -10.62 24.26
N LEU IB 5 42.86 -10.37 24.98
CA LEU IB 5 41.60 -10.99 24.63
C LEU IB 5 41.13 -10.50 23.26
N LYS IB 6 41.41 -9.25 22.93
CA LYS IB 6 41.10 -8.75 21.59
C LYS IB 6 41.83 -9.58 20.55
N ALA IB 7 43.10 -9.89 20.80
CA ALA IB 7 43.85 -10.73 19.88
C ALA IB 7 43.23 -12.12 19.79
N ASP IB 8 42.79 -12.66 20.91
CA ASP IB 8 42.12 -13.95 20.88
C ASP IB 8 40.89 -13.90 19.99
N ALA IB 9 40.07 -12.87 20.19
CA ALA IB 9 38.90 -12.70 19.35
C ALA IB 9 39.29 -12.57 17.89
N GLU IB 10 40.42 -11.93 17.63
CA GLU IB 10 40.88 -11.82 16.25
C GLU IB 10 41.19 -13.20 15.69
N ILE IB 11 41.86 -14.04 16.49
CA ILE IB 11 42.10 -15.43 16.11
C ILE IB 11 40.79 -16.08 15.70
N LEU IB 12 39.80 -15.98 16.58
CA LEU IB 12 38.55 -16.68 16.35
C LEU IB 12 37.85 -16.14 15.11
N LYS IB 13 37.88 -14.82 14.93
CA LYS IB 13 37.25 -14.21 13.76
C LYS IB 13 37.93 -14.67 12.49
N ALA IB 14 39.26 -14.82 12.55
CA ALA IB 14 39.98 -15.37 11.41
C ALA IB 14 39.48 -16.76 11.09
N TYR IB 15 39.35 -17.60 12.12
CA TYR IB 15 38.85 -18.95 11.89
C TYR IB 15 37.46 -18.90 11.28
N ALA IB 16 36.64 -17.98 11.74
CA ALA IB 16 35.29 -17.84 11.19
C ALA IB 16 35.36 -17.47 9.72
N LYS IB 17 36.26 -16.56 9.38
CA LYS IB 17 36.42 -16.19 7.99
C LYS IB 17 36.86 -17.38 7.16
N ILE IB 18 37.70 -18.23 7.74
CA ILE IB 18 38.09 -19.46 7.06
C ILE IB 18 36.85 -20.28 6.72
N LEU IB 19 36.04 -20.55 7.73
CA LEU IB 19 34.85 -21.37 7.51
C LEU IB 19 33.93 -20.72 6.49
N GLU IB 20 33.78 -19.41 6.58
CA GLU IB 20 32.93 -18.70 5.65
C GLU IB 20 33.43 -18.85 4.23
N ALA IB 21 34.74 -18.76 4.05
CA ALA IB 21 35.30 -18.95 2.72
C ALA IB 21 35.08 -20.37 2.24
N HIS IB 22 35.20 -21.34 3.15
CA HIS IB 22 34.94 -22.72 2.76
C HIS IB 22 33.51 -22.86 2.26
N ALA IB 23 32.58 -22.24 2.96
CA ALA IB 23 31.19 -22.23 2.51
C ALA IB 23 31.07 -21.55 1.16
N GLU IB 24 31.81 -20.48 0.96
CA GLU IB 24 31.78 -19.80 -0.32
C GLU IB 24 32.19 -20.74 -1.43
N ILE IB 25 33.29 -21.47 -1.23
CA ILE IB 25 33.71 -22.50 -2.17
C ILE IB 25 32.56 -23.45 -2.46
N LEU IB 26 32.05 -24.08 -1.41
CA LEU IB 26 31.07 -25.14 -1.60
C LEU IB 26 29.85 -24.62 -2.34
N LYS IB 27 29.37 -23.43 -1.96
CA LYS IB 27 28.28 -22.79 -2.67
C LYS IB 27 28.63 -22.55 -4.13
N ALA IB 28 29.88 -22.22 -4.41
CA ALA IB 28 30.25 -21.91 -5.77
C ALA IB 28 30.15 -23.14 -6.68
N GLN IB 29 30.37 -24.33 -6.13
CA GLN IB 29 30.39 -25.53 -6.95
C GLN IB 29 29.10 -25.72 -7.73
N GLN JB 1 44.98 -18.15 30.47
CA GLN JB 1 44.59 -17.93 29.09
C GLN JB 1 45.09 -19.06 28.21
N ALA JB 2 46.23 -19.62 28.59
CA ALA JB 2 46.88 -20.69 27.83
C ALA JB 2 45.90 -21.82 27.52
N GLU JB 3 44.95 -22.06 28.43
CA GLU JB 3 43.90 -23.02 28.16
C GLU JB 3 43.13 -22.65 26.91
N ILE JB 4 42.84 -21.36 26.73
CA ILE JB 4 42.17 -20.92 25.51
C ILE JB 4 43.03 -21.25 24.31
N LEU JB 5 44.33 -21.01 24.42
CA LEU JB 5 45.23 -21.24 23.29
C LEU JB 5 45.25 -22.70 22.91
N LYS JB 6 45.37 -23.59 23.89
CA LYS JB 6 45.39 -25.01 23.56
C LYS JB 6 44.04 -25.48 23.04
N ALA JB 7 42.96 -24.86 23.51
CA ALA JB 7 41.66 -25.13 22.92
C ALA JB 7 41.68 -24.79 21.44
N ASP JB 8 42.21 -23.61 21.11
CA ASP JB 8 42.34 -23.21 19.71
C ASP JB 8 43.17 -24.23 18.94
N ALA JB 9 44.25 -24.70 19.56
CA ALA JB 9 45.10 -25.68 18.91
C ALA JB 9 44.31 -26.92 18.55
N GLU JB 10 43.53 -27.43 19.51
CA GLU JB 10 42.73 -28.61 19.25
C GLU JB 10 41.68 -28.32 18.17
N ILE JB 11 41.12 -27.13 18.20
CA ILE JB 11 40.19 -26.71 17.14
C ILE JB 11 40.84 -26.87 15.79
N LEU JB 12 41.99 -26.25 15.62
CA LEU JB 12 42.65 -26.26 14.33
C LEU JB 12 43.06 -27.68 13.94
N LYS JB 13 43.46 -28.49 14.92
CA LYS JB 13 43.77 -29.88 14.64
C LYS JB 13 42.56 -30.59 14.06
N ALA JB 14 41.42 -30.43 14.70
CA ALA JB 14 40.20 -31.05 14.19
C ALA JB 14 39.87 -30.54 12.80
N TYR JB 15 40.07 -29.24 12.57
CA TYR JB 15 39.81 -28.69 11.25
C TYR JB 15 40.70 -29.35 10.22
N ALA JB 16 41.98 -29.51 10.54
CA ALA JB 16 42.90 -30.18 9.62
C ALA JB 16 42.44 -31.61 9.38
N LYS JB 17 41.94 -32.27 10.41
CA LYS JB 17 41.44 -33.62 10.22
C LYS JB 17 40.28 -33.64 9.24
N ILE JB 18 39.33 -32.72 9.41
CA ILE JB 18 38.22 -32.61 8.47
C ILE JB 18 38.75 -32.41 7.07
N LEU JB 19 39.76 -31.54 6.93
CA LEU JB 19 40.29 -31.22 5.62
C LEU JB 19 40.89 -32.45 4.97
N GLU JB 20 41.75 -33.17 5.70
CA GLU JB 20 42.40 -34.33 5.10
C GLU JB 20 41.41 -35.45 4.84
N ALA JB 21 40.35 -35.54 5.64
CA ALA JB 21 39.33 -36.55 5.37
C ALA JB 21 38.57 -36.22 4.09
N HIS JB 22 38.15 -34.96 3.95
CA HIS JB 22 37.56 -34.53 2.69
C HIS JB 22 38.51 -34.77 1.52
N ALA JB 23 39.81 -34.61 1.78
CA ALA JB 23 40.81 -34.86 0.74
C ALA JB 23 40.83 -36.34 0.37
N GLU JB 24 40.79 -37.22 1.35
CA GLU JB 24 40.77 -38.65 1.07
C GLU JB 24 39.53 -39.03 0.29
N ILE JB 25 38.39 -38.42 0.62
CA ILE JB 25 37.18 -38.70 -0.12
C ILE JB 25 37.31 -38.22 -1.56
N LEU JB 26 37.84 -37.01 -1.76
CA LEU JB 26 38.09 -36.52 -3.11
C LEU JB 26 39.00 -37.46 -3.87
N LYS JB 27 40.02 -37.99 -3.19
CA LYS JB 27 40.93 -38.93 -3.80
C LYS JB 27 40.21 -40.21 -4.20
N ALA JB 28 39.28 -40.67 -3.37
CA ALA JB 28 38.48 -41.84 -3.72
C ALA JB 28 37.58 -41.58 -4.92
N GLN JB 29 37.21 -40.33 -5.15
CA GLN JB 29 36.40 -39.98 -6.31
C GLN JB 29 37.30 -39.72 -7.52
N GLN KB 1 -9.82 -27.83 -27.82
CA GLN KB 1 -10.62 -27.60 -29.01
C GLN KB 1 -11.98 -27.04 -28.65
N ALA KB 2 -12.51 -27.49 -27.51
CA ALA KB 2 -13.88 -27.11 -27.14
C ALA KB 2 -14.03 -25.60 -27.05
N GLU KB 3 -13.02 -24.92 -26.53
CA GLU KB 3 -13.06 -23.46 -26.44
C GLU KB 3 -13.36 -22.81 -27.78
N ILE KB 4 -12.95 -23.44 -28.88
CA ILE KB 4 -13.35 -22.94 -30.19
C ILE KB 4 -14.87 -22.93 -30.30
N LEU KB 5 -15.49 -24.03 -29.90
CA LEU KB 5 -16.94 -24.11 -29.93
C LEU KB 5 -17.55 -23.10 -28.97
N LYS KB 6 -16.89 -22.85 -27.84
CA LYS KB 6 -17.34 -21.80 -26.94
C LYS KB 6 -17.37 -20.47 -27.65
N ALA KB 7 -16.34 -20.18 -28.43
CA ALA KB 7 -16.30 -18.94 -29.19
C ALA KB 7 -17.44 -18.90 -30.20
N ASP KB 8 -17.70 -20.03 -30.84
CA ASP KB 8 -18.83 -20.09 -31.78
C ASP KB 8 -20.12 -19.75 -31.07
N ALA KB 9 -20.35 -20.37 -29.93
CA ALA KB 9 -21.54 -20.07 -29.14
C ALA KB 9 -21.58 -18.61 -28.76
N GLU KB 10 -20.42 -18.02 -28.49
CA GLU KB 10 -20.38 -16.60 -28.19
C GLU KB 10 -20.85 -15.79 -29.38
N ILE KB 11 -20.39 -16.15 -30.58
CA ILE KB 11 -20.87 -15.54 -31.81
C ILE KB 11 -22.39 -15.56 -31.85
N LEU KB 12 -22.93 -16.76 -31.65
CA LEU KB 12 -24.37 -16.92 -31.79
C LEU KB 12 -25.11 -16.13 -30.74
N LYS KB 13 -24.61 -16.13 -29.51
CA LYS KB 13 -25.24 -15.38 -28.44
C LYS KB 13 -25.21 -13.89 -28.75
N ALA KB 14 -24.12 -13.42 -29.34
CA ALA KB 14 -24.07 -12.04 -29.77
C ALA KB 14 -25.16 -11.75 -30.78
N TYR KB 15 -25.31 -12.63 -31.76
CA TYR KB 15 -26.37 -12.44 -32.75
C TYR KB 15 -27.73 -12.40 -32.07
N ALA KB 16 -27.93 -13.26 -31.08
CA ALA KB 16 -29.18 -13.29 -30.35
C ALA KB 16 -29.41 -11.97 -29.64
N LYS KB 17 -28.36 -11.43 -29.03
CA LYS KB 17 -28.48 -10.14 -28.38
C LYS KB 17 -28.84 -9.07 -29.38
N ILE KB 18 -28.30 -9.16 -30.59
CA ILE KB 18 -28.67 -8.23 -31.65
C ILE KB 18 -30.18 -8.28 -31.88
N LEU KB 19 -30.69 -9.48 -32.12
CA LEU KB 19 -32.11 -9.60 -32.40
C LEU KB 19 -32.94 -9.12 -31.23
N GLU KB 20 -32.50 -9.43 -30.01
CA GLU KB 20 -33.22 -8.99 -28.82
C GLU KB 20 -33.27 -7.48 -28.76
N ALA KB 21 -32.16 -6.83 -29.07
CA ALA KB 21 -32.15 -5.37 -29.07
C ALA KB 21 -33.07 -4.84 -30.15
N HIS KB 22 -33.10 -5.50 -31.31
CA HIS KB 22 -34.01 -5.06 -32.36
C HIS KB 22 -35.44 -5.12 -31.87
N ALA KB 23 -35.78 -6.20 -31.17
CA ALA KB 23 -37.11 -6.32 -30.57
C ALA KB 23 -37.34 -5.21 -29.57
N GLU KB 24 -36.30 -4.89 -28.78
CA GLU KB 24 -36.44 -3.82 -27.82
C GLU KB 24 -36.80 -2.52 -28.51
N ILE KB 25 -36.10 -2.20 -29.59
CA ILE KB 25 -36.44 -1.04 -30.41
C ILE KB 25 -37.90 -1.08 -30.80
N LEU KB 26 -38.29 -2.15 -31.48
CA LEU KB 26 -39.63 -2.21 -32.05
C LEU KB 26 -40.69 -2.06 -30.97
N LYS KB 27 -40.50 -2.75 -29.85
CA LYS KB 27 -41.38 -2.60 -28.71
C LYS KB 27 -41.41 -1.16 -28.22
N ALA KB 28 -40.28 -0.48 -28.27
CA ALA KB 28 -40.24 0.88 -27.74
C ALA KB 28 -41.10 1.83 -28.56
N GLN KB 29 -41.24 1.57 -29.86
CA GLN KB 29 -41.97 2.49 -30.74
C GLN KB 29 -43.38 2.74 -30.24
N GLN LB 1 -15.24 -27.24 -39.11
CA GLN LB 1 -15.90 -26.14 -38.41
C GLN LB 1 -16.20 -25.01 -39.37
N ALA LB 2 -15.33 -24.85 -40.37
CA ALA LB 2 -15.45 -23.77 -41.34
C ALA LB 2 -16.84 -23.70 -41.93
N GLU LB 3 -17.49 -24.86 -42.08
CA GLU LB 3 -18.87 -24.90 -42.51
C GLU LB 3 -19.75 -24.08 -41.58
N ILE LB 4 -19.53 -24.20 -40.27
CA ILE LB 4 -20.28 -23.39 -39.33
C ILE LB 4 -20.03 -21.92 -39.58
N LEU LB 5 -18.78 -21.56 -39.83
CA LEU LB 5 -18.43 -20.16 -40.05
C LEU LB 5 -19.13 -19.60 -41.27
N LYS LB 6 -19.11 -20.34 -42.38
CA LYS LB 6 -19.77 -19.85 -43.58
C LYS LB 6 -21.28 -19.81 -43.39
N ALA LB 7 -21.82 -20.74 -42.60
CA ALA LB 7 -23.22 -20.66 -42.24
C ALA LB 7 -23.51 -19.35 -41.54
N ASP LB 8 -22.66 -18.99 -40.57
CA ASP LB 8 -22.80 -17.72 -39.88
C ASP LB 8 -22.73 -16.56 -40.87
N ALA LB 9 -21.82 -16.65 -41.82
CA ALA LB 9 -21.68 -15.60 -42.82
C ALA LB 9 -22.98 -15.42 -43.58
N GLU LB 10 -23.57 -16.52 -44.03
CA GLU LB 10 -24.83 -16.43 -44.76
C GLU LB 10 -25.93 -15.88 -43.85
N ILE LB 11 -25.92 -16.28 -42.58
CA ILE LB 11 -26.85 -15.72 -41.61
C ILE LB 11 -26.76 -14.21 -41.62
N LEU LB 12 -25.57 -13.69 -41.40
CA LEU LB 12 -25.39 -12.26 -41.28
C LEU LB 12 -25.73 -11.57 -42.60
N LYS LB 13 -25.44 -12.21 -43.73
CA LYS LB 13 -25.82 -11.65 -45.01
C LYS LB 13 -27.33 -11.48 -45.09
N ALA LB 14 -28.06 -12.53 -44.72
CA ALA LB 14 -29.52 -12.44 -44.73
C ALA LB 14 -29.99 -11.35 -43.78
N TYR LB 15 -29.35 -11.25 -42.62
CA TYR LB 15 -29.75 -10.21 -41.68
C TYR LB 15 -29.56 -8.83 -42.31
N ALA LB 16 -28.43 -8.62 -42.96
CA ALA LB 16 -28.19 -7.35 -43.63
C ALA LB 16 -29.24 -7.10 -44.69
N LYS LB 17 -29.64 -8.15 -45.40
CA LYS LB 17 -30.69 -7.99 -46.40
C LYS LB 17 -31.99 -7.53 -45.76
N ILE LB 18 -32.36 -8.16 -44.65
CA ILE LB 18 -33.56 -7.74 -43.93
C ILE LB 18 -33.43 -6.28 -43.54
N LEU LB 19 -32.25 -5.89 -43.05
CA LEU LB 19 -32.05 -4.53 -42.61
C LEU LB 19 -32.23 -3.54 -43.75
N GLU LB 20 -31.58 -3.79 -44.88
CA GLU LB 20 -31.68 -2.84 -45.98
C GLU LB 20 -33.06 -2.84 -46.58
N ALA LB 21 -33.78 -3.96 -46.52
CA ALA LB 21 -35.15 -3.96 -47.01
C ALA LB 21 -36.04 -3.12 -46.11
N HIS LB 22 -35.93 -3.31 -44.80
CA HIS LB 22 -36.63 -2.43 -43.86
C HIS LB 22 -36.26 -0.98 -44.10
N ALA LB 23 -35.00 -0.74 -44.46
CA ALA LB 23 -34.55 0.61 -44.76
C ALA LB 23 -35.25 1.17 -45.98
N GLU LB 24 -35.36 0.36 -47.04
CA GLU LB 24 -36.05 0.80 -48.24
C GLU LB 24 -37.50 1.10 -47.95
N ILE LB 25 -38.13 0.27 -47.11
CA ILE LB 25 -39.52 0.54 -46.75
C ILE LB 25 -39.64 1.84 -45.98
N LEU LB 26 -38.74 2.06 -45.01
CA LEU LB 26 -38.72 3.33 -44.28
C LEU LB 26 -38.55 4.50 -45.24
N LYS LB 27 -37.68 4.33 -46.23
CA LYS LB 27 -37.48 5.36 -47.24
C LYS LB 27 -38.74 5.62 -48.03
N ALA LB 28 -39.50 4.57 -48.36
CA ALA LB 28 -40.77 4.74 -49.04
C ALA LB 28 -41.79 5.46 -48.18
N GLN LB 29 -41.67 5.37 -46.86
CA GLN LB 29 -42.56 6.09 -45.96
C GLN LB 29 -42.04 7.50 -45.72
N GLN MB 1 45.01 1.73 -33.19
CA GLN MB 1 44.12 2.33 -34.19
C GLN MB 1 42.79 2.73 -33.56
N ALA MB 2 42.35 1.94 -32.57
CA ALA MB 2 41.02 2.17 -32.00
C ALA MB 2 40.89 3.58 -31.44
N GLU MB 3 41.96 4.08 -30.81
CA GLU MB 3 41.94 5.43 -30.27
C GLU MB 3 41.54 6.46 -31.32
N ILE MB 4 41.86 6.22 -32.59
CA ILE MB 4 41.36 7.09 -33.65
C ILE MB 4 39.84 7.12 -33.63
N LEU MB 5 39.24 5.94 -33.53
CA LEU MB 5 37.80 5.86 -33.47
C LEU MB 5 37.28 6.51 -32.20
N LYS MB 6 38.03 6.41 -31.11
CA LYS MB 6 37.66 7.12 -29.89
C LYS MB 6 37.60 8.61 -30.14
N ALA MB 7 38.57 9.14 -30.87
CA ALA MB 7 38.56 10.55 -31.21
C ALA MB 7 37.36 10.89 -32.07
N ASP MB 8 37.01 10.00 -33.01
CA ASP MB 8 35.83 10.23 -33.82
C ASP MB 8 34.59 10.32 -32.95
N ALA MB 9 34.45 9.37 -32.03
CA ALA MB 9 33.33 9.40 -31.10
C ALA MB 9 33.34 10.67 -30.28
N GLU MB 10 34.53 11.16 -29.95
CA GLU MB 10 34.60 12.42 -29.22
C GLU MB 10 34.06 13.56 -30.06
N ILE MB 11 34.42 13.58 -31.34
CA ILE MB 11 33.85 14.55 -32.27
C ILE MB 11 32.33 14.51 -32.20
N LEU MB 12 31.79 13.31 -32.34
CA LEU MB 12 30.34 13.19 -32.42
C LEU MB 12 29.70 13.60 -31.10
N LYS MB 13 30.31 13.23 -29.99
CA LYS MB 13 29.76 13.60 -28.69
C LYS MB 13 29.78 15.11 -28.52
N ALA MB 14 30.84 15.75 -29.03
CA ALA MB 14 30.88 17.20 -29.01
C ALA MB 14 29.70 17.77 -29.78
N TYR MB 15 29.47 17.24 -30.98
CA TYR MB 15 28.34 17.72 -31.76
C TYR MB 15 27.04 17.53 -31.00
N ALA MB 16 26.92 16.41 -30.32
CA ALA MB 16 25.72 16.14 -29.54
C ALA MB 16 25.56 17.17 -28.43
N LYS MB 17 26.67 17.50 -27.78
CA LYS MB 17 26.60 18.53 -26.75
C LYS MB 17 26.18 19.86 -27.34
N ILE MB 18 26.64 20.15 -28.56
CA ILE MB 18 26.18 21.36 -29.24
C ILE MB 18 24.68 21.37 -29.35
N LEU MB 19 24.12 20.29 -29.91
CA LEU MB 19 22.68 20.24 -30.10
C LEU MB 19 21.96 20.34 -28.77
N GLU MB 20 22.49 19.67 -27.75
CA GLU MB 20 21.87 19.70 -26.43
C GLU MB 20 21.85 21.12 -25.91
N ALA MB 21 22.94 21.85 -26.08
CA ALA MB 21 22.97 23.23 -25.63
C ALA MB 21 21.98 24.07 -26.41
N HIS MB 22 21.85 23.80 -27.72
CA HIS MB 22 20.87 24.54 -28.50
C HIS MB 22 19.47 24.31 -27.94
N ALA MB 23 19.17 23.06 -27.60
CA ALA MB 23 17.90 22.76 -26.96
C ALA MB 23 17.77 23.49 -25.63
N GLU MB 24 18.86 23.57 -24.88
CA GLU MB 24 18.82 24.29 -23.62
C GLU MB 24 18.42 25.73 -23.85
N ILE MB 25 19.04 26.38 -24.83
CA ILE MB 25 18.65 27.73 -25.21
C ILE MB 25 17.16 27.79 -25.47
N LEU MB 26 16.71 26.99 -26.43
CA LEU MB 26 15.32 27.09 -26.88
C LEU MB 26 14.36 26.88 -25.73
N LYS MB 27 14.62 25.88 -24.89
CA LYS MB 27 13.84 25.66 -23.69
C LYS MB 27 13.86 26.87 -22.79
N ALA MB 28 15.00 27.56 -22.70
CA ALA MB 28 15.10 28.69 -21.80
C ALA MB 28 14.20 29.83 -22.21
N GLN MB 29 13.94 29.98 -23.50
CA GLN MB 29 13.16 31.12 -23.99
C GLN MB 29 11.80 31.19 -23.34
N GLN NB 1 38.71 5.74 -43.28
CA GLN NB 1 38.13 6.56 -42.23
C GLN NB 1 37.77 7.94 -42.75
N ALA NB 2 38.56 8.41 -43.71
CA ALA NB 2 38.39 9.73 -44.29
C ALA NB 2 36.95 9.97 -44.73
N GLU NB 3 36.29 8.90 -45.17
CA GLU NB 3 34.86 8.99 -45.48
C GLU NB 3 34.07 9.48 -44.27
N ILE NB 4 34.40 8.95 -43.09
CA ILE NB 4 33.73 9.42 -41.88
C ILE NB 4 33.99 10.91 -41.69
N LEU NB 5 35.22 11.34 -41.92
CA LEU NB 5 35.56 12.74 -41.71
C LEU NB 5 34.77 13.64 -42.64
N LYS NB 6 34.70 13.29 -43.92
CA LYS NB 6 33.96 14.11 -44.85
C LYS NB 6 32.46 14.06 -44.55
N ALA NB 7 31.98 12.94 -44.05
CA ALA NB 7 30.60 12.89 -43.56
C ALA NB 7 30.40 13.92 -42.46
N ASP NB 8 31.32 13.97 -41.51
CA ASP NB 8 31.26 14.96 -40.45
C ASP NB 8 31.26 16.36 -41.03
N ALA NB 9 32.10 16.59 -42.04
CA ALA NB 9 32.17 17.90 -42.67
C ALA NB 9 30.82 18.29 -43.22
N GLU NB 10 30.18 17.37 -43.94
CA GLU NB 10 28.86 17.67 -44.50
C GLU NB 10 27.84 17.90 -43.39
N ILE NB 11 27.95 17.13 -42.31
CA ILE NB 11 27.11 17.35 -41.13
C ILE NB 11 27.21 18.79 -40.68
N LEU NB 12 28.44 19.22 -40.42
CA LEU NB 12 28.64 20.55 -39.88
C LEU NB 12 28.21 21.61 -40.87
N LYS NB 13 28.41 21.36 -42.17
CA LYS NB 13 27.93 22.29 -43.18
C LYS NB 13 26.42 22.46 -43.08
N ALA NB 14 25.70 21.33 -43.00
CA ALA NB 14 24.25 21.41 -42.87
C ALA NB 14 23.87 22.14 -41.60
N TYR NB 15 24.59 21.89 -40.51
CA TYR NB 15 24.30 22.58 -39.27
C TYR NB 15 24.45 24.08 -39.45
N ALA NB 16 25.53 24.50 -40.09
CA ALA NB 16 25.74 25.92 -40.36
C ALA NB 16 24.61 26.48 -41.20
N LYS NB 17 24.13 25.69 -42.16
CA LYS NB 17 23.02 26.13 -42.98
C LYS NB 17 21.78 26.37 -42.13
N ILE NB 18 21.48 25.42 -41.24
CA ILE NB 18 20.36 25.58 -40.33
C ILE NB 18 20.53 26.85 -39.52
N LEU NB 19 21.75 27.09 -39.04
CA LEU NB 19 22.01 28.24 -38.20
C LEU NB 19 21.75 29.52 -38.96
N GLU NB 20 22.31 29.65 -40.16
CA GLU NB 20 22.14 30.89 -40.90
C GLU NB 20 20.71 31.07 -41.36
N ALA NB 21 19.98 29.97 -41.60
CA ALA NB 21 18.58 30.11 -41.95
C ALA NB 21 17.77 30.63 -40.77
N HIS NB 22 17.98 30.04 -39.59
CA HIS NB 22 17.37 30.57 -38.38
C HIS NB 22 17.75 32.03 -38.18
N ALA NB 23 18.98 32.38 -38.55
CA ALA NB 23 19.42 33.77 -38.44
C ALA NB 23 18.64 34.67 -39.39
N GLU NB 24 18.43 34.22 -40.62
CA GLU NB 24 17.66 35.01 -41.57
C GLU NB 24 16.23 35.18 -41.09
N ILE NB 25 15.66 34.14 -40.50
CA ILE NB 25 14.30 34.26 -39.96
C ILE NB 25 14.27 35.26 -38.81
N LEU NB 26 15.24 35.17 -37.90
CA LEU NB 26 15.34 36.15 -36.82
C LEU NB 26 15.45 37.56 -37.38
N LYS NB 27 16.24 37.72 -38.44
CA LYS NB 27 16.38 39.02 -39.09
C LYS NB 27 15.05 39.50 -39.66
N ALA NB 28 14.27 38.59 -40.23
CA ALA NB 28 12.95 38.95 -40.74
C ALA NB 28 12.00 39.35 -39.62
N GLN NB 29 12.23 38.87 -38.39
CA GLN NB 29 11.42 39.26 -37.25
C GLN NB 29 11.98 40.52 -36.62
N GLN OB 1 -15.93 -15.56 34.65
CA GLN OB 1 -16.13 -16.97 34.93
C GLN OB 1 -17.11 -17.58 33.94
N ALA OB 2 -18.08 -16.79 33.51
CA ALA OB 2 -19.15 -17.31 32.67
C ALA OB 2 -18.59 -17.92 31.38
N GLU OB 3 -17.59 -17.29 30.81
CA GLU OB 3 -16.95 -17.81 29.60
C GLU OB 3 -16.51 -19.26 29.77
N ILE OB 4 -16.15 -19.66 30.98
CA ILE OB 4 -15.87 -21.07 31.22
C ILE OB 4 -17.09 -21.91 30.89
N LEU OB 5 -18.25 -21.47 31.38
CA LEU OB 5 -19.48 -22.18 31.08
C LEU OB 5 -19.80 -22.13 29.60
N LYS OB 6 -19.45 -21.03 28.95
CA LYS OB 6 -19.60 -20.96 27.49
C LYS OB 6 -18.78 -22.06 26.83
N ALA OB 7 -17.56 -22.26 27.30
CA ALA OB 7 -16.73 -23.33 26.76
C ALA OB 7 -17.36 -24.68 27.01
N ASP OB 8 -17.94 -24.87 28.20
CA ASP OB 8 -18.63 -26.13 28.49
C ASP OB 8 -19.75 -26.35 27.49
N ALA OB 9 -20.57 -25.33 27.28
CA ALA OB 9 -21.64 -25.42 26.30
C ALA OB 9 -21.10 -25.72 24.92
N GLU OB 10 -19.93 -25.18 24.61
CA GLU OB 10 -19.31 -25.49 23.33
C GLU OB 10 -18.97 -26.96 23.24
N ILE OB 11 -18.42 -27.52 24.32
CA ILE OB 11 -18.17 -28.95 24.40
C ILE OB 11 -19.44 -29.72 24.06
N LEU OB 12 -20.51 -29.36 24.76
CA LEU OB 12 -21.75 -30.12 24.60
C LEU OB 12 -22.30 -29.98 23.19
N LYS OB 13 -22.22 -28.77 22.63
CA LYS OB 13 -22.71 -28.55 21.28
C LYS OB 13 -21.91 -29.36 20.29
N ALA OB 14 -20.60 -29.48 20.53
CA ALA OB 14 -19.77 -30.33 19.69
C ALA OB 14 -20.27 -31.76 19.75
N TYR OB 15 -20.51 -32.25 20.96
CA TYR OB 15 -21.02 -33.61 21.10
C TYR OB 15 -22.33 -33.77 20.34
N ALA OB 16 -23.18 -32.76 20.42
CA ALA OB 16 -24.46 -32.80 19.71
C ALA OB 16 -24.23 -32.88 18.22
N LYS OB 17 -23.28 -32.10 17.72
CA LYS OB 17 -22.96 -32.17 16.30
C LYS OB 17 -22.46 -33.55 15.93
N ILE OB 18 -21.70 -34.18 16.82
CA ILE OB 18 -21.28 -35.55 16.58
C ILE OB 18 -22.48 -36.46 16.37
N LEU OB 19 -23.42 -36.42 17.32
CA LEU OB 19 -24.58 -37.29 17.22
C LEU OB 19 -25.37 -36.98 15.97
N GLU OB 20 -25.50 -35.69 15.64
CA GLU OB 20 -26.24 -35.30 14.46
C GLU OB 20 -25.58 -35.87 13.20
N ALA OB 21 -24.26 -35.83 13.15
CA ALA OB 21 -23.57 -36.39 12.01
C ALA OB 21 -23.77 -37.89 11.96
N HIS OB 22 -23.77 -38.54 13.11
CA HIS OB 22 -24.02 -39.98 13.14
C HIS OB 22 -25.38 -40.29 12.55
N ALA OB 23 -26.37 -39.49 12.92
CA ALA OB 23 -27.70 -39.63 12.35
C ALA OB 23 -27.66 -39.40 10.84
N GLU OB 24 -26.87 -38.41 10.42
CA GLU OB 24 -26.76 -38.15 8.99
C GLU OB 24 -26.25 -39.38 8.26
N ILE OB 25 -25.20 -40.00 8.81
CA ILE OB 25 -24.70 -41.26 8.26
C ILE OB 25 -25.83 -42.26 8.14
N LEU OB 26 -26.47 -42.57 9.27
CA LEU OB 26 -27.44 -43.64 9.30
C LEU OB 26 -28.57 -43.37 8.31
N LYS OB 27 -29.06 -42.14 8.28
CA LYS OB 27 -30.05 -41.75 7.28
C LYS OB 27 -29.54 -41.96 5.88
N ALA OB 28 -28.26 -41.71 5.64
CA ALA OB 28 -27.74 -41.83 4.30
C ALA OB 28 -27.76 -43.26 3.79
N GLN OB 29 -27.64 -44.22 4.68
CA GLN OB 29 -27.56 -45.62 4.27
C GLN OB 29 -28.76 -46.04 3.44
N GLN PB 1 -16.91 -27.23 39.15
CA GLN PB 1 -17.13 -27.44 37.72
C GLN PB 1 -16.57 -28.77 37.29
N ALA PB 2 -15.49 -29.19 37.94
CA ALA PB 2 -14.79 -30.42 37.61
C ALA PB 2 -15.75 -31.60 37.53
N GLU PB 3 -16.79 -31.56 38.36
CA GLU PB 3 -17.84 -32.57 38.29
C GLU PB 3 -18.45 -32.60 36.90
N ILE PB 4 -18.70 -31.43 36.31
CA ILE PB 4 -19.22 -31.39 34.96
C ILE PB 4 -18.23 -32.05 34.01
N LEU PB 5 -16.96 -31.77 34.19
CA LEU PB 5 -15.95 -32.32 33.28
C LEU PB 5 -15.92 -33.83 33.35
N LYS PB 6 -15.92 -34.38 34.56
CA LYS PB 6 -15.89 -35.84 34.67
C LYS PB 6 -17.19 -36.45 34.18
N ALA PB 7 -18.31 -35.74 34.33
CA ALA PB 7 -19.54 -36.19 33.70
C ALA PB 7 -19.36 -36.29 32.19
N ASP PB 8 -18.77 -35.27 31.59
CA ASP PB 8 -18.47 -35.31 30.16
C ASP PB 8 -17.60 -36.50 29.83
N ALA PB 9 -16.59 -36.75 30.66
CA ALA PB 9 -15.70 -37.87 30.42
C ALA PB 9 -16.48 -39.18 30.38
N GLU PB 10 -17.36 -39.38 31.35
CA GLU PB 10 -18.16 -40.59 31.37
C GLU PB 10 -19.08 -40.65 30.15
N ILE PB 11 -19.62 -39.50 29.76
CA ILE PB 11 -20.41 -39.42 28.54
C ILE PB 11 -19.63 -39.99 27.37
N LEU PB 12 -18.45 -39.42 27.15
CA LEU PB 12 -17.66 -39.82 25.99
C LEU PB 12 -17.24 -41.28 26.10
N LYS PB 13 -16.96 -41.75 27.30
CA LYS PB 13 -16.65 -43.17 27.49
C LYS PB 13 -17.81 -44.03 27.02
N ALA PB 14 -19.01 -43.70 27.46
CA ALA PB 14 -20.18 -44.46 27.03
C ALA PB 14 -20.35 -44.39 25.53
N TYR PB 15 -20.10 -43.21 24.94
CA TYR PB 15 -20.20 -43.09 23.50
C TYR PB 15 -19.22 -44.02 22.81
N ALA PB 16 -17.98 -44.06 23.30
CA ALA PB 16 -17.00 -44.97 22.74
C ALA PB 16 -17.45 -46.40 22.87
N LYS PB 17 -18.08 -46.73 23.99
CA LYS PB 17 -18.58 -48.09 24.17
C LYS PB 17 -19.63 -48.41 23.11
N ILE PB 18 -20.57 -47.48 22.90
CA ILE PB 18 -21.57 -47.68 21.85
C ILE PB 18 -20.88 -47.90 20.52
N LEU PB 19 -19.85 -47.09 20.24
CA LEU PB 19 -19.17 -47.17 18.96
C LEU PB 19 -18.54 -48.54 18.78
N GLU PB 20 -17.78 -49.00 19.77
CA GLU PB 20 -17.09 -50.27 19.62
C GLU PB 20 -18.07 -51.43 19.61
N ALA PB 21 -19.22 -51.29 20.28
CA ALA PB 21 -20.22 -52.35 20.20
C ALA PB 21 -20.83 -52.42 18.82
N HIS PB 22 -21.20 -51.27 18.25
CA HIS PB 22 -21.64 -51.24 16.87
C HIS PB 22 -20.58 -51.81 15.94
N ALA PB 23 -19.31 -51.57 16.28
CA ALA PB 23 -18.22 -52.11 15.49
C ALA PB 23 -18.18 -53.62 15.56
N GLU PB 24 -18.36 -54.17 16.77
CA GLU PB 24 -18.37 -55.62 16.91
C GLU PB 24 -19.52 -56.23 16.15
N ILE PB 25 -20.68 -55.57 16.16
CA ILE PB 25 -21.82 -56.07 15.41
C ILE PB 25 -21.52 -56.04 13.92
N LEU PB 26 -20.94 -54.94 13.43
CA LEU PB 26 -20.55 -54.87 12.03
C LEU PB 26 -19.58 -55.98 11.69
N LYS PB 27 -18.65 -56.26 12.60
CA LYS PB 27 -17.70 -57.35 12.40
C LYS PB 27 -18.40 -58.69 12.32
N ALA PB 28 -19.43 -58.89 13.15
CA ALA PB 28 -20.21 -60.12 13.08
C ALA PB 28 -20.97 -60.24 11.76
N GLN PB 29 -21.30 -59.13 11.12
CA GLN PB 29 -21.96 -59.15 9.83
C GLN PB 29 -20.93 -59.26 8.71
N GLN QB 1 31.36 47.44 8.59
CA GLN QB 1 30.65 47.57 9.85
C GLN QB 1 29.88 46.29 10.17
N ALA QB 2 29.39 45.62 9.13
CA ALA QB 2 28.53 44.46 9.34
C ALA QB 2 29.24 43.39 10.15
N GLU QB 3 30.53 43.19 9.90
CA GLU QB 3 31.30 42.21 10.65
C GLU QB 3 31.19 42.42 12.16
N ILE QB 4 31.01 43.67 12.60
CA ILE QB 4 30.75 43.92 14.01
C ILE QB 4 29.49 43.18 14.43
N LEU QB 5 28.43 43.30 13.62
CA LEU QB 5 27.20 42.60 13.92
C LEU QB 5 27.40 41.10 13.85
N LYS QB 6 28.26 40.64 12.95
CA LYS QB 6 28.60 39.23 12.91
C LYS QB 6 29.20 38.79 14.25
N ALA QB 7 30.08 39.60 14.79
CA ALA QB 7 30.66 39.29 16.10
C ALA QB 7 29.59 39.27 17.17
N ASP QB 8 28.64 40.19 17.11
CA ASP QB 8 27.54 40.19 18.06
C ASP QB 8 26.77 38.89 17.98
N ALA QB 9 26.43 38.49 16.76
CA ALA QB 9 25.74 37.23 16.56
C ALA QB 9 26.57 36.07 17.09
N GLU QB 10 27.89 36.16 16.96
CA GLU QB 10 28.74 35.12 17.50
C GLU QB 10 28.61 35.06 19.02
N ILE QB 11 28.59 36.22 19.65
CA ILE QB 11 28.34 36.30 21.09
C ILE QB 11 27.07 35.55 21.44
N LEU QB 12 26.00 35.90 20.74
CA LEU QB 12 24.71 35.33 21.06
C LEU QB 12 24.70 33.82 20.83
N LYS QB 13 25.31 33.37 19.73
CA LYS QB 13 25.37 31.95 19.45
C LYS QB 13 26.15 31.23 20.52
N ALA QB 14 27.21 31.85 21.02
CA ALA QB 14 27.94 31.27 22.13
C ALA QB 14 27.03 31.10 23.33
N TYR QB 15 26.27 32.14 23.65
CA TYR QB 15 25.35 32.03 24.78
C TYR QB 15 24.36 30.90 24.55
N ALA QB 16 23.89 30.76 23.32
CA ALA QB 16 22.95 29.70 23.00
C ALA QB 16 23.60 28.34 23.22
N LYS QB 17 24.86 28.21 22.82
CA LYS QB 17 25.56 26.96 23.05
C LYS QB 17 25.70 26.69 24.53
N ILE QB 18 25.90 27.74 25.32
CA ILE QB 18 25.92 27.58 26.77
C ILE QB 18 24.63 26.96 27.25
N LEU QB 19 23.51 27.56 26.87
CA LEU QB 19 22.22 27.05 27.34
C LEU QB 19 22.00 25.63 26.86
N GLU QB 20 22.39 25.35 25.63
CA GLU QB 20 22.22 24.01 25.07
C GLU QB 20 23.01 23.01 25.89
N ALA QB 21 24.23 23.37 26.26
CA ALA QB 21 25.03 22.47 27.07
C ALA QB 21 24.40 22.28 28.44
N HIS QB 22 23.84 23.35 29.00
CA HIS QB 22 23.15 23.21 30.28
C HIS QB 22 22.02 22.21 30.17
N ALA QB 23 21.26 22.30 29.08
CA ALA QB 23 20.20 21.33 28.83
C ALA QB 23 20.78 19.94 28.69
N GLU QB 24 21.93 19.82 28.03
CA GLU QB 24 22.56 18.52 27.89
C GLU QB 24 22.86 17.93 29.25
N ILE QB 25 23.44 18.73 30.14
CA ILE QB 25 23.66 18.30 31.52
C ILE QB 25 22.37 17.79 32.11
N LEU QB 26 21.36 18.65 32.15
CA LEU QB 26 20.13 18.31 32.87
C LEU QB 26 19.52 17.04 32.31
N LYS QB 27 19.47 16.91 30.99
CA LYS QB 27 19.01 15.69 30.35
C LYS QB 27 19.84 14.49 30.78
N ALA QB 28 21.15 14.69 30.95
CA ALA QB 28 22.01 13.57 31.30
C ALA QB 28 21.69 13.00 32.67
N GLN QB 29 21.21 13.84 33.59
CA GLN QB 29 20.97 13.40 34.96
C GLN QB 29 20.03 12.22 35.02
N GLN RB 1 25.41 50.78 19.11
CA GLN RB 1 25.58 49.35 19.32
C GLN RB 1 25.81 49.03 20.78
N ALA RB 2 26.45 49.98 21.48
CA ALA RB 2 26.79 49.81 22.88
C ALA RB 2 25.58 49.38 23.71
N GLU RB 3 24.40 49.84 23.30
CA GLU RB 3 23.17 49.39 23.94
C GLU RB 3 23.04 47.88 23.85
N ILE RB 4 23.37 47.31 22.69
CA ILE RB 4 23.34 45.86 22.55
C ILE RB 4 24.31 45.24 23.52
N LEU RB 5 25.49 45.81 23.66
CA LEU RB 5 26.51 45.25 24.53
C LEU RB 5 26.03 45.25 25.98
N LYS RB 6 25.47 46.36 26.44
CA LYS RB 6 25.01 46.40 27.83
C LYS RB 6 23.82 45.49 28.02
N ALA RB 7 22.99 45.32 26.99
CA ALA RB 7 21.94 44.32 27.05
C ALA RB 7 22.54 42.94 27.29
N ASP RB 8 23.58 42.60 26.53
CA ASP RB 8 24.27 41.33 26.73
C ASP RB 8 24.80 41.23 28.15
N ALA RB 9 25.35 42.32 28.66
CA ALA RB 9 25.87 42.32 30.02
C ALA RB 9 24.79 41.97 31.02
N GLU RB 10 23.62 42.60 30.88
CA GLU RB 10 22.52 42.30 31.78
C GLU RB 10 22.06 40.86 31.61
N ILE RB 11 22.06 40.37 30.37
CA ILE RB 11 21.75 38.97 30.12
C ILE RB 11 22.64 38.08 30.95
N LEU RB 12 23.94 38.27 30.80
CA LEU RB 12 24.89 37.40 31.49
C LEU RB 12 24.78 37.55 32.99
N LYS RB 13 24.49 38.77 33.46
CA LYS RB 13 24.28 38.96 34.89
C LYS RB 13 23.11 38.10 35.37
N ALA RB 14 21.99 38.15 34.66
CA ALA RB 14 20.85 37.35 35.03
C ALA RB 14 21.20 35.87 34.99
N TYR RB 15 21.97 35.47 33.98
CA TYR RB 15 22.36 34.06 33.91
C TYR RB 15 23.17 33.67 35.12
N ALA RB 16 24.11 34.51 35.52
CA ALA RB 16 24.89 34.24 36.72
C ALA RB 16 23.99 34.15 37.94
N LYS RB 17 22.97 35.00 38.00
CA LYS RB 17 22.04 34.94 39.11
C LYS RB 17 21.32 33.60 39.14
N ILE RB 18 20.84 33.15 37.99
CA ILE RB 18 20.21 31.84 37.91
C ILE RB 18 21.18 30.77 38.39
N LEU RB 19 22.43 30.87 37.96
CA LEU RB 19 23.43 29.86 38.33
C LEU RB 19 23.62 29.82 39.83
N GLU RB 20 23.84 30.97 40.45
CA GLU RB 20 24.10 30.97 41.89
C GLU RB 20 22.87 30.59 42.67
N ALA RB 21 21.67 30.88 42.15
CA ALA RB 21 20.47 30.45 42.83
C ALA RB 21 20.34 28.93 42.79
N HIS RB 22 20.54 28.34 41.61
CA HIS RB 22 20.58 26.89 41.50
C HIS RB 22 21.65 26.32 42.42
N ALA RB 23 22.76 27.04 42.59
CA ALA RB 23 23.81 26.60 43.48
C ALA RB 23 23.35 26.60 44.92
N GLU RB 24 22.65 27.66 45.33
CA GLU RB 24 22.13 27.72 46.69
C GLU RB 24 21.14 26.61 46.94
N ILE RB 25 20.30 26.30 45.95
CA ILE RB 25 19.37 25.20 46.11
C ILE RB 25 20.11 23.87 46.24
N LEU RB 26 21.12 23.66 45.41
CA LEU RB 26 21.94 22.45 45.53
C LEU RB 26 22.57 22.37 46.92
N LYS RB 27 23.02 23.50 47.43
CA LYS RB 27 23.60 23.55 48.77
C LYS RB 27 22.57 23.19 49.82
N ALA RB 28 21.33 23.64 49.65
CA ALA RB 28 20.26 23.27 50.57
C ALA RB 28 19.95 21.78 50.51
N GLN RB 29 20.22 21.13 49.38
CA GLN RB 29 20.02 19.70 49.26
C GLN RB 29 21.25 18.95 49.74
N GLN SB 1 -31.60 25.23 -11.52
CA GLN SB 1 -32.54 25.92 -10.64
C GLN SB 1 -33.39 24.93 -9.86
N ALA SB 2 -33.70 23.80 -10.50
CA ALA SB 2 -34.62 22.83 -9.90
C ALA SB 2 -34.11 22.36 -8.55
N GLU SB 3 -32.81 22.15 -8.43
CA GLU SB 3 -32.23 21.72 -7.17
C GLU SB 3 -32.61 22.65 -6.02
N ILE SB 4 -32.83 23.93 -6.30
CA ILE SB 4 -33.36 24.83 -5.27
C ILE SB 4 -34.69 24.31 -4.78
N LEU SB 5 -35.56 23.95 -5.72
CA LEU SB 5 -36.86 23.41 -5.34
C LEU SB 5 -36.70 22.09 -4.61
N LYS SB 6 -35.69 21.30 -4.99
CA LYS SB 6 -35.40 20.08 -4.25
C LYS SB 6 -35.09 20.40 -2.80
N ALA SB 7 -34.29 21.45 -2.57
CA ALA SB 7 -33.99 21.85 -1.22
C ALA SB 7 -35.25 22.29 -0.48
N ASP SB 8 -36.13 23.00 -1.18
CA ASP SB 8 -37.39 23.40 -0.56
C ASP SB 8 -38.17 22.17 -0.12
N ALA SB 9 -38.28 21.19 -1.02
CA ALA SB 9 -38.96 19.96 -0.68
C ALA SB 9 -38.30 19.28 0.49
N GLU SB 10 -36.97 19.38 0.58
CA GLU SB 10 -36.27 18.81 1.71
C GLU SB 10 -36.69 19.50 3.00
N ILE SB 11 -36.79 20.82 2.96
CA ILE SB 11 -37.30 21.58 4.09
C ILE SB 11 -38.65 21.01 4.52
N LEU SB 12 -39.55 20.90 3.56
CA LEU SB 12 -40.91 20.48 3.90
C LEU SB 12 -40.91 19.06 4.44
N LYS SB 13 -40.11 18.18 3.85
CA LYS SB 13 -40.05 16.80 4.34
C LYS SB 13 -39.50 16.75 5.75
N ALA SB 14 -38.54 17.61 6.05
CA ALA SB 14 -38.06 17.71 7.41
C ALA SB 14 -39.18 18.10 8.35
N TYR SB 15 -39.96 19.11 7.97
CA TYR SB 15 -41.07 19.51 8.81
C TYR SB 15 -42.05 18.35 9.01
N ALA SB 16 -42.27 17.59 7.94
CA ALA SB 16 -43.16 16.44 8.03
C ALA SB 16 -42.61 15.42 9.02
N LYS SB 17 -41.31 15.19 8.96
CA LYS SB 17 -40.70 14.28 9.91
C LYS SB 17 -40.86 14.78 11.32
N ILE SB 18 -40.78 16.10 11.51
CA ILE SB 18 -41.03 16.67 12.83
C ILE SB 18 -42.43 16.29 13.31
N LEU SB 19 -43.43 16.55 12.48
CA LEU SB 19 -44.80 16.26 12.90
C LEU SB 19 -44.97 14.77 13.16
N GLU SB 20 -44.36 13.94 12.32
CA GLU SB 20 -44.46 12.50 12.49
C GLU SB 20 -43.87 12.09 13.82
N ALA SB 21 -42.74 12.67 14.18
CA ALA SB 21 -42.13 12.35 15.47
C ALA SB 21 -43.02 12.82 16.61
N HIS SB 22 -43.65 13.98 16.45
CA HIS SB 22 -44.56 14.45 17.48
C HIS SB 22 -45.69 13.45 17.68
N ALA SB 23 -46.22 12.94 16.57
CA ALA SB 23 -47.24 11.90 16.65
C ALA SB 23 -46.69 10.66 17.33
N GLU SB 24 -45.44 10.31 17.04
CA GLU SB 24 -44.84 9.17 17.69
C GLU SB 24 -44.83 9.34 19.19
N ILE SB 25 -44.41 10.51 19.64
CA ILE SB 25 -44.46 10.85 21.07
C ILE SB 25 -45.85 10.61 21.60
N LEU SB 26 -46.83 11.30 21.01
CA LEU SB 26 -48.17 11.28 21.56
C LEU SB 26 -48.71 9.86 21.61
N LYS SB 27 -48.50 9.09 20.56
CA LYS SB 27 -48.87 7.69 20.55
C LYS SB 27 -48.18 6.92 21.65
N ALA SB 28 -46.94 7.27 21.94
CA ALA SB 28 -46.20 6.52 22.94
C ALA SB 28 -46.79 6.70 24.33
N GLN SB 29 -47.40 7.85 24.61
CA GLN SB 29 -47.91 8.13 25.94
C GLN SB 29 -48.89 7.06 26.41
N GLN TB 1 -39.34 32.94 -5.34
CA GLN TB 1 -39.26 31.82 -4.42
C GLN TB 1 -39.33 32.29 -2.99
N ALA TB 2 -38.80 33.48 -2.74
CA ALA TB 2 -38.74 34.06 -1.41
C ALA TB 2 -40.09 34.02 -0.72
N GLU TB 3 -41.16 34.14 -1.51
CA GLU TB 3 -42.50 33.97 -0.97
C GLU TB 3 -42.66 32.61 -0.31
N ILE TB 4 -42.13 31.57 -0.96
CA ILE TB 4 -42.18 30.24 -0.36
C ILE TB 4 -41.45 30.25 0.97
N LEU TB 5 -40.28 30.90 1.00
CA LEU TB 5 -39.47 30.91 2.21
C LEU TB 5 -40.22 31.58 3.35
N LYS TB 6 -40.81 32.75 3.09
CA LYS TB 6 -41.54 33.43 4.15
C LYS TB 6 -42.77 32.66 4.56
N ALA TB 7 -43.39 31.95 3.62
CA ALA TB 7 -44.46 31.04 3.98
C ALA TB 7 -43.96 30.01 4.99
N ASP TB 8 -42.81 29.41 4.70
CA ASP TB 8 -42.21 28.46 5.62
C ASP TB 8 -41.97 29.11 6.98
N ALA TB 9 -41.49 30.35 6.96
CA ALA TB 9 -41.23 31.05 8.21
C ALA TB 9 -42.50 31.16 9.03
N GLU TB 10 -43.60 31.56 8.39
CA GLU TB 10 -44.86 31.67 9.10
C GLU TB 10 -45.33 30.32 9.59
N ILE TB 11 -45.11 29.28 8.78
CA ILE TB 11 -45.41 27.91 9.21
C ILE TB 11 -44.72 27.61 10.53
N LEU TB 12 -43.41 27.80 10.54
CA LEU TB 12 -42.63 27.45 11.72
C LEU TB 12 -43.03 28.32 12.90
N LYS TB 13 -43.36 29.58 12.65
CA LYS TB 13 -43.84 30.45 13.72
C LYS TB 13 -45.10 29.86 14.35
N ALA TB 14 -46.06 29.48 13.51
CA ALA TB 14 -47.28 28.89 14.02
C ALA TB 14 -46.98 27.61 14.79
N TYR TB 15 -46.04 26.82 14.28
CA TYR TB 15 -45.68 25.59 14.98
C TYR TB 15 -45.14 25.90 16.36
N ALA TB 16 -44.27 26.90 16.45
CA ALA TB 16 -43.74 27.31 17.74
C ALA TB 16 -44.85 27.78 18.65
N LYS TB 17 -45.83 28.46 18.10
CA LYS TB 17 -46.97 28.91 18.90
C LYS TB 17 -47.71 27.71 19.47
N ILE TB 18 -47.98 26.71 18.63
CA ILE TB 18 -48.63 25.49 19.10
C ILE TB 18 -47.81 24.88 20.22
N LEU TB 19 -46.49 24.84 20.04
CA LEU TB 19 -45.62 24.22 21.02
C LEU TB 19 -45.71 24.93 22.36
N GLU TB 20 -45.58 26.26 22.35
CA GLU TB 20 -45.60 26.98 23.61
C GLU TB 20 -46.97 26.96 24.24
N ALA TB 21 -48.03 26.87 23.43
CA ALA TB 21 -49.36 26.75 24.02
C ALA TB 21 -49.53 25.41 24.71
N HIS TB 22 -49.13 24.32 24.04
CA HIS TB 22 -49.11 23.02 24.69
C HIS TB 22 -48.26 23.06 25.94
N ALA TB 23 -47.18 23.84 25.92
CA ALA TB 23 -46.33 23.97 27.09
C ALA TB 23 -47.06 24.66 28.22
N GLU TB 24 -47.79 25.73 27.91
CA GLU TB 24 -48.55 26.42 28.95
C GLU TB 24 -49.61 25.52 29.53
N ILE TB 25 -50.24 24.70 28.69
CA ILE TB 25 -51.23 23.76 29.21
C ILE TB 25 -50.58 22.73 30.12
N LEU TB 26 -49.43 22.19 29.70
CA LEU TB 26 -48.69 21.27 30.56
C LEU TB 26 -48.34 21.92 31.88
N LYS TB 27 -47.95 23.19 31.84
CA LYS TB 27 -47.64 23.93 33.05
C LYS TB 27 -48.86 24.08 33.94
N ALA TB 28 -50.03 24.29 33.34
CA ALA TB 28 -51.26 24.36 34.11
C ALA TB 28 -51.61 23.02 34.76
N GLN TB 29 -51.15 21.92 34.17
CA GLN TB 29 -51.37 20.61 34.75
C GLN TB 29 -50.28 20.28 35.75
N GLN UB 1 52.95 -9.59 24.28
CA GLN UB 1 52.74 -10.97 23.86
C GLN UB 1 51.58 -11.06 22.89
N ALA UB 2 50.58 -10.22 23.07
CA ALA UB 2 49.36 -10.31 22.28
C ALA UB 2 49.67 -10.18 20.79
N GLU UB 3 50.59 -9.30 20.44
CA GLU UB 3 50.98 -9.13 19.04
C GLU UB 3 51.39 -10.45 18.40
N ILE UB 4 51.94 -11.37 19.16
CA ILE UB 4 52.20 -12.70 18.64
C ILE UB 4 50.91 -13.33 18.15
N LEU UB 5 49.88 -13.25 18.98
CA LEU UB 5 48.58 -13.79 18.59
C LEU UB 5 48.02 -13.03 17.40
N LYS UB 6 48.28 -11.73 17.32
CA LYS UB 6 47.90 -10.96 16.14
C LYS UB 6 48.54 -11.55 14.90
N ALA UB 7 49.82 -11.90 14.99
CA ALA UB 7 50.50 -12.52 13.86
C ALA UB 7 49.86 -13.85 13.52
N ASP UB 8 49.50 -14.62 14.53
CA ASP UB 8 48.82 -15.89 14.28
C ASP UB 8 47.53 -15.66 13.50
N ALA UB 9 46.74 -14.70 13.97
CA ALA UB 9 45.51 -14.36 13.28
C ALA UB 9 45.79 -13.92 11.85
N GLU UB 10 46.91 -13.23 11.65
CA GLU UB 10 47.28 -12.83 10.31
C GLU UB 10 47.54 -14.06 9.45
N ILE UB 11 48.25 -15.03 10.00
CA ILE UB 11 48.45 -16.32 9.31
C ILE UB 11 47.12 -16.87 8.87
N LEU UB 12 46.20 -16.98 9.82
CA LEU UB 12 44.92 -17.62 9.52
C LEU UB 12 44.15 -16.83 8.48
N LYS UB 13 44.16 -15.50 8.59
CA LYS UB 13 43.46 -14.68 7.61
C LYS UB 13 44.06 -14.84 6.24
N ALA UB 14 45.37 -14.99 6.17
CA ALA UB 14 46.01 -15.28 4.89
C ALA UB 14 45.48 -16.58 4.32
N TYR UB 15 45.42 -17.62 5.16
CA TYR UB 15 44.89 -18.88 4.69
C TYR UB 15 43.47 -18.73 4.18
N ALA UB 16 42.69 -17.92 4.90
CA ALA UB 16 41.31 -17.69 4.48
C ALA UB 16 41.27 -17.01 3.13
N LYS UB 17 42.15 -16.04 2.92
CA LYS UB 17 42.21 -15.38 1.63
C LYS UB 17 42.59 -16.37 0.55
N ILE UB 18 43.46 -17.31 0.86
CA ILE UB 18 43.79 -18.37 -0.08
C ILE UB 18 42.54 -19.12 -0.50
N LEU UB 19 41.79 -19.60 0.49
CA LEU UB 19 40.59 -20.36 0.17
C LEU UB 19 39.60 -19.52 -0.62
N GLU UB 20 39.46 -18.25 -0.24
CA GLU UB 20 38.55 -17.37 -0.94
C GLU UB 20 38.95 -17.22 -2.39
N ALA UB 21 40.25 -17.08 -2.64
CA ALA UB 21 40.72 -16.97 -4.01
C ALA UB 21 40.45 -18.26 -4.76
N HIS UB 22 40.63 -19.40 -4.10
CA HIS UB 22 40.33 -20.67 -4.75
C HIS UB 22 38.88 -20.71 -5.16
N ALA UB 23 37.99 -20.26 -4.29
CA ALA UB 23 36.58 -20.17 -4.62
C ALA UB 23 36.37 -19.22 -5.79
N GLU UB 24 37.11 -18.11 -5.81
CA GLU UB 24 36.98 -17.18 -6.92
C GLU UB 24 37.31 -17.87 -8.23
N ILE UB 25 38.41 -18.61 -8.25
CA ILE UB 25 38.76 -19.41 -9.42
C ILE UB 25 37.59 -20.28 -9.82
N LEU UB 26 37.15 -21.14 -8.90
CA LEU UB 26 36.15 -22.13 -9.24
C LEU UB 26 34.88 -21.48 -9.76
N LYS UB 27 34.45 -20.41 -9.11
CA LYS UB 27 33.31 -19.65 -9.59
C LYS UB 27 33.56 -19.10 -10.98
N ALA UB 28 34.79 -18.70 -11.27
CA ALA UB 28 35.07 -18.12 -12.56
C ALA UB 28 34.90 -19.11 -13.70
N GLN UB 29 35.14 -20.40 -13.44
CA GLN UB 29 35.09 -21.40 -14.49
C GLN UB 29 33.75 -21.41 -15.20
N GLN VB 1 52.32 -22.00 22.54
CA GLN VB 1 51.83 -21.50 21.26
C GLN VB 1 52.26 -22.41 20.13
N ALA VB 2 53.43 -23.03 20.30
CA ALA VB 2 54.01 -23.91 19.29
C ALA VB 2 53.01 -24.95 18.81
N GLU VB 3 52.13 -25.38 19.72
CA GLU VB 3 51.05 -26.27 19.33
C GLU VB 3 50.19 -25.65 18.23
N ILE VB 4 49.90 -24.36 18.35
CA ILE VB 4 49.15 -23.68 17.30
C ILE VB 4 49.93 -23.73 16.00
N LEU VB 5 51.24 -23.51 16.07
CA LEU VB 5 52.05 -23.49 14.87
C LEU VB 5 52.03 -24.84 14.16
N LYS VB 6 52.22 -25.92 14.93
CA LYS VB 6 52.20 -27.23 14.31
C LYS VB 6 50.82 -27.59 13.80
N ALA VB 7 49.78 -27.10 14.46
CA ALA VB 7 48.43 -27.24 13.92
C ALA VB 7 48.35 -26.59 12.55
N ASP VB 8 48.87 -25.37 12.44
CA ASP VB 8 48.90 -24.69 11.15
C ASP VB 8 49.66 -25.51 10.13
N ALA VB 9 50.79 -26.09 10.56
CA ALA VB 9 51.58 -26.90 9.65
C ALA VB 9 50.76 -28.05 9.10
N GLU VB 10 50.05 -28.75 9.97
CA GLU VB 10 49.22 -29.86 9.52
C GLU VB 10 48.10 -29.36 8.62
N ILE VB 11 47.54 -28.19 8.93
CA ILE VB 11 46.55 -27.57 8.06
C ILE VB 11 47.10 -27.44 6.65
N LEU VB 12 48.25 -26.78 6.55
CA LEU VB 12 48.82 -26.52 5.24
C LEU VB 12 49.19 -27.81 4.53
N LYS VB 13 49.65 -28.81 5.28
CA LYS VB 13 49.93 -30.11 4.69
C LYS VB 13 48.68 -30.69 4.06
N ALA VB 14 47.58 -30.68 4.81
CA ALA VB 14 46.33 -31.19 4.26
C ALA VB 14 45.91 -30.39 3.03
N TYR VB 15 46.11 -29.08 3.07
CA TYR VB 15 45.75 -28.26 1.92
C TYR VB 15 46.57 -28.69 0.71
N ALA VB 16 47.86 -28.90 0.90
CA ALA VB 16 48.70 -29.35 -0.20
C ALA VB 16 48.23 -30.69 -0.71
N LYS VB 17 47.79 -31.56 0.18
CA LYS VB 17 47.27 -32.85 -0.25
C LYS VB 17 46.04 -32.67 -1.12
N ILE VB 18 45.13 -31.81 -0.70
CA ILE VB 18 43.95 -31.52 -1.51
C ILE VB 18 44.38 -31.01 -2.87
N LEU VB 19 45.38 -30.12 -2.89
CA LEU VB 19 45.83 -29.53 -4.14
C LEU VB 19 46.36 -30.59 -5.08
N GLU VB 20 47.26 -31.44 -4.58
CA GLU VB 20 47.86 -32.43 -5.46
C GLU VB 20 46.85 -33.49 -5.87
N ALA VB 21 45.85 -33.76 -5.04
CA ALA VB 21 44.81 -34.70 -5.44
C ALA VB 21 43.96 -34.11 -6.57
N HIS VB 22 43.55 -32.85 -6.42
CA HIS VB 22 42.87 -32.16 -7.52
C HIS VB 22 43.74 -32.14 -8.76
N ALA VB 23 45.06 -32.03 -8.57
CA ALA VB 23 45.98 -32.06 -9.70
C ALA VB 23 45.96 -33.41 -10.39
N GLU VB 24 45.99 -34.49 -9.60
CA GLU VB 24 45.94 -35.83 -10.19
C GLU VB 24 44.65 -36.04 -10.95
N ILE VB 25 43.53 -35.53 -10.41
CA ILE VB 25 42.26 -35.65 -11.11
C ILE VB 25 42.30 -34.88 -12.42
N LEU VB 26 42.82 -33.65 -12.38
CA LEU VB 26 42.98 -32.87 -13.61
C LEU VB 26 43.83 -33.63 -14.62
N LYS VB 27 44.89 -34.27 -14.14
CA LYS VB 27 45.75 -35.07 -15.00
C LYS VB 27 44.99 -36.23 -15.61
N ALA VB 28 44.12 -36.87 -14.84
CA ALA VB 28 43.29 -37.95 -15.37
C ALA VB 28 42.31 -37.45 -16.42
N GLN VB 29 41.93 -36.18 -16.36
CA GLN VB 29 41.04 -35.60 -17.36
C GLN VB 29 41.85 -35.08 -18.54
N GLN WB 1 -13.55 -34.74 -21.71
CA GLN WB 1 -14.25 -34.78 -22.98
C GLN WB 1 -15.64 -34.17 -22.86
N ALA WB 2 -16.25 -34.35 -21.68
CA ALA WB 2 -17.63 -33.91 -21.50
C ALA WB 2 -17.79 -32.42 -21.76
N GLU WB 3 -16.80 -31.63 -21.33
CA GLU WB 3 -16.85 -30.20 -21.57
C GLU WB 3 -17.04 -29.86 -23.05
N ILE WB 4 -16.56 -30.71 -23.95
CA ILE WB 4 -16.86 -30.52 -25.37
C ILE WB 4 -18.37 -30.55 -25.58
N LEU WB 5 -19.03 -31.54 -24.98
CA LEU WB 5 -20.47 -31.63 -25.10
C LEU WB 5 -21.13 -30.44 -24.44
N LYS WB 6 -20.55 -29.94 -23.35
CA LYS WB 6 -21.06 -28.72 -22.74
C LYS WB 6 -21.03 -27.57 -23.72
N ALA WB 7 -19.94 -27.46 -24.46
CA ALA WB 7 -19.85 -26.42 -25.48
C ALA WB 7 -20.90 -26.62 -26.56
N ASP WB 8 -21.14 -27.87 -26.94
CA ASP WB 8 -22.19 -28.14 -27.93
C ASP WB 8 -23.53 -27.65 -27.40
N ALA WB 9 -23.84 -28.01 -26.17
CA ALA WB 9 -25.08 -27.56 -25.56
C ALA WB 9 -25.14 -26.04 -25.50
N GLU WB 10 -23.99 -25.40 -25.31
CA GLU WB 10 -23.96 -23.94 -25.31
C GLU WB 10 -24.34 -23.42 -26.70
N ILE WB 11 -23.80 -24.04 -27.74
CA ILE WB 11 -24.19 -23.71 -29.10
C ILE WB 11 -25.70 -23.77 -29.24
N LEU WB 12 -26.27 -24.90 -28.84
CA LEU WB 12 -27.69 -25.09 -29.03
C LEU WB 12 -28.50 -24.09 -28.24
N LYS WB 13 -28.07 -23.81 -27.01
CA LYS WB 13 -28.78 -22.85 -26.18
C LYS WB 13 -28.72 -21.47 -26.80
N ALA WB 14 -27.58 -21.14 -27.41
CA ALA WB 14 -27.49 -19.88 -28.12
C ALA WB 14 -28.50 -19.83 -29.25
N TYR WB 15 -28.59 -20.91 -30.02
CA TYR WB 15 -29.58 -20.95 -31.09
C TYR WB 15 -30.98 -20.77 -30.54
N ALA WB 16 -31.25 -21.39 -29.41
CA ALA WB 16 -32.56 -21.26 -28.78
C ALA WB 16 -32.83 -19.83 -28.39
N LYS WB 17 -31.82 -19.16 -27.85
CA LYS WB 17 -31.98 -17.75 -27.51
C LYS WB 17 -32.26 -16.93 -28.76
N ILE WB 18 -31.63 -17.29 -29.87
CA ILE WB 18 -31.92 -16.62 -31.13
C ILE WB 18 -33.40 -16.73 -31.45
N LEU WB 19 -33.91 -17.96 -31.44
CA LEU WB 19 -35.32 -18.15 -31.79
C LEU WB 19 -36.21 -17.42 -30.82
N GLU WB 20 -35.86 -17.45 -29.53
CA GLU WB 20 -36.66 -16.77 -28.53
C GLU WB 20 -36.70 -15.28 -28.81
N ALA WB 21 -35.57 -14.70 -29.18
CA ALA WB 21 -35.54 -13.29 -29.50
C ALA WB 21 -36.38 -13.01 -30.73
N HIS WB 22 -36.34 -13.90 -31.72
CA HIS WB 22 -37.16 -13.72 -32.90
C HIS WB 22 -38.63 -13.68 -32.51
N ALA WB 23 -39.02 -14.58 -31.62
CA ALA WB 23 -40.39 -14.57 -31.11
C ALA WB 23 -40.67 -13.27 -30.39
N GLU WB 24 -39.70 -12.77 -29.63
CA GLU WB 24 -39.90 -11.51 -28.93
C GLU WB 24 -40.20 -10.40 -29.92
N ILE WB 25 -39.42 -10.34 -31.00
CA ILE WB 25 -39.69 -9.39 -32.07
C ILE WB 25 -41.12 -9.53 -32.54
N LEU WB 26 -41.47 -10.72 -32.99
CA LEU WB 26 -42.77 -10.92 -33.63
C LEU WB 26 -43.90 -10.54 -32.69
N LYS WB 27 -43.79 -10.96 -31.43
CA LYS WB 27 -44.75 -10.56 -30.42
C LYS WB 27 -44.81 -9.05 -30.27
N ALA WB 28 -43.67 -8.39 -30.38
CA ALA WB 28 -43.65 -6.95 -30.17
C ALA WB 28 -44.44 -6.22 -31.25
N GLN WB 29 -44.51 -6.76 -32.46
CA GLN WB 29 -45.15 -6.07 -33.57
C GLN WB 29 -46.59 -5.73 -33.24
N GLN XB 1 -18.16 -36.71 -33.21
CA GLN XB 1 -18.85 -35.50 -32.82
C GLN XB 1 -19.07 -34.60 -34.03
N ALA XB 2 -18.13 -34.65 -34.97
CA ALA XB 2 -18.17 -33.82 -36.16
C ALA XB 2 -19.52 -33.89 -36.85
N GLU XB 3 -20.16 -35.06 -36.77
CA GLU XB 3 -21.51 -35.21 -37.29
C GLU XB 3 -22.45 -34.21 -36.63
N ILE XB 4 -22.33 -34.03 -35.31
CA ILE XB 4 -23.13 -33.03 -34.63
C ILE XB 4 -22.84 -31.67 -35.19
N LEU XB 5 -21.57 -31.36 -35.43
CA LEU XB 5 -21.21 -30.04 -35.92
C LEU XB 5 -21.83 -29.77 -37.28
N LYS XB 6 -21.72 -30.73 -38.20
CA LYS XB 6 -22.29 -30.53 -39.52
C LYS XB 6 -23.81 -30.47 -39.46
N ALA XB 7 -24.42 -31.20 -38.52
CA ALA XB 7 -25.84 -31.05 -38.28
C ALA XB 7 -26.16 -29.61 -37.92
N ASP XB 8 -25.38 -29.05 -36.99
CA ASP XB 8 -25.56 -27.65 -36.62
C ASP XB 8 -25.41 -26.75 -37.82
N ALA XB 9 -24.44 -27.04 -38.67
CA ALA XB 9 -24.21 -26.24 -39.87
C ALA XB 9 -25.46 -26.24 -40.73
N GLU XB 10 -26.03 -27.41 -40.96
CA GLU XB 10 -27.23 -27.50 -41.78
C GLU XB 10 -28.39 -26.77 -41.10
N ILE XB 11 -28.47 -26.88 -39.77
CA ILE XB 11 -29.47 -26.11 -39.02
C ILE XB 11 -29.37 -24.65 -39.36
N LEU XB 12 -28.17 -24.09 -39.17
CA LEU XB 12 -27.99 -22.66 -39.37
C LEU XB 12 -28.24 -22.28 -40.82
N LYS XB 13 -27.87 -23.15 -41.76
CA LYS XB 13 -28.16 -22.89 -43.16
C LYS XB 13 -29.66 -22.76 -43.37
N ALA XB 14 -30.42 -23.70 -42.85
CA ALA XB 14 -31.87 -23.64 -42.98
C ALA XB 14 -32.41 -22.37 -42.33
N TYR XB 15 -31.85 -22.00 -41.18
CA TYR XB 15 -32.30 -20.77 -40.52
C TYR XB 15 -32.06 -19.57 -41.41
N ALA XB 16 -30.88 -19.50 -42.02
CA ALA XB 16 -30.58 -18.42 -42.94
C ALA XB 16 -31.56 -18.41 -44.11
N LYS XB 17 -31.92 -19.60 -44.58
CA LYS XB 17 -32.89 -19.68 -45.67
C LYS XB 17 -34.23 -19.10 -45.24
N ILE XB 18 -34.68 -19.47 -44.05
CA ILE XB 18 -35.92 -18.90 -43.52
C ILE XB 18 -35.81 -17.39 -43.47
N LEU XB 19 -34.67 -16.90 -42.99
CA LEU XB 19 -34.48 -15.47 -42.85
C LEU XB 19 -34.58 -14.76 -44.19
N GLU XB 20 -33.85 -15.24 -45.18
CA GLU XB 20 -33.85 -14.57 -46.47
C GLU XB 20 -35.20 -14.71 -47.16
N ALA XB 21 -35.93 -15.80 -46.90
CA ALA XB 21 -37.26 -15.92 -47.47
C ALA XB 21 -38.21 -14.90 -46.85
N HIS XB 22 -38.19 -14.79 -45.53
CA HIS XB 22 -38.95 -13.74 -44.86
C HIS XB 22 -38.55 -12.37 -45.38
N ALA XB 23 -37.26 -12.21 -45.70
CA ALA XB 23 -36.78 -10.95 -46.25
C ALA XB 23 -37.39 -10.69 -47.62
N GLU XB 24 -37.43 -11.71 -48.47
CA GLU XB 24 -38.02 -11.55 -49.79
C GLU XB 24 -39.50 -11.21 -49.68
N ILE XB 25 -40.19 -11.82 -48.73
CA ILE XB 25 -41.60 -11.50 -48.53
C ILE XB 25 -41.76 -10.06 -48.07
N LEU XB 26 -40.93 -9.63 -47.12
CA LEU XB 26 -40.95 -8.23 -46.68
C LEU XB 26 -40.70 -7.30 -47.87
N LYS XB 27 -39.77 -7.68 -48.74
CA LYS XB 27 -39.49 -6.90 -49.93
C LYS XB 27 -40.69 -6.83 -50.85
N ALA XB 28 -41.43 -7.93 -50.98
CA ALA XB 28 -42.64 -7.93 -51.78
C ALA XB 28 -43.71 -7.04 -51.17
N GLN XB 29 -43.69 -6.83 -49.86
CA GLN XB 29 -44.64 -5.94 -49.21
C GLN XB 29 -44.12 -4.51 -49.24
N GLN YB 1 47.99 11.05 -35.32
CA GLN YB 1 47.03 11.83 -36.09
C GLN YB 1 45.76 12.06 -35.30
N ALA YB 2 45.38 11.09 -34.48
CA ALA YB 2 44.11 11.15 -33.77
C ALA YB 2 44.02 12.41 -32.91
N GLU YB 3 45.12 12.77 -32.26
CA GLU YB 3 45.16 13.97 -31.44
C GLU YB 3 44.68 15.20 -32.21
N ILE YB 4 44.90 15.24 -33.51
CA ILE YB 4 44.33 16.32 -34.32
C ILE YB 4 42.82 16.32 -34.18
N LEU YB 5 42.22 15.13 -34.31
CA LEU YB 5 40.78 15.03 -34.16
C LEU YB 5 40.36 15.38 -32.75
N LYS YB 6 41.19 15.05 -31.76
CA LYS YB 6 40.92 15.47 -30.40
C LYS YB 6 40.83 16.98 -30.31
N ALA YB 7 41.76 17.66 -30.98
CA ALA YB 7 41.72 19.12 -30.99
C ALA YB 7 40.45 19.62 -31.67
N ASP YB 8 40.04 18.96 -32.75
CA ASP YB 8 38.80 19.35 -33.40
C ASP YB 8 37.64 19.22 -32.44
N ALA YB 9 37.56 18.09 -31.74
CA ALA YB 9 36.51 17.90 -30.76
C ALA YB 9 36.59 18.97 -29.68
N GLU YB 10 37.79 19.39 -29.34
CA GLU YB 10 37.93 20.45 -28.36
C GLU YB 10 37.32 21.74 -28.88
N ILE YB 11 37.59 22.05 -30.15
CA ILE YB 11 36.96 23.19 -30.81
C ILE YB 11 35.45 23.12 -30.63
N LEU YB 12 34.89 21.97 -31.01
CA LEU YB 12 33.44 21.85 -30.99
C LEU YB 12 32.90 21.96 -29.59
N LYS YB 13 33.59 21.35 -28.62
CA LYS YB 13 33.14 21.43 -27.23
C LYS YB 13 33.18 22.86 -26.74
N ALA YB 14 34.19 23.61 -27.17
CA ALA YB 14 34.24 25.03 -26.83
C ALA YB 14 33.02 25.74 -27.38
N TYR YB 15 32.69 25.47 -28.64
CA TYR YB 15 31.50 26.10 -29.22
C TYR YB 15 30.26 25.73 -28.43
N ALA YB 16 30.18 24.47 -28.00
CA ALA YB 16 29.05 24.03 -27.21
C ALA YB 16 28.98 24.79 -25.90
N LYS YB 17 30.12 24.99 -25.27
CA LYS YB 17 30.14 25.76 -24.04
C LYS YB 17 29.68 27.18 -24.29
N ILE YB 18 30.04 27.74 -25.44
CA ILE YB 18 29.55 29.06 -25.81
C ILE YB 18 28.04 29.07 -25.81
N LEU YB 19 27.44 28.14 -26.54
CA LEU YB 19 25.99 28.11 -26.64
C LEU YB 19 25.36 27.90 -25.28
N GLU YB 20 25.96 27.04 -24.47
CA GLU YB 20 25.45 26.78 -23.13
C GLU YB 20 25.46 28.04 -22.30
N ALA YB 21 26.54 28.81 -22.39
CA ALA YB 21 26.61 30.06 -21.66
C ALA YB 21 25.56 31.04 -22.17
N HIS YB 22 25.34 31.06 -23.48
CA HIS YB 22 24.30 31.92 -24.01
C HIS YB 22 22.96 31.57 -23.42
N ALA YB 23 22.68 30.27 -23.33
CA ALA YB 23 21.46 29.81 -22.69
C ALA YB 23 21.42 30.24 -21.23
N GLU YB 24 22.57 30.16 -20.56
CA GLU YB 24 22.62 30.58 -19.17
C GLU YB 24 22.21 32.04 -19.05
N ILE YB 25 22.76 32.89 -19.91
CA ILE YB 25 22.35 34.29 -19.95
C ILE YB 25 20.85 34.38 -20.09
N LEU YB 26 20.31 33.80 -21.16
CA LEU YB 26 18.90 33.99 -21.47
C LEU YB 26 18.03 33.51 -20.33
N LYS YB 27 18.36 32.36 -19.75
CA LYS YB 27 17.65 31.87 -18.57
C LYS YB 27 17.75 32.86 -17.43
N ALA YB 28 18.89 33.52 -17.29
CA ALA YB 28 19.06 34.42 -16.17
C ALA YB 28 18.13 35.62 -16.25
N GLN YB 29 17.78 36.05 -17.45
CA GLN YB 29 16.97 37.24 -17.62
C GLN YB 29 15.66 37.16 -16.88
N GLN ZB 1 40.97 17.08 -43.79
CA GLN ZB 1 40.48 17.64 -42.54
C GLN ZB 1 40.08 19.09 -42.73
N ALA ZB 2 40.80 19.77 -43.62
CA ALA ZB 2 40.59 21.19 -43.88
C ALA ZB 2 39.12 21.49 -44.15
N GLU ZB 3 38.43 20.54 -44.77
CA GLU ZB 3 36.99 20.67 -44.94
C GLU ZB 3 36.29 20.86 -43.61
N ILE ZB 4 36.69 20.11 -42.60
CA ILE ZB 4 36.12 20.29 -41.27
C ILE ZB 4 36.38 21.69 -40.78
N LEU ZB 5 37.61 22.19 -41.00
CA LEU ZB 5 37.97 23.50 -40.51
C LEU ZB 5 37.10 24.58 -41.15
N LYS ZB 6 36.95 24.51 -42.48
CA LYS ZB 6 36.13 25.52 -43.15
C LYS ZB 6 34.67 25.38 -42.76
N ALA ZB 7 34.21 24.17 -42.48
CA ALA ZB 7 32.89 23.99 -41.92
C ALA ZB 7 32.76 24.76 -40.61
N ASP ZB 8 33.76 24.61 -39.74
CA ASP ZB 8 33.77 25.34 -38.48
C ASP ZB 8 33.73 26.85 -38.75
N ALA ZB 9 34.50 27.28 -39.74
CA ALA ZB 9 34.53 28.70 -40.06
C ALA ZB 9 33.14 29.19 -40.43
N GLU ZB 10 32.44 28.45 -41.28
CA GLU ZB 10 31.09 28.84 -41.66
C GLU ZB 10 30.15 28.81 -40.46
N ILE ZB 11 30.34 27.82 -39.59
CA ILE ZB 11 29.59 27.77 -38.34
C ILE ZB 11 29.73 29.07 -37.58
N LEU ZB 12 30.97 29.46 -37.32
CA LEU ZB 12 31.22 30.65 -36.52
C LEU ZB 12 30.71 31.88 -37.22
N LYS ZB 13 30.82 31.92 -38.55
CA LYS ZB 13 30.26 33.05 -39.30
C LYS ZB 13 28.77 33.17 -39.06
N ALA ZB 14 28.05 32.04 -39.18
CA ALA ZB 14 26.62 32.07 -38.92
C ALA ZB 14 26.33 32.50 -37.49
N TYR ZB 15 27.14 32.03 -36.55
CA TYR ZB 15 26.93 32.43 -35.16
C TYR ZB 15 27.07 33.93 -35.01
N ALA ZB 16 28.10 34.50 -35.64
CA ALA ZB 16 28.29 35.94 -35.59
C ALA ZB 16 27.11 36.65 -36.21
N LYS ZB 17 26.56 36.09 -37.28
CA LYS ZB 17 25.38 36.69 -37.90
C LYS ZB 17 24.22 36.70 -36.93
N ILE ZB 18 23.99 35.58 -36.27
CA ILE ZB 18 22.93 35.53 -35.25
C ILE ZB 18 23.17 36.59 -34.20
N LEU ZB 19 24.42 36.72 -33.77
CA LEU ZB 19 24.75 37.68 -32.72
C LEU ZB 19 24.43 39.10 -33.16
N GLU ZB 20 24.90 39.49 -34.33
CA GLU ZB 20 24.69 40.86 -34.77
C GLU ZB 20 23.22 41.11 -35.08
N ALA ZB 21 22.48 40.09 -35.50
CA ALA ZB 21 21.05 40.27 -35.71
C ALA ZB 21 20.33 40.51 -34.39
N HIS ZB 22 20.63 39.68 -33.39
CA HIS ZB 22 20.10 39.92 -32.05
C HIS ZB 22 20.50 41.30 -31.56
N ALA ZB 23 21.70 41.76 -31.94
CA ALA ZB 23 22.15 43.09 -31.55
C ALA ZB 23 21.30 44.16 -32.21
N GLU ZB 24 21.01 44.00 -33.50
CA GLU ZB 24 20.17 44.96 -34.19
C GLU ZB 24 18.78 45.01 -33.59
N ILE ZB 25 18.25 43.85 -33.19
CA ILE ZB 25 16.94 43.83 -32.55
C ILE ZB 25 17.00 44.55 -31.21
N LEU ZB 26 18.04 44.29 -30.41
CA LEU ZB 26 18.21 45.00 -29.16
C LEU ZB 26 18.28 46.51 -29.40
N LYS ZB 27 18.99 46.90 -30.46
CA LYS ZB 27 19.08 48.31 -30.81
C LYS ZB 27 17.72 48.88 -31.17
N ALA ZB 28 16.89 48.11 -31.87
CA ALA ZB 28 15.53 48.55 -32.18
C ALA ZB 28 14.68 48.69 -30.94
N GLN ZB 29 15.00 47.95 -29.88
CA GLN ZB 29 14.27 48.07 -28.62
C GLN ZB 29 14.88 49.17 -27.77
N GLN AC 1 -23.89 -9.80 36.00
CA GLN AC 1 -24.14 -11.12 36.56
C GLN AC 1 -25.05 -11.93 35.65
N ALA AC 2 -25.98 -11.24 34.98
CA ALA AC 2 -26.98 -11.95 34.19
C ALA AC 2 -26.34 -12.82 33.12
N GLU AC 3 -25.27 -12.32 32.51
CA GLU AC 3 -24.56 -13.09 31.50
C GLU AC 3 -24.15 -14.46 32.01
N ILE AC 4 -23.89 -14.60 33.31
CA ILE AC 4 -23.65 -15.92 33.86
C ILE AC 4 -24.86 -16.82 33.63
N LEU AC 5 -26.04 -16.28 33.91
CA LEU AC 5 -27.26 -17.03 33.68
C LEU AC 5 -27.45 -17.31 32.20
N LYS AC 6 -27.04 -16.37 31.36
CA LYS AC 6 -27.07 -16.62 29.91
C LYS AC 6 -26.23 -17.84 29.57
N ALA AC 7 -25.04 -17.93 30.17
CA ALA AC 7 -24.20 -19.09 29.94
C ALA AC 7 -24.86 -20.36 30.42
N ASP AC 8 -25.53 -20.29 31.57
CA ASP AC 8 -26.26 -21.45 32.06
C ASP AC 8 -27.30 -21.88 31.06
N ALA AC 9 -28.08 -20.93 30.57
CA ALA AC 9 -29.09 -21.24 29.55
C ALA AC 9 -28.43 -21.82 28.32
N GLU AC 10 -27.23 -21.37 27.99
CA GLU AC 10 -26.53 -21.94 26.86
C GLU AC 10 -26.21 -23.40 27.11
N ILE AC 11 -25.74 -23.71 28.32
CA ILE AC 11 -25.52 -25.09 28.73
C ILE AC 11 -26.78 -25.91 28.47
N LEU AC 12 -27.89 -25.43 28.99
CA LEU AC 12 -29.12 -26.19 28.89
C LEU AC 12 -29.55 -26.36 27.44
N LYS AC 13 -29.42 -25.30 26.65
CA LYS AC 13 -29.79 -25.39 25.24
C LYS AC 13 -28.92 -26.40 24.52
N ALA AC 14 -27.64 -26.44 24.89
CA ALA AC 14 -26.77 -27.46 24.32
C ALA AC 14 -27.28 -28.84 24.64
N TYR AC 15 -27.64 -29.06 25.91
CA TYR AC 15 -28.18 -30.36 26.28
C TYR AC 15 -29.42 -30.68 25.49
N ALA AC 16 -30.27 -29.68 25.27
CA ALA AC 16 -31.48 -29.87 24.49
C ALA AC 16 -31.13 -30.27 23.07
N LYS AC 17 -30.13 -29.63 22.50
CA LYS AC 17 -29.71 -29.99 21.16
C LYS AC 17 -29.20 -31.42 21.13
N ILE AC 18 -28.53 -31.85 22.20
CA ILE AC 18 -28.10 -33.24 22.30
C ILE AC 18 -29.29 -34.16 22.19
N LEU AC 19 -30.30 -33.92 23.03
CA LEU AC 19 -31.47 -34.79 23.02
C LEU AC 19 -32.15 -34.77 21.67
N GLU AC 20 -32.24 -33.58 21.07
CA GLU AC 20 -32.87 -33.46 19.77
C GLU AC 20 -32.13 -34.29 18.73
N ALA AC 21 -30.81 -34.25 18.78
CA ALA AC 21 -30.03 -35.05 17.84
C ALA AC 21 -30.26 -36.52 18.10
N HIS AC 22 -30.35 -36.91 19.37
CA HIS AC 22 -30.62 -38.31 19.67
C HIS AC 22 -31.94 -38.74 19.05
N ALA AC 23 -32.95 -37.88 19.18
CA ALA AC 23 -34.22 -38.14 18.53
C ALA AC 23 -34.07 -38.24 17.02
N GLU AC 24 -33.24 -37.37 16.45
CA GLU AC 24 -33.00 -37.42 15.03
C GLU AC 24 -32.45 -38.78 14.62
N ILE AC 25 -31.47 -39.26 15.37
CA ILE AC 25 -30.94 -40.60 15.15
C ILE AC 25 -32.07 -41.61 15.16
N LEU AC 26 -32.79 -41.67 16.27
CA LEU AC 26 -33.79 -42.71 16.45
C LEU AC 26 -34.83 -42.67 15.34
N LYS AC 27 -35.30 -41.47 15.00
CA LYS AC 27 -36.20 -41.31 13.87
C LYS AC 27 -35.58 -41.82 12.58
N ALA AC 28 -34.29 -41.62 12.41
CA ALA AC 28 -33.66 -42.01 11.17
C ALA AC 28 -33.67 -43.53 10.98
N GLN AC 29 -33.64 -44.28 12.07
CA GLN AC 29 -33.53 -45.73 11.98
C GLN AC 29 -34.67 -46.32 11.17
N GLN BC 1 -25.41 -20.23 42.82
CA GLN BC 1 -25.53 -20.73 41.46
C GLN BC 1 -24.95 -22.13 41.36
N ALA BC 2 -23.93 -22.39 42.18
CA ALA BC 2 -23.23 -23.67 42.18
C ALA BC 2 -24.19 -24.84 42.28
N GLU BC 3 -25.30 -24.62 42.99
CA GLU BC 3 -26.34 -25.63 43.05
C GLU BC 3 -26.85 -25.96 41.66
N ILE BC 4 -27.04 -24.94 40.83
CA ILE BC 4 -27.45 -25.20 39.45
C ILE BC 4 -26.40 -26.04 38.75
N LEU BC 5 -25.12 -25.73 38.96
CA LEU BC 5 -24.07 -26.45 38.28
C LEU BC 5 -24.07 -27.92 38.67
N LYS BC 6 -24.17 -28.20 39.98
CA LYS BC 6 -24.18 -29.59 40.41
C LYS BC 6 -25.44 -30.30 39.95
N ALA BC 7 -26.55 -29.58 39.85
CA ALA BC 7 -27.74 -30.15 39.23
C ALA BC 7 -27.44 -30.58 37.80
N ASP BC 8 -26.78 -29.71 37.04
CA ASP BC 8 -26.39 -30.06 35.68
C ASP BC 8 -25.50 -31.28 35.69
N ALA BC 9 -24.58 -31.35 36.64
CA ALA BC 9 -23.68 -32.50 36.72
C ALA BC 9 -24.47 -33.78 36.89
N GLU BC 10 -25.44 -33.76 37.81
CA GLU BC 10 -26.25 -34.95 38.03
C GLU BC 10 -27.07 -35.27 36.78
N ILE BC 11 -27.55 -34.24 36.10
CA ILE BC 11 -28.26 -34.43 34.83
C ILE BC 11 -27.39 -35.22 33.88
N LEU BC 12 -26.18 -34.73 33.63
CA LEU BC 12 -25.30 -35.36 32.67
C LEU BC 12 -24.92 -36.76 33.11
N LYS BC 13 -24.75 -36.96 34.42
CA LYS BC 13 -24.48 -38.29 34.93
C LYS BC 13 -25.61 -39.26 34.56
N ALA BC 14 -26.84 -38.83 34.82
CA ALA BC 14 -27.98 -39.66 34.47
C ALA BC 14 -28.02 -39.92 32.97
N TYR BC 15 -27.71 -38.90 32.18
CA TYR BC 15 -27.70 -39.09 30.74
C TYR BC 15 -26.68 -40.15 30.35
N ALA BC 16 -25.48 -40.08 30.93
CA ALA BC 16 -24.47 -41.08 30.66
C ALA BC 16 -24.95 -42.46 31.06
N LYS BC 17 -25.67 -42.54 32.17
CA LYS BC 17 -26.21 -43.82 32.59
C LYS BC 17 -27.17 -44.37 31.55
N ILE BC 18 -28.08 -43.52 31.07
CA ILE BC 18 -28.99 -43.93 30.02
C ILE BC 18 -28.21 -44.43 28.82
N LEU BC 19 -27.16 -43.70 28.46
CA LEU BC 19 -26.37 -44.06 27.28
C LEU BC 19 -25.75 -45.43 27.45
N GLU BC 20 -25.08 -45.66 28.58
CA GLU BC 20 -24.40 -46.94 28.76
C GLU BC 20 -25.40 -48.08 28.91
N ALA BC 21 -26.59 -47.79 29.44
CA ALA BC 21 -27.60 -48.84 29.52
C ALA BC 21 -28.09 -49.22 28.14
N HIS BC 22 -28.40 -48.22 27.31
CA HIS BC 22 -28.74 -48.49 25.92
C HIS BC 22 -27.61 -49.23 25.23
N ALA BC 23 -26.36 -48.93 25.60
CA ALA BC 23 -25.22 -49.63 25.04
C ALA BC 23 -25.21 -51.10 25.44
N GLU BC 24 -25.49 -51.37 26.72
CA GLU BC 24 -25.54 -52.75 27.18
C GLU BC 24 -26.64 -53.52 26.48
N ILE BC 25 -27.78 -52.86 26.25
CA ILE BC 25 -28.87 -53.52 25.52
C ILE BC 25 -28.45 -53.82 24.10
N LEU BC 26 -27.82 -52.84 23.43
CA LEU BC 26 -27.31 -53.07 22.08
C LEU BC 26 -26.33 -54.24 22.07
N LYS BC 27 -25.48 -54.31 23.09
CA LYS BC 27 -24.54 -55.41 23.21
C LYS BC 27 -25.25 -56.74 23.36
N ALA BC 28 -26.35 -56.76 24.12
CA ALA BC 28 -27.13 -57.97 24.26
C ALA BC 28 -27.80 -58.38 22.95
N GLN BC 29 -28.04 -57.43 22.06
CA GLN BC 29 -28.61 -57.73 20.75
C GLN BC 29 -27.50 -58.07 19.77
N GLN CC 1 37.89 46.85 15.97
CA GLN CC 1 37.27 46.68 17.28
C GLN CC 1 36.52 45.37 17.36
N ALA CC 2 35.94 44.94 16.23
CA ALA CC 2 35.09 43.76 16.23
C ALA CC 2 35.84 42.54 16.74
N GLU CC 3 37.11 42.41 16.36
CA GLU CC 3 37.92 41.29 16.81
C GLU CC 3 37.92 41.16 18.32
N ILE CC 4 37.80 42.28 19.05
CA ILE CC 4 37.63 42.20 20.50
C ILE CC 4 36.40 41.38 20.83
N LEU CC 5 35.30 41.67 20.15
CA LEU CC 5 34.08 40.92 20.38
C LEU CC 5 34.25 39.47 19.96
N LYS CC 6 35.05 39.23 18.91
CA LYS CC 6 35.37 37.86 18.54
C LYS CC 6 36.05 37.14 19.69
N ALA CC 7 36.99 37.82 20.35
CA ALA CC 7 37.65 37.22 21.49
C ALA CC 7 36.66 36.95 22.62
N ASP CC 8 35.72 37.87 22.82
CA ASP CC 8 34.70 37.65 23.84
C ASP CC 8 33.90 36.38 23.52
N ALA CC 9 33.48 36.26 22.26
CA ALA CC 9 32.75 35.08 21.84
C ALA CC 9 33.61 33.84 22.04
N GLU CC 10 34.91 33.97 21.83
CA GLU CC 10 35.79 32.83 22.07
C GLU CC 10 35.77 32.43 23.53
N ILE CC 11 35.82 33.43 24.43
CA ILE CC 11 35.68 33.18 25.85
C ILE CC 11 34.42 32.37 26.11
N LEU CC 12 33.31 32.85 25.58
CA LEU CC 12 32.04 32.21 25.88
C LEU CC 12 31.99 30.79 25.31
N LYS CC 13 32.52 30.61 24.10
CA LYS CC 13 32.54 29.29 23.50
C LYS CC 13 33.39 28.34 24.32
N ALA CC 14 34.49 28.85 24.87
CA ALA CC 14 35.30 28.04 25.76
C ALA CC 14 34.48 27.59 26.96
N TYR CC 15 33.76 28.54 27.56
CA TYR CC 15 32.92 28.18 28.70
C TYR CC 15 31.89 27.12 28.30
N ALA CC 16 31.34 27.26 27.11
CA ALA CC 16 30.37 26.28 26.63
C ALA CC 16 31.01 24.92 26.49
N LYS CC 17 32.24 24.89 25.97
CA LYS CC 17 32.95 23.62 25.87
C LYS CC 17 33.18 23.01 27.23
N ILE CC 18 33.44 23.86 28.22
CA ILE CC 18 33.58 23.39 29.59
C ILE CC 18 32.32 22.67 30.01
N LEU CC 19 31.18 23.33 29.87
CA LEU CC 19 29.92 22.73 30.30
C LEU CC 19 29.65 21.45 29.54
N GLU CC 20 29.94 21.46 28.24
CA GLU CC 20 29.72 20.27 27.42
C GLU CC 20 30.57 19.12 27.93
N ALA CC 21 31.81 19.39 28.28
CA ALA CC 21 32.66 18.34 28.81
C ALA CC 21 32.13 17.85 30.14
N HIS CC 22 31.62 18.76 30.97
CA HIS CC 22 31.03 18.33 32.23
C HIS CC 22 29.88 17.37 31.98
N ALA CC 23 29.04 17.70 31.00
CA ALA CC 23 27.96 16.81 30.61
C ALA CC 23 28.52 15.48 30.13
N GLU CC 24 29.60 15.52 29.37
CA GLU CC 24 30.21 14.29 28.90
C GLU CC 24 30.60 13.41 30.07
N ILE CC 25 31.25 14.00 31.07
CA ILE CC 25 31.57 13.27 32.30
C ILE CC 25 30.32 12.63 32.86
N LEU CC 26 29.32 13.45 33.16
CA LEU CC 26 28.15 12.95 33.87
C LEU CC 26 27.48 11.83 33.09
N LYS CC 27 27.34 12.01 31.77
CA LYS CC 27 26.82 10.95 30.92
C LYS CC 27 27.67 9.70 31.00
N ALA CC 28 28.98 9.86 31.13
CA ALA CC 28 29.85 8.69 31.14
C ALA CC 28 29.62 7.83 32.37
N GLN CC 29 29.23 8.44 33.49
CA GLN CC 29 29.09 7.71 34.74
C GLN CC 29 28.14 6.54 34.60
N GLN DC 1 32.77 47.72 27.39
CA GLN DC 1 32.93 46.27 27.25
C GLN DC 1 33.26 45.64 28.58
N ALA DC 2 33.96 46.40 29.43
CA ALA DC 2 34.39 45.93 30.73
C ALA DC 2 33.25 45.32 31.52
N GLU DC 3 32.04 45.86 31.33
CA GLU DC 3 30.86 45.26 31.92
C GLU DC 3 30.71 43.81 31.51
N ILE DC 4 30.94 43.53 30.23
CA ILE DC 4 30.89 42.14 29.77
C ILE DC 4 31.92 41.31 30.51
N LEU DC 5 33.12 41.85 30.68
CA LEU DC 5 34.18 41.11 31.33
C LEU DC 5 33.82 40.78 32.77
N LYS DC 6 33.32 41.76 33.51
CA LYS DC 6 32.94 41.49 34.90
C LYS DC 6 31.75 40.54 34.97
N ALA DC 7 30.86 40.61 33.99
CA ALA DC 7 29.80 39.62 33.91
C ALA DC 7 30.41 38.22 33.79
N ASP DC 8 31.38 38.07 32.90
CA ASP DC 8 32.08 36.80 32.76
C ASP DC 8 32.70 36.37 34.07
N ALA DC 9 33.30 37.33 34.78
CA ALA DC 9 33.92 37.03 36.06
C ALA DC 9 32.91 36.45 37.02
N GLU DC 10 31.74 37.09 37.11
CA GLU DC 10 30.71 36.59 38.01
C GLU DC 10 30.21 35.22 37.55
N ILE DC 11 30.12 35.03 36.24
CA ILE DC 11 29.77 33.72 35.70
C ILE DC 11 30.72 32.67 36.24
N LEU DC 12 32.02 32.89 36.04
CA LEU DC 12 33.00 31.90 36.45
C LEU DC 12 32.99 31.71 37.95
N LYS DC 13 32.76 32.78 38.70
CA LYS DC 13 32.65 32.65 40.15
C LYS DC 13 31.51 31.70 40.51
N ALA DC 14 30.34 31.91 39.91
CA ALA DC 14 29.23 31.04 40.18
C ALA DC 14 29.54 29.60 39.78
N TYR DC 15 30.25 29.43 38.66
CA TYR DC 15 30.62 28.09 38.24
C TYR DC 15 31.50 27.44 39.28
N ALA DC 16 32.48 28.18 39.79
CA ALA DC 16 33.34 27.65 40.84
C ALA DC 16 32.54 27.28 42.06
N LYS DC 17 31.52 28.09 42.39
CA LYS DC 17 30.68 27.78 43.52
C LYS DC 17 29.95 26.46 43.30
N ILE DC 18 29.39 26.27 42.12
CA ILE DC 18 28.74 25.01 41.79
C ILE DC 18 29.73 23.87 41.95
N LEU DC 19 30.95 24.07 41.47
CA LEU DC 19 31.95 23.01 41.52
C LEU DC 19 32.25 22.63 42.95
N GLU DC 20 32.54 23.62 43.80
CA GLU DC 20 32.91 23.30 45.17
C GLU DC 20 31.72 22.75 45.95
N ALA DC 21 30.50 23.13 45.59
CA ALA DC 21 29.34 22.55 46.25
C ALA DC 21 29.18 21.08 45.87
N HIS DC 22 29.30 20.77 44.58
CA HIS DC 22 29.32 19.38 44.15
C HIS DC 22 30.44 18.63 44.84
N ALA DC 23 31.56 19.31 45.07
CA ALA DC 23 32.68 18.68 45.77
C ALA DC 23 32.32 18.36 47.21
N GLU DC 24 31.66 19.30 47.89
CA GLU DC 24 31.25 19.05 49.27
C GLU DC 24 30.26 17.90 49.33
N ILE DC 25 29.36 17.81 48.36
CA ILE DC 25 28.42 16.70 48.33
C ILE DC 25 29.15 15.38 48.12
N LEU DC 26 30.10 15.36 47.18
CA LEU DC 26 30.92 14.16 46.97
C LEU DC 26 31.64 13.78 48.25
N LYS DC 27 32.15 14.78 48.97
CA LYS DC 27 32.82 14.53 50.24
C LYS DC 27 31.86 13.93 51.26
N ALA DC 28 30.61 14.40 51.28
CA ALA DC 28 29.63 13.83 52.18
C ALA DC 28 29.29 12.38 51.80
N GLN DC 29 29.46 12.01 50.55
CA GLN DC 29 29.24 10.64 50.12
C GLN DC 29 30.50 9.81 50.33
N GLN EC 1 -35.97 20.30 -18.79
CA GLN EC 1 -36.97 21.14 -18.15
C GLN EC 1 -37.88 20.32 -17.25
N ALA EC 2 -38.15 19.08 -17.66
CA ALA EC 2 -39.11 18.25 -16.94
C ALA EC 2 -38.71 18.07 -15.48
N GLU EC 3 -37.41 17.91 -15.24
CA GLU EC 3 -36.93 17.76 -13.88
C GLU EC 3 -37.39 18.89 -12.97
N ILE EC 4 -37.57 20.08 -13.53
CA ILE EC 4 -38.17 21.16 -12.75
C ILE EC 4 -39.54 20.75 -12.25
N LEU EC 5 -40.35 20.20 -13.14
CA LEU EC 5 -41.67 19.73 -12.77
C LEU EC 5 -41.57 18.59 -11.76
N LYS EC 6 -40.54 17.75 -11.91
CA LYS EC 6 -40.30 16.71 -10.92
C LYS EC 6 -40.09 17.33 -9.54
N ALA EC 7 -39.31 18.40 -9.49
CA ALA EC 7 -39.10 19.08 -8.21
C ALA EC 7 -40.41 19.65 -7.68
N ASP EC 8 -41.23 20.19 -8.56
CA ASP EC 8 -42.53 20.69 -8.13
C ASP EC 8 -43.35 19.58 -7.51
N ALA EC 9 -43.41 18.44 -8.19
CA ALA EC 9 -44.12 17.29 -7.66
C ALA EC 9 -43.54 16.87 -6.33
N GLU EC 10 -42.22 17.00 -6.17
CA GLU EC 10 -41.61 16.68 -4.89
C GLU EC 10 -42.11 17.61 -3.81
N ILE EC 11 -42.19 18.90 -4.12
CA ILE EC 11 -42.79 19.87 -3.21
C ILE EC 11 -44.16 19.40 -2.77
N LEU EC 12 -45.00 19.07 -3.74
CA LEU EC 12 -46.38 18.72 -3.43
C LEU EC 12 -46.43 17.45 -2.60
N LYS EC 13 -45.60 16.47 -2.94
CA LYS EC 13 -45.58 15.22 -2.19
C LYS EC 13 -45.14 15.46 -0.76
N ALA EC 14 -44.19 16.38 -0.58
CA ALA EC 14 -43.80 16.76 0.77
C ALA EC 14 -44.98 17.32 1.53
N TYR EC 15 -45.72 18.22 0.89
CA TYR EC 15 -46.90 18.78 1.55
C TYR EC 15 -47.89 17.68 1.91
N ALA EC 16 -48.04 16.72 1.02
CA ALA EC 16 -48.94 15.61 1.28
C ALA EC 16 -48.47 14.80 2.48
N LYS EC 17 -47.17 14.58 2.57
CA LYS EC 17 -46.64 13.88 3.73
C LYS EC 17 -46.90 14.67 4.99
N ILE EC 18 -46.82 16.00 4.91
CA ILE EC 18 -47.17 16.83 6.06
C ILE EC 18 -48.58 16.54 6.51
N LEU EC 19 -49.52 16.62 5.58
CA LEU EC 19 -50.92 16.40 5.94
C LEU EC 19 -51.12 15.00 6.49
N GLU EC 20 -50.46 14.02 5.89
CA GLU EC 20 -50.58 12.65 6.35
C GLU EC 20 -50.09 12.52 7.78
N ALA EC 21 -48.98 13.17 8.08
CA ALA EC 21 -48.47 13.13 9.45
C ALA EC 21 -49.44 13.81 10.39
N HIS EC 22 -50.04 14.91 9.96
CA HIS EC 22 -51.02 15.57 10.80
C HIS EC 22 -52.17 14.63 11.12
N ALA EC 23 -52.62 13.89 10.11
CA ALA EC 23 -53.64 12.88 10.33
C ALA EC 23 -53.16 11.82 11.29
N GLU EC 24 -51.89 11.43 11.16
CA GLU EC 24 -51.34 10.43 12.07
C GLU EC 24 -51.44 10.92 13.51
N ILE EC 25 -51.04 12.17 13.73
CA ILE EC 25 -51.19 12.79 15.06
C ILE EC 25 -52.63 12.65 15.52
N LEU EC 26 -53.55 13.20 14.74
CA LEU EC 26 -54.93 13.27 15.19
C LEU EC 26 -55.48 11.89 15.49
N LYS EC 27 -55.21 10.93 14.62
CA LYS EC 27 -55.58 9.54 14.88
C LYS EC 27 -54.98 9.03 16.17
N ALA EC 28 -53.75 9.44 16.47
CA ALA EC 28 -53.08 8.92 17.65
C ALA EC 28 -53.78 9.37 18.93
N GLN EC 29 -54.39 10.54 18.92
CA GLN EC 29 -54.99 11.09 20.13
C GLN EC 29 -56.01 10.14 20.73
N GLN FC 1 -44.09 29.04 -14.90
CA GLN FC 1 -44.07 28.12 -13.77
C GLN FC 1 -44.25 28.88 -12.46
N ALA FC 2 -43.73 30.10 -12.44
CA ALA FC 2 -43.77 30.95 -11.25
C ALA FC 2 -45.17 31.03 -10.66
N GLU FC 3 -46.17 30.98 -11.53
CA GLU FC 3 -47.55 30.92 -11.06
C GLU FC 3 -47.76 29.71 -10.16
N ILE FC 4 -47.20 28.56 -10.53
CA ILE FC 4 -47.29 27.39 -9.68
C ILE FC 4 -46.65 27.68 -8.34
N LEU FC 5 -45.49 28.33 -8.35
CA LEU FC 5 -44.78 28.60 -7.11
C LEU FC 5 -45.59 29.49 -6.20
N LYS FC 6 -46.15 30.56 -6.73
CA LYS FC 6 -46.95 31.44 -5.88
C LYS FC 6 -48.22 30.76 -5.42
N ALA FC 7 -48.77 29.87 -6.24
CA ALA FC 7 -49.88 29.04 -5.77
C ALA FC 7 -49.45 28.24 -4.54
N ASP FC 8 -48.29 27.61 -4.62
CA ASP FC 8 -47.76 26.87 -3.48
C ASP FC 8 -47.61 27.79 -2.28
N ALA FC 9 -47.13 29.01 -2.51
CA ALA FC 9 -46.95 29.95 -1.42
C ALA FC 9 -48.28 30.21 -0.73
N GLU FC 10 -49.32 30.47 -1.51
CA GLU FC 10 -50.63 30.71 -0.93
C GLU FC 10 -51.14 29.48 -0.20
N ILE FC 11 -50.87 28.30 -0.76
CA ILE FC 11 -51.20 27.05 -0.09
C ILE FC 11 -50.61 27.03 1.31
N LEU FC 12 -49.30 27.22 1.38
CA LEU FC 12 -48.62 27.13 2.65
C LEU FC 12 -49.09 28.22 3.60
N LYS FC 13 -49.40 29.41 3.07
CA LYS FC 13 -49.95 30.46 3.91
C LYS FC 13 -51.25 30.01 4.55
N ALA FC 14 -52.15 29.46 3.73
CA ALA FC 14 -53.41 28.97 4.28
C ALA FC 14 -53.17 27.88 5.30
N TYR FC 15 -52.21 27.00 5.05
CA TYR FC 15 -51.90 25.95 6.00
C TYR FC 15 -51.46 26.55 7.33
N ALA FC 16 -50.59 27.55 7.27
CA ALA FC 16 -50.15 28.22 8.48
C ALA FC 16 -51.33 28.85 9.20
N LYS FC 17 -52.26 29.41 8.44
CA LYS FC 17 -53.44 29.99 9.06
C LYS FC 17 -54.24 28.93 9.80
N ILE FC 18 -54.45 27.78 9.17
CA ILE FC 18 -55.13 26.68 9.83
C ILE FC 18 -54.40 26.31 11.11
N LEU FC 19 -53.07 26.24 11.03
CA LEU FC 19 -52.28 25.85 12.19
C LEU FC 19 -52.47 26.82 13.33
N GLU FC 20 -52.32 28.12 13.06
CA GLU FC 20 -52.42 29.09 14.14
C GLU FC 20 -53.84 29.18 14.67
N ALA FC 21 -54.84 28.92 13.83
CA ALA FC 21 -56.21 28.91 14.32
C ALA FC 21 -56.43 27.74 15.26
N HIS FC 22 -55.98 26.54 14.86
CA HIS FC 22 -56.03 25.40 15.75
C HIS FC 22 -55.27 25.70 17.04
N ALA FC 23 -54.18 26.46 16.93
CA ALA FC 23 -53.41 26.84 18.11
C ALA FC 23 -54.22 27.74 19.02
N GLU FC 24 -54.92 28.72 18.45
CA GLU FC 24 -55.75 29.61 19.26
C GLU FC 24 -56.86 28.83 19.95
N ILE FC 25 -57.43 27.85 19.25
CA ILE FC 25 -58.46 27.02 19.87
C ILE FC 25 -57.87 26.22 21.02
N LEU FC 26 -56.71 25.61 20.80
CA LEU FC 26 -56.03 24.89 21.88
C LEU FC 26 -55.77 25.81 23.07
N LYS FC 27 -55.37 27.04 22.79
CA LYS FC 27 -55.14 28.03 23.83
C LYS FC 27 -56.43 28.34 24.59
N ALA FC 28 -57.55 28.42 23.88
CA ALA FC 28 -58.84 28.62 24.53
C ALA FC 28 -59.23 27.44 25.41
N GLN FC 29 -58.74 26.25 25.10
CA GLN FC 29 -59.01 25.07 25.92
C GLN FC 29 -57.99 24.97 27.04
N GLN GC 1 60.05 -12.43 17.68
CA GLN GC 1 59.80 -13.67 16.99
C GLN GC 1 58.56 -13.56 16.11
N ALA GC 2 57.59 -12.79 16.55
CA ALA GC 2 56.31 -12.72 15.85
C ALA GC 2 56.49 -12.26 14.41
N GLU GC 3 57.39 -11.31 14.20
CA GLU GC 3 57.67 -10.84 12.85
C GLU GC 3 58.00 -11.98 11.89
N ILE GC 4 58.62 -13.04 12.40
CA ILE GC 4 58.82 -14.24 11.56
C ILE GC 4 57.49 -14.75 11.06
N LEU GC 5 56.52 -14.85 11.97
CA LEU GC 5 55.19 -15.30 11.58
C LEU GC 5 54.55 -14.31 10.63
N LYS GC 6 54.82 -13.02 10.82
CA LYS GC 6 54.35 -12.03 9.86
C LYS GC 6 54.88 -12.32 8.48
N ALA GC 7 56.16 -12.67 8.39
CA ALA GC 7 56.74 -13.01 7.10
C ALA GC 7 56.07 -14.25 6.53
N ASP GC 8 55.78 -15.22 7.38
CA ASP GC 8 55.08 -16.41 6.90
C ASP GC 8 53.73 -16.03 6.31
N ALA GC 9 52.99 -15.20 7.03
CA ALA GC 9 51.70 -14.74 6.53
C ALA GC 9 51.88 -13.98 5.22
N GLU GC 10 52.98 -13.26 5.08
CA GLU GC 10 53.25 -12.57 3.83
C GLU GC 10 53.43 -13.57 2.71
N ILE GC 11 54.17 -14.64 2.97
CA ILE GC 11 54.31 -15.74 2.01
C ILE GC 11 52.93 -16.21 1.56
N LEU GC 12 52.09 -16.51 2.54
CA LEU GC 12 50.79 -17.09 2.21
C LEU GC 12 49.95 -16.09 1.44
N LYS GC 13 49.98 -14.83 1.83
CA LYS GC 13 49.21 -13.81 1.12
C LYS GC 13 49.69 -13.67 -0.31
N ALA GC 14 51.00 -13.79 -0.51
CA ALA GC 14 51.53 -13.79 -1.86
C ALA GC 14 50.95 -14.93 -2.66
N TYR GC 15 50.94 -16.12 -2.08
CA TYR GC 15 50.37 -17.27 -2.77
C TYR GC 15 48.91 -17.02 -3.10
N ALA GC 16 48.18 -16.40 -2.18
CA ALA GC 16 46.79 -16.08 -2.41
C ALA GC 16 46.64 -15.13 -3.58
N LYS GC 17 47.52 -14.13 -3.64
CA LYS GC 17 47.48 -13.20 -4.76
C LYS GC 17 47.75 -13.92 -6.06
N ILE GC 18 48.65 -14.91 -6.02
CA ILE GC 18 48.89 -15.74 -7.20
C ILE GC 18 47.60 -16.37 -7.67
N LEU GC 19 46.92 -17.07 -6.76
CA LEU GC 19 45.70 -17.76 -7.14
C LEU GC 19 44.66 -16.77 -7.64
N GLU GC 20 44.56 -15.62 -6.99
CA GLU GC 20 43.60 -14.60 -7.39
C GLU GC 20 43.89 -14.14 -8.80
N ALA GC 21 45.17 -13.94 -9.12
CA ALA GC 21 45.52 -13.53 -10.47
C ALA GC 21 45.18 -14.63 -11.46
N HIS GC 22 45.40 -15.88 -11.08
CA HIS GC 22 45.05 -16.98 -11.96
C HIS GC 22 43.56 -16.95 -12.27
N ALA GC 23 42.76 -16.71 -11.23
CA ALA GC 23 41.32 -16.55 -11.43
C ALA GC 23 41.03 -15.38 -12.35
N GLU GC 24 41.77 -14.29 -12.18
CA GLU GC 24 41.57 -13.14 -13.04
C GLU GC 24 41.78 -13.51 -14.49
N ILE GC 25 42.87 -14.23 -14.77
CA ILE GC 25 43.12 -14.75 -16.11
C ILE GC 25 41.91 -15.52 -16.60
N LEU GC 26 41.54 -16.56 -15.85
CA LEU GC 26 40.50 -17.46 -16.33
C LEU GC 26 39.21 -16.73 -16.58
N LYS GC 27 38.83 -15.83 -15.67
CA LYS GC 27 37.67 -14.98 -15.88
C LYS GC 27 37.82 -14.15 -17.14
N ALA GC 28 39.02 -13.68 -17.43
CA ALA GC 28 39.19 -12.83 -18.59
C ALA GC 28 38.93 -13.55 -19.90
N GLN GC 29 39.18 -14.86 -19.94
CA GLN GC 29 39.04 -15.61 -21.18
C GLN GC 29 37.65 -15.48 -21.76
N GLN HC 1 59.16 -24.16 13.32
CA GLN HC 1 58.58 -23.39 12.23
C GLN HC 1 58.91 -24.03 10.89
N ALA HC 2 60.08 -24.66 10.82
CA ALA HC 2 60.57 -25.28 9.60
C ALA HC 2 59.52 -26.21 8.99
N GLU HC 3 58.72 -26.83 9.84
CA GLU HC 3 57.60 -27.63 9.36
C GLU HC 3 56.67 -26.79 8.50
N ILE HC 4 56.40 -25.55 8.92
CA ILE HC 4 55.58 -24.67 8.12
C ILE HC 4 56.24 -24.44 6.77
N LEU HC 5 57.55 -24.22 6.79
CA LEU HC 5 58.27 -23.93 5.55
C LEU HC 5 58.17 -25.09 4.59
N LYS HC 6 58.42 -26.31 5.07
CA LYS HC 6 58.34 -27.46 4.18
C LYS HC 6 56.92 -27.70 3.72
N ALA HC 7 55.93 -27.39 4.55
CA ALA HC 7 54.55 -27.42 4.10
C ALA HC 7 54.37 -26.48 2.92
N ASP HC 8 54.88 -25.26 3.03
CA ASP HC 8 54.82 -24.31 1.93
C ASP HC 8 55.50 -24.88 0.70
N ALA HC 9 56.63 -25.53 0.89
CA ALA HC 9 57.35 -26.12 -0.23
C ALA HC 9 56.48 -27.13 -0.95
N GLU HC 10 55.83 -28.01 -0.19
CA GLU HC 10 54.96 -29.00 -0.80
C GLU HC 10 53.78 -28.32 -1.50
N ILE HC 11 53.26 -27.25 -0.89
CA ILE HC 11 52.20 -26.46 -1.52
C ILE HC 11 52.65 -26.02 -2.90
N LEU HC 12 53.79 -25.35 -2.96
CA LEU HC 12 54.25 -24.81 -4.23
C LEU HC 12 54.55 -25.91 -5.21
N LYS HC 13 55.06 -27.05 -4.74
CA LYS HC 13 55.28 -28.18 -5.62
C LYS HC 13 53.98 -28.61 -6.26
N ALA HC 14 52.94 -28.78 -5.45
CA ALA HC 14 51.64 -29.17 -5.99
C ALA HC 14 51.13 -28.13 -6.97
N TYR HC 15 51.34 -26.85 -6.66
CA TYR HC 15 50.92 -25.81 -7.58
C TYR HC 15 51.62 -25.94 -8.91
N ALA HC 16 52.92 -26.18 -8.87
CA ALA HC 16 53.68 -26.38 -10.11
C ALA HC 16 53.14 -27.57 -10.87
N LYS HC 17 52.77 -28.62 -10.15
CA LYS HC 17 52.21 -29.80 -10.81
C LYS HC 17 50.92 -29.44 -11.53
N ILE HC 18 50.04 -28.70 -10.85
CA ILE HC 18 48.81 -28.25 -11.48
C ILE HC 18 49.14 -27.45 -12.73
N LEU HC 19 50.13 -26.58 -12.63
CA LEU HC 19 50.49 -25.72 -13.75
C LEU HC 19 50.94 -26.54 -14.95
N GLU HC 20 51.87 -27.47 -14.71
CA GLU HC 20 52.38 -28.25 -15.83
C GLU HC 20 51.33 -29.19 -16.38
N ALA HC 21 50.40 -29.65 -15.56
CA ALA HC 21 49.32 -30.47 -16.07
C ALA HC 21 48.40 -29.66 -16.97
N HIS HC 22 48.00 -28.48 -16.52
CA HIS HC 22 47.24 -27.57 -17.37
C HIS HC 22 48.01 -27.28 -18.65
N ALA HC 23 49.33 -27.20 -18.55
CA ALA HC 23 50.16 -26.96 -19.73
C ALA HC 23 50.09 -28.13 -20.70
N GLU HC 24 50.16 -29.35 -20.17
CA GLU HC 24 50.06 -30.53 -21.02
C GLU HC 24 48.70 -30.58 -21.70
N ILE HC 25 47.65 -30.22 -20.97
CA ILE HC 25 46.32 -30.20 -21.59
C ILE HC 25 46.26 -29.15 -22.69
N LEU HC 26 46.79 -27.95 -22.44
CA LEU HC 26 46.86 -26.93 -23.47
C LEU HC 26 47.62 -27.43 -24.68
N LYS HC 27 48.72 -28.16 -24.44
CA LYS HC 27 49.49 -28.74 -25.53
C LYS HC 27 48.67 -29.75 -26.31
N ALA HC 28 47.86 -30.55 -25.62
CA ALA HC 28 46.98 -31.49 -26.31
C ALA HC 28 45.92 -30.78 -27.15
N GLN HC 29 45.56 -29.55 -26.78
CA GLN HC 29 44.61 -28.77 -27.56
C GLN HC 29 45.33 -28.01 -28.66
N GLN IC 1 -17.53 -40.73 -14.71
CA GLN IC 1 -18.15 -41.04 -15.99
C GLN IC 1 -19.53 -40.43 -16.09
N ALA IC 2 -20.23 -40.35 -14.96
CA ALA IC 2 -21.61 -39.89 -14.97
C ALA IC 2 -21.74 -38.50 -15.57
N GLU IC 3 -20.78 -37.63 -15.24
CA GLU IC 3 -20.78 -36.27 -15.79
C GLU IC 3 -20.88 -36.27 -17.31
N ILE IC 4 -20.34 -37.30 -17.98
CA ILE IC 4 -20.54 -37.42 -19.42
C ILE IC 4 -22.02 -37.49 -19.73
N LEU IC 5 -22.73 -38.33 -18.98
CA LEU IC 5 -24.17 -38.46 -19.17
C LEU IC 5 -24.87 -37.16 -18.83
N LYS IC 6 -24.36 -36.44 -17.83
CA LYS IC 6 -24.89 -35.11 -17.54
C LYS IC 6 -24.79 -34.21 -18.75
N ALA IC 7 -23.64 -34.25 -19.42
CA ALA IC 7 -23.47 -33.45 -20.63
C ALA IC 7 -24.45 -33.89 -21.71
N ASP IC 8 -24.66 -35.19 -21.84
CA ASP IC 8 -25.64 -35.68 -22.80
C ASP IC 8 -27.02 -35.10 -22.49
N ALA IC 9 -27.42 -35.17 -21.23
CA ALA IC 9 -28.70 -34.61 -20.82
C ALA IC 9 -28.74 -33.12 -21.11
N GLU IC 10 -27.60 -32.44 -20.97
CA GLU IC 10 -27.56 -31.04 -21.29
C GLU IC 10 -27.84 -30.82 -22.77
N ILE IC 11 -27.23 -31.65 -23.62
CA ILE IC 11 -27.51 -31.63 -25.06
C ILE IC 11 -29.01 -31.72 -25.28
N LEU IC 12 -29.62 -32.73 -24.68
CA LEU IC 12 -31.03 -32.98 -24.93
C LEU IC 12 -31.88 -31.83 -24.43
N LYS IC 13 -31.54 -31.30 -23.26
CA LYS IC 13 -32.30 -30.17 -22.71
C LYS IC 13 -32.18 -28.96 -23.61
N ALA IC 14 -31.00 -28.76 -24.20
CA ALA IC 14 -30.84 -27.70 -25.16
C ALA IC 14 -31.78 -27.89 -26.33
N TYR IC 15 -31.83 -29.12 -26.86
CA TYR IC 15 -32.73 -29.38 -27.97
C TYR IC 15 -34.16 -29.10 -27.57
N ALA IC 16 -34.53 -29.46 -26.34
CA ALA IC 16 -35.87 -29.21 -25.85
C ALA IC 16 -36.14 -27.73 -25.81
N LYS IC 17 -35.17 -26.95 -25.36
CA LYS IC 17 -35.34 -25.51 -25.34
C LYS IC 17 -35.53 -24.97 -26.75
N ILE IC 18 -34.83 -25.56 -27.71
CA ILE IC 18 -35.02 -25.18 -29.10
C ILE IC 18 -36.48 -25.37 -29.50
N LEU IC 19 -37.00 -26.57 -29.26
CA LEU IC 19 -38.37 -26.85 -29.66
C LEU IC 19 -39.33 -25.92 -28.93
N GLU IC 20 -39.08 -25.68 -27.65
CA GLU IC 20 -39.94 -24.79 -26.88
C GLU IC 20 -39.95 -23.40 -27.47
N ALA IC 21 -38.78 -22.91 -27.88
CA ALA IC 21 -38.72 -21.61 -28.50
C ALA IC 21 -39.47 -21.60 -29.82
N HIS IC 22 -39.35 -22.69 -30.58
CA HIS IC 22 -40.09 -22.77 -31.82
C HIS IC 22 -41.59 -22.66 -31.56
N ALA IC 23 -42.05 -23.35 -30.52
CA ALA IC 23 -43.44 -23.23 -30.12
C ALA IC 23 -43.78 -21.81 -29.73
N GLU IC 24 -42.86 -21.16 -29.03
CA GLU IC 24 -43.08 -19.77 -28.64
C GLU IC 24 -43.31 -18.90 -29.86
N ILE IC 25 -42.45 -19.07 -30.87
CA ILE IC 25 -42.63 -18.37 -32.13
C ILE IC 25 -44.04 -18.62 -32.66
N LEU IC 26 -44.36 -19.90 -32.87
CA LEU IC 26 -45.61 -20.22 -33.54
C LEU IC 26 -46.80 -19.66 -32.79
N LYS IC 27 -46.78 -19.80 -31.46
CA LYS IC 27 -47.81 -19.19 -30.63
C LYS IC 27 -47.87 -17.70 -30.82
N ALA IC 28 -46.71 -17.06 -31.00
CA ALA IC 28 -46.71 -15.62 -31.10
C ALA IC 28 -47.41 -15.14 -32.35
N GLN IC 29 -47.38 -15.92 -33.43
CA GLN IC 29 -47.95 -15.49 -34.69
C GLN IC 29 -49.40 -15.10 -34.56
N GLN JC 1 -21.34 -45.17 -25.82
CA GLN JC 1 -22.04 -43.90 -25.74
C GLN JC 1 -22.17 -43.29 -27.12
N ALA JC 2 -21.17 -43.54 -27.96
CA ALA JC 2 -21.11 -42.99 -29.31
C ALA JC 2 -22.41 -43.22 -30.07
N GLU JC 3 -23.06 -44.34 -29.78
CA GLU JC 3 -24.38 -44.60 -30.35
C GLU JC 3 -25.36 -43.49 -29.98
N ILE JC 4 -25.31 -43.03 -28.73
CA ILE JC 4 -26.17 -41.92 -28.34
C ILE JC 4 -25.83 -40.70 -29.17
N LEU JC 5 -24.54 -40.44 -29.37
CA LEU JC 5 -24.12 -39.26 -30.10
C LEU JC 5 -24.64 -39.30 -31.53
N LYS JC 6 -24.48 -40.43 -32.20
CA LYS JC 6 -24.96 -40.52 -33.58
C LYS JC 6 -26.48 -40.46 -33.64
N ALA JC 7 -27.15 -40.98 -32.61
CA ALA JC 7 -28.59 -40.78 -32.52
C ALA JC 7 -28.92 -39.30 -32.49
N ASP JC 8 -28.20 -38.54 -31.66
CA ASP JC 8 -28.39 -37.10 -31.61
C ASP JC 8 -28.16 -36.48 -32.97
N ALA JC 9 -27.12 -36.94 -33.66
CA ALA JC 9 -26.81 -36.41 -34.98
C ALA JC 9 -27.99 -36.61 -35.92
N GLU JC 10 -28.55 -37.81 -35.93
CA GLU JC 10 -29.70 -38.08 -36.78
C GLU JC 10 -30.89 -37.23 -36.37
N ILE JC 11 -31.06 -37.04 -35.06
CA ILE JC 11 -32.11 -36.15 -34.56
C ILE JC 11 -31.97 -34.79 -35.19
N LEU JC 12 -30.79 -34.19 -35.06
CA LEU JC 12 -30.59 -32.85 -35.54
C LEU JC 12 -30.72 -32.79 -37.06
N LYS JC 13 -30.29 -33.84 -37.75
CA LYS JC 13 -30.48 -33.89 -39.20
C LYS JC 13 -31.95 -33.82 -39.54
N ALA JC 14 -32.77 -34.63 -38.87
CA ALA JC 14 -34.20 -34.60 -39.12
C ALA JC 14 -34.77 -33.23 -38.80
N TYR JC 15 -34.30 -32.61 -37.73
CA TYR JC 15 -34.77 -31.28 -37.38
C TYR JC 15 -34.46 -30.30 -38.49
N ALA JC 16 -33.24 -30.35 -39.02
CA ALA JC 16 -32.88 -29.49 -40.12
C ALA JC 16 -33.76 -29.75 -41.32
N LYS JC 17 -34.10 -31.00 -41.56
CA LYS JC 17 -34.98 -31.33 -42.67
C LYS JC 17 -36.35 -30.67 -42.47
N ILE JC 18 -36.89 -30.78 -41.26
CA ILE JC 18 -38.15 -30.11 -40.96
C ILE JC 18 -38.04 -28.63 -41.22
N LEU JC 19 -36.92 -28.05 -40.79
CA LEU JC 19 -36.74 -26.61 -40.94
C LEU JC 19 -36.73 -26.22 -42.40
N GLU JC 20 -35.94 -26.90 -43.22
CA GLU JC 20 -35.85 -26.51 -44.62
C GLU JC 20 -37.14 -26.81 -45.36
N ALA JC 21 -37.89 -27.82 -44.93
CA ALA JC 21 -39.18 -28.07 -45.54
C ALA JC 21 -40.17 -26.95 -45.23
N HIS JC 22 -40.24 -26.55 -43.96
CA HIS JC 22 -41.03 -25.39 -43.59
C HIS JC 22 -40.59 -24.16 -44.37
N ALA JC 23 -39.28 -24.07 -44.62
CA ALA JC 23 -38.76 -22.95 -45.40
C ALA JC 23 -39.26 -22.99 -46.84
N GLU JC 24 -39.25 -24.18 -47.44
CA GLU JC 24 -39.75 -24.32 -48.80
C GLU JC 24 -41.22 -23.97 -48.87
N ILE JC 25 -41.99 -24.36 -47.86
CA ILE JC 25 -43.40 -24.02 -47.84
C ILE JC 25 -43.58 -22.51 -47.72
N LEU JC 26 -42.82 -21.87 -46.82
CA LEU JC 26 -42.86 -20.42 -46.71
C LEU JC 26 -42.52 -19.77 -48.04
N LYS JC 27 -41.53 -20.32 -48.73
CA LYS JC 27 -41.15 -19.80 -50.05
C LYS JC 27 -42.29 -19.95 -51.04
N ALA JC 28 -43.02 -21.06 -50.99
CA ALA JC 28 -44.18 -21.24 -51.85
C ALA JC 28 -45.29 -20.25 -51.54
N GLN JC 29 -45.35 -19.76 -50.30
CA GLN JC 29 -46.33 -18.75 -49.92
C GLN JC 29 -45.81 -17.36 -50.22
N GLN KC 1 50.86 20.55 -35.50
CA GLN KC 1 49.86 21.47 -36.02
C GLN KC 1 48.65 21.53 -35.10
N ALA KC 2 48.32 20.39 -34.49
CA ALA KC 2 47.11 20.30 -33.69
C ALA KC 2 47.09 21.34 -32.57
N GLU KC 3 48.25 21.56 -31.95
CA GLU KC 3 48.35 22.56 -30.89
C GLU KC 3 47.83 23.92 -31.34
N ILE KC 4 47.95 24.24 -32.62
CA ILE KC 4 47.34 25.47 -33.14
C ILE KC 4 45.83 25.42 -32.89
N LEU KC 5 45.22 24.30 -33.23
CA LEU KC 5 43.79 24.15 -32.99
C LEU KC 5 43.48 24.19 -31.51
N LYS KC 6 44.38 23.66 -30.68
CA LYS KC 6 44.21 23.78 -29.24
C LYS KC 6 44.15 25.24 -28.83
N ALA KC 7 45.03 26.05 -29.40
CA ALA KC 7 45.00 27.47 -29.10
C ALA KC 7 43.69 28.10 -29.56
N ASP KC 8 43.20 27.69 -30.72
CA ASP KC 8 41.91 28.19 -31.19
C ASP KC 8 40.82 27.85 -30.20
N ALA KC 9 40.78 26.60 -29.75
CA ALA KC 9 39.81 26.20 -28.76
C ALA KC 9 39.97 27.01 -27.49
N GLU KC 10 41.20 27.36 -27.14
CA GLU KC 10 41.43 28.19 -25.97
C GLU KC 10 40.79 29.55 -26.17
N ILE KC 11 40.97 30.13 -27.35
CA ILE KC 11 40.30 31.38 -27.70
C ILE KC 11 38.81 31.25 -27.44
N LEU KC 12 38.21 30.21 -28.01
CA LEU KC 12 36.77 30.07 -27.92
C LEU KC 12 36.33 29.88 -26.48
N LYS KC 13 37.08 29.09 -25.72
CA LYS KC 13 36.74 28.86 -24.32
C LYS KC 13 36.83 30.16 -23.53
N ALA KC 14 37.81 30.99 -23.87
CA ALA KC 14 37.89 32.30 -23.24
C ALA KC 14 36.64 33.11 -23.53
N TYR KC 15 36.22 33.12 -24.79
CA TYR KC 15 35.01 33.84 -25.13
C TYR KC 15 33.81 33.31 -24.35
N ALA KC 16 33.77 31.99 -24.19
CA ALA KC 16 32.68 31.38 -23.44
C ALA KC 16 32.72 31.84 -21.99
N LYS KC 17 33.91 31.91 -21.42
CA LYS KC 17 34.03 32.40 -20.06
C LYS KC 17 33.57 33.83 -19.97
N ILE KC 18 33.84 34.63 -21.00
CA ILE KC 18 33.33 35.99 -21.04
C ILE KC 18 31.82 36.00 -20.92
N LEU KC 19 31.16 35.23 -21.80
CA LEU KC 19 29.71 35.22 -21.79
C LEU KC 19 29.18 34.72 -20.45
N GLU KC 20 29.84 33.70 -19.90
CA GLU KC 20 29.41 33.16 -18.62
C GLU KC 20 29.51 34.22 -17.54
N ALA KC 21 30.59 35.00 -17.55
CA ALA KC 21 30.72 36.06 -16.57
C ALA KC 21 29.65 37.11 -16.77
N HIS KC 22 29.32 37.42 -18.02
CA HIS KC 22 28.25 38.38 -18.29
C HIS KC 22 26.96 37.88 -17.69
N ALA KC 23 26.67 36.60 -17.86
CA ALA KC 23 25.50 36.00 -17.23
C ALA KC 23 25.57 36.10 -15.73
N GLU KC 24 26.76 35.90 -15.17
CA GLU KC 24 26.93 36.02 -13.73
C GLU KC 24 26.54 37.41 -13.27
N ILE KC 25 27.03 38.43 -13.97
CA ILE KC 25 26.63 39.80 -13.69
C ILE KC 25 25.12 39.92 -13.69
N LEU KC 26 24.51 39.57 -14.81
CA LEU KC 26 23.08 39.81 -14.98
C LEU KC 26 22.28 39.10 -13.90
N LYS KC 27 22.65 37.84 -13.61
CA LYS KC 27 22.03 37.12 -12.51
C LYS KC 27 22.22 37.83 -11.19
N ALA KC 28 23.36 38.46 -11.00
CA ALA KC 28 23.62 39.10 -9.72
C ALA KC 28 22.70 40.28 -9.48
N GLN KC 29 22.26 40.95 -10.54
CA GLN KC 29 21.46 42.17 -10.39
C GLN KC 29 20.21 41.91 -9.58
N GLN LC 1 43.30 28.20 -41.96
CA GLN LC 1 42.90 28.48 -40.58
C GLN LC 1 42.50 29.93 -40.43
N ALA LC 2 43.16 30.80 -41.20
CA ALA LC 2 42.94 32.23 -41.14
C ALA LC 2 41.46 32.57 -41.22
N GLU LC 3 40.71 31.77 -41.98
CA GLU LC 3 39.26 31.94 -42.01
C GLU LC 3 38.67 31.83 -40.62
N ILE LC 4 39.14 30.87 -39.83
CA ILE LC 4 38.67 30.77 -38.46
C ILE LC 4 38.98 32.04 -37.69
N LEU LC 5 40.19 32.57 -37.89
CA LEU LC 5 40.59 33.76 -37.17
C LEU LC 5 39.70 34.94 -37.51
N LYS LC 6 39.45 35.16 -38.80
CA LYS LC 6 38.59 36.28 -39.17
C LYS LC 6 37.16 36.05 -38.72
N ALA LC 7 36.72 34.80 -38.66
CA ALA LC 7 35.43 34.51 -38.07
C ALA LC 7 35.41 34.97 -36.61
N ASP LC 8 36.46 34.64 -35.87
CA ASP LC 8 36.57 35.09 -34.49
C ASP LC 8 36.53 36.61 -34.43
N ALA LC 9 37.23 37.27 -35.35
CA ALA LC 9 37.24 38.72 -35.38
C ALA LC 9 35.83 39.27 -35.51
N GLU LC 10 35.07 38.71 -36.45
CA GLU LC 10 33.70 39.16 -36.64
C GLU LC 10 32.86 38.88 -35.41
N ILE LC 11 33.10 37.73 -34.78
CA ILE LC 11 32.44 37.40 -33.52
C ILE LC 11 32.64 38.51 -32.51
N LEU LC 12 33.90 38.84 -32.27
CA LEU LC 12 34.22 39.83 -31.25
C LEU LC 12 33.67 41.19 -31.64
N LYS LC 13 33.68 41.51 -32.93
CA LYS LC 13 33.09 42.77 -33.38
C LYS LC 13 31.61 42.81 -33.01
N ALA LC 14 30.89 41.75 -33.31
CA ALA LC 14 29.48 41.71 -32.95
C ALA LC 14 29.29 41.82 -31.46
N TYR LC 15 30.17 41.17 -30.69
CA TYR LC 15 30.06 41.26 -29.24
C TYR LC 15 30.23 42.69 -28.79
N ALA LC 16 31.22 43.38 -29.35
CA ALA LC 16 31.42 44.79 -29.02
C ALA LC 16 30.20 45.61 -29.38
N LYS LC 17 29.57 45.28 -30.50
CA LYS LC 17 28.36 45.99 -30.89
C LYS LC 17 27.26 45.79 -29.86
N ILE LC 18 27.07 44.55 -29.42
CA ILE LC 18 26.10 44.28 -28.37
C ILE LC 18 26.42 45.09 -27.13
N LEU LC 19 27.70 45.14 -26.78
CA LEU LC 19 28.12 45.86 -25.58
C LEU LC 19 27.78 47.32 -25.68
N GLU LC 20 28.16 47.96 -26.78
CA GLU LC 20 27.92 49.39 -26.90
C GLU LC 20 26.44 49.70 -27.03
N ALA LC 21 25.67 48.78 -27.60
CA ALA LC 21 24.22 49.00 -27.67
C ALA LC 21 23.60 48.94 -26.28
N HIS LC 22 23.97 47.92 -25.50
CA HIS LC 22 23.55 47.87 -24.10
C HIS LC 22 24.00 49.12 -23.37
N ALA LC 23 25.17 49.64 -23.72
CA ALA LC 23 25.65 50.87 -23.09
C ALA LC 23 24.76 52.05 -23.45
N GLU LC 24 24.38 52.16 -24.71
CA GLU LC 24 23.50 53.25 -25.13
C GLU LC 24 22.16 53.16 -24.43
N ILE LC 25 21.65 51.93 -24.25
CA ILE LC 25 20.39 51.77 -23.53
C ILE LC 25 20.55 52.18 -22.08
N LEU LC 26 21.64 51.77 -21.44
CA LEU LC 26 21.91 52.20 -20.07
C LEU LC 26 21.99 53.72 -19.99
N LYS LC 27 22.61 54.34 -20.98
CA LYS LC 27 22.69 55.79 -21.04
C LYS LC 27 21.31 56.42 -21.16
N ALA LC 28 20.43 55.80 -21.95
CA ALA LC 28 19.06 56.30 -22.06
C ALA LC 28 18.30 56.16 -20.75
N GLN LC 29 18.68 55.21 -19.90
CA GLN LC 29 18.06 55.06 -18.60
C GLN LC 29 18.74 55.95 -17.57
N GLN MC 1 -31.99 -3.83 35.26
CA GLN MC 1 -32.29 -5.00 36.07
C GLN MC 1 -33.14 -5.99 35.30
N ALA MC 2 -34.01 -5.48 34.43
CA ALA MC 2 -34.96 -6.35 33.74
C ALA MC 2 -34.24 -7.43 32.93
N GLU MC 3 -33.13 -7.07 32.31
CA GLU MC 3 -32.34 -8.04 31.54
C GLU MC 3 -31.99 -9.26 32.37
N ILE MC 4 -31.83 -9.11 33.68
CA ILE MC 4 -31.65 -10.28 34.54
C ILE MC 4 -32.85 -11.20 34.42
N LEU MC 5 -34.03 -10.63 34.48
CA LEU MC 5 -35.24 -11.43 34.33
C LEU MC 5 -35.32 -12.02 32.95
N LYS MC 6 -34.84 -11.29 31.94
CA LYS MC 6 -34.77 -11.85 30.60
C LYS MC 6 -33.91 -13.10 30.59
N ALA MC 7 -32.77 -13.06 31.28
CA ALA MC 7 -31.92 -14.22 31.37
C ALA MC 7 -32.64 -15.37 32.08
N ASP MC 8 -33.40 -15.05 33.12
CA ASP MC 8 -34.17 -16.08 33.81
C ASP MC 8 -35.14 -16.74 32.85
N ALA MC 9 -35.87 -15.92 32.10
CA ALA MC 9 -36.80 -16.44 31.11
C ALA MC 9 -36.06 -17.29 30.09
N GLU MC 10 -34.83 -16.91 29.75
CA GLU MC 10 -34.05 -17.71 28.83
C GLU MC 10 -33.76 -19.08 29.43
N ILE MC 11 -33.39 -19.10 30.71
CA ILE MC 11 -33.22 -20.36 31.43
C ILE MC 11 -34.45 -21.23 31.26
N LEU MC 12 -35.60 -20.65 31.57
CA LEU MC 12 -36.83 -21.43 31.56
C LEU MC 12 -37.16 -21.91 30.15
N LYS MC 13 -36.95 -21.06 29.16
CA LYS MC 13 -37.22 -21.45 27.78
C LYS MC 13 -36.31 -22.57 27.36
N ALA MC 14 -35.06 -22.54 27.82
CA ALA MC 14 -34.15 -23.63 27.56
C ALA MC 14 -34.71 -24.93 28.15
N TYR MC 15 -35.15 -24.87 29.39
CA TYR MC 15 -35.73 -26.05 30.00
C TYR MC 15 -36.92 -26.56 29.21
N ALA MC 16 -37.73 -25.63 28.72
CA ALA MC 16 -38.88 -26.00 27.91
C ALA MC 16 -38.44 -26.71 26.65
N LYS MC 17 -37.39 -26.19 26.01
CA LYS MC 17 -36.87 -26.84 24.82
C LYS MC 17 -36.38 -28.23 25.15
N ILE MC 18 -35.78 -28.41 26.33
CA ILE MC 18 -35.38 -29.74 26.76
C ILE MC 18 -36.58 -30.67 26.78
N LEU MC 19 -37.63 -30.26 27.47
CA LEU MC 19 -38.81 -31.12 27.57
C LEU MC 19 -39.39 -31.40 26.20
N GLU MC 20 -39.42 -30.38 25.34
CA GLU MC 20 -39.95 -30.55 24.00
C GLU MC 20 -39.15 -31.57 23.23
N ALA MC 21 -37.83 -31.51 23.36
CA ALA MC 21 -37.00 -32.50 22.69
C ALA MC 21 -37.25 -33.89 23.25
N HIS MC 22 -37.44 -33.99 24.56
CA HIS MC 22 -37.75 -35.28 25.14
C HIS MC 22 -39.02 -35.85 24.54
N ALA MC 23 -40.03 -34.99 24.39
CA ALA MC 23 -41.26 -35.40 23.73
C ALA MC 23 -40.99 -35.82 22.29
N GLU MC 24 -40.11 -35.09 21.61
CA GLU MC 24 -39.78 -35.45 20.25
C GLU MC 24 -39.21 -36.86 20.19
N ILE MC 25 -38.28 -37.16 21.10
CA ILE MC 25 -37.75 -38.52 21.22
C ILE MC 25 -38.89 -39.51 21.36
N LEU MC 26 -39.70 -39.32 22.41
CA LEU MC 26 -40.71 -40.31 22.74
C LEU MC 26 -41.67 -40.52 21.57
N LYS MC 27 -42.09 -39.43 20.94
CA LYS MC 27 -42.91 -39.52 19.75
C LYS MC 27 -42.20 -40.30 18.65
N ALA MC 28 -40.90 -40.14 18.53
CA ALA MC 28 -40.19 -40.79 17.46
C ALA MC 28 -40.19 -42.31 17.61
N GLN MC 29 -40.25 -42.80 18.84
CA GLN MC 29 -40.16 -44.24 19.07
C GLN MC 29 -41.23 -45.00 18.32
N GLN NC 1 -34.09 -12.51 44.06
CA GLN NC 1 -34.12 -13.31 42.84
C GLN NC 1 -33.55 -14.69 43.11
N ALA NC 2 -32.59 -14.75 44.03
CA ALA NC 2 -31.90 -16.00 44.35
C ALA NC 2 -32.89 -17.12 44.64
N GLU NC 3 -34.04 -16.76 45.22
CA GLU NC 3 -35.10 -17.74 45.41
C GLU NC 3 -35.50 -18.37 44.09
N ILE NC 4 -35.62 -17.57 43.04
CA ILE NC 4 -35.93 -18.12 41.72
C ILE NC 4 -34.84 -19.09 41.30
N LEU NC 5 -33.58 -18.73 41.54
CA LEU NC 5 -32.48 -19.58 41.12
C LEU NC 5 -32.53 -20.92 41.83
N LYS NC 6 -32.72 -20.91 43.15
CA LYS NC 6 -32.78 -22.18 43.87
C LYS NC 6 -34.00 -22.98 43.48
N ALA NC 7 -35.10 -22.29 43.14
CA ALA NC 7 -36.24 -23.00 42.58
C ALA NC 7 -35.84 -23.74 41.32
N ASP NC 8 -35.13 -23.04 40.42
CA ASP NC 8 -34.64 -23.68 39.22
C ASP NC 8 -33.76 -24.87 39.55
N ALA NC 9 -32.90 -24.72 40.55
CA ALA NC 9 -32.03 -25.81 40.96
C ALA NC 9 -32.84 -27.03 41.35
N GLU NC 10 -33.87 -26.82 42.16
CA GLU NC 10 -34.72 -27.94 42.57
C GLU NC 10 -35.44 -28.54 41.38
N ILE NC 11 -35.87 -27.68 40.45
CA ILE NC 11 -36.47 -28.15 39.21
C ILE NC 11 -35.54 -29.13 38.52
N LEU NC 12 -34.32 -28.69 38.26
CA LEU NC 12 -33.38 -29.51 37.53
C LEU NC 12 -33.04 -30.78 38.30
N LYS NC 13 -32.97 -30.68 39.63
CA LYS NC 13 -32.74 -31.88 40.42
C LYS NC 13 -33.86 -32.89 40.20
N ALA NC 14 -35.10 -32.43 40.26
CA ALA NC 14 -36.22 -33.33 40.03
C ALA NC 14 -36.15 -33.91 38.63
N TYR NC 15 -35.77 -33.09 37.65
CA TYR NC 15 -35.65 -33.60 36.29
C TYR NC 15 -34.62 -34.71 36.22
N ALA NC 16 -33.48 -34.49 36.86
CA ALA NC 16 -32.44 -35.53 36.89
C ALA NC 16 -32.98 -36.78 37.54
N LYS NC 17 -33.78 -36.63 38.59
CA LYS NC 17 -34.36 -37.79 39.24
C LYS NC 17 -35.25 -38.56 38.29
N ILE NC 18 -36.10 -37.84 37.56
CA ILE NC 18 -36.94 -38.48 36.56
C ILE NC 18 -36.07 -39.22 35.55
N LEU NC 19 -34.99 -38.59 35.12
CA LEU NC 19 -34.12 -39.19 34.12
C LEU NC 19 -33.52 -40.49 34.64
N GLU NC 20 -32.94 -40.46 35.83
CA GLU NC 20 -32.29 -41.66 36.34
C GLU NC 20 -33.31 -42.74 36.66
N ALA NC 21 -34.52 -42.36 37.03
CA ALA NC 21 -35.55 -43.37 37.26
C ALA NC 21 -35.95 -44.05 35.96
N HIS NC 22 -36.18 -43.26 34.91
CA HIS NC 22 -36.42 -43.82 33.60
C HIS NC 22 -35.25 -44.70 33.18
N ALA NC 23 -34.04 -44.31 33.57
CA ALA NC 23 -32.86 -45.10 33.25
C ALA NC 23 -32.89 -46.45 33.96
N GLU NC 24 -33.27 -46.44 35.24
CA GLU NC 24 -33.36 -47.68 35.99
C GLU NC 24 -34.41 -48.59 35.39
N ILE NC 25 -35.53 -48.01 34.95
CA ILE NC 25 -36.56 -48.83 34.31
C ILE NC 25 -36.04 -49.42 33.01
N LEU NC 26 -35.36 -48.62 32.19
CA LEU NC 26 -34.76 -49.12 30.98
C LEU NC 26 -33.79 -50.26 31.29
N LYS NC 27 -33.01 -50.10 32.35
CA LYS NC 27 -32.09 -51.14 32.78
C LYS NC 27 -32.83 -52.41 33.18
N ALA NC 28 -33.98 -52.27 33.85
CA ALA NC 28 -34.78 -53.44 34.18
C ALA NC 28 -35.35 -54.12 32.95
N GLN NC 29 -35.53 -53.39 31.85
CA GLN NC 29 -35.99 -53.98 30.61
C GLN NC 29 -34.81 -54.52 29.80
N GLN OC 1 44.87 44.39 22.84
CA GLN OC 1 44.36 43.95 24.14
C GLN OC 1 43.59 42.63 24.00
N ALA OC 2 42.93 42.47 22.85
CA ALA OC 2 42.05 41.31 22.67
C ALA OC 2 42.82 40.00 22.84
N GLU OC 3 44.06 39.97 22.33
CA GLU OC 3 44.90 38.78 22.47
C GLU OC 3 45.02 38.33 23.92
N ILE OC 4 44.95 39.27 24.87
CA ILE OC 4 44.91 38.87 26.27
C ILE OC 4 43.69 37.99 26.52
N LEU OC 5 42.54 38.43 26.02
CA LEU OC 5 41.34 37.63 26.18
C LEU OC 5 41.47 36.31 25.44
N LYS OC 6 42.17 36.31 24.31
CA LYS OC 6 42.44 35.04 23.63
C LYS OC 6 43.20 34.11 24.54
N ALA OC 7 44.19 34.63 25.25
CA ALA OC 7 44.94 33.80 26.18
C ALA OC 7 44.03 33.29 27.29
N ASP OC 8 43.13 34.14 27.77
CA ASP OC 8 42.18 33.70 28.80
C ASP OC 8 41.35 32.53 28.27
N ALA OC 9 40.83 32.69 27.06
CA ALA OC 9 40.05 31.61 26.46
C ALA OC 9 40.90 30.36 26.31
N GLU OC 10 42.19 30.53 26.04
CA GLU OC 10 43.07 29.38 25.95
C GLU OC 10 43.16 28.68 27.29
N ILE OC 11 43.30 29.46 28.36
CA ILE OC 11 43.26 28.91 29.72
C ILE OC 11 42.02 28.05 29.90
N LEU OC 12 40.87 28.63 29.58
CA LEU OC 12 39.62 27.94 29.83
C LEU OC 12 39.52 26.69 28.98
N LYS OC 13 39.95 26.77 27.72
CA LYS OC 13 39.90 25.61 26.85
C LYS OC 13 40.80 24.51 27.37
N ALA OC 14 41.94 24.89 27.93
CA ALA OC 14 42.80 23.91 28.55
C ALA OC 14 42.08 23.21 29.70
N TYR OC 15 41.42 23.99 30.55
CA TYR OC 15 40.68 23.40 31.64
C TYR OC 15 39.62 22.45 31.11
N ALA OC 16 38.96 22.83 30.02
CA ALA OC 16 37.95 21.98 29.43
C ALA OC 16 38.56 20.69 28.95
N LYS OC 17 39.73 20.77 28.33
CA LYS OC 17 40.41 19.56 27.91
C LYS OC 17 40.75 18.68 29.09
N ILE OC 18 41.11 19.29 30.21
CA ILE OC 18 41.35 18.53 31.43
C ILE OC 18 40.11 17.73 31.80
N LEU OC 19 38.97 18.42 31.89
CA LEU OC 19 37.74 17.72 32.28
C LEU OC 19 37.39 16.64 31.28
N GLU OC 20 37.58 16.93 30.00
CA GLU OC 20 37.28 15.95 28.97
C GLU OC 20 38.14 14.71 29.15
N ALA OC 21 39.42 14.91 29.44
CA ALA OC 21 40.29 13.77 29.66
C ALA OC 21 39.86 13.00 30.89
N HIS OC 22 39.43 13.71 31.93
CA HIS OC 22 38.94 13.02 33.13
C HIS OC 22 37.76 12.13 32.77
N ALA OC 23 36.85 12.66 31.96
CA ALA OC 23 35.73 11.87 31.47
C ALA OC 23 36.22 10.68 30.67
N GLU OC 24 37.26 10.89 29.86
CA GLU OC 24 37.80 9.79 29.08
C GLU OC 24 38.27 8.68 30.01
N ILE OC 25 39.00 9.04 31.05
CA ILE OC 25 39.42 8.07 32.07
C ILE OC 25 38.21 7.31 32.57
N LEU OC 26 37.25 8.05 33.12
CA LEU OC 26 36.12 7.41 33.80
C LEU OC 26 35.38 6.48 32.85
N LYS OC 27 35.15 6.93 31.63
CA LYS OC 27 34.55 6.09 30.61
C LYS OC 27 35.38 4.84 30.36
N ALA OC 28 36.70 4.98 30.41
CA ALA OC 28 37.54 3.84 30.11
C ALA OC 28 37.41 2.73 31.14
N GLN OC 29 37.12 3.09 32.38
CA GLN OC 29 37.06 2.10 33.46
C GLN OC 29 36.09 0.98 33.14
N GLN PC 1 40.69 42.76 34.56
CA GLN PC 1 40.83 41.39 34.11
C GLN PC 1 41.25 40.49 35.25
N ALA PC 2 42.02 41.05 36.17
CA ALA PC 2 42.56 40.31 37.31
C ALA PC 2 41.47 39.54 38.03
N GLU PC 3 40.27 40.11 38.06
CA GLU PC 3 39.12 39.40 38.61
C GLU PC 3 38.91 38.06 37.90
N ILE PC 4 39.04 38.05 36.58
CA ILE PC 4 38.93 36.80 35.85
C ILE PC 4 40.01 35.84 36.30
N LEU PC 5 41.23 36.34 36.49
CA LEU PC 5 42.32 35.48 36.87
C LEU PC 5 42.08 34.84 38.23
N LYS PC 6 41.65 35.64 39.21
CA LYS PC 6 41.38 35.07 40.52
C LYS PC 6 40.19 34.14 40.49
N ALA PC 7 39.22 34.40 39.63
CA ALA PC 7 38.15 33.44 39.41
C ALA PC 7 38.72 32.12 38.95
N ASP PC 8 39.63 32.16 37.98
CA ASP PC 8 40.28 30.94 37.51
C ASP PC 8 41.00 30.26 38.65
N ALA PC 9 41.68 31.04 39.49
CA ALA PC 9 42.40 30.48 40.61
C ALA PC 9 41.45 29.69 41.52
N GLU PC 10 40.30 30.29 41.84
CA GLU PC 10 39.34 29.62 42.69
C GLU PC 10 38.79 28.38 41.99
N ILE PC 11 38.59 28.47 40.68
CA ILE PC 11 38.18 27.30 39.90
C ILE PC 11 39.16 26.16 40.12
N LEU PC 12 40.43 26.42 39.88
CA LEU PC 12 41.43 25.38 39.98
C LEU PC 12 41.54 24.86 41.40
N LYS PC 13 41.39 25.75 42.39
CA LYS PC 13 41.39 25.32 43.77
C LYS PC 13 40.28 24.30 44.02
N ALA PC 14 39.07 24.63 43.56
CA ALA PC 14 37.95 23.71 43.73
C ALA PC 14 38.23 22.40 43.01
N TYR PC 15 38.82 22.49 41.83
CA TYR PC 15 39.15 21.26 41.09
C TYR PC 15 40.10 20.40 41.90
N ALA PC 16 41.13 21.02 42.47
CA ALA PC 16 42.06 20.28 43.31
C ALA PC 16 41.36 19.66 44.49
N LYS PC 17 40.40 20.37 45.06
CA LYS PC 17 39.63 19.82 46.16
C LYS PC 17 38.87 18.58 45.73
N ILE PC 18 38.21 18.65 44.58
CA ILE PC 18 37.52 17.49 44.05
C ILE PC 18 38.49 16.34 43.88
N LEU PC 19 39.68 16.64 43.35
CA LEU PC 19 40.67 15.61 43.10
C LEU PC 19 41.09 14.92 44.39
N GLU PC 20 41.45 15.71 45.40
CA GLU PC 20 41.92 15.11 46.64
C GLU PC 20 40.79 14.39 47.36
N ALA PC 21 39.55 14.85 47.20
CA ALA PC 21 38.44 14.13 47.81
C ALA PC 21 38.23 12.78 47.15
N HIS PC 22 38.24 12.75 45.82
CA HIS PC 22 38.21 11.48 45.10
C HIS PC 22 39.37 10.61 45.51
N ALA PC 23 40.52 11.21 45.80
CA ALA PC 23 41.68 10.46 46.24
C ALA PC 23 41.44 9.84 47.61
N GLU PC 24 40.85 10.61 48.52
CA GLU PC 24 40.54 10.07 49.84
C GLU PC 24 39.55 8.92 49.74
N ILE PC 25 38.57 9.05 48.85
CA ILE PC 25 37.62 7.96 48.66
C ILE PC 25 38.31 6.73 48.11
N LEU PC 26 39.18 6.91 47.12
CA LEU PC 26 39.96 5.79 46.59
C LEU PC 26 40.77 5.14 47.70
N LYS PC 27 41.36 5.96 48.57
CA LYS PC 27 42.12 5.45 49.70
C LYS PC 27 41.25 4.65 50.64
N ALA PC 28 40.01 5.09 50.86
CA ALA PC 28 39.08 4.34 51.68
C ALA PC 28 38.70 3.00 51.05
N GLN PC 29 38.77 2.91 49.73
CA GLN PC 29 38.49 1.66 49.04
C GLN PC 29 39.75 0.81 48.96
N GLN QC 1 -39.74 13.57 -25.47
CA GLN QC 1 -40.79 14.52 -25.10
C GLN QC 1 -41.76 13.90 -24.11
N ALA QC 2 -42.00 12.60 -24.25
CA ALA QC 2 -43.02 11.94 -23.45
C ALA QC 2 -42.72 12.09 -21.96
N GLU QC 3 -41.45 11.99 -21.59
CA GLU QC 3 -41.06 12.14 -20.19
C GLU QC 3 -41.58 13.45 -19.60
N ILE QC 4 -41.72 14.49 -20.41
CA ILE QC 4 -42.37 15.71 -19.93
C ILE QC 4 -43.77 15.39 -19.45
N LEU QC 5 -44.51 14.65 -20.26
CA LEU QC 5 -45.86 14.27 -19.88
C LEU QC 5 -45.84 13.37 -18.65
N LYS QC 6 -44.81 12.54 -18.53
CA LYS QC 6 -44.65 11.74 -17.32
C LYS QC 6 -44.53 12.64 -16.11
N ALA QC 7 -43.75 13.71 -16.23
CA ALA QC 7 -43.63 14.66 -15.13
C ALA QC 7 -44.97 15.31 -14.83
N ASP QC 8 -45.73 15.64 -15.87
CA ASP QC 8 -47.05 16.21 -15.64
C ASP QC 8 -47.91 15.24 -14.85
N ALA QC 9 -47.93 13.98 -15.27
CA ALA QC 9 -48.69 12.98 -14.55
C ALA QC 9 -48.19 12.86 -13.12
N GLU QC 10 -46.89 13.04 -12.90
CA GLU QC 10 -46.38 13.01 -11.54
C GLU QC 10 -46.95 14.15 -10.74
N ILE QC 11 -47.01 15.34 -11.33
CA ILE QC 11 -47.66 16.49 -10.70
C ILE QC 11 -49.06 16.10 -10.25
N LEU QC 12 -49.83 15.56 -11.20
CA LEU QC 12 -51.22 15.27 -10.91
C LEU QC 12 -51.35 14.21 -9.83
N LYS QC 13 -50.49 13.19 -9.89
CA LYS QC 13 -50.54 12.13 -8.88
C LYS QC 13 -50.19 12.70 -7.51
N ALA QC 14 -49.26 13.64 -7.47
CA ALA QC 14 -48.96 14.31 -6.21
C ALA QC 14 -50.20 15.00 -5.68
N TYR QC 15 -50.89 15.74 -6.55
CA TYR QC 15 -52.11 16.41 -6.12
C TYR QC 15 -53.12 15.41 -5.59
N ALA QC 16 -53.22 14.27 -6.26
CA ALA QC 16 -54.14 13.23 -5.82
C ALA QC 16 -53.76 12.73 -4.44
N LYS QC 17 -52.46 12.54 -4.22
CA LYS QC 17 -52.02 12.11 -2.91
C LYS QC 17 -52.37 13.16 -1.86
N ILE QC 18 -52.28 14.43 -2.22
CA ILE QC 18 -52.70 15.49 -1.31
C ILE QC 18 -54.15 15.29 -0.91
N LEU QC 19 -55.02 15.16 -1.90
CA LEU QC 19 -56.44 15.01 -1.60
C LEU QC 19 -56.68 13.76 -0.77
N GLU QC 20 -55.99 12.68 -1.10
CA GLU QC 20 -56.15 11.44 -0.36
C GLU QC 20 -55.76 11.63 1.09
N ALA QC 21 -54.66 12.35 1.33
CA ALA QC 21 -54.25 12.61 2.70
C ALA QC 21 -55.29 13.48 3.41
N HIS QC 22 -55.85 14.45 2.70
CA HIS QC 22 -56.89 15.26 3.30
C HIS QC 22 -58.06 14.40 3.75
N ALA QC 23 -58.45 13.46 2.88
CA ALA QC 23 -59.49 12.51 3.25
C ALA QC 23 -59.07 11.68 4.45
N GLU QC 24 -57.81 11.29 4.50
CA GLU QC 24 -57.32 10.54 5.64
C GLU QC 24 -57.51 11.32 6.92
N ILE QC 25 -57.13 12.59 6.90
CA ILE QC 25 -57.38 13.48 8.04
C ILE QC 25 -58.84 13.42 8.43
N LEU QC 26 -59.70 13.78 7.48
CA LEU QC 26 -61.12 13.94 7.80
C LEU QC 26 -61.70 12.65 8.36
N LYS QC 27 -61.36 11.52 7.74
CA LYS QC 27 -61.76 10.23 8.27
C LYS QC 27 -61.24 10.01 9.68
N ALA QC 28 -60.04 10.49 9.97
CA ALA QC 28 -59.47 10.26 11.28
C ALA QC 28 -60.24 10.95 12.38
N GLN QC 29 -60.86 12.10 12.07
CA GLN QC 29 -61.54 12.89 13.08
C GLN QC 29 -62.60 12.08 13.81
N GLN RC 1 -48.08 22.86 -24.17
CA GLN RC 1 -48.15 22.21 -22.87
C GLN RC 1 -48.41 23.23 -21.78
N ALA RC 2 -47.90 24.44 -21.99
CA ALA RC 2 -48.00 25.52 -21.01
C ALA RC 2 -49.44 25.71 -20.56
N GLU RC 3 -50.39 25.46 -21.46
CA GLU RC 3 -51.79 25.49 -21.09
C GLU RC 3 -52.07 24.51 -19.96
N ILE RC 4 -51.50 23.31 -20.04
CA ILE RC 4 -51.66 22.35 -18.95
C ILE RC 4 -51.10 22.93 -17.66
N LEU RC 5 -49.95 23.58 -17.74
CA LEU RC 5 -49.32 24.11 -16.55
C LEU RC 5 -50.19 25.18 -15.90
N LYS RC 6 -50.72 26.11 -16.70
CA LYS RC 6 -51.56 27.14 -16.13
C LYS RC 6 -52.87 26.56 -15.61
N ALA RC 7 -53.36 25.51 -16.25
CA ALA RC 7 -54.50 24.79 -15.69
C ALA RC 7 -54.17 24.28 -14.30
N ASP RC 8 -53.00 23.66 -14.15
CA ASP RC 8 -52.57 23.21 -12.84
C ASP RC 8 -52.50 24.35 -11.86
N ALA RC 9 -51.99 25.50 -12.32
CA ALA RC 9 -51.89 26.67 -11.45
C ALA RC 9 -53.26 27.06 -10.94
N GLU RC 10 -54.24 27.12 -11.82
CA GLU RC 10 -55.60 27.48 -11.40
C GLU RC 10 -56.16 26.42 -10.46
N ILE RC 11 -55.85 25.15 -10.73
CA ILE RC 11 -56.24 24.07 -9.82
C ILE RC 11 -55.75 24.37 -8.42
N LEU RC 12 -54.45 24.58 -8.30
CA LEU RC 12 -53.86 24.78 -6.99
C LEU RC 12 -54.39 26.05 -6.34
N LYS RC 13 -54.66 27.09 -7.14
CA LYS RC 13 -55.26 28.29 -6.59
C LYS RC 13 -56.61 27.98 -5.97
N ALA RC 14 -57.45 27.25 -6.69
CA ALA RC 14 -58.75 26.87 -6.15
C ALA RC 14 -58.58 26.05 -4.90
N TYR RC 15 -57.61 25.14 -4.89
CA TYR RC 15 -57.38 24.33 -3.71
C TYR RC 15 -57.03 25.21 -2.52
N ALA RC 16 -56.15 26.19 -2.74
CA ALA RC 16 -55.80 27.11 -1.67
C ALA RC 16 -57.01 27.87 -1.19
N LYS RC 17 -57.90 28.24 -2.12
CA LYS RC 17 -59.12 28.92 -1.73
C LYS RC 17 -59.96 28.05 -0.83
N ILE RC 18 -60.13 26.78 -1.21
CA ILE RC 18 -60.87 25.85 -0.37
C ILE RC 18 -60.23 25.77 1.01
N LEU RC 19 -58.90 25.71 1.04
CA LEU RC 19 -58.20 25.58 2.30
C LEU RC 19 -58.45 26.78 3.20
N GLU RC 20 -58.28 27.98 2.66
CA GLU RC 20 -58.46 29.17 3.49
C GLU RC 20 -59.91 29.36 3.88
N ALA RC 21 -60.85 28.91 3.05
CA ALA RC 21 -62.25 28.99 3.43
C ALA RC 21 -62.55 28.04 4.60
N HIS RC 22 -62.08 26.80 4.49
CA HIS RC 22 -62.19 25.89 5.62
C HIS RC 22 -61.52 26.46 6.85
N ALA RC 23 -60.43 27.20 6.66
CA ALA RC 23 -59.75 27.84 7.78
C ALA RC 23 -60.61 28.91 8.41
N GLU RC 24 -61.26 29.72 7.58
CA GLU RC 24 -62.14 30.76 8.12
C GLU RC 24 -63.30 30.14 8.88
N ILE RC 25 -63.82 29.02 8.38
CA ILE RC 25 -64.90 28.35 9.10
C ILE RC 25 -64.41 27.81 10.43
N LEU RC 26 -63.22 27.18 10.44
CA LEU RC 26 -62.63 26.73 11.69
C LEU RC 26 -62.46 27.88 12.66
N LYS RC 27 -62.02 29.03 12.14
CA LYS RC 27 -61.88 30.22 12.96
C LYS RC 27 -63.20 30.67 13.55
N ALA RC 28 -64.27 30.59 12.76
CA ALA RC 28 -65.60 30.92 13.26
C ALA RC 28 -66.06 29.95 14.34
N GLN RC 29 -65.55 28.73 14.33
CA GLN RC 29 -65.89 27.75 15.36
C GLN RC 29 -64.95 27.92 16.55
N GLN SC 1 66.59 -13.60 10.11
CA GLN SC 1 66.27 -14.68 9.17
C GLN SC 1 64.97 -14.39 8.44
N ALA SC 2 64.04 -13.74 9.12
CA ALA SC 2 62.71 -13.52 8.55
C ALA SC 2 62.80 -12.77 7.23
N GLU SC 3 63.69 -11.79 7.15
CA GLU SC 3 63.86 -11.03 5.92
C GLU SC 3 64.13 -11.93 4.73
N ILE SC 4 64.75 -13.09 4.93
CA ILE SC 4 64.89 -14.06 3.86
C ILE SC 4 63.52 -14.46 3.36
N LEU SC 5 62.62 -14.76 4.29
CA LEU SC 5 61.27 -15.13 3.91
C LEU SC 5 60.56 -13.97 3.25
N LYS SC 6 60.87 -12.74 3.69
CA LYS SC 6 60.32 -11.57 3.00
C LYS SC 6 60.76 -11.55 1.55
N ALA SC 7 62.02 -11.87 1.30
CA ALA SC 7 62.50 -11.93 -0.07
C ALA SC 7 61.77 -13.01 -0.85
N ASP SC 8 61.54 -14.15 -0.21
CA ASP SC 8 60.79 -15.21 -0.88
C ASP SC 8 59.41 -14.72 -1.27
N ALA SC 9 58.72 -14.08 -0.33
CA ALA SC 9 57.41 -13.52 -0.63
C ALA SC 9 57.50 -12.50 -1.75
N GLU SC 10 58.60 -11.76 -1.81
CA GLU SC 10 58.78 -10.82 -2.91
C GLU SC 10 58.86 -11.55 -4.23
N ILE SC 11 59.61 -12.65 -4.26
CA ILE SC 11 59.67 -13.50 -5.43
C ILE SC 11 58.27 -13.87 -5.88
N LEU SC 12 57.49 -14.39 -4.92
CA LEU SC 12 56.16 -14.89 -5.27
C LEU SC 12 55.27 -13.76 -5.75
N LYS SC 13 55.35 -12.60 -5.09
CA LYS SC 13 54.54 -11.46 -5.51
C LYS SC 13 54.92 -11.02 -6.90
N ALA SC 14 56.21 -11.08 -7.22
CA ALA SC 14 56.63 -10.77 -8.58
C ALA SC 14 55.98 -11.74 -9.56
N TYR SC 15 56.01 -13.03 -9.24
CA TYR SC 15 55.37 -13.99 -10.13
C TYR SC 15 53.89 -13.68 -10.29
N ALA SC 16 53.25 -13.28 -9.20
CA ALA SC 16 51.84 -12.94 -9.26
C ALA SC 16 51.62 -11.75 -10.17
N LYS SC 17 52.50 -10.76 -10.09
CA LYS SC 17 52.39 -9.61 -10.97
C LYS SC 17 52.56 -10.04 -12.41
N ILE SC 18 53.44 -11.01 -12.66
CA ILE SC 18 53.59 -11.56 -14.01
C ILE SC 18 52.26 -12.08 -14.50
N LEU SC 19 51.65 -12.96 -13.72
CA LEU SC 19 50.38 -13.56 -14.14
C LEU SC 19 49.32 -12.49 -14.34
N GLU SC 20 49.29 -11.51 -13.44
CA GLU SC 20 48.32 -10.44 -13.55
C GLU SC 20 48.50 -9.68 -14.85
N ALA SC 21 49.75 -9.41 -15.20
CA ALA SC 21 50.01 -8.72 -16.47
C ALA SC 21 49.59 -9.58 -17.64
N HIS SC 22 49.82 -10.89 -17.56
CA HIS SC 22 49.39 -11.77 -18.62
C HIS SC 22 47.88 -11.67 -18.80
N ALA SC 23 47.16 -11.66 -17.68
CA ALA SC 23 45.72 -11.49 -17.74
C ALA SC 23 45.37 -10.15 -18.35
N GLU SC 24 46.13 -9.11 -18.01
CA GLU SC 24 45.88 -7.80 -18.59
C GLU SC 24 45.99 -7.85 -20.10
N ILE SC 25 47.04 -8.49 -20.60
CA ILE SC 25 47.19 -8.71 -22.04
C ILE SC 25 45.94 -9.36 -22.59
N LEU SC 26 45.61 -10.53 -22.06
CA LEU SC 26 44.54 -11.33 -22.63
C LEU SC 26 43.23 -10.56 -22.64
N LYS SC 27 42.93 -9.88 -21.53
CA LYS SC 27 41.77 -9.02 -21.47
C LYS SC 27 41.82 -7.93 -22.52
N ALA SC 28 43.00 -7.40 -22.79
CA ALA SC 28 43.11 -6.32 -23.74
C ALA SC 28 42.74 -6.74 -25.15
N GLN SC 29 42.97 -8.02 -25.50
CA GLN SC 29 42.74 -8.48 -26.86
C GLN SC 29 41.30 -8.23 -27.29
N GLN TC 1 65.26 -24.13 3.40
CA GLN TC 1 64.61 -23.14 2.54
C GLN TC 1 64.83 -23.49 1.09
N ALA TC 2 65.99 -24.08 0.80
CA ALA TC 2 66.38 -24.43 -0.56
C ALA TC 2 65.28 -25.21 -1.27
N GLU TC 3 64.54 -26.00 -0.51
CA GLU TC 3 63.38 -26.68 -1.09
C GLU TC 3 62.39 -25.68 -1.67
N ILE TC 4 62.16 -24.57 -0.97
CA ILE TC 4 61.29 -23.53 -1.51
C ILE TC 4 61.86 -23.00 -2.81
N LEU TC 5 63.17 -22.79 -2.85
CA LEU TC 5 63.79 -22.24 -4.05
C LEU TC 5 63.62 -23.17 -5.23
N LYS TC 6 63.89 -24.46 -5.04
CA LYS TC 6 63.73 -25.39 -6.14
C LYS TC 6 62.28 -25.55 -6.54
N ALA TC 7 61.36 -25.41 -5.59
CA ALA TC 7 59.95 -25.35 -5.93
C ALA TC 7 59.69 -24.19 -6.86
N ASP TC 8 60.22 -23.01 -6.53
CA ASP TC 8 60.09 -21.86 -7.40
C ASP TC 8 60.67 -22.14 -8.77
N ALA TC 9 61.81 -22.81 -8.81
CA ALA TC 9 62.44 -23.14 -10.08
C ALA TC 9 61.50 -23.98 -10.94
N GLU TC 10 60.90 -25.00 -10.33
CA GLU TC 10 59.98 -25.84 -11.08
C GLU TC 10 58.76 -25.04 -11.52
N ILE TC 11 58.29 -24.14 -10.66
CA ILE TC 11 57.21 -23.24 -11.02
C ILE TC 11 57.55 -22.50 -12.31
N LEU TC 12 58.68 -21.83 -12.30
CA LEU TC 12 59.06 -21.02 -13.45
C LEU TC 12 59.28 -21.88 -14.67
N LYS TC 13 59.81 -23.09 -14.50
CA LYS TC 13 59.95 -24.01 -15.62
C LYS TC 13 58.61 -24.31 -16.24
N ALA TC 14 57.62 -24.64 -15.41
CA ALA TC 14 56.29 -24.92 -15.92
C ALA TC 14 55.73 -23.69 -16.61
N TYR TC 15 55.96 -22.52 -16.05
CA TYR TC 15 55.47 -21.29 -16.68
C TYR TC 15 56.08 -21.14 -18.06
N ALA TC 16 57.39 -21.37 -18.18
CA ALA TC 16 58.04 -21.29 -19.47
C ALA TC 16 57.44 -22.30 -20.44
N LYS TC 17 57.11 -23.49 -19.93
CA LYS TC 17 56.48 -24.49 -20.79
C LYS TC 17 55.15 -23.99 -21.31
N ILE TC 18 54.34 -23.42 -20.43
CA ILE TC 18 53.06 -22.85 -20.86
C ILE TC 18 53.31 -21.80 -21.93
N LEU TC 19 54.31 -20.96 -21.71
CA LEU TC 19 54.59 -19.88 -22.65
C LEU TC 19 54.95 -20.43 -24.02
N GLU TC 20 55.88 -21.37 -24.06
CA GLU TC 20 56.32 -21.90 -25.36
C GLU TC 20 55.20 -22.70 -26.02
N ALA TC 21 54.33 -23.33 -25.24
CA ALA TC 21 53.21 -24.04 -25.84
C ALA TC 21 52.23 -23.06 -26.48
N HIS TC 22 51.89 -22.00 -25.75
CA HIS TC 22 51.08 -20.94 -26.33
C HIS TC 22 51.75 -20.36 -27.57
N ALA TC 23 53.08 -20.30 -27.55
CA ALA TC 23 53.82 -19.82 -28.71
C ALA TC 23 53.66 -20.75 -29.90
N GLU TC 24 53.76 -22.06 -29.65
CA GLU TC 24 53.58 -23.02 -30.73
C GLU TC 24 52.19 -22.94 -31.30
N ILE TC 25 51.18 -22.74 -30.43
CA ILE TC 25 49.82 -22.60 -30.93
C ILE TC 25 49.69 -21.34 -31.78
N LEU TC 26 50.25 -20.23 -31.31
CA LEU TC 26 50.25 -19.00 -32.10
C LEU TC 26 50.91 -19.23 -33.45
N LYS TC 27 52.01 -19.97 -33.45
CA LYS TC 27 52.71 -20.31 -34.69
C LYS TC 27 51.83 -21.13 -35.61
N ALA TC 28 51.05 -22.06 -35.06
CA ALA TC 28 50.11 -22.83 -35.86
C ALA TC 28 49.00 -21.97 -36.44
N GLN TC 29 48.68 -20.85 -35.80
CA GLN TC 29 47.68 -19.94 -36.31
C GLN TC 29 48.33 -18.94 -37.28
N GLN UC 1 -22.23 -44.87 -6.75
CA GLN UC 1 -22.75 -45.46 -7.98
C GLN UC 1 -24.11 -44.89 -8.32
N ALA UC 2 -24.89 -44.58 -7.28
CA ALA UC 2 -26.27 -44.16 -7.50
C ALA UC 2 -26.34 -42.91 -8.38
N GLU UC 3 -25.40 -41.99 -8.18
CA GLU UC 3 -25.36 -40.78 -8.99
C GLU UC 3 -25.34 -41.10 -10.48
N ILE UC 4 -24.76 -42.24 -10.87
CA ILE UC 4 -24.84 -42.66 -12.26
C ILE UC 4 -26.30 -42.82 -12.67
N LEU UC 5 -27.07 -43.49 -11.81
CA LEU UC 5 -28.49 -43.67 -12.10
C LEU UC 5 -29.20 -42.33 -12.08
N LYS UC 6 -28.76 -41.41 -11.23
CA LYS UC 6 -29.32 -40.07 -11.26
C LYS UC 6 -29.10 -39.43 -12.62
N ALA UC 7 -27.91 -39.61 -13.18
CA ALA UC 7 -27.64 -39.08 -14.51
C ALA UC 7 -28.53 -39.74 -15.54
N ASP UC 8 -28.75 -41.04 -15.41
CA ASP UC 8 -29.65 -41.72 -16.33
C ASP UC 8 -31.04 -41.12 -16.26
N ALA UC 9 -31.54 -40.93 -15.04
CA ALA UC 9 -32.85 -40.31 -14.87
C ALA UC 9 -32.86 -38.91 -15.47
N GLU UC 10 -31.73 -38.20 -15.38
CA GLU UC 10 -31.66 -36.90 -16.00
C GLU UC 10 -31.82 -37.00 -17.50
N ILE UC 11 -31.14 -37.99 -18.10
CA ILE UC 11 -31.31 -38.26 -19.52
C ILE UC 11 -32.79 -38.42 -19.84
N LEU UC 12 -33.45 -39.29 -19.09
CA LEU UC 12 -34.84 -39.60 -19.39
C LEU UC 12 -35.72 -38.38 -19.22
N LYS UC 13 -35.47 -37.61 -18.16
CA LYS UC 13 -36.26 -36.40 -17.93
C LYS UC 13 -36.06 -35.40 -19.05
N ALA UC 14 -34.84 -35.33 -19.56
CA ALA UC 14 -34.60 -34.48 -20.72
C ALA UC 14 -35.45 -34.94 -21.89
N TYR UC 15 -35.45 -36.23 -22.15
CA TYR UC 15 -36.27 -36.74 -23.25
C TYR UC 15 -37.74 -36.40 -23.03
N ALA UC 16 -38.19 -36.50 -21.79
CA ALA UC 16 -39.57 -36.17 -21.47
C ALA UC 16 -39.84 -34.71 -21.76
N LYS UC 17 -38.90 -33.84 -21.41
CA LYS UC 17 -39.06 -32.42 -21.71
C LYS UC 17 -39.13 -32.21 -23.20
N ILE UC 18 -38.35 -32.98 -23.97
CA ILE UC 18 -38.44 -32.90 -25.41
C ILE UC 18 -39.85 -33.18 -25.88
N LEU UC 19 -40.41 -34.32 -25.43
CA LEU UC 19 -41.75 -34.68 -25.87
C LEU UC 19 -42.76 -33.64 -25.43
N GLU UC 20 -42.60 -33.12 -24.22
CA GLU UC 20 -43.52 -32.10 -23.72
C GLU UC 20 -43.46 -30.87 -24.59
N ALA UC 21 -42.27 -30.46 -24.99
CA ALA UC 21 -42.15 -29.31 -25.87
C ALA UC 21 -42.79 -29.60 -27.22
N HIS UC 22 -42.63 -30.82 -27.71
CA HIS UC 22 -43.27 -31.18 -28.97
C HIS UC 22 -44.78 -31.02 -28.85
N ALA UC 23 -45.33 -31.49 -27.74
CA ALA UC 23 -46.75 -31.30 -27.47
C ALA UC 23 -47.10 -29.83 -27.41
N GLU UC 24 -46.23 -29.03 -26.81
CA GLU UC 24 -46.48 -27.61 -26.73
C GLU UC 24 -46.61 -27.02 -28.13
N ILE UC 25 -45.67 -27.38 -29.01
CA ILE UC 25 -45.76 -26.97 -30.40
C ILE UC 25 -47.11 -27.33 -30.98
N LEU UC 26 -47.42 -28.62 -30.94
CA LEU UC 26 -48.62 -29.10 -31.62
C LEU UC 26 -49.86 -28.41 -31.08
N LYS UC 27 -49.95 -28.26 -29.77
CA LYS UC 27 -51.04 -27.50 -29.17
C LYS UC 27 -51.07 -26.08 -29.66
N ALA UC 28 -49.90 -25.48 -29.88
CA ALA UC 28 -49.87 -24.09 -30.29
C ALA UC 28 -50.47 -23.89 -31.67
N GLN UC 29 -50.38 -24.89 -32.54
CA GLN UC 29 -50.84 -24.75 -33.92
C GLN UC 29 -52.30 -24.34 -33.98
N GLN VC 1 -25.18 -51.60 -16.93
CA GLN VC 1 -25.89 -50.35 -17.18
C GLN VC 1 -25.90 -50.04 -18.66
N ALA VC 2 -24.84 -50.45 -19.35
CA ALA VC 2 -24.67 -50.19 -20.77
C ALA VC 2 -25.91 -50.60 -21.56
N GLU VC 3 -26.59 -51.64 -21.10
CA GLU VC 3 -27.86 -52.03 -21.70
C GLU VC 3 -28.85 -50.88 -21.66
N ILE VC 4 -28.90 -50.17 -20.53
CA ILE VC 4 -29.77 -49.00 -20.44
C ILE VC 4 -29.37 -47.98 -21.48
N LEU VC 5 -28.06 -47.76 -21.63
CA LEU VC 5 -27.59 -46.75 -22.57
C LEU VC 5 -27.99 -47.10 -23.99
N LYS VC 6 -27.79 -48.35 -24.40
CA LYS VC 6 -28.15 -48.73 -25.76
C LYS VC 6 -29.66 -48.70 -25.94
N ALA VC 7 -30.42 -48.99 -24.89
CA ALA VC 7 -31.86 -48.81 -24.95
C ALA VC 7 -32.18 -47.35 -25.26
N ASP VC 8 -31.52 -46.43 -24.55
CA ASP VC 8 -31.72 -45.02 -24.82
C ASP VC 8 -31.36 -44.69 -26.27
N ALA VC 9 -30.28 -45.27 -26.75
CA ALA VC 9 -29.86 -45.04 -28.13
C ALA VC 9 -30.97 -45.44 -29.10
N GLU VC 10 -31.54 -46.61 -28.89
CA GLU VC 10 -32.61 -47.07 -29.76
C GLU VC 10 -33.83 -46.17 -29.62
N ILE VC 11 -34.11 -45.70 -28.41
CA ILE VC 11 -35.18 -44.75 -28.19
C ILE VC 11 -34.98 -43.54 -29.09
N LEU VC 12 -33.81 -42.92 -28.98
CA LEU VC 12 -33.56 -41.70 -29.74
C LEU VC 12 -33.58 -41.96 -31.23
N LYS VC 13 -33.10 -43.13 -31.65
CA LYS VC 13 -33.18 -43.49 -33.06
C LYS VC 13 -34.62 -43.50 -33.53
N ALA VC 14 -35.49 -44.17 -32.76
CA ALA VC 14 -36.90 -44.21 -33.12
C ALA VC 14 -37.49 -42.81 -33.15
N TYR VC 15 -37.09 -41.97 -32.19
CA TYR VC 15 -37.59 -40.60 -32.17
C TYR VC 15 -37.17 -39.88 -33.44
N ALA VC 16 -35.92 -40.03 -33.85
CA ALA VC 16 -35.46 -39.41 -35.08
C ALA VC 16 -36.25 -39.93 -36.26
N LYS VC 17 -36.58 -41.22 -36.25
CA LYS VC 17 -37.39 -41.77 -37.33
C LYS VC 17 -38.74 -41.10 -37.39
N ILE VC 18 -39.39 -40.96 -36.23
CA ILE VC 18 -40.66 -40.27 -36.17
C ILE VC 18 -40.52 -38.86 -36.73
N LEU VC 19 -39.44 -38.19 -36.35
CA LEU VC 19 -39.23 -36.82 -36.78
C LEU VC 19 -39.12 -36.73 -38.29
N GLU VC 20 -38.26 -37.56 -38.88
CA GLU VC 20 -38.06 -37.49 -40.32
C GLU VC 20 -39.29 -37.95 -41.07
N ALA VC 21 -40.09 -38.85 -40.50
CA ALA VC 21 -41.33 -39.24 -41.15
C ALA VC 21 -42.32 -38.09 -41.16
N HIS VC 22 -42.49 -37.44 -40.01
CA HIS VC 22 -43.30 -36.23 -39.96
C HIS VC 22 -42.79 -35.19 -40.93
N ALA VC 23 -41.47 -35.13 -41.10
CA ALA VC 23 -40.87 -34.20 -42.06
C ALA VC 23 -41.26 -34.55 -43.48
N GLU VC 24 -41.21 -35.84 -43.82
CA GLU VC 24 -41.61 -36.27 -45.17
C GLU VC 24 -43.07 -35.95 -45.42
N ILE VC 25 -43.91 -36.13 -44.40
CA ILE VC 25 -45.32 -35.80 -44.57
C ILE VC 25 -45.50 -34.31 -44.78
N LEU VC 26 -44.80 -33.49 -43.99
CA LEU VC 26 -44.85 -32.05 -44.18
C LEU VC 26 -44.40 -31.69 -45.59
N LYS VC 27 -43.36 -32.36 -46.09
CA LYS VC 27 -42.88 -32.13 -47.44
C LYS VC 27 -43.93 -32.49 -48.47
N ALA VC 28 -44.67 -33.58 -48.23
CA ALA VC 28 -45.76 -33.94 -49.13
C ALA VC 28 -46.89 -32.92 -49.11
N GLN VC 29 -47.05 -32.18 -48.01
CA GLN VC 29 -48.05 -31.13 -47.94
C GLN VC 29 -47.49 -29.83 -48.49
N GLN WC 1 53.89 30.06 -34.07
CA GLN WC 1 52.85 31.05 -34.30
C GLN WC 1 51.71 30.89 -33.30
N ALA WC 2 51.45 29.63 -32.91
CA ALA WC 2 50.28 29.35 -32.07
C ALA WC 2 50.36 30.12 -30.76
N GLU WC 3 51.55 30.24 -30.19
CA GLU WC 3 51.74 30.99 -28.96
C GLU WC 3 51.18 32.41 -29.06
N ILE WC 4 51.20 32.99 -30.26
CA ILE WC 4 50.54 34.29 -30.44
C ILE WC 4 49.06 34.16 -30.10
N LEU WC 5 48.43 33.11 -30.62
CA LEU WC 5 47.02 32.89 -30.31
C LEU WC 5 46.83 32.61 -28.84
N LYS WC 6 47.80 31.93 -28.22
CA LYS WC 6 47.74 31.73 -26.77
C LYS WC 6 47.71 33.08 -26.06
N ALA WC 7 48.53 34.02 -26.51
CA ALA WC 7 48.52 35.35 -25.91
C ALA WC 7 47.18 36.03 -26.13
N ASP WC 8 46.60 35.85 -27.31
CA ASP WC 8 45.27 36.42 -27.56
C ASP WC 8 44.27 35.86 -26.57
N ALA WC 9 44.27 34.54 -26.41
CA ALA WC 9 43.38 33.91 -25.45
C ALA WC 9 43.64 34.43 -24.05
N GLU WC 10 44.89 34.73 -23.74
CA GLU WC 10 45.20 35.30 -22.43
C GLU WC 10 44.55 36.66 -22.29
N ILE WC 11 44.62 37.48 -23.34
CA ILE WC 11 43.93 38.76 -23.36
C ILE WC 11 42.46 38.56 -23.02
N LEU WC 12 41.83 37.64 -23.74
CA LEU WC 12 40.40 37.46 -23.58
C LEU WC 12 40.07 36.95 -22.18
N LYS WC 13 40.88 36.03 -21.66
CA LYS WC 13 40.66 35.51 -20.32
C LYS WC 13 40.80 36.61 -19.29
N ALA WC 14 41.75 37.52 -19.51
CA ALA WC 14 41.88 38.66 -18.63
C ALA WC 14 40.61 39.48 -18.65
N TYR WC 15 40.08 39.75 -19.84
CA TYR WC 15 38.83 40.50 -19.93
C TYR WC 15 37.72 39.79 -19.19
N ALA WC 16 37.69 38.47 -19.32
CA ALA WC 16 36.67 37.69 -18.63
C ALA WC 16 36.81 37.83 -17.12
N LYS WC 17 38.05 37.80 -16.64
CA LYS WC 17 38.28 38.00 -15.22
C LYS WC 17 37.81 39.38 -14.78
N ILE WC 18 38.00 40.37 -15.64
CA ILE WC 18 37.49 41.71 -15.35
C ILE WC 18 35.99 41.65 -15.13
N LEU WC 19 35.27 41.07 -16.09
CA LEU WC 19 33.82 41.03 -15.97
C LEU WC 19 33.40 40.25 -14.74
N GLU WC 20 34.10 39.15 -14.46
CA GLU WC 20 33.79 38.35 -13.29
C GLU WC 20 33.95 39.15 -12.02
N ALA WC 21 35.03 39.93 -11.95
CA ALA WC 21 35.23 40.77 -10.78
C ALA WC 21 34.14 41.82 -10.68
N HIS WC 22 33.72 42.37 -11.81
CA HIS WC 22 32.64 43.34 -11.77
C HIS WC 22 31.39 42.70 -11.20
N ALA WC 23 31.10 41.47 -11.61
CA ALA WC 23 29.97 40.74 -11.05
C ALA WC 23 30.17 40.52 -9.56
N GLU WC 24 31.40 40.23 -9.16
CA GLU WC 24 31.68 40.04 -7.74
C GLU WC 24 31.32 41.29 -6.96
N ILE WC 25 31.74 42.45 -7.47
CA ILE WC 25 31.36 43.73 -6.87
C ILE WC 25 29.86 43.80 -6.73
N LEU WC 26 29.16 43.69 -7.86
CA LEU WC 26 27.73 43.92 -7.85
C LEU WC 26 27.02 42.98 -6.89
N LYS WC 27 27.40 41.71 -6.90
CA LYS WC 27 26.88 40.74 -5.94
C LYS WC 27 27.17 41.18 -4.52
N ALA WC 28 28.33 41.77 -4.28
CA ALA WC 28 28.69 42.14 -2.93
C ALA WC 28 27.78 43.22 -2.37
N GLN WC 29 27.26 44.10 -3.22
CA GLN WC 29 26.46 45.22 -2.76
C GLN WC 29 25.28 44.77 -1.93
N GLN XC 1 45.80 38.74 -38.15
CA GLN XC 1 45.50 38.71 -36.72
C GLN XC 1 45.12 40.09 -36.23
N ALA XC 2 45.71 41.11 -36.85
CA ALA XC 2 45.49 42.50 -36.46
C ALA XC 2 44.00 42.82 -36.37
N GLU XC 3 43.21 42.18 -37.20
CA GLU XC 3 41.76 42.31 -37.11
C GLU XC 3 41.27 41.90 -35.72
N ILE XC 4 41.81 40.81 -35.19
CA ILE XC 4 41.45 40.41 -33.84
C ILE XC 4 41.82 41.50 -32.86
N LEU XC 5 43.01 42.08 -33.03
CA LEU XC 5 43.46 43.09 -32.09
C LEU XC 5 42.53 44.31 -32.10
N LYS XC 6 42.17 44.79 -33.29
CA LYS XC 6 41.29 45.94 -33.35
C LYS XC 6 39.90 45.59 -32.85
N ALA XC 7 39.47 44.34 -33.04
CA ALA XC 7 38.23 43.90 -32.41
C ALA XC 7 38.33 44.06 -30.90
N ASP XC 8 39.44 43.60 -30.33
CA ASP XC 8 39.66 43.75 -28.89
C ASP XC 8 39.61 45.21 -28.50
N ALA XC 9 40.22 46.06 -29.32
CA ALA XC 9 40.23 47.49 -29.03
C ALA XC 9 38.82 48.03 -28.94
N GLU XC 10 37.98 47.67 -29.92
CA GLU XC 10 36.60 48.12 -29.91
C GLU XC 10 35.86 47.56 -28.69
N ILE XC 11 36.16 46.30 -28.35
CA ILE XC 11 35.59 45.71 -27.14
C ILE XC 11 35.88 46.59 -25.94
N LEU XC 12 37.16 46.88 -25.73
CA LEU XC 12 37.54 47.64 -24.55
C LEU XC 12 36.96 49.04 -24.59
N LYS XC 13 36.87 49.63 -25.79
CA LYS XC 13 36.23 50.94 -25.91
C LYS XC 13 34.80 50.88 -25.43
N ALA XC 14 34.05 49.88 -25.89
CA ALA XC 14 32.67 49.73 -25.45
C ALA XC 14 32.60 49.52 -23.95
N TYR XC 15 33.54 48.73 -23.41
CA TYR XC 15 33.56 48.52 -21.97
C TYR XC 15 33.75 49.83 -21.23
N ALA XC 16 34.68 50.65 -21.71
CA ALA XC 16 34.90 51.95 -21.10
C ALA XC 16 33.65 52.80 -21.18
N LYS XC 17 32.94 52.71 -22.30
CA LYS XC 17 31.70 53.45 -22.43
C LYS XC 17 30.69 53.02 -21.39
N ILE XC 18 30.54 51.71 -21.22
CA ILE XC 18 29.65 51.20 -20.18
C ILE XC 18 30.07 51.74 -18.82
N LEU XC 19 31.37 51.74 -18.57
CA LEU XC 19 31.87 52.19 -17.27
C LEU XC 19 31.52 53.64 -17.04
N GLU XC 20 31.81 54.51 -18.00
CA GLU XC 20 31.56 55.93 -17.79
C GLU XC 20 30.07 56.22 -17.75
N ALA XC 21 29.25 55.43 -18.44
CA ALA XC 21 27.81 55.62 -18.34
C ALA XC 21 27.32 55.25 -16.96
N HIS XC 22 27.75 54.10 -16.44
CA HIS XC 22 27.43 53.75 -15.06
C HIS XC 22 27.92 54.83 -14.11
N ALA XC 23 29.07 55.43 -14.43
CA ALA XC 23 29.59 56.51 -13.60
C ALA XC 23 28.68 57.73 -13.63
N GLU XC 24 28.19 58.09 -14.81
CA GLU XC 24 27.28 59.22 -14.91
C GLU XC 24 26.00 58.95 -14.14
N ILE XC 25 25.51 57.72 -14.19
CA ILE XC 25 24.31 57.37 -13.43
C ILE XC 25 24.58 57.48 -11.93
N LEU XC 26 25.72 56.95 -11.49
CA LEU XC 26 26.11 57.09 -10.09
C LEU XC 26 26.17 58.56 -9.69
N LYS XC 27 26.71 59.39 -10.57
CA LYS XC 27 26.78 60.82 -10.32
C LYS XC 27 25.39 61.43 -10.20
N ALA XC 28 24.45 60.98 -11.03
CA ALA XC 28 23.08 61.45 -10.93
C ALA XC 28 22.42 61.03 -9.62
N GLN XC 29 22.88 59.93 -9.03
CA GLN XC 29 22.36 59.48 -7.75
C GLN XC 29 23.11 60.16 -6.62
N GLN YC 1 -39.90 1.67 33.00
CA GLN YC 1 -40.26 0.70 34.01
C GLN YC 1 -41.06 -0.45 33.41
N ALA YC 2 -41.86 -0.13 32.40
CA ALA YC 2 -42.77 -1.12 31.85
C ALA YC 2 -42.01 -2.34 31.34
N GLU YC 3 -40.86 -2.11 30.72
CA GLU YC 3 -40.03 -3.22 30.22
C GLU YC 3 -39.75 -4.25 31.31
N ILE YC 4 -39.67 -3.82 32.57
CA ILE YC 4 -39.55 -4.77 33.66
C ILE YC 4 -40.74 -5.72 33.65
N LEU YC 5 -41.93 -5.15 33.53
CA LEU YC 5 -43.13 -5.97 33.46
C LEU YC 5 -43.12 -6.84 32.22
N LYS YC 6 -42.58 -6.33 31.12
CA LYS YC 6 -42.41 -7.16 29.93
C LYS YC 6 -41.56 -8.38 30.24
N ALA YC 7 -40.48 -8.18 30.98
CA ALA YC 7 -39.65 -9.30 31.37
C ALA YC 7 -40.41 -10.27 32.25
N ASP YC 8 -41.22 -9.75 33.15
CA ASP YC 8 -42.05 -10.63 33.98
C ASP YC 8 -42.96 -11.47 33.12
N ALA YC 9 -43.63 -10.84 32.17
CA ALA YC 9 -44.49 -11.57 31.25
C ALA YC 9 -43.70 -12.59 30.47
N GLU YC 10 -42.46 -12.28 30.15
CA GLU YC 10 -41.62 -13.26 29.46
C GLU YC 10 -41.38 -14.46 30.35
N ILE YC 11 -41.09 -14.22 31.63
CA ILE YC 11 -40.97 -15.30 32.60
C ILE YC 11 -42.20 -16.19 32.54
N LEU YC 12 -43.37 -15.57 32.64
CA LEU YC 12 -44.59 -16.35 32.72
C LEU YC 12 -44.83 -17.11 31.43
N LYS YC 13 -44.56 -16.48 30.28
CA LYS YC 13 -44.74 -17.15 29.01
C LYS YC 13 -43.80 -18.34 28.89
N ALA YC 14 -42.58 -18.19 29.42
CA ALA YC 14 -41.67 -19.32 29.45
C ALA YC 14 -42.27 -20.45 30.25
N TYR YC 15 -42.80 -20.14 31.43
CA TYR YC 15 -43.43 -21.18 32.23
C TYR YC 15 -44.56 -21.85 31.47
N ALA YC 16 -45.33 -21.05 30.75
CA ALA YC 16 -46.43 -21.59 29.97
C ALA YC 16 -45.91 -22.54 28.90
N LYS YC 17 -44.81 -22.15 28.25
CA LYS YC 17 -44.22 -23.03 27.26
C LYS YC 17 -43.76 -24.33 27.90
N ILE YC 18 -43.25 -24.25 29.13
CA ILE YC 18 -42.88 -25.46 29.85
C ILE YC 18 -44.08 -26.38 29.97
N LEU YC 19 -45.18 -25.84 30.49
CA LEU YC 19 -46.37 -26.67 30.69
C LEU YC 19 -46.86 -27.23 29.37
N GLU YC 20 -46.82 -26.41 28.33
CA GLU YC 20 -47.27 -26.85 27.02
C GLU YC 20 -46.43 -28.01 26.54
N ALA YC 21 -45.12 -27.92 26.73
CA ALA YC 21 -44.25 -29.02 26.33
C ALA YC 21 -44.55 -30.25 27.15
N HIS YC 22 -44.83 -30.08 28.44
CA HIS YC 22 -45.17 -31.24 29.25
C HIS YC 22 -46.41 -31.92 28.70
N ALA YC 23 -47.40 -31.12 28.31
CA ALA YC 23 -48.59 -31.66 27.66
C ALA YC 23 -48.22 -32.37 26.38
N GLU YC 24 -47.29 -31.80 25.61
CA GLU YC 24 -46.87 -32.43 24.39
C GLU YC 24 -46.31 -33.82 24.66
N ILE YC 25 -45.44 -33.92 25.66
CA ILE YC 25 -44.94 -35.22 26.10
C ILE YC 25 -46.09 -36.15 26.37
N LEU YC 26 -46.96 -35.77 27.29
CA LEU YC 26 -48.00 -36.68 27.76
C LEU YC 26 -48.87 -37.13 26.60
N LYS YC 27 -49.25 -36.20 25.73
CA LYS YC 27 -49.99 -36.54 24.53
C LYS YC 27 -49.22 -37.52 23.66
N ALA YC 28 -47.91 -37.37 23.60
CA ALA YC 28 -47.13 -38.24 22.74
C ALA YC 28 -47.16 -39.69 23.20
N GLN YC 29 -47.29 -39.92 24.50
CA GLN YC 29 -47.23 -41.27 25.03
C GLN YC 29 -48.27 -42.18 24.39
N GLN ZC 1 -42.64 -5.01 43.26
CA GLN ZC 1 -42.59 -6.05 42.23
C GLN ZC 1 -42.04 -7.34 42.81
N ALA ZC 2 -41.15 -7.21 43.78
CA ALA ZC 2 -40.48 -8.35 44.41
C ALA ZC 2 -41.50 -9.40 44.85
N GLU ZC 3 -42.68 -8.94 45.27
CA GLU ZC 3 -43.75 -9.86 45.59
C GLU ZC 3 -44.08 -10.75 44.40
N ILE ZC 4 -44.12 -10.19 43.20
CA ILE ZC 4 -44.34 -11.00 42.02
C ILE ZC 4 -43.24 -12.03 41.88
N LEU ZC 5 -41.99 -11.62 42.12
CA LEU ZC 5 -40.87 -12.52 41.95
C LEU ZC 5 -40.97 -13.69 42.92
N LYS ZC 6 -41.26 -13.41 44.19
CA LYS ZC 6 -41.36 -14.50 45.15
C LYS ZC 6 -42.58 -15.37 44.86
N ALA ZC 7 -43.64 -14.79 44.32
CA ALA ZC 7 -44.75 -15.60 43.84
C ALA ZC 7 -44.27 -16.58 42.78
N ASP ZC 8 -43.49 -16.08 41.82
CA ASP ZC 8 -42.92 -16.95 40.80
C ASP ZC 8 -42.08 -18.04 41.43
N ALA ZC 9 -41.30 -17.67 42.44
CA ALA ZC 9 -40.45 -18.65 43.11
C ALA ZC 9 -41.29 -19.77 43.70
N GLU ZC 10 -42.38 -19.41 44.38
CA GLU ZC 10 -43.25 -20.42 44.96
C GLU ZC 10 -43.90 -21.26 43.86
N ILE ZC 11 -44.26 -20.62 42.76
CA ILE ZC 11 -44.78 -21.34 41.60
C ILE ZC 11 -43.82 -22.43 41.19
N LEU ZC 12 -42.58 -22.04 40.93
CA LEU ZC 12 -41.60 -22.99 40.44
C LEU ZC 12 -41.32 -24.06 41.48
N LYS ZC 13 -41.33 -23.70 42.76
CA LYS ZC 13 -41.17 -24.70 43.81
C LYS ZC 13 -42.26 -25.75 43.72
N ALA ZC 14 -43.51 -25.30 43.61
CA ALA ZC 14 -44.62 -26.24 43.48
C ALA ZC 14 -44.47 -27.09 42.24
N TYR ZC 15 -44.01 -26.50 41.15
CA TYR ZC 15 -43.80 -27.26 39.93
C TYR ZC 15 -42.78 -28.36 40.16
N ALA ZC 16 -41.67 -28.00 40.81
CA ALA ZC 16 -40.66 -29.00 41.13
C ALA ZC 16 -41.24 -30.10 41.99
N LYS ZC 17 -42.11 -29.74 42.93
CA LYS ZC 17 -42.73 -30.74 43.77
C LYS ZC 17 -43.57 -31.70 42.93
N ILE ZC 18 -44.36 -31.16 42.02
CA ILE ZC 18 -45.14 -32.00 41.11
C ILE ZC 18 -44.21 -32.93 40.35
N LEU ZC 19 -43.10 -32.38 39.87
CA LEU ZC 19 -42.17 -33.17 39.08
C LEU ZC 19 -41.62 -34.33 39.88
N GLU ZC 20 -41.12 -34.06 41.07
CA GLU ZC 20 -40.51 -35.11 41.86
C GLU ZC 20 -41.55 -36.11 42.34
N ALA ZC 21 -42.79 -35.67 42.54
CA ALA ZC 21 -43.84 -36.62 42.91
C ALA ZC 21 -44.14 -37.55 41.75
N HIS ZC 22 -44.31 -37.00 40.55
CA HIS ZC 22 -44.46 -37.83 39.36
C HIS ZC 22 -43.27 -38.76 39.21
N ALA ZC 23 -42.08 -38.30 39.59
CA ALA ZC 23 -40.89 -39.13 39.52
C ALA ZC 23 -40.98 -40.29 40.50
N GLU ZC 24 -41.43 -40.03 41.72
CA GLU ZC 24 -41.58 -41.09 42.70
C GLU ZC 24 -42.61 -42.11 42.23
N ILE ZC 25 -43.69 -41.64 41.61
CA ILE ZC 25 -44.68 -42.57 41.09
C ILE ZC 25 -44.08 -43.43 39.98
N LEU ZC 26 -43.34 -42.80 39.05
CA LEU ZC 26 -42.65 -43.55 38.01
C LEU ZC 26 -41.72 -44.58 38.62
N LYS ZC 27 -41.02 -44.20 39.68
CA LYS ZC 27 -40.14 -45.12 40.38
C LYS ZC 27 -40.90 -46.29 40.97
N ALA ZC 28 -42.09 -46.02 41.52
CA ALA ZC 28 -42.93 -47.10 42.04
C ALA ZC 28 -43.41 -48.03 40.93
N GLN ZC 29 -43.50 -47.55 39.70
CA GLN ZC 29 -43.90 -48.38 38.58
C GLN ZC 29 -42.67 -49.06 37.99
#